data_6JOW
#
_entry.id   6JOW
#
_cell.length_a   85.130
_cell.length_b   149.597
_cell.length_c   147.315
_cell.angle_alpha   90.00
_cell.angle_beta   102.07
_cell.angle_gamma   90.00
#
_symmetry.space_group_name_H-M   'P 1 21 1'
#
loop_
_entity.id
_entity.type
_entity.pdbx_description
1 polymer Beta-galactosidase
2 non-polymer 'CALCIUM ION'
3 non-polymer (4S)-2-METHYL-2,4-PENTANEDIOL
4 water water
#
_entity_poly.entity_id   1
_entity_poly.type   'polypeptide(L)'
_entity_poly.pdbx_seq_one_letter_code
;RIVVYGGTLQYFRVPRNSWERMLKKMKSHGLNTIDTYIAWNWHEPQEGLFDFTGETHPQRDLVGFLDLAQKLGFYVIIRP
GPYICGEWKNGGIPEWLINSHPEILAKGPNGTLPRDIYYPPITYLHPTYLEYVMKWYENVFPIIKEYLYSNGGPIINVTI
DDEPSYWETIFQAFLTDYNEIVVKENGIWHSWLKENYQLDELEERYGQKFSDYAEIVPPTSFSEPLPKILDWHHFKIWMI
NEYVRILYEKIKKYVDVPISILDPYLLLAAWKEFYLYVTKHKLDIHLWTEFWYSFYRTFDFKEDRLGHLYYKTGVYRYYI
NKLKTPPLSIETQTSLANVIEKDEAELLYALLPALGIHNINYYLYVGGENPKGYESHNGATWDVYSPIGLDGRERQHVEP
IKWIGEFLKSNMDFIESQLKPKVAFGMYEPYEALSMWGHRPESFEESVNLQEYLFGERGLLTLLAMSNVPFDVIDLELST
VEEMLQYEQIWIYSLDFMSREVQEKLARYVEEGGNLVILPTLPSLDENMKPYTKLRDFLGIEVEKAKARDNMRLIPYISV
DAEEIDRMVVRNVVREVKGGKAIAWVGDKVVGVMVRKGKGSAVVLGFRLQYYSSYHDLHRKFVDKILQLQGIERDFEVSN
RDIIVIPRGNYLVVVNPRDDKVTGKVRYRGVEFNVELNKRGVLYIPINVEINGIKVLYATATPVGRGEGTIRFRNHLANV
TEIAINGKIKEVSGGYILQEKSSGEKNIYVIKHESETFEIRV
;
_entity_poly.pdbx_strand_id   A,B,C,D
#
# COMPACT_ATOMS: atom_id res chain seq x y z
N ARG A 1 -10.95 39.86 -35.75
CA ARG A 1 -10.86 39.06 -34.49
C ARG A 1 -10.78 39.99 -33.28
N ILE A 2 -11.92 40.41 -32.71
CA ILE A 2 -11.95 41.12 -31.40
C ILE A 2 -12.69 40.24 -30.40
N VAL A 3 -12.11 40.07 -29.22
CA VAL A 3 -12.75 39.38 -28.04
C VAL A 3 -13.59 40.44 -27.29
N VAL A 4 -14.87 40.14 -27.03
CA VAL A 4 -15.72 41.02 -26.20
C VAL A 4 -15.33 40.78 -24.74
N TYR A 5 -14.88 41.82 -24.05
CA TYR A 5 -14.51 41.77 -22.60
C TYR A 5 -15.15 43.00 -21.94
N GLY A 6 -16.27 42.75 -21.27
CA GLY A 6 -17.31 43.75 -20.96
C GLY A 6 -17.56 43.91 -19.49
N GLY A 7 -18.09 45.08 -19.15
CA GLY A 7 -18.69 45.34 -17.83
C GLY A 7 -20.06 45.93 -18.01
N THR A 8 -20.95 45.66 -17.08
CA THR A 8 -22.27 46.31 -17.03
C THR A 8 -22.15 47.64 -16.28
N LEU A 9 -22.46 48.75 -16.95
CA LEU A 9 -22.69 50.06 -16.28
C LEU A 9 -24.09 50.50 -16.69
N GLN A 10 -25.04 50.38 -15.77
CA GLN A 10 -26.46 50.80 -15.96
C GLN A 10 -26.53 52.31 -15.64
N TYR A 11 -26.38 53.13 -16.68
CA TYR A 11 -26.35 54.62 -16.67
C TYR A 11 -27.49 55.14 -15.79
N PHE A 12 -28.61 54.43 -15.79
CA PHE A 12 -29.86 54.90 -15.16
C PHE A 12 -29.81 54.78 -13.65
N ARG A 13 -28.79 54.11 -13.10
CA ARG A 13 -28.61 53.91 -11.64
C ARG A 13 -27.26 54.49 -11.15
N VAL A 14 -26.58 55.25 -12.00
CA VAL A 14 -25.29 55.93 -11.68
C VAL A 14 -25.43 57.43 -11.93
N PRO A 15 -24.89 58.31 -11.05
CA PRO A 15 -25.04 59.75 -11.30
C PRO A 15 -24.48 60.10 -12.67
N ARG A 16 -25.14 61.02 -13.42
CA ARG A 16 -24.69 61.35 -14.80
C ARG A 16 -23.29 61.99 -14.73
N ASN A 17 -22.97 62.74 -13.66
CA ASN A 17 -21.66 63.46 -13.57
C ASN A 17 -20.57 62.43 -13.24
N SER A 18 -20.93 61.19 -12.94
CA SER A 18 -19.96 60.09 -12.65
C SER A 18 -19.72 59.21 -13.88
N TRP A 19 -20.60 59.22 -14.88
CA TRP A 19 -20.50 58.30 -16.03
C TRP A 19 -19.07 58.29 -16.61
N GLU A 20 -18.47 59.43 -16.96
CA GLU A 20 -17.13 59.48 -17.64
C GLU A 20 -16.04 58.85 -16.74
N ARG A 21 -15.90 59.30 -15.50
CA ARG A 21 -14.92 58.70 -14.54
C ARG A 21 -15.09 57.18 -14.49
N MET A 22 -16.31 56.68 -14.34
CA MET A 22 -16.56 55.23 -14.18
C MET A 22 -16.13 54.50 -15.46
N LEU A 23 -16.45 55.04 -16.64
CA LEU A 23 -16.14 54.39 -17.94
C LEU A 23 -14.63 54.39 -18.19
N LYS A 24 -13.91 55.43 -17.75
CA LYS A 24 -12.43 55.55 -17.88
C LYS A 24 -11.78 54.50 -16.96
N LYS A 25 -12.32 54.33 -15.75
CA LYS A 25 -11.83 53.29 -14.81
C LYS A 25 -12.08 51.91 -15.47
N MET A 26 -13.26 51.71 -16.08
CA MET A 26 -13.55 50.43 -16.78
C MET A 26 -12.57 50.23 -17.95
N LYS A 27 -12.27 51.28 -18.71
CA LYS A 27 -11.26 51.23 -19.80
C LYS A 27 -9.90 50.78 -19.23
N SER A 28 -9.50 51.37 -18.11
CA SER A 28 -8.21 51.07 -17.42
C SER A 28 -8.16 49.60 -16.95
N HIS A 29 -9.30 48.90 -16.82
CA HIS A 29 -9.33 47.46 -16.41
C HIS A 29 -9.20 46.57 -17.64
N GLY A 30 -9.21 47.16 -18.84
CA GLY A 30 -9.04 46.41 -20.08
C GLY A 30 -10.37 46.04 -20.70
N LEU A 31 -11.50 46.53 -20.17
CA LEU A 31 -12.86 46.23 -20.71
C LEU A 31 -13.01 47.04 -22.00
N ASN A 32 -13.57 46.45 -23.06
CA ASN A 32 -13.74 47.14 -24.38
C ASN A 32 -15.23 47.30 -24.72
N THR A 33 -16.11 46.77 -23.88
CA THR A 33 -17.58 46.74 -24.12
C THR A 33 -18.29 47.14 -22.84
N ILE A 34 -19.41 47.80 -22.97
CA ILE A 34 -20.31 48.22 -21.88
C ILE A 34 -21.64 47.52 -22.14
N ASP A 35 -22.14 46.80 -21.14
CA ASP A 35 -23.53 46.29 -21.11
C ASP A 35 -24.42 47.28 -20.36
N THR A 36 -25.63 47.53 -20.87
CA THR A 36 -26.71 48.16 -20.08
C THR A 36 -28.08 47.85 -20.69
N TYR A 37 -29.03 47.69 -19.76
CA TYR A 37 -30.49 47.74 -19.98
C TYR A 37 -30.86 49.15 -20.44
N ILE A 38 -31.98 49.23 -21.13
CA ILE A 38 -32.81 50.45 -21.21
C ILE A 38 -34.15 50.04 -20.59
N ALA A 39 -34.49 50.66 -19.47
CA ALA A 39 -35.71 50.35 -18.70
C ALA A 39 -36.90 51.20 -19.19
N TRP A 40 -37.89 50.50 -19.75
CA TRP A 40 -39.16 51.07 -20.31
C TRP A 40 -39.79 52.02 -19.27
N ASN A 41 -40.10 51.51 -18.05
CA ASN A 41 -40.71 52.26 -16.93
C ASN A 41 -39.82 53.45 -16.51
N TRP A 42 -38.55 53.50 -16.89
CA TRP A 42 -37.67 54.65 -16.56
C TRP A 42 -37.86 55.74 -17.61
N HIS A 43 -37.88 55.33 -18.88
CA HIS A 43 -37.91 56.34 -19.98
C HIS A 43 -39.35 56.70 -20.36
N GLU A 44 -40.36 55.93 -19.95
CA GLU A 44 -41.80 56.33 -20.13
C GLU A 44 -42.50 56.44 -18.78
N PRO A 45 -42.01 57.32 -17.86
CA PRO A 45 -42.41 57.31 -16.44
C PRO A 45 -43.91 57.56 -16.22
N GLN A 46 -44.53 58.23 -17.21
CA GLN A 46 -45.99 58.31 -17.44
C GLN A 46 -46.33 57.97 -18.89
N GLU A 47 -47.60 57.61 -19.12
CA GLU A 47 -48.16 57.08 -20.41
C GLU A 47 -47.97 58.16 -21.43
N GLY A 48 -47.15 57.91 -22.45
CA GLY A 48 -46.97 58.87 -23.55
C GLY A 48 -45.84 59.84 -23.24
N LEU A 49 -45.32 59.91 -22.02
CA LEU A 49 -44.23 60.88 -21.72
C LEU A 49 -42.88 60.18 -21.87
N PHE A 50 -42.21 60.38 -22.99
CA PHE A 50 -40.92 59.73 -23.35
C PHE A 50 -39.81 60.71 -23.03
N ASP A 51 -38.70 60.20 -22.48
CA ASP A 51 -37.57 61.08 -22.11
C ASP A 51 -36.27 60.26 -22.21
N PHE A 52 -35.50 60.50 -23.28
CA PHE A 52 -34.23 59.82 -23.61
C PHE A 52 -33.04 60.74 -23.49
N THR A 53 -33.26 61.99 -23.08
CA THR A 53 -32.22 63.06 -23.10
C THR A 53 -31.95 63.60 -21.67
N GLY A 54 -32.74 63.17 -20.69
CA GLY A 54 -32.62 63.70 -19.31
C GLY A 54 -33.36 65.01 -19.12
N GLU A 55 -34.44 65.22 -19.86
CA GLU A 55 -35.34 66.40 -19.67
C GLU A 55 -35.81 66.43 -18.21
N THR A 56 -36.27 65.27 -17.68
CA THR A 56 -37.02 65.13 -16.39
C THR A 56 -36.12 64.57 -15.28
N HIS A 57 -34.94 64.08 -15.60
CA HIS A 57 -34.01 63.51 -14.60
C HIS A 57 -32.70 63.21 -15.31
N PRO A 58 -31.49 63.59 -14.79
CA PRO A 58 -30.27 63.47 -15.57
C PRO A 58 -29.93 62.02 -15.97
N GLN A 59 -30.42 61.04 -15.21
CA GLN A 59 -30.11 59.60 -15.50
C GLN A 59 -31.06 59.06 -16.58
N ARG A 60 -31.99 59.88 -17.07
CA ARG A 60 -32.83 59.52 -18.26
C ARG A 60 -32.12 59.97 -19.54
N ASP A 61 -30.90 60.51 -19.44
CA ASP A 61 -30.09 60.91 -20.60
C ASP A 61 -29.41 59.67 -21.23
N LEU A 62 -30.21 58.73 -21.75
CA LEU A 62 -29.71 57.59 -22.57
C LEU A 62 -28.81 58.10 -23.70
N VAL A 63 -29.24 59.16 -24.41
CA VAL A 63 -28.50 59.69 -25.60
C VAL A 63 -27.10 60.12 -25.17
N GLY A 64 -26.99 60.94 -24.15
CA GLY A 64 -25.68 61.38 -23.64
C GLY A 64 -24.81 60.20 -23.29
N PHE A 65 -25.40 59.20 -22.63
CA PHE A 65 -24.68 57.95 -22.24
C PHE A 65 -24.08 57.33 -23.51
N LEU A 66 -24.86 57.07 -24.57
CA LEU A 66 -24.26 56.39 -25.77
C LEU A 66 -23.22 57.30 -26.46
N ASP A 67 -23.38 58.62 -26.42
CA ASP A 67 -22.38 59.58 -26.97
C ASP A 67 -21.04 59.42 -26.24
N LEU A 68 -21.12 59.43 -24.91
CA LEU A 68 -19.93 59.32 -24.01
C LEU A 68 -19.22 57.98 -24.29
N ALA A 69 -19.94 56.85 -24.27
CA ALA A 69 -19.41 55.50 -24.61
C ALA A 69 -18.65 55.51 -25.93
N GLN A 70 -19.31 56.04 -26.95
CA GLN A 70 -18.76 56.19 -28.32
C GLN A 70 -17.48 57.02 -28.22
N LYS A 71 -17.54 58.20 -27.58
CA LYS A 71 -16.36 59.11 -27.49
C LYS A 71 -15.18 58.34 -26.85
N LEU A 72 -15.42 57.52 -25.82
CA LEU A 72 -14.34 56.80 -25.08
C LEU A 72 -13.96 55.48 -25.76
N GLY A 73 -14.59 55.14 -26.90
CA GLY A 73 -14.13 54.07 -27.81
C GLY A 73 -14.51 52.68 -27.34
N PHE A 74 -15.64 52.59 -26.63
CA PHE A 74 -16.33 51.35 -26.18
C PHE A 74 -17.32 50.85 -27.24
N TYR A 75 -17.48 49.52 -27.35
CA TYR A 75 -18.69 48.92 -27.95
C TYR A 75 -19.77 48.88 -26.88
N VAL A 76 -21.01 48.78 -27.33
CA VAL A 76 -22.16 48.75 -26.39
C VAL A 76 -23.02 47.55 -26.73
N ILE A 77 -23.38 46.79 -25.72
CA ILE A 77 -24.43 45.74 -25.79
C ILE A 77 -25.66 46.39 -25.18
N ILE A 78 -26.75 46.45 -25.94
CA ILE A 78 -27.98 47.12 -25.47
C ILE A 78 -29.10 46.09 -25.31
N ARG A 79 -29.83 46.21 -24.20
CA ARG A 79 -30.83 45.23 -23.69
C ARG A 79 -32.07 46.02 -23.29
N PRO A 80 -32.92 46.31 -24.27
CA PRO A 80 -34.07 47.17 -24.00
C PRO A 80 -35.34 46.45 -23.55
N GLY A 81 -35.23 45.17 -23.17
CA GLY A 81 -36.39 44.53 -22.54
C GLY A 81 -37.43 44.10 -23.57
N PRO A 82 -38.75 44.27 -23.31
CA PRO A 82 -39.28 45.15 -22.27
C PRO A 82 -39.03 44.73 -20.81
N TYR A 83 -38.99 43.42 -20.55
CA TYR A 83 -38.61 42.90 -19.19
C TYR A 83 -37.09 42.86 -19.14
N ILE A 84 -36.54 43.47 -18.10
CA ILE A 84 -35.07 43.54 -17.92
C ILE A 84 -34.66 42.83 -16.59
N CYS A 85 -35.58 42.26 -15.82
CA CYS A 85 -35.31 41.81 -14.42
C CYS A 85 -34.59 42.90 -13.60
N GLY A 86 -33.29 42.77 -13.33
CA GLY A 86 -32.46 43.89 -12.89
C GLY A 86 -32.75 44.28 -11.46
N GLU A 87 -33.45 43.45 -10.68
CA GLU A 87 -33.78 43.80 -9.27
C GLU A 87 -34.43 45.19 -9.27
N TRP A 88 -35.18 45.51 -10.35
CA TRP A 88 -35.75 46.83 -10.65
C TRP A 88 -37.28 46.72 -10.60
N LYS A 89 -37.99 47.75 -10.16
CA LYS A 89 -39.48 47.75 -10.00
C LYS A 89 -40.13 47.13 -11.24
N ASN A 90 -40.97 46.13 -11.04
CA ASN A 90 -41.72 45.40 -12.11
C ASN A 90 -40.76 44.91 -13.20
N GLY A 91 -39.44 44.86 -12.96
CA GLY A 91 -38.52 44.35 -13.99
C GLY A 91 -38.56 45.24 -15.22
N GLY A 92 -39.00 46.48 -15.02
CA GLY A 92 -38.98 47.45 -16.11
C GLY A 92 -40.36 47.77 -16.63
N ILE A 93 -41.41 46.98 -16.37
CA ILE A 93 -42.79 47.27 -16.89
C ILE A 93 -43.40 48.40 -16.08
N PRO A 94 -44.04 49.44 -16.72
CA PRO A 94 -44.63 50.53 -15.96
C PRO A 94 -45.75 50.10 -15.00
N GLU A 95 -45.71 50.67 -13.79
CA GLU A 95 -46.81 50.59 -12.80
C GLU A 95 -48.09 51.13 -13.47
N TRP A 96 -47.98 52.21 -14.25
CA TRP A 96 -49.20 52.84 -14.84
C TRP A 96 -49.87 51.86 -15.81
N LEU A 97 -49.10 50.95 -16.41
CA LEU A 97 -49.67 50.00 -17.39
C LEU A 97 -50.45 48.94 -16.64
N ILE A 98 -49.81 48.40 -15.61
CA ILE A 98 -50.38 47.34 -14.77
C ILE A 98 -51.66 47.83 -14.07
N ASN A 99 -51.62 49.05 -13.50
CA ASN A 99 -52.77 49.66 -12.78
C ASN A 99 -53.92 49.96 -13.78
N SER A 100 -53.64 50.33 -15.01
CA SER A 100 -54.72 50.70 -15.96
C SER A 100 -55.16 49.49 -16.81
N HIS A 101 -54.37 48.42 -16.91
CA HIS A 101 -54.80 47.18 -17.63
C HIS A 101 -54.51 45.94 -16.80
N PRO A 102 -55.07 45.83 -15.56
CA PRO A 102 -54.80 44.68 -14.70
C PRO A 102 -55.26 43.37 -15.36
N GLU A 103 -56.03 43.45 -16.45
CA GLU A 103 -56.47 42.25 -17.20
C GLU A 103 -55.24 41.56 -17.83
N ILE A 104 -54.11 42.25 -17.99
CA ILE A 104 -52.91 41.60 -18.64
C ILE A 104 -52.27 40.65 -17.63
N LEU A 105 -52.53 40.91 -16.37
CA LEU A 105 -51.79 40.13 -15.29
C LEU A 105 -52.08 38.63 -15.40
N ALA A 106 -51.01 37.82 -15.21
CA ALA A 106 -51.10 36.35 -15.15
C ALA A 106 -51.96 35.95 -13.94
N LYS A 107 -52.71 34.84 -14.05
CA LYS A 107 -53.61 34.32 -12.99
C LYS A 107 -53.10 32.95 -12.53
N GLY A 108 -53.34 32.63 -11.26
CA GLY A 108 -53.18 31.25 -10.73
C GLY A 108 -54.42 30.41 -11.04
N PRO A 109 -54.45 29.12 -10.66
CA PRO A 109 -55.64 28.31 -10.90
C PRO A 109 -56.79 28.73 -9.98
N ASN A 110 -56.47 29.41 -8.88
CA ASN A 110 -57.44 29.92 -7.88
C ASN A 110 -57.80 31.37 -8.19
N GLY A 111 -57.22 31.95 -9.24
CA GLY A 111 -57.51 33.34 -9.65
C GLY A 111 -56.29 34.23 -9.55
N THR A 112 -56.48 35.55 -9.41
CA THR A 112 -55.39 36.56 -9.51
C THR A 112 -54.37 36.31 -8.38
N LEU A 113 -53.11 36.52 -8.70
CA LEU A 113 -51.96 36.44 -7.77
C LEU A 113 -51.97 37.71 -6.94
N PRO A 114 -51.34 37.70 -5.76
CA PRO A 114 -51.19 38.93 -4.96
C PRO A 114 -50.47 40.01 -5.77
N ARG A 115 -50.84 41.25 -5.55
CA ARG A 115 -50.35 42.41 -6.32
C ARG A 115 -49.02 42.93 -5.72
N ASP A 116 -48.63 42.51 -4.51
CA ASP A 116 -47.40 43.07 -3.88
C ASP A 116 -46.18 42.23 -4.28
N ILE A 117 -46.36 41.12 -5.00
CA ILE A 117 -45.22 40.22 -5.35
C ILE A 117 -44.31 40.94 -6.35
N TYR A 118 -43.04 40.58 -6.37
CA TYR A 118 -42.06 41.21 -7.29
C TYR A 118 -42.33 40.74 -8.72
N TYR A 119 -41.79 41.49 -9.67
CA TYR A 119 -42.01 41.29 -11.14
C TYR A 119 -43.42 40.75 -11.38
N PRO A 120 -44.48 41.55 -11.12
CA PRO A 120 -45.86 41.06 -11.26
C PRO A 120 -45.99 40.31 -12.58
N PRO A 121 -46.34 39.00 -12.54
CA PRO A 121 -46.39 38.23 -13.78
C PRO A 121 -47.51 38.63 -14.75
N ILE A 122 -47.17 38.61 -16.04
CA ILE A 122 -47.99 39.16 -17.17
C ILE A 122 -48.24 38.11 -18.27
N THR A 123 -49.50 37.99 -18.71
CA THR A 123 -49.79 37.13 -19.87
C THR A 123 -49.07 37.71 -21.08
N TYR A 124 -47.92 37.15 -21.49
CA TYR A 124 -47.09 37.68 -22.61
C TYR A 124 -47.94 37.94 -23.85
N LEU A 125 -48.90 37.07 -24.11
CA LEU A 125 -49.60 37.06 -25.42
C LEU A 125 -50.92 37.85 -25.38
N HIS A 126 -51.25 38.50 -24.26
CA HIS A 126 -52.45 39.35 -24.11
C HIS A 126 -52.27 40.54 -25.05
N PRO A 127 -53.21 40.79 -25.99
CA PRO A 127 -53.00 41.82 -27.03
C PRO A 127 -52.66 43.23 -26.50
N THR A 128 -53.27 43.62 -25.37
CA THR A 128 -53.05 44.93 -24.67
C THR A 128 -51.58 44.98 -24.15
N TYR A 129 -51.00 43.92 -23.59
CA TYR A 129 -49.56 43.95 -23.20
C TYR A 129 -48.78 44.26 -24.49
N LEU A 130 -48.97 43.42 -25.53
CA LEU A 130 -48.21 43.47 -26.81
C LEU A 130 -48.35 44.87 -27.40
N GLU A 131 -49.57 45.42 -27.47
CA GLU A 131 -49.77 46.79 -28.03
C GLU A 131 -48.85 47.79 -27.31
N TYR A 132 -48.71 47.69 -25.98
CA TYR A 132 -47.89 48.64 -25.18
C TYR A 132 -46.39 48.29 -25.29
N VAL A 133 -46.02 47.01 -25.37
CA VAL A 133 -44.61 46.70 -25.68
C VAL A 133 -44.19 47.28 -27.02
N MET A 134 -45.03 47.10 -28.03
CA MET A 134 -44.69 47.62 -29.36
C MET A 134 -44.50 49.14 -29.25
N LYS A 135 -45.27 49.85 -28.42
CA LYS A 135 -45.13 51.35 -28.36
C LYS A 135 -43.78 51.68 -27.72
N TRP A 136 -43.44 51.00 -26.64
CA TRP A 136 -42.06 51.04 -26.06
C TRP A 136 -41.01 50.85 -27.17
N TYR A 137 -41.09 49.76 -27.96
CA TYR A 137 -40.05 49.46 -29.00
C TYR A 137 -40.03 50.59 -30.06
N GLU A 138 -41.21 51.08 -30.49
CA GLU A 138 -41.36 52.15 -31.50
C GLU A 138 -40.65 53.43 -31.02
N ASN A 139 -40.59 53.69 -29.71
CA ASN A 139 -39.94 54.92 -29.19
C ASN A 139 -38.43 54.73 -29.00
N VAL A 140 -37.98 53.56 -28.46
CA VAL A 140 -36.56 53.24 -28.02
C VAL A 140 -35.69 52.70 -29.19
N PHE A 141 -36.32 52.09 -30.22
CA PHE A 141 -35.51 51.52 -31.36
C PHE A 141 -35.05 52.62 -32.33
N PRO A 142 -35.76 53.74 -32.57
CA PRO A 142 -35.20 54.80 -33.42
C PRO A 142 -33.86 55.38 -32.91
N ILE A 143 -33.64 55.32 -31.56
CA ILE A 143 -32.39 55.80 -30.88
C ILE A 143 -31.34 54.71 -31.09
N ILE A 144 -31.68 53.45 -30.77
CA ILE A 144 -30.81 52.26 -31.00
C ILE A 144 -30.35 52.24 -32.47
N LYS A 145 -31.26 52.37 -33.43
CA LYS A 145 -30.89 52.46 -34.89
C LYS A 145 -29.78 53.49 -35.14
N GLU A 146 -29.94 54.68 -34.54
CA GLU A 146 -29.00 55.83 -34.80
C GLU A 146 -27.62 55.38 -34.34
N TYR A 147 -27.58 54.60 -33.27
CA TYR A 147 -26.34 54.31 -32.55
C TYR A 147 -25.80 52.91 -32.88
N LEU A 148 -26.33 52.19 -33.87
CA LEU A 148 -25.76 50.87 -34.27
C LEU A 148 -24.34 51.05 -34.80
N TYR A 149 -23.50 50.01 -34.63
CA TYR A 149 -22.09 50.00 -35.12
C TYR A 149 -22.04 50.21 -36.62
N SER A 150 -23.06 49.73 -37.36
CA SER A 150 -23.21 49.86 -38.85
C SER A 150 -23.46 51.31 -39.29
N ASN A 151 -23.96 52.18 -38.41
CA ASN A 151 -24.31 53.59 -38.72
C ASN A 151 -23.34 54.53 -38.00
N GLY A 152 -22.16 54.01 -37.59
CA GLY A 152 -21.05 54.79 -36.99
C GLY A 152 -21.09 54.90 -35.46
N GLY A 153 -22.01 54.19 -34.81
CA GLY A 153 -22.21 54.26 -33.35
C GLY A 153 -21.63 53.01 -32.67
N PRO A 154 -21.77 52.96 -31.34
CA PRO A 154 -21.14 51.90 -30.52
C PRO A 154 -21.88 50.58 -30.29
N ILE A 155 -23.18 50.53 -30.55
CA ILE A 155 -24.10 49.38 -30.33
C ILE A 155 -23.80 48.22 -31.26
N ILE A 156 -23.32 47.09 -30.70
CA ILE A 156 -22.89 45.97 -31.57
C ILE A 156 -24.09 44.97 -31.73
N ASN A 157 -24.88 44.87 -30.57
CA ASN A 157 -25.83 43.75 -30.37
C ASN A 157 -27.05 44.32 -29.64
N VAL A 158 -28.18 43.66 -29.88
CA VAL A 158 -29.45 43.89 -29.15
C VAL A 158 -29.89 42.56 -28.53
N THR A 159 -30.19 42.61 -27.24
CA THR A 159 -30.73 41.44 -26.52
C THR A 159 -32.25 41.57 -26.33
N ILE A 160 -32.97 40.48 -26.53
CA ILE A 160 -34.46 40.40 -26.41
C ILE A 160 -34.85 40.17 -24.95
N ASP A 161 -35.63 41.06 -24.33
CA ASP A 161 -36.30 40.82 -23.03
C ASP A 161 -35.19 40.36 -22.05
N ASP A 162 -35.47 39.43 -21.13
CA ASP A 162 -34.42 39.00 -20.15
C ASP A 162 -34.72 37.60 -19.59
N GLU A 163 -33.83 36.65 -19.90
CA GLU A 163 -33.94 35.24 -19.44
C GLU A 163 -35.43 34.90 -19.25
N PRO A 164 -36.31 35.14 -20.28
CA PRO A 164 -37.76 35.10 -20.12
C PRO A 164 -38.23 33.74 -19.61
N SER A 165 -38.90 33.79 -18.45
CA SER A 165 -39.20 32.59 -17.64
C SER A 165 -40.64 32.67 -17.15
N TYR A 166 -41.53 33.32 -17.91
CA TYR A 166 -42.86 33.67 -17.36
C TYR A 166 -42.72 34.36 -15.98
N TRP A 167 -41.74 35.26 -15.87
CA TRP A 167 -41.59 36.19 -14.73
C TRP A 167 -41.22 35.37 -13.46
N GLU A 168 -40.39 34.34 -13.66
CA GLU A 168 -39.78 33.48 -12.57
C GLU A 168 -40.95 32.69 -11.96
N THR A 169 -41.95 32.32 -12.78
CA THR A 169 -43.09 31.43 -12.38
C THR A 169 -42.94 30.03 -12.97
N ILE A 170 -42.23 29.86 -14.10
CA ILE A 170 -42.09 28.55 -14.82
C ILE A 170 -41.66 27.48 -13.79
N PHE A 171 -41.01 27.85 -12.68
CA PHE A 171 -40.40 26.85 -11.75
C PHE A 171 -41.49 26.16 -10.93
N GLN A 172 -42.69 26.75 -10.85
CA GLN A 172 -43.87 26.09 -10.23
C GLN A 172 -44.84 25.67 -11.32
N ALA A 173 -45.17 24.38 -11.39
CA ALA A 173 -46.00 23.79 -12.47
C ALA A 173 -47.36 24.49 -12.51
N PHE A 174 -47.96 24.86 -11.38
CA PHE A 174 -49.37 25.34 -11.41
C PHE A 174 -49.49 26.73 -10.79
N LEU A 175 -48.48 27.58 -10.85
CA LEU A 175 -48.59 28.96 -10.29
C LEU A 175 -49.15 29.85 -11.41
N THR A 176 -48.85 29.49 -12.65
CA THR A 176 -49.10 30.33 -13.87
C THR A 176 -49.44 29.43 -15.07
N ASP A 177 -50.15 29.85 -16.15
CA ASP A 177 -50.88 31.11 -16.31
C ASP A 177 -52.30 30.75 -16.72
N TYR A 178 -53.29 31.09 -15.89
CA TYR A 178 -54.67 30.59 -16.02
C TYR A 178 -55.57 31.74 -16.45
N ASN A 179 -54.95 32.84 -16.92
CA ASN A 179 -55.62 34.01 -17.49
C ASN A 179 -56.59 33.51 -18.54
N GLU A 180 -57.72 34.20 -18.64
CA GLU A 180 -58.90 33.87 -19.46
C GLU A 180 -58.41 33.49 -20.86
N ILE A 181 -57.62 34.38 -21.46
CA ILE A 181 -57.14 34.27 -22.87
C ILE A 181 -56.38 32.95 -23.05
N VAL A 182 -55.64 32.45 -22.06
CA VAL A 182 -54.93 31.17 -22.33
C VAL A 182 -55.89 29.99 -22.09
N VAL A 183 -56.92 30.06 -21.22
CA VAL A 183 -57.67 28.84 -20.76
C VAL A 183 -59.14 28.79 -21.23
N LYS A 184 -59.72 29.87 -21.77
CA LYS A 184 -61.10 29.88 -22.30
C LYS A 184 -61.25 28.86 -23.44
N GLU A 185 -62.48 28.38 -23.68
CA GLU A 185 -62.84 27.55 -24.87
C GLU A 185 -62.03 27.99 -26.10
N ASN A 186 -61.27 27.07 -26.70
CA ASN A 186 -60.52 27.31 -27.97
C ASN A 186 -59.60 28.53 -27.85
N GLY A 187 -59.18 28.85 -26.61
CA GLY A 187 -58.13 29.84 -26.29
C GLY A 187 -56.75 29.31 -26.68
N ILE A 188 -55.68 29.86 -26.11
CA ILE A 188 -54.29 29.62 -26.63
C ILE A 188 -53.90 28.18 -26.32
N TRP A 189 -54.25 27.68 -25.14
CA TRP A 189 -53.95 26.29 -24.66
C TRP A 189 -54.66 25.28 -25.58
N HIS A 190 -55.95 25.45 -25.84
CA HIS A 190 -56.73 24.56 -26.74
C HIS A 190 -56.16 24.65 -28.16
N SER A 191 -55.73 25.83 -28.60
CA SER A 191 -55.12 26.06 -29.94
C SER A 191 -53.82 25.27 -30.06
N TRP A 192 -52.98 25.39 -29.04
CA TRP A 192 -51.67 24.66 -28.94
C TRP A 192 -51.91 23.13 -29.01
N LEU A 193 -52.84 22.63 -28.18
CA LEU A 193 -53.25 21.20 -28.11
C LEU A 193 -53.55 20.70 -29.53
N LYS A 194 -54.53 21.30 -30.21
CA LYS A 194 -54.96 20.98 -31.61
C LYS A 194 -53.70 20.88 -32.49
N GLU A 195 -52.86 21.92 -32.42
CA GLU A 195 -51.73 22.13 -33.34
C GLU A 195 -50.72 21.00 -33.13
N ASN A 196 -50.61 20.48 -31.90
CA ASN A 196 -49.48 19.60 -31.54
C ASN A 196 -49.93 18.14 -31.57
N TYR A 197 -51.14 17.84 -31.12
CA TYR A 197 -51.61 16.44 -30.95
C TYR A 197 -52.92 16.22 -31.71
N GLN A 198 -52.99 15.09 -32.38
CA GLN A 198 -54.32 14.53 -32.77
C GLN A 198 -54.97 14.16 -31.45
N LEU A 199 -56.30 14.33 -31.38
CA LEU A 199 -57.07 14.22 -30.11
C LEU A 199 -56.91 12.81 -29.50
N ASP A 200 -56.99 11.75 -30.31
CA ASP A 200 -56.83 10.35 -29.86
C ASP A 200 -55.44 10.19 -29.22
N GLU A 201 -54.41 10.85 -29.78
CA GLU A 201 -53.03 10.89 -29.22
C GLU A 201 -53.09 11.38 -27.76
N LEU A 202 -53.87 12.43 -27.50
CA LEU A 202 -54.00 13.12 -26.16
C LEU A 202 -54.66 12.14 -25.17
N GLU A 203 -55.64 11.38 -25.65
CA GLU A 203 -56.40 10.39 -24.85
C GLU A 203 -55.51 9.23 -24.44
N GLU A 204 -54.54 8.79 -25.26
CA GLU A 204 -53.60 7.66 -25.05
C GLU A 204 -52.52 8.18 -24.08
N ARG A 205 -52.11 9.44 -24.23
CA ARG A 205 -51.00 9.99 -23.40
C ARG A 205 -51.49 10.33 -21.99
N TYR A 206 -52.76 10.76 -21.82
CA TYR A 206 -53.35 11.18 -20.51
C TYR A 206 -54.18 10.05 -19.87
N GLY A 207 -54.70 9.12 -20.68
CA GLY A 207 -55.52 7.99 -20.20
C GLY A 207 -56.89 8.44 -19.75
N GLN A 208 -57.55 9.26 -20.58
CA GLN A 208 -58.94 9.76 -20.39
C GLN A 208 -59.57 9.81 -21.77
N LYS A 209 -60.88 9.59 -21.88
CA LYS A 209 -61.63 9.76 -23.15
C LYS A 209 -62.16 11.20 -23.14
N PHE A 210 -61.88 11.97 -24.20
CA PHE A 210 -62.37 13.36 -24.41
C PHE A 210 -63.29 13.37 -25.63
N SER A 211 -64.34 14.21 -25.63
CA SER A 211 -65.19 14.47 -26.83
C SER A 211 -64.40 15.32 -27.82
N ASP A 212 -64.07 16.54 -27.38
CA ASP A 212 -63.40 17.62 -28.15
C ASP A 212 -62.11 18.03 -27.42
N TYR A 213 -61.29 18.86 -28.07
CA TYR A 213 -60.04 19.47 -27.51
C TYR A 213 -60.37 20.43 -26.38
N ALA A 214 -61.53 21.11 -26.43
CA ALA A 214 -61.92 22.17 -25.48
C ALA A 214 -62.46 21.58 -24.16
N GLU A 215 -62.58 20.25 -24.07
CA GLU A 215 -62.88 19.55 -22.79
C GLU A 215 -61.62 19.54 -21.92
N ILE A 216 -60.42 19.59 -22.52
CA ILE A 216 -59.13 19.38 -21.80
C ILE A 216 -58.79 20.67 -21.03
N VAL A 217 -59.09 20.69 -19.73
CA VAL A 217 -58.74 21.84 -18.85
C VAL A 217 -57.24 21.74 -18.56
N PRO A 218 -56.53 22.87 -18.51
CA PRO A 218 -55.12 22.87 -18.08
C PRO A 218 -54.93 22.19 -16.73
N PRO A 219 -53.81 21.48 -16.49
CA PRO A 219 -53.64 20.74 -15.23
C PRO A 219 -53.44 21.75 -14.09
N THR A 220 -53.76 21.29 -12.88
CA THR A 220 -53.99 22.11 -11.67
C THR A 220 -53.25 21.52 -10.47
N SER A 221 -52.79 20.28 -10.57
CA SER A 221 -52.21 19.55 -9.41
C SER A 221 -51.46 18.32 -9.90
N PHE A 222 -50.59 17.82 -9.03
CA PHE A 222 -49.66 16.69 -9.31
C PHE A 222 -50.36 15.33 -9.25
N SER A 223 -51.66 15.31 -9.03
CA SER A 223 -52.47 14.07 -9.12
C SER A 223 -52.78 13.76 -10.59
N GLU A 224 -52.64 14.72 -11.50
CA GLU A 224 -53.04 14.51 -12.91
C GLU A 224 -51.85 13.87 -13.64
N PRO A 225 -52.05 13.32 -14.87
CA PRO A 225 -51.00 12.55 -15.56
C PRO A 225 -49.72 13.36 -15.82
N LEU A 226 -48.57 12.76 -15.48
CA LEU A 226 -47.25 13.40 -15.74
C LEU A 226 -47.15 13.90 -17.20
N PRO A 227 -47.47 13.10 -18.24
CA PRO A 227 -47.38 13.58 -19.63
C PRO A 227 -48.22 14.84 -19.92
N LYS A 228 -49.36 14.99 -19.26
CA LYS A 228 -50.16 16.25 -19.35
C LYS A 228 -49.48 17.45 -18.67
N ILE A 229 -48.90 17.23 -17.47
CA ILE A 229 -48.18 18.30 -16.72
C ILE A 229 -46.94 18.73 -17.52
N LEU A 230 -46.22 17.79 -18.13
CA LEU A 230 -45.10 18.11 -19.07
C LEU A 230 -45.66 18.88 -20.29
N ASP A 231 -46.88 18.59 -20.75
CA ASP A 231 -47.49 19.37 -21.87
C ASP A 231 -47.71 20.81 -21.39
N TRP A 232 -48.27 21.01 -20.19
CA TRP A 232 -48.49 22.35 -19.61
C TRP A 232 -47.17 23.15 -19.58
N HIS A 233 -46.07 22.52 -19.14
CA HIS A 233 -44.72 23.11 -19.08
C HIS A 233 -44.26 23.53 -20.49
N HIS A 234 -44.34 22.62 -21.46
CA HIS A 234 -43.77 22.85 -22.82
C HIS A 234 -44.66 23.90 -23.54
N PHE A 235 -45.94 23.95 -23.16
CA PHE A 235 -46.93 24.95 -23.62
C PHE A 235 -46.58 26.33 -23.06
N LYS A 236 -46.27 26.43 -21.76
CA LYS A 236 -45.77 27.70 -21.16
C LYS A 236 -44.50 28.12 -21.89
N ILE A 237 -43.62 27.16 -22.22
CA ILE A 237 -42.34 27.46 -22.95
C ILE A 237 -42.68 27.99 -24.35
N TRP A 238 -43.62 27.35 -25.06
CA TRP A 238 -44.06 27.79 -26.41
C TRP A 238 -44.64 29.21 -26.33
N MET A 239 -45.43 29.53 -25.32
CA MET A 239 -45.93 30.94 -25.26
C MET A 239 -44.73 31.86 -25.12
N ILE A 240 -43.73 31.48 -24.33
CA ILE A 240 -42.55 32.38 -24.25
C ILE A 240 -41.88 32.50 -25.61
N ASN A 241 -41.84 31.41 -26.39
CA ASN A 241 -41.13 31.40 -27.69
C ASN A 241 -41.89 32.34 -28.70
N GLU A 242 -43.21 32.29 -28.64
CA GLU A 242 -44.07 33.16 -29.49
C GLU A 242 -43.80 34.61 -29.16
N TYR A 243 -43.74 34.92 -27.87
CA TYR A 243 -43.42 36.27 -27.35
C TYR A 243 -42.05 36.68 -27.91
N VAL A 244 -41.03 35.83 -27.79
CA VAL A 244 -39.66 36.14 -28.32
C VAL A 244 -39.74 36.41 -29.84
N ARG A 245 -40.54 35.63 -30.56
CA ARG A 245 -40.65 35.76 -32.03
C ARG A 245 -41.27 37.12 -32.36
N ILE A 246 -42.29 37.56 -31.61
CA ILE A 246 -42.94 38.89 -31.86
C ILE A 246 -41.92 40.02 -31.59
N LEU A 247 -41.20 39.95 -30.48
CA LEU A 247 -40.13 40.95 -30.16
C LEU A 247 -39.10 40.98 -31.29
N TYR A 248 -38.67 39.81 -31.76
CA TYR A 248 -37.56 39.64 -32.74
C TYR A 248 -38.03 40.23 -34.07
N GLU A 249 -39.27 39.96 -34.45
CA GLU A 249 -39.79 40.37 -35.76
C GLU A 249 -39.77 41.91 -35.74
N LYS A 250 -40.15 42.50 -34.60
CA LYS A 250 -40.21 43.99 -34.49
C LYS A 250 -38.79 44.59 -34.46
N ILE A 251 -37.89 43.97 -33.69
CA ILE A 251 -36.46 44.40 -33.62
C ILE A 251 -35.83 44.36 -35.03
N LYS A 252 -36.04 43.26 -35.78
CA LYS A 252 -35.50 43.11 -37.18
C LYS A 252 -35.80 44.30 -38.12
N LYS A 253 -36.92 44.99 -37.91
CA LYS A 253 -37.36 46.17 -38.70
C LYS A 253 -36.44 47.36 -38.46
N TYR A 254 -35.69 47.43 -37.36
CA TYR A 254 -34.88 48.63 -37.00
C TYR A 254 -33.36 48.37 -37.01
N VAL A 255 -32.93 47.13 -36.84
CA VAL A 255 -31.50 46.86 -36.51
C VAL A 255 -30.96 45.80 -37.45
N ASP A 256 -29.70 45.97 -37.83
CA ASP A 256 -28.97 45.03 -38.71
C ASP A 256 -27.76 44.50 -37.95
N VAL A 257 -27.78 44.53 -36.62
CA VAL A 257 -26.69 43.88 -35.84
C VAL A 257 -27.22 42.56 -35.30
N PRO A 258 -26.35 41.65 -34.84
CA PRO A 258 -26.86 40.45 -34.21
C PRO A 258 -27.91 40.76 -33.14
N ILE A 259 -28.82 39.80 -32.96
CA ILE A 259 -29.88 39.81 -31.91
C ILE A 259 -29.59 38.62 -30.96
N SER A 260 -29.82 38.87 -29.72
CA SER A 260 -29.33 37.86 -28.72
C SER A 260 -30.44 37.54 -27.73
N ILE A 261 -30.27 36.48 -26.90
CA ILE A 261 -31.21 36.26 -25.79
C ILE A 261 -30.39 35.52 -24.70
N LEU A 262 -30.67 35.83 -23.44
CA LEU A 262 -30.03 35.23 -22.21
C LEU A 262 -30.95 34.13 -21.69
N ASP A 263 -30.35 32.96 -21.41
CA ASP A 263 -30.93 31.85 -20.63
C ASP A 263 -32.45 31.83 -20.77
N PRO A 264 -32.96 31.46 -21.97
CA PRO A 264 -34.39 31.18 -22.11
C PRO A 264 -34.88 30.26 -20.98
N TYR A 265 -35.93 30.66 -20.26
CA TYR A 265 -36.84 29.86 -19.39
C TYR A 265 -36.10 29.69 -18.03
N LEU A 266 -34.93 30.30 -17.91
CA LEU A 266 -34.02 30.12 -16.74
C LEU A 266 -33.84 28.62 -16.51
N LEU A 267 -33.80 27.85 -17.60
CA LEU A 267 -33.62 26.38 -17.56
C LEU A 267 -32.40 26.06 -18.43
N LEU A 268 -32.09 24.79 -18.65
CA LEU A 268 -30.92 24.41 -19.47
C LEU A 268 -31.32 23.33 -20.47
N ALA A 269 -31.73 22.14 -19.99
CA ALA A 269 -32.21 21.05 -20.89
C ALA A 269 -33.35 21.60 -21.78
N ALA A 270 -34.24 22.41 -21.21
CA ALA A 270 -35.38 23.01 -21.98
C ALA A 270 -34.85 23.81 -23.17
N TRP A 271 -33.55 24.10 -23.28
CA TRP A 271 -33.00 24.78 -24.47
C TRP A 271 -33.25 23.97 -25.74
N LYS A 272 -33.52 22.68 -25.58
CA LYS A 272 -34.02 21.83 -26.69
C LYS A 272 -35.22 22.52 -27.37
N GLU A 273 -36.20 22.96 -26.57
CA GLU A 273 -37.44 23.62 -27.07
C GLU A 273 -37.08 24.89 -27.82
N PHE A 274 -36.14 25.68 -27.29
CA PHE A 274 -35.66 26.93 -27.91
C PHE A 274 -34.97 26.63 -29.24
N TYR A 275 -34.11 25.62 -29.26
CA TYR A 275 -33.41 25.23 -30.51
C TYR A 275 -34.41 24.81 -31.60
N LEU A 276 -35.38 23.97 -31.23
CA LEU A 276 -36.37 23.44 -32.22
C LEU A 276 -37.17 24.64 -32.77
N TYR A 277 -37.48 25.58 -31.88
CA TYR A 277 -38.33 26.74 -32.21
C TYR A 277 -37.60 27.72 -33.15
N VAL A 278 -36.40 28.21 -32.83
CA VAL A 278 -35.66 29.16 -33.74
C VAL A 278 -35.24 28.45 -35.05
N THR A 279 -34.92 27.16 -35.06
CA THR A 279 -34.67 26.37 -36.29
C THR A 279 -35.98 26.37 -37.10
N LYS A 280 -37.09 26.01 -36.44
CA LYS A 280 -38.40 25.94 -37.12
C LYS A 280 -38.73 27.30 -37.73
N HIS A 281 -38.65 28.37 -36.95
CA HIS A 281 -39.17 29.71 -37.42
C HIS A 281 -38.04 30.48 -38.11
N LYS A 282 -36.85 29.86 -38.18
CA LYS A 282 -35.61 30.41 -38.82
C LYS A 282 -35.26 31.76 -38.19
N LEU A 283 -35.27 31.86 -36.88
CA LEU A 283 -34.83 33.08 -36.19
C LEU A 283 -33.32 32.99 -35.91
N ASP A 284 -32.58 34.00 -36.38
CA ASP A 284 -31.12 34.17 -36.19
C ASP A 284 -30.92 34.85 -34.83
N ILE A 285 -31.08 34.07 -33.74
CA ILE A 285 -30.88 34.62 -32.38
C ILE A 285 -29.58 34.01 -31.83
N HIS A 286 -28.74 34.84 -31.23
CA HIS A 286 -27.50 34.40 -30.53
C HIS A 286 -27.85 34.02 -29.09
N LEU A 287 -27.63 32.75 -28.74
CA LEU A 287 -27.94 32.24 -27.40
C LEU A 287 -26.77 32.67 -26.56
N TRP A 288 -27.09 33.46 -25.53
CA TRP A 288 -26.12 33.95 -24.52
C TRP A 288 -26.38 33.34 -23.13
N THR A 289 -25.38 33.28 -22.27
CA THR A 289 -25.67 32.68 -20.95
C THR A 289 -25.10 33.57 -19.85
N GLU A 290 -25.07 33.02 -18.64
CA GLU A 290 -24.71 33.81 -17.42
C GLU A 290 -24.28 32.78 -16.33
N PHE A 291 -23.56 33.30 -15.34
CA PHE A 291 -22.99 32.45 -14.22
C PHE A 291 -23.11 33.22 -12.90
N TRP A 292 -24.06 32.75 -12.10
CA TRP A 292 -24.50 33.32 -10.81
C TRP A 292 -24.49 32.16 -9.79
N TYR A 293 -23.94 32.40 -8.63
CA TYR A 293 -23.68 31.29 -7.66
C TYR A 293 -24.21 31.67 -6.25
N SER A 294 -24.02 32.92 -5.80
CA SER A 294 -24.25 33.28 -4.38
C SER A 294 -25.05 34.57 -4.30
N PHE A 295 -26.11 34.58 -3.51
CA PHE A 295 -27.04 35.75 -3.41
C PHE A 295 -27.28 36.07 -1.94
N TYR A 296 -26.82 37.24 -1.50
CA TYR A 296 -27.18 37.83 -0.20
C TYR A 296 -26.63 36.91 0.89
N ARG A 297 -25.47 36.35 0.58
CA ARG A 297 -24.53 35.75 1.55
C ARG A 297 -23.14 36.00 0.97
N THR A 298 -22.07 35.53 1.62
CA THR A 298 -20.71 35.65 1.08
C THR A 298 -20.63 34.77 -0.18
N PHE A 299 -19.82 35.20 -1.15
CA PHE A 299 -19.55 34.38 -2.35
C PHE A 299 -18.94 33.04 -1.89
N ASP A 300 -19.48 31.94 -2.37
CA ASP A 300 -19.05 30.54 -2.08
C ASP A 300 -18.77 29.84 -3.42
N PHE A 301 -17.55 29.94 -3.91
CA PHE A 301 -17.17 29.28 -5.17
C PHE A 301 -15.93 28.42 -4.92
N LYS A 302 -16.22 27.19 -4.52
CA LYS A 302 -15.15 26.21 -4.28
C LYS A 302 -15.40 24.95 -5.14
N GLU A 303 -14.72 23.83 -4.86
CA GLU A 303 -14.74 22.64 -5.74
C GLU A 303 -16.19 22.18 -5.93
N ASP A 304 -17.04 22.46 -4.95
CA ASP A 304 -18.42 21.96 -4.85
C ASP A 304 -19.22 22.33 -6.14
N ARG A 305 -18.82 23.43 -6.78
CA ARG A 305 -19.59 24.07 -7.90
C ARG A 305 -19.23 23.43 -9.24
N LEU A 306 -18.16 22.66 -9.29
CA LEU A 306 -17.61 22.29 -10.61
C LEU A 306 -18.58 21.37 -11.37
N GLY A 307 -19.35 20.49 -10.70
CA GLY A 307 -20.33 19.64 -11.41
C GLY A 307 -21.25 20.60 -12.22
N HIS A 308 -21.80 21.56 -11.52
CA HIS A 308 -22.77 22.51 -12.16
C HIS A 308 -22.08 23.32 -13.26
N LEU A 309 -20.87 23.83 -13.00
CA LEU A 309 -20.18 24.66 -13.99
C LEU A 309 -19.90 23.86 -15.26
N TYR A 310 -19.45 22.61 -15.12
CA TYR A 310 -19.11 21.77 -16.28
C TYR A 310 -20.40 21.43 -17.01
N TYR A 311 -21.47 21.19 -16.25
CA TYR A 311 -22.74 20.78 -16.88
C TYR A 311 -23.26 21.99 -17.69
N LYS A 312 -23.28 23.16 -17.07
CA LYS A 312 -23.93 24.37 -17.70
C LYS A 312 -23.12 24.82 -18.92
N THR A 313 -21.78 24.93 -18.81
CA THR A 313 -20.88 25.23 -19.97
C THR A 313 -21.06 24.20 -21.09
N GLY A 314 -21.19 22.95 -20.72
CA GLY A 314 -21.43 21.86 -21.68
C GLY A 314 -22.76 21.98 -22.38
N VAL A 315 -23.83 22.26 -21.64
CA VAL A 315 -25.18 22.48 -22.30
C VAL A 315 -25.03 23.65 -23.29
N TYR A 316 -24.39 24.74 -22.86
CA TYR A 316 -24.17 25.97 -23.64
C TYR A 316 -23.36 25.67 -24.92
N ARG A 317 -22.26 24.97 -24.78
CA ARG A 317 -21.41 24.55 -25.93
C ARG A 317 -22.23 23.68 -26.90
N TYR A 318 -23.00 22.74 -26.35
CA TYR A 318 -23.75 21.78 -27.17
C TYR A 318 -24.61 22.66 -28.12
N TYR A 319 -25.28 23.68 -27.59
CA TYR A 319 -26.32 24.41 -28.37
C TYR A 319 -25.64 25.46 -29.26
N ILE A 320 -24.58 26.16 -28.82
CA ILE A 320 -24.03 27.19 -29.75
C ILE A 320 -23.31 26.45 -30.89
N ASN A 321 -22.81 25.22 -30.67
CA ASN A 321 -22.21 24.43 -31.77
C ASN A 321 -23.29 24.19 -32.84
N LYS A 322 -24.52 23.99 -32.40
CA LYS A 322 -25.66 23.64 -33.30
C LYS A 322 -26.21 24.90 -33.95
N LEU A 323 -26.32 26.00 -33.21
CA LEU A 323 -26.83 27.30 -33.76
C LEU A 323 -25.73 28.04 -34.53
N LYS A 324 -24.46 27.69 -34.33
CA LYS A 324 -23.28 28.18 -35.07
C LYS A 324 -23.06 29.66 -34.76
N THR A 325 -23.25 30.09 -33.51
CA THR A 325 -23.11 31.51 -33.10
C THR A 325 -21.96 31.61 -32.14
N PRO A 326 -21.28 32.76 -31.98
CA PRO A 326 -20.20 32.89 -30.98
C PRO A 326 -20.68 32.78 -29.53
N PRO A 327 -19.87 32.17 -28.61
CA PRO A 327 -20.24 32.14 -27.20
C PRO A 327 -20.15 33.50 -26.52
N LEU A 328 -21.03 33.76 -25.57
CA LEU A 328 -20.85 34.92 -24.66
C LEU A 328 -21.59 34.70 -23.34
N SER A 329 -20.91 34.98 -22.24
CA SER A 329 -21.55 35.15 -20.92
C SER A 329 -21.80 36.63 -20.72
N ILE A 330 -23.06 37.04 -20.90
CA ILE A 330 -23.49 38.46 -20.76
C ILE A 330 -23.65 38.86 -19.29
N GLU A 331 -23.69 37.91 -18.35
CA GLU A 331 -23.68 38.27 -16.91
C GLU A 331 -22.80 37.25 -16.17
N THR A 332 -21.60 37.68 -15.83
CA THR A 332 -20.62 36.91 -15.05
C THR A 332 -20.61 37.55 -13.66
N GLN A 333 -21.11 36.81 -12.64
CA GLN A 333 -21.38 37.37 -11.30
C GLN A 333 -20.18 38.20 -10.81
N THR A 334 -20.39 39.50 -10.58
CA THR A 334 -19.40 40.39 -9.88
C THR A 334 -20.09 41.22 -8.78
N SER A 335 -21.31 40.85 -8.41
CA SER A 335 -22.14 41.60 -7.44
C SER A 335 -23.16 40.66 -6.80
N LEU A 336 -23.86 41.18 -5.81
CA LEU A 336 -25.03 40.60 -5.11
C LEU A 336 -24.59 39.51 -4.14
N ALA A 337 -23.28 39.39 -3.96
CA ALA A 337 -22.67 38.58 -2.87
C ALA A 337 -21.95 39.50 -1.85
N ASN A 338 -22.03 39.20 -0.56
CA ASN A 338 -21.55 40.12 0.51
C ASN A 338 -20.06 40.47 0.33
N VAL A 339 -19.25 39.46 0.04
CA VAL A 339 -17.83 39.62 -0.34
C VAL A 339 -17.57 38.61 -1.46
N ILE A 340 -16.76 38.99 -2.43
CA ILE A 340 -16.34 38.12 -3.55
C ILE A 340 -14.82 38.06 -3.46
N GLU A 341 -14.33 37.01 -2.74
CA GLU A 341 -12.89 36.86 -2.57
C GLU A 341 -12.23 36.45 -3.89
N LYS A 342 -11.08 37.04 -4.13
CA LYS A 342 -10.51 37.09 -5.51
C LYS A 342 -10.10 35.71 -5.95
N ASP A 343 -9.69 34.80 -5.03
CA ASP A 343 -9.28 33.43 -5.47
C ASP A 343 -10.52 32.63 -5.91
N GLU A 344 -11.63 32.77 -5.19
CA GLU A 344 -12.88 32.03 -5.49
C GLU A 344 -13.48 32.62 -6.80
N ALA A 345 -13.35 33.93 -6.97
CA ALA A 345 -13.82 34.65 -8.18
C ALA A 345 -12.99 34.15 -9.36
N GLU A 346 -11.68 34.04 -9.16
CA GLU A 346 -10.78 33.60 -10.26
C GLU A 346 -11.14 32.18 -10.67
N LEU A 347 -11.41 31.27 -9.73
CA LEU A 347 -11.73 29.87 -10.09
C LEU A 347 -12.95 29.85 -11.03
N LEU A 348 -13.96 30.63 -10.74
CA LEU A 348 -15.10 30.80 -11.69
C LEU A 348 -14.62 31.49 -13.00
N TYR A 349 -14.10 32.72 -12.93
CA TYR A 349 -13.89 33.57 -14.15
C TYR A 349 -12.89 32.90 -15.10
N ALA A 350 -11.80 32.33 -14.55
CA ALA A 350 -10.74 31.69 -15.35
C ALA A 350 -11.22 30.37 -15.95
N LEU A 351 -12.22 29.73 -15.38
CA LEU A 351 -12.75 28.49 -15.99
C LEU A 351 -13.69 28.80 -17.16
N LEU A 352 -14.28 29.98 -17.25
CA LEU A 352 -15.19 30.22 -18.42
C LEU A 352 -14.46 30.04 -19.75
N PRO A 353 -13.32 30.73 -20.02
CA PRO A 353 -12.58 30.49 -21.26
C PRO A 353 -12.10 29.03 -21.41
N ALA A 354 -11.72 28.41 -20.29
CA ALA A 354 -11.30 26.98 -20.25
C ALA A 354 -12.41 26.08 -20.81
N LEU A 355 -13.65 26.45 -20.51
CA LEU A 355 -14.86 25.64 -20.84
C LEU A 355 -15.62 26.23 -22.05
N GLY A 356 -14.97 27.09 -22.83
CA GLY A 356 -15.38 27.44 -24.19
C GLY A 356 -16.06 28.78 -24.24
N ILE A 357 -15.99 29.58 -23.18
CA ILE A 357 -16.71 30.88 -23.21
C ILE A 357 -15.67 31.99 -23.16
N HIS A 358 -15.18 32.45 -24.31
CA HIS A 358 -14.00 33.36 -24.39
C HIS A 358 -14.44 34.82 -24.62
N ASN A 359 -15.74 35.07 -24.71
CA ASN A 359 -16.35 36.42 -24.68
C ASN A 359 -17.11 36.55 -23.35
N ILE A 360 -16.83 37.59 -22.56
CA ILE A 360 -17.29 37.67 -21.16
C ILE A 360 -17.70 39.12 -20.85
N ASN A 361 -18.88 39.29 -20.27
CA ASN A 361 -19.32 40.55 -19.63
C ASN A 361 -19.48 40.28 -18.13
N TYR A 362 -18.91 41.15 -17.30
CA TYR A 362 -19.07 41.17 -15.83
C TYR A 362 -20.25 42.06 -15.39
N TYR A 363 -21.09 41.53 -14.49
CA TYR A 363 -22.35 42.18 -14.07
C TYR A 363 -22.45 42.00 -12.56
N LEU A 364 -22.70 43.05 -11.76
CA LEU A 364 -22.83 44.47 -12.16
C LEU A 364 -21.42 45.03 -11.95
N TYR A 365 -20.82 45.62 -12.97
CA TYR A 365 -19.42 46.16 -12.85
C TYR A 365 -19.36 47.41 -11.96
N VAL A 366 -20.30 48.33 -12.08
CA VAL A 366 -20.28 49.67 -11.41
C VAL A 366 -21.47 49.76 -10.46
N GLY A 367 -21.20 49.83 -9.17
CA GLY A 367 -22.23 49.95 -8.13
C GLY A 367 -22.96 51.25 -8.29
N GLY A 368 -24.27 51.25 -8.02
CA GLY A 368 -25.10 52.45 -8.10
C GLY A 368 -26.19 52.48 -7.05
N GLU A 369 -27.31 53.07 -7.44
CA GLU A 369 -28.38 53.40 -6.47
C GLU A 369 -29.69 53.47 -7.25
N ASN A 370 -30.80 53.11 -6.60
CA ASN A 370 -32.11 53.06 -7.29
C ASN A 370 -32.84 54.39 -7.05
N PRO A 371 -33.16 55.18 -8.11
CA PRO A 371 -33.99 56.36 -7.90
C PRO A 371 -35.32 55.99 -7.22
N LYS A 372 -35.90 56.94 -6.48
CA LYS A 372 -37.15 56.74 -5.69
C LYS A 372 -38.25 56.24 -6.63
N GLY A 373 -38.98 55.23 -6.16
CA GLY A 373 -40.10 54.62 -6.89
C GLY A 373 -39.66 53.51 -7.82
N TYR A 374 -38.35 53.24 -7.99
CA TYR A 374 -37.92 52.15 -8.92
C TYR A 374 -37.24 51.02 -8.16
N GLU A 375 -37.21 51.13 -6.84
CA GLU A 375 -36.65 50.09 -5.95
C GLU A 375 -37.49 48.81 -6.06
N SER A 376 -36.85 47.67 -5.87
CA SER A 376 -37.49 46.34 -5.75
C SER A 376 -36.65 45.51 -4.74
N HIS A 377 -35.68 44.75 -5.24
CA HIS A 377 -35.07 43.64 -4.43
C HIS A 377 -34.02 44.10 -3.40
N ASN A 378 -33.52 45.33 -3.49
CA ASN A 378 -32.38 45.81 -2.68
C ASN A 378 -32.71 47.12 -1.95
N GLY A 379 -33.97 47.56 -1.93
CA GLY A 379 -34.25 48.97 -1.58
C GLY A 379 -33.42 49.96 -2.39
N ALA A 380 -32.80 50.94 -1.73
CA ALA A 380 -32.09 52.08 -2.34
C ALA A 380 -30.80 51.62 -3.04
N THR A 381 -30.12 50.63 -2.47
CA THR A 381 -28.73 50.31 -2.87
C THR A 381 -28.71 49.47 -4.13
N TRP A 382 -27.67 49.70 -4.92
CA TRP A 382 -27.38 48.90 -6.13
C TRP A 382 -25.86 48.75 -6.17
N ASP A 383 -25.24 48.71 -4.98
CA ASP A 383 -23.80 48.43 -4.84
C ASP A 383 -23.62 47.33 -3.80
N VAL A 384 -23.64 46.08 -4.26
CA VAL A 384 -23.43 44.91 -3.38
C VAL A 384 -22.15 44.27 -3.94
N TYR A 385 -21.03 44.80 -3.46
CA TYR A 385 -19.65 44.34 -3.69
C TYR A 385 -19.34 44.33 -5.18
N SER A 386 -19.77 45.36 -5.92
CA SER A 386 -19.39 45.48 -7.35
C SER A 386 -17.88 45.71 -7.46
N PRO A 387 -17.24 45.32 -8.59
CA PRO A 387 -15.82 45.60 -8.81
C PRO A 387 -15.40 47.08 -8.62
N ILE A 388 -16.26 47.96 -9.09
CA ILE A 388 -16.21 49.44 -8.79
C ILE A 388 -17.44 49.83 -7.97
N GLY A 389 -17.17 50.48 -6.84
CA GLY A 389 -18.12 50.86 -5.80
C GLY A 389 -18.70 52.21 -6.14
N LEU A 390 -19.78 52.54 -5.43
CA LEU A 390 -20.47 53.83 -5.50
C LEU A 390 -19.45 54.93 -5.31
N ASP A 391 -18.42 54.75 -4.45
CA ASP A 391 -17.49 55.89 -4.24
C ASP A 391 -16.28 55.80 -5.18
N GLY A 392 -16.28 54.89 -6.16
CA GLY A 392 -15.14 54.70 -7.09
C GLY A 392 -14.05 53.76 -6.57
N ARG A 393 -14.18 53.18 -5.37
CA ARG A 393 -13.16 52.23 -4.83
C ARG A 393 -13.10 51.07 -5.82
N GLU A 394 -11.94 50.42 -5.96
CA GLU A 394 -11.85 49.15 -6.70
C GLU A 394 -11.76 47.98 -5.71
N ARG A 395 -12.65 47.00 -5.85
CA ARG A 395 -12.71 45.86 -4.88
C ARG A 395 -11.83 44.75 -5.47
N GLN A 396 -11.60 43.71 -4.65
CA GLN A 396 -10.50 42.74 -4.86
C GLN A 396 -10.71 41.93 -6.15
N HIS A 397 -11.95 41.67 -6.57
CA HIS A 397 -12.22 40.77 -7.74
C HIS A 397 -11.82 41.45 -9.07
N VAL A 398 -11.42 42.72 -9.05
CA VAL A 398 -10.81 43.40 -10.23
C VAL A 398 -9.54 42.66 -10.65
N GLU A 399 -8.81 42.07 -9.71
CA GLU A 399 -7.49 41.51 -10.08
C GLU A 399 -7.62 40.36 -11.10
N PRO A 400 -8.38 39.27 -10.86
CA PRO A 400 -8.50 38.22 -11.87
C PRO A 400 -9.18 38.73 -13.15
N ILE A 401 -10.13 39.66 -13.01
CA ILE A 401 -10.79 40.28 -14.19
C ILE A 401 -9.71 40.91 -15.10
N LYS A 402 -8.74 41.68 -14.54
CA LYS A 402 -7.70 42.35 -15.36
C LYS A 402 -6.84 41.30 -16.08
N TRP A 403 -6.31 40.28 -15.39
CA TRP A 403 -5.31 39.37 -16.00
C TRP A 403 -5.95 38.48 -17.07
N ILE A 404 -7.15 37.98 -16.83
CA ILE A 404 -7.89 37.14 -17.82
C ILE A 404 -8.01 37.92 -19.14
N GLY A 405 -8.37 39.18 -19.01
CA GLY A 405 -8.57 40.10 -20.17
C GLY A 405 -7.31 40.24 -21.00
N GLU A 406 -6.20 40.51 -20.31
CA GLU A 406 -4.85 40.62 -20.90
C GLU A 406 -4.50 39.33 -21.62
N PHE A 407 -4.76 38.18 -21.01
CA PHE A 407 -4.50 36.86 -21.64
C PHE A 407 -5.36 36.71 -22.89
N LEU A 408 -6.67 36.97 -22.86
CA LEU A 408 -7.56 36.65 -24.02
C LEU A 408 -7.15 37.53 -25.19
N LYS A 409 -6.89 38.81 -24.89
CA LYS A 409 -6.57 39.85 -25.92
C LYS A 409 -5.27 39.45 -26.64
N SER A 410 -4.29 38.87 -25.94
CA SER A 410 -2.93 38.67 -26.49
C SER A 410 -2.71 37.25 -27.01
N ASN A 411 -3.64 36.32 -26.78
CA ASN A 411 -3.49 34.91 -27.20
C ASN A 411 -4.64 34.59 -28.15
N MET A 412 -4.56 34.98 -29.41
CA MET A 412 -5.60 34.59 -30.39
C MET A 412 -5.53 33.06 -30.51
N ASP A 413 -4.35 32.44 -30.33
CA ASP A 413 -4.19 30.96 -30.43
C ASP A 413 -5.23 30.28 -29.54
N PHE A 414 -5.46 30.80 -28.33
CA PHE A 414 -6.30 30.16 -27.28
C PHE A 414 -7.75 30.02 -27.75
N ILE A 415 -8.36 31.04 -28.38
CA ILE A 415 -9.82 31.00 -28.71
C ILE A 415 -10.02 29.89 -29.76
N GLU A 416 -9.04 29.71 -30.66
CA GLU A 416 -9.07 28.72 -31.78
C GLU A 416 -8.75 27.30 -31.29
N SER A 417 -8.16 27.16 -30.10
CA SER A 417 -8.12 25.84 -29.40
C SER A 417 -9.56 25.39 -29.14
N GLN A 418 -9.80 24.09 -29.02
CA GLN A 418 -11.12 23.57 -28.60
C GLN A 418 -10.94 22.61 -27.42
N LEU A 419 -11.95 22.60 -26.55
CA LEU A 419 -12.29 21.47 -25.64
C LEU A 419 -13.03 20.39 -26.45
N LYS A 420 -12.39 19.22 -26.66
CA LYS A 420 -12.97 18.10 -27.45
C LYS A 420 -12.89 16.80 -26.64
N PRO A 421 -13.64 16.67 -25.52
CA PRO A 421 -13.48 15.54 -24.60
C PRO A 421 -13.98 14.24 -25.23
N LYS A 422 -13.36 13.13 -24.83
CA LYS A 422 -13.75 11.75 -25.22
C LYS A 422 -15.10 11.38 -24.57
N VAL A 423 -15.47 12.11 -23.51
CA VAL A 423 -16.58 11.76 -22.61
C VAL A 423 -17.69 12.84 -22.75
N ALA A 424 -18.93 12.39 -22.69
CA ALA A 424 -20.14 13.21 -22.63
C ALA A 424 -21.05 12.73 -21.53
N PHE A 425 -21.85 13.63 -20.98
CA PHE A 425 -23.02 13.32 -20.16
C PHE A 425 -24.27 13.47 -21.04
N GLY A 426 -25.12 12.46 -21.02
CA GLY A 426 -26.38 12.52 -21.80
C GLY A 426 -27.51 13.14 -21.03
N MET A 427 -27.91 14.41 -21.30
N MET A 427 -27.94 14.35 -21.43
CA MET A 427 -29.02 14.98 -20.49
CA MET A 427 -28.97 15.07 -20.65
C MET A 427 -30.31 14.62 -21.20
C MET A 427 -30.32 14.69 -21.26
N TYR A 428 -31.39 14.67 -20.43
CA TYR A 428 -32.75 14.24 -20.80
C TYR A 428 -33.71 15.27 -20.23
N GLU A 429 -34.35 16.02 -21.13
CA GLU A 429 -35.06 17.24 -20.71
C GLU A 429 -36.24 16.94 -19.80
N PRO A 430 -37.05 15.86 -19.97
CA PRO A 430 -38.13 15.56 -19.03
C PRO A 430 -37.64 15.44 -17.57
N TYR A 431 -36.42 14.97 -17.35
CA TYR A 431 -35.88 14.93 -15.96
C TYR A 431 -35.66 16.32 -15.37
N GLU A 432 -35.38 17.32 -16.23
CA GLU A 432 -35.15 18.71 -15.69
C GLU A 432 -36.44 19.19 -15.00
N ALA A 433 -37.57 19.10 -15.71
CA ALA A 433 -38.87 19.56 -15.18
C ALA A 433 -39.23 18.83 -13.89
N LEU A 434 -39.07 17.48 -13.85
CA LEU A 434 -39.47 16.76 -12.62
C LEU A 434 -38.60 17.26 -11.47
N SER A 435 -37.29 17.39 -11.68
CA SER A 435 -36.34 17.76 -10.60
C SER A 435 -36.63 19.18 -10.10
N MET A 436 -36.86 20.07 -11.05
CA MET A 436 -37.28 21.47 -10.77
C MET A 436 -38.55 21.51 -9.89
N TRP A 437 -39.61 20.74 -10.15
CA TRP A 437 -40.86 20.76 -9.33
C TRP A 437 -40.61 20.02 -8.01
N GLY A 438 -39.69 19.09 -8.02
CA GLY A 438 -39.58 18.20 -6.85
C GLY A 438 -40.73 17.23 -6.83
N HIS A 439 -41.31 16.95 -7.98
CA HIS A 439 -42.48 16.04 -8.08
C HIS A 439 -41.97 14.64 -8.39
N ARG A 440 -42.10 13.74 -7.41
CA ARG A 440 -41.90 12.32 -7.67
C ARG A 440 -43.25 11.62 -7.80
N PRO A 441 -43.65 11.11 -8.99
CA PRO A 441 -44.86 10.29 -9.06
C PRO A 441 -44.80 9.14 -8.04
N GLU A 442 -45.97 8.75 -7.56
CA GLU A 442 -46.14 7.77 -6.44
C GLU A 442 -45.50 6.43 -6.85
N SER A 443 -45.58 6.10 -8.13
CA SER A 443 -45.17 4.78 -8.67
C SER A 443 -43.66 4.73 -8.88
N PHE A 444 -42.92 5.84 -8.81
CA PHE A 444 -41.53 5.92 -9.33
C PHE A 444 -40.57 5.21 -8.35
N GLU A 445 -39.74 4.30 -8.85
CA GLU A 445 -38.72 3.65 -7.99
C GLU A 445 -37.60 4.67 -7.74
N GLU A 446 -37.43 5.70 -8.62
CA GLU A 446 -36.27 6.61 -8.39
C GLU A 446 -36.67 7.97 -7.80
N SER A 447 -35.70 8.57 -7.12
CA SER A 447 -35.82 9.91 -6.55
C SER A 447 -35.64 10.94 -7.66
N VAL A 448 -36.30 12.08 -7.52
CA VAL A 448 -36.08 13.22 -8.44
C VAL A 448 -35.15 14.24 -7.82
N ASN A 449 -34.35 13.85 -6.79
CA ASN A 449 -33.41 14.80 -6.15
C ASN A 449 -32.09 14.83 -6.95
N LEU A 450 -32.14 15.30 -8.20
CA LEU A 450 -30.96 15.38 -9.07
C LEU A 450 -29.94 16.41 -8.55
N GLN A 451 -30.36 17.43 -7.80
CA GLN A 451 -29.48 18.49 -7.25
C GLN A 451 -28.48 17.76 -6.29
N GLU A 452 -29.03 16.77 -5.71
CA GLU A 452 -28.13 16.00 -4.72
C GLU A 452 -27.27 14.99 -5.49
N TYR A 453 -27.89 14.07 -6.22
CA TYR A 453 -27.22 12.89 -6.86
C TYR A 453 -26.41 13.27 -8.10
N LEU A 454 -26.80 14.35 -8.78
CA LEU A 454 -26.21 14.62 -10.12
C LEU A 454 -25.40 15.93 -10.13
N PHE A 455 -25.96 17.06 -9.69
CA PHE A 455 -25.47 18.43 -10.02
C PHE A 455 -24.59 19.04 -8.90
N GLY A 456 -24.96 18.87 -7.64
CA GLY A 456 -24.42 19.75 -6.60
C GLY A 456 -23.10 19.24 -5.97
N GLU A 457 -22.92 19.64 -4.74
CA GLU A 457 -21.69 19.43 -3.89
C GLU A 457 -21.19 17.99 -3.95
N ARG A 458 -22.10 17.05 -3.96
CA ARG A 458 -21.77 15.58 -3.98
C ARG A 458 -22.25 14.98 -5.30
N GLY A 459 -22.67 15.85 -6.29
CA GLY A 459 -23.15 15.31 -7.57
C GLY A 459 -22.14 14.40 -8.27
N LEU A 460 -22.64 13.40 -8.99
CA LEU A 460 -21.88 12.64 -10.00
C LEU A 460 -21.05 13.59 -10.84
N LEU A 461 -21.65 14.71 -11.34
CA LEU A 461 -20.90 15.55 -12.33
C LEU A 461 -19.72 16.25 -11.64
N THR A 462 -19.87 16.58 -10.35
CA THR A 462 -18.77 17.14 -9.52
C THR A 462 -17.67 16.06 -9.36
N LEU A 463 -18.06 14.80 -9.21
CA LEU A 463 -17.07 13.64 -9.01
C LEU A 463 -16.28 13.53 -10.33
N LEU A 464 -16.95 13.62 -11.48
CA LEU A 464 -16.27 13.55 -12.80
C LEU A 464 -15.25 14.70 -12.93
N ALA A 465 -15.63 15.95 -12.60
CA ALA A 465 -14.68 17.09 -12.67
C ALA A 465 -13.47 16.80 -11.80
N MET A 466 -13.75 16.53 -10.54
CA MET A 466 -12.69 16.28 -9.49
C MET A 466 -11.90 15.00 -9.78
N SER A 467 -12.43 14.03 -10.53
CA SER A 467 -11.63 12.85 -11.00
C SER A 467 -10.85 13.16 -12.29
N ASN A 468 -10.79 14.43 -12.77
CA ASN A 468 -10.00 14.78 -13.98
C ASN A 468 -10.70 14.16 -15.21
N VAL A 469 -12.02 14.30 -15.29
CA VAL A 469 -12.76 13.80 -16.47
C VAL A 469 -13.60 14.96 -16.97
N PRO A 470 -13.02 15.85 -17.81
CA PRO A 470 -13.81 16.85 -18.52
C PRO A 470 -14.85 16.11 -19.36
N PHE A 471 -16.01 16.74 -19.55
CA PHE A 471 -17.06 16.14 -20.39
C PHE A 471 -17.84 17.24 -21.12
N ASP A 472 -18.26 16.88 -22.33
CA ASP A 472 -19.34 17.61 -23.04
C ASP A 472 -20.70 17.17 -22.53
N VAL A 473 -21.74 17.90 -22.91
CA VAL A 473 -23.13 17.47 -22.64
C VAL A 473 -23.80 17.31 -23.98
N ILE A 474 -24.56 16.23 -24.15
CA ILE A 474 -25.41 16.09 -25.38
C ILE A 474 -26.85 15.82 -24.94
N ASP A 475 -27.78 16.38 -25.71
CA ASP A 475 -29.19 16.10 -25.48
C ASP A 475 -29.52 14.76 -26.14
N LEU A 476 -30.08 13.83 -25.36
CA LEU A 476 -30.33 12.43 -25.82
C LEU A 476 -31.41 12.45 -26.91
N GLU A 477 -32.37 13.36 -26.80
CA GLU A 477 -33.51 13.41 -27.77
C GLU A 477 -33.12 14.00 -29.12
N LEU A 478 -32.31 15.04 -29.17
CA LEU A 478 -31.98 15.77 -30.45
C LEU A 478 -30.83 15.00 -31.13
N SER A 479 -29.93 14.37 -30.35
CA SER A 479 -28.65 13.83 -30.89
C SER A 479 -28.93 12.59 -31.74
N THR A 480 -28.20 12.47 -32.85
CA THR A 480 -28.21 11.25 -33.69
C THR A 480 -27.30 10.19 -33.06
N VAL A 481 -27.45 8.95 -33.48
CA VAL A 481 -26.48 7.89 -33.11
C VAL A 481 -25.10 8.28 -33.65
N GLU A 482 -25.00 8.84 -34.86
CA GLU A 482 -23.69 9.26 -35.44
C GLU A 482 -23.01 10.27 -34.51
N GLU A 483 -23.75 11.18 -33.88
CA GLU A 483 -23.21 12.28 -33.04
C GLU A 483 -22.84 11.68 -31.66
N MET A 484 -23.66 10.79 -31.17
CA MET A 484 -23.28 10.06 -29.93
C MET A 484 -21.92 9.35 -30.12
N LEU A 485 -21.77 8.69 -31.26
CA LEU A 485 -20.56 7.92 -31.62
C LEU A 485 -19.34 8.83 -31.70
N GLN A 486 -19.42 10.17 -31.62
CA GLN A 486 -18.23 11.06 -31.55
C GLN A 486 -17.64 10.94 -30.14
N TYR A 487 -18.36 10.31 -29.23
CA TYR A 487 -17.87 10.13 -27.85
C TYR A 487 -17.54 8.67 -27.58
N GLU A 488 -16.35 8.46 -27.01
CA GLU A 488 -15.93 7.10 -26.60
C GLU A 488 -16.73 6.61 -25.41
N GLN A 489 -17.27 7.54 -24.60
CA GLN A 489 -18.01 7.15 -23.38
C GLN A 489 -19.11 8.19 -23.12
N ILE A 490 -20.33 7.70 -22.91
CA ILE A 490 -21.48 8.51 -22.46
C ILE A 490 -22.00 8.04 -21.11
N TRP A 491 -22.15 9.00 -20.22
CA TRP A 491 -22.67 8.77 -18.85
C TRP A 491 -24.13 9.18 -18.82
N ILE A 492 -24.99 8.31 -18.32
CA ILE A 492 -26.46 8.60 -18.29
C ILE A 492 -26.98 8.37 -16.89
N TYR A 493 -27.63 9.37 -16.34
CA TYR A 493 -28.38 9.19 -15.08
C TYR A 493 -29.83 8.84 -15.43
N SER A 494 -30.30 7.67 -15.00
CA SER A 494 -31.63 7.13 -15.35
C SER A 494 -32.61 7.26 -14.21
N LEU A 495 -33.80 7.75 -14.53
CA LEU A 495 -35.02 7.55 -13.72
C LEU A 495 -35.88 6.39 -14.31
N ASP A 496 -37.12 6.24 -13.85
CA ASP A 496 -38.02 5.13 -14.26
C ASP A 496 -38.32 5.18 -15.76
N PHE A 497 -38.37 6.38 -16.32
CA PHE A 497 -38.88 6.48 -17.72
C PHE A 497 -37.81 7.05 -18.62
N MET A 498 -37.81 6.56 -19.86
CA MET A 498 -36.96 7.06 -20.96
C MET A 498 -37.64 6.74 -22.30
N SER A 499 -37.68 7.72 -23.18
CA SER A 499 -38.46 7.58 -24.42
C SER A 499 -37.97 6.37 -25.21
N ARG A 500 -38.88 5.70 -25.90
CA ARG A 500 -38.59 4.53 -26.76
C ARG A 500 -37.54 4.93 -27.81
N GLU A 501 -37.63 6.14 -28.35
CA GLU A 501 -36.61 6.63 -29.32
C GLU A 501 -35.23 6.69 -28.65
N VAL A 502 -35.11 7.26 -27.46
CA VAL A 502 -33.75 7.43 -26.85
C VAL A 502 -33.17 6.03 -26.51
N GLN A 503 -34.02 5.16 -25.98
CA GLN A 503 -33.61 3.77 -25.56
C GLN A 503 -33.09 3.06 -26.82
N GLU A 504 -33.80 3.23 -27.97
CA GLU A 504 -33.31 2.72 -29.29
C GLU A 504 -31.91 3.25 -29.62
N LYS A 505 -31.73 4.57 -29.53
CA LYS A 505 -30.48 5.20 -29.96
C LYS A 505 -29.34 4.78 -29.01
N LEU A 506 -29.63 4.70 -27.72
CA LEU A 506 -28.61 4.24 -26.73
C LEU A 506 -28.18 2.79 -27.07
N ALA A 507 -29.11 1.91 -27.42
CA ALA A 507 -28.78 0.52 -27.79
C ALA A 507 -27.90 0.54 -29.05
N ARG A 508 -28.28 1.32 -30.07
CA ARG A 508 -27.48 1.40 -31.31
C ARG A 508 -26.07 1.96 -31.01
N TYR A 509 -25.95 2.93 -30.09
CA TYR A 509 -24.65 3.57 -29.72
C TYR A 509 -23.71 2.47 -29.21
N VAL A 510 -24.23 1.64 -28.31
CA VAL A 510 -23.34 0.55 -27.79
C VAL A 510 -23.10 -0.49 -28.91
N GLU A 511 -24.13 -0.96 -29.66
CA GLU A 511 -23.94 -1.93 -30.78
C GLU A 511 -22.80 -1.47 -31.73
N GLU A 512 -22.69 -0.15 -31.98
CA GLU A 512 -21.81 0.44 -33.02
C GLU A 512 -20.43 0.78 -32.43
N GLY A 513 -20.21 0.51 -31.13
CA GLY A 513 -18.89 0.64 -30.50
C GLY A 513 -18.82 1.64 -29.36
N GLY A 514 -19.92 2.27 -28.98
CA GLY A 514 -19.91 3.24 -27.87
C GLY A 514 -19.78 2.49 -26.55
N ASN A 515 -19.40 3.23 -25.53
CA ASN A 515 -19.31 2.78 -24.12
C ASN A 515 -20.29 3.59 -23.27
N LEU A 516 -21.30 2.95 -22.71
CA LEU A 516 -22.31 3.61 -21.86
C LEU A 516 -21.92 3.36 -20.42
N VAL A 517 -22.17 4.34 -19.58
CA VAL A 517 -22.24 4.16 -18.11
C VAL A 517 -23.61 4.66 -17.70
N ILE A 518 -24.42 3.78 -17.11
CA ILE A 518 -25.81 4.07 -16.73
C ILE A 518 -25.97 3.76 -15.24
N LEU A 519 -26.57 4.69 -14.50
CA LEU A 519 -26.88 4.51 -13.08
C LEU A 519 -28.04 5.41 -12.76
N PRO A 520 -28.78 5.27 -11.63
CA PRO A 520 -28.59 4.15 -10.65
C PRO A 520 -29.56 3.00 -10.91
N THR A 521 -30.18 3.00 -12.10
CA THR A 521 -31.14 1.98 -12.52
C THR A 521 -31.21 2.04 -14.07
N LEU A 522 -31.94 1.09 -14.61
CA LEU A 522 -32.30 1.10 -16.01
C LEU A 522 -33.76 1.52 -16.03
N PRO A 523 -34.16 2.20 -17.13
CA PRO A 523 -35.54 2.59 -17.22
C PRO A 523 -36.49 1.41 -17.41
N SER A 524 -37.73 1.58 -16.97
CA SER A 524 -38.79 0.52 -17.00
C SER A 524 -40.01 1.03 -17.75
N LEU A 525 -40.05 2.31 -17.99
CA LEU A 525 -41.25 2.97 -18.68
C LEU A 525 -40.79 3.78 -19.90
N ASP A 526 -41.74 4.03 -20.85
CA ASP A 526 -41.42 4.93 -21.95
C ASP A 526 -41.90 6.35 -21.61
N GLU A 527 -41.88 7.25 -22.59
CA GLU A 527 -42.24 8.66 -22.37
C GLU A 527 -43.68 8.76 -21.86
N ASN A 528 -44.55 7.75 -22.08
CA ASN A 528 -45.97 7.82 -21.63
C ASN A 528 -46.11 7.03 -20.34
N MET A 529 -45.01 6.78 -19.67
CA MET A 529 -45.06 6.11 -18.35
C MET A 529 -45.72 4.72 -18.51
N LYS A 530 -45.56 4.07 -19.67
CA LYS A 530 -46.07 2.71 -19.97
C LYS A 530 -44.88 1.73 -19.92
N PRO A 531 -45.04 0.49 -19.39
CA PRO A 531 -43.92 -0.44 -19.38
C PRO A 531 -43.25 -0.55 -20.75
N TYR A 532 -41.93 -0.44 -20.79
CA TYR A 532 -41.06 -0.51 -21.97
C TYR A 532 -39.63 -0.74 -21.46
N THR A 533 -38.91 -1.67 -22.08
CA THR A 533 -37.64 -2.24 -21.51
C THR A 533 -36.59 -2.40 -22.60
N LYS A 534 -36.67 -1.62 -23.69
CA LYS A 534 -35.69 -1.83 -24.77
C LYS A 534 -34.24 -1.85 -24.20
N LEU A 535 -33.81 -0.86 -23.42
CA LEU A 535 -32.40 -0.83 -22.96
C LEU A 535 -32.10 -2.10 -22.17
N ARG A 536 -32.93 -2.43 -21.18
CA ARG A 536 -32.68 -3.65 -20.31
C ARG A 536 -32.59 -4.89 -21.20
N ASP A 537 -33.53 -5.03 -22.14
CA ASP A 537 -33.69 -6.23 -23.00
C ASP A 537 -32.47 -6.33 -23.92
N PHE A 538 -32.05 -5.21 -24.49
CA PHE A 538 -30.87 -5.14 -25.38
C PHE A 538 -29.59 -5.53 -24.62
N LEU A 539 -29.42 -5.00 -23.41
CA LEU A 539 -28.17 -5.28 -22.63
C LEU A 539 -28.23 -6.64 -21.96
N GLY A 540 -29.44 -7.23 -21.87
CA GLY A 540 -29.66 -8.51 -21.16
C GLY A 540 -29.41 -8.31 -19.70
N ILE A 541 -29.74 -7.13 -19.18
CA ILE A 541 -29.55 -6.81 -17.73
C ILE A 541 -30.91 -6.58 -17.05
N GLU A 542 -31.14 -7.26 -15.93
CA GLU A 542 -32.33 -7.10 -15.05
C GLU A 542 -31.86 -6.30 -13.84
N VAL A 543 -32.52 -5.19 -13.52
CA VAL A 543 -32.18 -4.41 -12.31
C VAL A 543 -33.34 -4.55 -11.34
N GLU A 544 -33.06 -4.99 -10.12
CA GLU A 544 -34.01 -5.04 -8.99
C GLU A 544 -34.91 -3.82 -8.93
N LYS A 545 -36.19 -4.07 -8.75
CA LYS A 545 -37.18 -3.04 -8.32
C LYS A 545 -36.96 -2.76 -6.82
N ALA A 546 -36.74 -1.50 -6.46
CA ALA A 546 -36.56 -1.01 -5.09
C ALA A 546 -36.86 0.48 -5.08
N LYS A 547 -37.48 0.92 -4.00
CA LYS A 547 -38.03 2.30 -3.91
C LYS A 547 -37.00 3.21 -3.25
N ALA A 548 -36.46 4.18 -3.96
CA ALA A 548 -35.50 5.16 -3.38
C ALA A 548 -36.22 5.94 -2.26
N ARG A 549 -35.52 6.26 -1.17
CA ARG A 549 -36.14 6.99 -0.04
C ARG A 549 -36.03 8.51 -0.23
N ASP A 550 -36.97 9.25 0.36
CA ASP A 550 -37.00 10.74 0.31
C ASP A 550 -36.74 11.28 1.72
N ASN A 551 -37.28 10.62 2.73
CA ASN A 551 -37.10 11.11 4.12
C ASN A 551 -35.59 11.05 4.48
N MET A 552 -34.95 12.19 4.73
CA MET A 552 -33.49 12.28 4.92
C MET A 552 -33.07 11.21 5.94
N ARG A 553 -33.87 11.02 6.99
CA ARG A 553 -33.42 10.17 8.15
C ARG A 553 -33.47 8.68 7.73
N LEU A 554 -34.25 8.36 6.68
CA LEU A 554 -34.57 6.99 6.23
C LEU A 554 -33.68 6.60 5.05
N ILE A 555 -32.82 7.52 4.59
CA ILE A 555 -31.95 7.28 3.41
C ILE A 555 -30.71 6.55 3.93
N PRO A 556 -30.52 5.28 3.54
CA PRO A 556 -29.42 4.48 4.10
C PRO A 556 -28.05 4.89 3.56
N TYR A 557 -27.05 4.50 4.37
CA TYR A 557 -25.64 4.44 3.97
C TYR A 557 -25.26 3.00 3.70
N ILE A 558 -24.60 2.79 2.57
CA ILE A 558 -24.30 1.44 2.02
C ILE A 558 -22.87 1.43 1.49
N SER A 559 -22.08 0.38 1.85
CA SER A 559 -20.70 0.28 1.36
C SER A 559 -20.64 -0.69 0.16
N VAL A 560 -20.07 -0.23 -0.94
CA VAL A 560 -19.83 -1.01 -2.17
C VAL A 560 -18.37 -1.48 -2.19
N ASP A 561 -18.18 -2.74 -2.58
CA ASP A 561 -16.85 -3.30 -2.84
C ASP A 561 -16.65 -3.56 -4.32
N ALA A 562 -15.41 -3.40 -4.74
CA ALA A 562 -14.89 -3.94 -6.00
C ALA A 562 -13.43 -4.35 -5.82
N GLU A 563 -12.81 -4.85 -6.85
CA GLU A 563 -11.36 -5.21 -6.75
C GLU A 563 -10.57 -3.94 -6.42
N GLU A 564 -9.82 -3.98 -5.32
CA GLU A 564 -8.96 -2.85 -4.84
C GLU A 564 -9.87 -1.66 -4.45
N ILE A 565 -11.16 -1.86 -4.22
CA ILE A 565 -12.12 -0.87 -3.64
C ILE A 565 -12.80 -1.52 -2.43
N ASP A 566 -12.29 -1.16 -1.26
CA ASP A 566 -12.83 -1.62 0.03
C ASP A 566 -13.83 -0.60 0.62
N ARG A 567 -15.13 -0.83 0.41
CA ARG A 567 -16.23 -0.11 1.11
C ARG A 567 -16.21 1.35 0.73
N MET A 568 -16.67 1.54 -0.51
CA MET A 568 -16.92 2.90 -1.06
C MET A 568 -18.35 3.29 -0.64
N VAL A 569 -18.54 4.42 0.05
CA VAL A 569 -19.85 4.69 0.63
C VAL A 569 -20.76 5.25 -0.55
N VAL A 570 -21.99 4.79 -0.52
CA VAL A 570 -23.09 5.33 -1.36
C VAL A 570 -24.32 5.54 -0.48
N ARG A 571 -25.23 6.38 -0.99
CA ARG A 571 -26.46 6.76 -0.31
C ARG A 571 -27.66 6.25 -1.10
N ASN A 572 -28.72 5.96 -0.36
CA ASN A 572 -30.05 5.51 -0.84
C ASN A 572 -29.99 4.11 -1.40
N VAL A 573 -31.12 3.65 -1.88
CA VAL A 573 -31.26 2.20 -2.20
C VAL A 573 -30.20 1.82 -3.23
N VAL A 574 -29.73 0.59 -3.02
CA VAL A 574 -28.80 -0.06 -3.96
C VAL A 574 -29.52 -1.29 -4.48
N ARG A 575 -29.47 -1.45 -5.78
CA ARG A 575 -30.21 -2.51 -6.48
C ARG A 575 -29.27 -3.61 -6.99
N GLU A 576 -29.78 -4.84 -6.88
CA GLU A 576 -29.12 -6.00 -7.46
C GLU A 576 -29.16 -5.84 -8.98
N VAL A 577 -28.07 -6.14 -9.66
CA VAL A 577 -27.95 -6.05 -11.15
C VAL A 577 -27.57 -7.44 -11.65
N LYS A 578 -28.44 -8.05 -12.45
CA LYS A 578 -28.31 -9.43 -12.96
C LYS A 578 -28.04 -9.35 -14.44
N GLY A 579 -27.10 -10.17 -14.91
CA GLY A 579 -26.67 -10.25 -16.31
C GLY A 579 -25.37 -9.50 -16.43
N GLY A 580 -24.49 -9.90 -17.32
CA GLY A 580 -23.15 -9.29 -17.42
C GLY A 580 -22.16 -9.66 -16.31
N LYS A 581 -20.99 -9.06 -16.41
CA LYS A 581 -19.81 -9.40 -15.57
C LYS A 581 -19.88 -8.50 -14.34
N ALA A 582 -20.00 -9.11 -13.17
CA ALA A 582 -19.97 -8.40 -11.87
C ALA A 582 -18.68 -7.60 -11.76
N ILE A 583 -18.83 -6.33 -11.40
CA ILE A 583 -17.69 -5.41 -11.13
C ILE A 583 -17.93 -4.62 -9.84
N ALA A 584 -19.04 -4.81 -9.14
CA ALA A 584 -19.34 -4.09 -7.86
C ALA A 584 -20.32 -4.93 -7.05
N TRP A 585 -20.06 -5.02 -5.73
CA TRP A 585 -20.87 -5.82 -4.82
C TRP A 585 -21.21 -5.02 -3.57
N VAL A 586 -22.33 -5.39 -2.95
CA VAL A 586 -22.64 -5.09 -1.52
C VAL A 586 -22.72 -6.44 -0.80
N GLY A 587 -21.75 -6.77 0.03
CA GLY A 587 -21.65 -8.16 0.51
C GLY A 587 -21.56 -9.07 -0.70
N ASP A 588 -22.43 -10.08 -0.81
CA ASP A 588 -22.43 -11.08 -1.92
C ASP A 588 -23.31 -10.63 -3.10
N LYS A 589 -24.03 -9.55 -2.91
CA LYS A 589 -25.02 -9.05 -3.91
C LYS A 589 -24.31 -8.23 -5.00
N VAL A 590 -24.43 -8.65 -6.24
CA VAL A 590 -23.83 -7.94 -7.39
C VAL A 590 -24.70 -6.68 -7.60
N VAL A 591 -24.08 -5.51 -7.58
CA VAL A 591 -24.79 -4.22 -7.70
C VAL A 591 -24.20 -3.42 -8.88
N GLY A 592 -23.37 -4.02 -9.71
CA GLY A 592 -22.82 -3.33 -10.89
C GLY A 592 -22.23 -4.30 -11.87
N VAL A 593 -22.49 -4.13 -13.18
CA VAL A 593 -22.01 -5.14 -14.15
C VAL A 593 -21.45 -4.45 -15.37
N MET A 594 -20.64 -5.18 -16.14
CA MET A 594 -20.28 -4.70 -17.47
C MET A 594 -20.76 -5.73 -18.49
N VAL A 595 -21.42 -5.29 -19.57
CA VAL A 595 -21.72 -6.21 -20.69
C VAL A 595 -21.09 -5.64 -21.96
N ARG A 596 -20.86 -6.52 -22.91
CA ARG A 596 -20.43 -6.17 -24.27
C ARG A 596 -21.53 -6.58 -25.22
N LYS A 597 -21.92 -5.67 -26.09
CA LYS A 597 -22.90 -5.98 -27.15
C LYS A 597 -22.38 -5.36 -28.44
N GLY A 598 -22.42 -6.10 -29.54
CA GLY A 598 -21.83 -5.70 -30.83
C GLY A 598 -20.40 -5.27 -30.59
N LYS A 599 -20.06 -4.05 -30.98
CA LYS A 599 -18.68 -3.52 -30.90
C LYS A 599 -18.44 -2.76 -29.58
N GLY A 600 -19.45 -2.50 -28.77
CA GLY A 600 -19.30 -1.59 -27.60
C GLY A 600 -19.64 -2.25 -26.30
N SER A 601 -19.90 -1.43 -25.28
CA SER A 601 -20.10 -1.97 -23.91
C SER A 601 -20.99 -1.03 -23.12
N ALA A 602 -21.55 -1.55 -22.05
CA ALA A 602 -22.24 -0.76 -21.04
C ALA A 602 -21.82 -1.25 -19.66
N VAL A 603 -21.60 -0.28 -18.82
CA VAL A 603 -21.47 -0.48 -17.34
C VAL A 603 -22.81 -0.03 -16.75
N VAL A 604 -23.44 -0.90 -15.95
CA VAL A 604 -24.71 -0.54 -15.30
C VAL A 604 -24.54 -0.59 -13.81
N LEU A 605 -24.79 0.51 -13.10
CA LEU A 605 -24.58 0.51 -11.62
C LEU A 605 -25.92 0.65 -10.93
N GLY A 606 -26.19 -0.17 -9.94
CA GLY A 606 -27.48 -0.07 -9.23
C GLY A 606 -27.42 0.93 -8.08
N PHE A 607 -26.52 1.88 -8.13
CA PHE A 607 -26.37 2.86 -7.04
C PHE A 607 -26.03 4.22 -7.65
N ARG A 608 -26.18 5.26 -6.85
CA ARG A 608 -25.87 6.66 -7.16
C ARG A 608 -24.42 6.91 -6.76
N LEU A 609 -23.50 6.89 -7.72
CA LEU A 609 -22.08 7.24 -7.52
C LEU A 609 -21.95 8.74 -7.30
N GLN A 610 -21.46 9.13 -6.12
CA GLN A 610 -21.36 10.56 -5.76
C GLN A 610 -19.94 10.97 -5.46
N TYR A 611 -19.76 12.26 -5.33
CA TYR A 611 -18.46 12.90 -5.06
C TYR A 611 -18.32 13.01 -3.55
N TYR A 612 -17.46 12.15 -2.99
CA TYR A 612 -16.99 12.31 -1.59
C TYR A 612 -15.47 12.35 -1.59
N SER A 613 -14.94 13.13 -0.66
CA SER A 613 -13.50 13.39 -0.48
C SER A 613 -13.01 12.64 0.81
N SER A 614 -11.86 12.06 0.69
CA SER A 614 -11.24 11.27 1.84
C SER A 614 -9.81 10.91 1.49
N TYR A 615 -9.03 10.52 2.48
CA TYR A 615 -7.69 9.98 2.21
C TYR A 615 -7.76 8.74 1.26
N HIS A 616 -8.66 7.81 1.54
CA HIS A 616 -8.84 6.53 0.82
C HIS A 616 -9.34 6.83 -0.60
N ASP A 617 -10.07 7.95 -0.76
CA ASP A 617 -10.39 8.53 -2.11
C ASP A 617 -11.08 7.52 -3.05
N LEU A 618 -12.00 6.69 -2.56
CA LEU A 618 -12.50 5.55 -3.39
C LEU A 618 -13.42 6.00 -4.54
N HIS A 619 -14.12 7.13 -4.39
CA HIS A 619 -15.13 7.60 -5.41
C HIS A 619 -14.39 7.98 -6.67
N ARG A 620 -13.31 8.74 -6.53
CA ARG A 620 -12.46 9.08 -7.70
C ARG A 620 -11.78 7.82 -8.21
N LYS A 621 -11.31 6.95 -7.31
CA LYS A 621 -10.68 5.71 -7.82
C LYS A 621 -11.72 4.87 -8.59
N PHE A 622 -13.00 4.94 -8.21
CA PHE A 622 -14.05 4.11 -8.83
C PHE A 622 -14.33 4.71 -10.23
N VAL A 623 -14.21 6.01 -10.36
CA VAL A 623 -14.26 6.63 -11.72
C VAL A 623 -13.10 6.10 -12.58
N ASP A 624 -11.88 6.04 -12.05
CA ASP A 624 -10.73 5.54 -12.83
C ASP A 624 -11.03 4.10 -13.28
N LYS A 625 -11.62 3.29 -12.39
CA LYS A 625 -11.91 1.86 -12.64
C LYS A 625 -12.82 1.76 -13.86
N ILE A 626 -13.86 2.60 -13.86
CA ILE A 626 -14.85 2.59 -14.97
C ILE A 626 -14.14 2.95 -16.28
N LEU A 627 -13.36 4.04 -16.32
CA LEU A 627 -12.63 4.48 -17.52
C LEU A 627 -11.74 3.32 -17.95
N GLN A 628 -11.09 2.61 -16.98
CA GLN A 628 -10.20 1.49 -17.34
C GLN A 628 -10.99 0.33 -17.95
N LEU A 629 -12.08 -0.09 -17.32
CA LEU A 629 -12.95 -1.16 -17.84
C LEU A 629 -13.26 -0.86 -19.33
N GLN A 630 -13.59 0.39 -19.65
CA GLN A 630 -14.11 0.64 -21.01
C GLN A 630 -13.03 1.22 -21.92
N GLY A 631 -11.74 1.18 -21.55
CA GLY A 631 -10.64 1.56 -22.46
C GLY A 631 -10.54 3.05 -22.70
N ILE A 632 -11.02 3.85 -21.76
CA ILE A 632 -11.00 5.35 -21.89
C ILE A 632 -9.73 5.85 -21.20
N GLU A 633 -8.85 6.48 -21.98
CA GLU A 633 -7.57 7.07 -21.52
C GLU A 633 -7.71 8.58 -21.53
N ARG A 634 -7.18 9.22 -20.49
CA ARG A 634 -7.13 10.69 -20.49
C ARG A 634 -6.05 11.11 -21.49
N ASP A 635 -6.18 12.34 -22.01
CA ASP A 635 -5.22 13.02 -22.93
C ASP A 635 -3.96 13.50 -22.21
N PHE A 636 -3.85 13.27 -20.91
CA PHE A 636 -2.77 13.86 -20.09
C PHE A 636 -2.54 12.95 -18.89
N GLU A 637 -1.45 13.18 -18.17
CA GLU A 637 -1.15 12.44 -16.94
C GLU A 637 -0.68 13.46 -15.90
N VAL A 638 -1.09 13.25 -14.67
CA VAL A 638 -0.63 14.07 -13.54
C VAL A 638 -0.17 13.10 -12.45
N SER A 639 0.96 13.41 -11.82
CA SER A 639 1.48 12.61 -10.66
C SER A 639 0.65 12.85 -9.40
N ASN A 640 -0.10 13.93 -9.35
CA ASN A 640 -0.90 14.34 -8.17
C ASN A 640 -2.29 14.64 -8.73
N ARG A 641 -3.24 13.80 -8.43
CA ARG A 641 -4.56 13.87 -9.09
C ARG A 641 -5.34 15.12 -8.66
N ASP A 642 -4.83 15.93 -7.72
CA ASP A 642 -5.54 17.17 -7.28
C ASP A 642 -5.25 18.33 -8.25
N ILE A 643 -4.36 18.12 -9.20
CA ILE A 643 -4.06 19.09 -10.30
C ILE A 643 -5.11 18.79 -11.36
N ILE A 644 -6.12 19.64 -11.43
CA ILE A 644 -7.19 19.54 -12.46
C ILE A 644 -6.59 20.08 -13.76
N VAL A 645 -6.68 19.29 -14.83
CA VAL A 645 -6.13 19.66 -16.15
C VAL A 645 -7.26 19.66 -17.18
N ILE A 646 -7.48 20.78 -17.85
CA ILE A 646 -8.46 20.84 -18.96
C ILE A 646 -7.63 21.05 -20.21
N PRO A 647 -7.44 20.03 -21.04
CA PRO A 647 -6.63 20.20 -22.24
C PRO A 647 -7.37 21.06 -23.28
N ARG A 648 -6.68 22.01 -23.91
CA ARG A 648 -7.21 22.75 -25.08
C ARG A 648 -6.15 22.80 -26.19
N GLY A 649 -5.69 21.65 -26.65
CA GLY A 649 -4.71 21.58 -27.74
C GLY A 649 -3.37 22.20 -27.35
N ASN A 650 -3.15 23.42 -27.79
CA ASN A 650 -1.95 24.29 -27.61
C ASN A 650 -1.83 24.85 -26.20
N TYR A 651 -2.93 24.81 -25.45
CA TYR A 651 -2.98 25.27 -24.04
C TYR A 651 -3.49 24.13 -23.18
N LEU A 652 -2.97 24.12 -21.96
CA LEU A 652 -3.36 23.23 -20.86
C LEU A 652 -3.86 24.14 -19.75
N VAL A 653 -5.15 24.08 -19.40
CA VAL A 653 -5.69 24.86 -18.26
C VAL A 653 -5.40 24.05 -17.02
N VAL A 654 -4.57 24.61 -16.15
CA VAL A 654 -4.19 23.91 -14.90
C VAL A 654 -4.84 24.62 -13.72
N VAL A 655 -5.46 23.83 -12.85
CA VAL A 655 -6.41 24.34 -11.83
C VAL A 655 -6.09 23.77 -10.45
N ASN A 656 -6.02 24.63 -9.43
CA ASN A 656 -6.08 24.17 -8.03
C ASN A 656 -7.38 24.68 -7.46
N PRO A 657 -8.39 23.82 -7.23
CA PRO A 657 -9.68 24.29 -6.79
C PRO A 657 -9.74 24.54 -5.28
N ARG A 658 -8.65 24.24 -4.56
CA ARG A 658 -8.58 24.50 -3.10
C ARG A 658 -7.48 25.49 -2.73
N ASP A 659 -7.69 26.16 -1.59
CA ASP A 659 -6.65 26.97 -0.92
C ASP A 659 -5.84 25.96 -0.09
N ASP A 660 -5.00 25.22 -0.80
CA ASP A 660 -4.15 24.15 -0.23
C ASP A 660 -3.02 23.92 -1.22
N LYS A 661 -1.77 23.80 -0.75
CA LYS A 661 -0.60 23.72 -1.66
C LYS A 661 -0.64 22.37 -2.40
N VAL A 662 -0.44 22.42 -3.72
CA VAL A 662 -0.46 21.25 -4.64
C VAL A 662 0.80 21.30 -5.48
N THR A 663 1.43 20.14 -5.62
CA THR A 663 2.76 19.90 -6.21
C THR A 663 2.67 18.64 -7.06
N GLY A 664 3.25 18.64 -8.25
CA GLY A 664 3.24 17.41 -9.05
C GLY A 664 3.80 17.58 -10.44
N LYS A 665 3.94 16.47 -11.15
CA LYS A 665 4.30 16.48 -12.59
C LYS A 665 3.04 16.35 -13.44
N VAL A 666 3.08 17.04 -14.56
CA VAL A 666 2.13 16.98 -15.68
C VAL A 666 2.86 16.50 -16.93
N ARG A 667 2.23 15.56 -17.65
CA ARG A 667 2.74 14.97 -18.90
C ARG A 667 1.61 15.18 -19.95
N TYR A 668 1.95 15.83 -21.06
CA TYR A 668 0.98 16.13 -22.13
C TYR A 668 1.72 16.38 -23.45
N ARG A 669 1.21 15.79 -24.52
CA ARG A 669 1.85 15.79 -25.86
C ARG A 669 3.37 15.66 -25.74
N GLY A 670 3.85 14.62 -25.07
CA GLY A 670 5.28 14.28 -25.08
C GLY A 670 6.17 15.28 -24.34
N VAL A 671 5.63 16.27 -23.62
CA VAL A 671 6.45 17.10 -22.69
C VAL A 671 6.01 16.76 -21.26
N GLU A 672 6.91 17.00 -20.32
CA GLU A 672 6.69 16.72 -18.88
C GLU A 672 7.29 17.89 -18.10
N PHE A 673 6.61 18.36 -17.06
CA PHE A 673 7.12 19.48 -16.24
C PHE A 673 6.48 19.43 -14.85
N ASN A 674 7.05 20.17 -13.91
CA ASN A 674 6.54 20.29 -12.52
C ASN A 674 5.74 21.57 -12.35
N VAL A 675 4.63 21.50 -11.64
CA VAL A 675 3.83 22.69 -11.29
C VAL A 675 3.78 22.73 -9.77
N GLU A 676 3.63 23.95 -9.28
CA GLU A 676 3.51 24.29 -7.84
C GLU A 676 2.36 25.29 -7.76
N LEU A 677 1.22 24.86 -7.22
CA LEU A 677 0.02 25.72 -7.08
C LEU A 677 -0.21 25.90 -5.57
N ASN A 678 0.25 27.04 -5.06
CA ASN A 678 0.37 27.31 -3.60
CA ASN A 678 0.38 27.33 -3.60
C ASN A 678 -0.97 27.78 -3.02
N LYS A 679 -1.95 28.08 -3.87
CA LYS A 679 -3.29 28.39 -3.38
C LYS A 679 -4.30 28.12 -4.49
N ARG A 680 -5.53 28.52 -4.26
CA ARG A 680 -6.61 28.37 -5.27
C ARG A 680 -6.30 29.27 -6.49
N GLY A 681 -6.36 28.72 -7.69
CA GLY A 681 -6.13 29.49 -8.93
C GLY A 681 -6.01 28.64 -10.17
N VAL A 682 -5.76 29.33 -11.28
CA VAL A 682 -5.80 28.78 -12.66
C VAL A 682 -4.63 29.40 -13.42
N LEU A 683 -3.92 28.55 -14.17
CA LEU A 683 -2.86 28.97 -15.12
C LEU A 683 -3.30 28.49 -16.50
N TYR A 684 -3.06 29.28 -17.52
CA TYR A 684 -3.17 28.86 -18.94
C TYR A 684 -1.75 28.55 -19.41
N ILE A 685 -1.38 27.27 -19.46
CA ILE A 685 -0.02 26.85 -19.83
C ILE A 685 0.06 26.66 -21.35
N PRO A 686 0.96 27.37 -22.06
CA PRO A 686 1.19 27.09 -23.49
C PRO A 686 2.08 25.86 -23.74
N ILE A 687 1.73 25.05 -24.75
CA ILE A 687 2.38 23.77 -25.16
C ILE A 687 2.68 23.84 -26.67
N ASN A 688 3.96 23.77 -27.03
CA ASN A 688 4.52 23.71 -28.40
C ASN A 688 3.83 24.79 -29.26
N VAL A 689 3.85 26.04 -28.80
CA VAL A 689 3.28 27.20 -29.55
C VAL A 689 4.37 28.27 -29.77
N GLU A 690 4.22 29.04 -30.86
CA GLU A 690 5.03 30.22 -31.26
C GLU A 690 4.35 31.48 -30.75
N ILE A 691 5.00 32.17 -29.80
CA ILE A 691 4.47 33.40 -29.16
C ILE A 691 5.41 34.56 -29.52
N ASN A 692 4.93 35.47 -30.38
CA ASN A 692 5.78 36.48 -31.05
C ASN A 692 7.19 35.94 -31.25
N GLY A 693 7.35 35.00 -32.19
CA GLY A 693 8.63 34.50 -32.72
C GLY A 693 9.26 33.45 -31.83
N ILE A 694 8.96 33.47 -30.53
CA ILE A 694 9.58 32.59 -29.50
C ILE A 694 8.85 31.25 -29.54
N LYS A 695 9.59 30.19 -29.82
CA LYS A 695 9.09 28.80 -29.92
C LYS A 695 8.99 28.22 -28.50
N VAL A 696 7.81 28.27 -27.89
CA VAL A 696 7.66 27.82 -26.47
C VAL A 696 7.28 26.34 -26.44
N LEU A 697 8.14 25.48 -25.87
CA LEU A 697 7.79 24.04 -25.72
C LEU A 697 6.75 23.90 -24.60
N TYR A 698 7.00 24.57 -23.47
CA TYR A 698 6.02 24.77 -22.37
C TYR A 698 6.50 25.93 -21.51
N ALA A 699 5.58 26.46 -20.74
CA ALA A 699 5.85 27.46 -19.70
C ALA A 699 4.80 27.33 -18.60
N THR A 700 5.26 27.34 -17.37
CA THR A 700 4.49 26.96 -16.17
C THR A 700 3.89 28.24 -15.57
N ALA A 701 3.34 29.09 -16.46
CA ALA A 701 2.80 30.43 -16.18
C ALA A 701 1.94 30.90 -17.35
N THR A 702 1.05 31.85 -17.11
CA THR A 702 0.11 32.34 -18.14
C THR A 702 0.80 33.43 -18.94
N PRO A 703 0.93 33.30 -20.29
CA PRO A 703 1.55 34.34 -21.12
C PRO A 703 0.49 35.45 -21.25
N VAL A 704 0.83 36.60 -20.72
CA VAL A 704 -0.18 37.63 -20.40
C VAL A 704 0.11 38.87 -21.25
N GLY A 705 1.07 38.77 -22.16
CA GLY A 705 1.49 39.87 -23.02
C GLY A 705 2.64 39.44 -23.89
N ARG A 706 2.66 39.94 -25.13
CA ARG A 706 3.72 39.76 -26.15
C ARG A 706 4.32 41.11 -26.52
N GLY A 707 5.59 41.09 -26.90
CA GLY A 707 6.24 42.15 -27.68
C GLY A 707 7.09 41.52 -28.77
N GLU A 708 7.87 42.34 -29.47
CA GLU A 708 8.95 41.87 -30.38
C GLU A 708 9.97 41.15 -29.50
N GLY A 709 10.19 39.84 -29.73
CA GLY A 709 11.19 39.00 -29.03
C GLY A 709 10.96 38.86 -27.52
N THR A 710 9.77 39.22 -27.00
CA THR A 710 9.47 39.19 -25.54
C THR A 710 8.14 38.45 -25.22
N ILE A 711 8.08 37.85 -24.03
CA ILE A 711 6.79 37.37 -23.45
C ILE A 711 6.75 37.76 -21.99
N ARG A 712 5.65 38.40 -21.57
CA ARG A 712 5.41 38.66 -20.11
C ARG A 712 4.62 37.48 -19.56
N PHE A 713 5.06 36.93 -18.43
CA PHE A 713 4.40 35.75 -17.83
C PHE A 713 3.75 36.13 -16.51
N ARG A 714 2.66 35.46 -16.18
CA ARG A 714 2.01 35.62 -14.87
C ARG A 714 1.95 34.27 -14.15
N ASN A 715 2.55 34.22 -12.96
CA ASN A 715 2.47 33.03 -12.08
C ASN A 715 2.31 33.49 -10.62
N HIS A 716 1.07 33.59 -10.19
CA HIS A 716 0.63 34.13 -8.89
C HIS A 716 0.52 32.96 -7.91
N LEU A 717 0.86 31.76 -8.35
CA LEU A 717 0.61 30.52 -7.55
C LEU A 717 1.97 29.89 -7.18
N ALA A 718 3.06 30.53 -7.55
CA ALA A 718 4.41 30.15 -7.09
C ALA A 718 5.39 31.28 -7.32
N ASN A 719 6.62 31.13 -6.81
CA ASN A 719 7.70 32.11 -7.07
C ASN A 719 8.77 31.50 -7.97
N VAL A 720 8.47 30.37 -8.56
CA VAL A 720 9.35 29.72 -9.56
C VAL A 720 8.46 29.31 -10.73
N THR A 721 8.98 29.47 -11.95
CA THR A 721 8.34 29.03 -13.20
C THR A 721 9.33 28.23 -14.04
N GLU A 722 8.90 27.10 -14.61
CA GLU A 722 9.75 26.33 -15.57
C GLU A 722 9.38 26.72 -16.99
N ILE A 723 10.39 27.05 -17.79
CA ILE A 723 10.21 27.44 -19.22
C ILE A 723 11.20 26.63 -20.04
N ALA A 724 10.70 25.98 -21.09
CA ALA A 724 11.49 25.22 -22.09
C ALA A 724 11.23 25.85 -23.45
N ILE A 725 12.30 26.28 -24.15
CA ILE A 725 12.16 26.94 -25.49
C ILE A 725 13.20 26.39 -26.46
N ASN A 726 12.97 26.58 -27.77
CA ASN A 726 13.94 26.23 -28.84
C ASN A 726 15.13 27.20 -28.83
N GLY A 727 14.96 28.45 -28.37
CA GLY A 727 16.04 29.46 -28.42
C GLY A 727 16.79 29.63 -27.09
N LYS A 728 17.34 30.82 -26.83
CA LYS A 728 18.01 31.21 -25.56
C LYS A 728 17.42 32.51 -25.01
N ILE A 729 17.20 32.54 -23.68
CA ILE A 729 16.71 33.73 -22.94
C ILE A 729 17.89 34.67 -22.78
N LYS A 730 17.82 35.88 -23.33
CA LYS A 730 18.96 36.83 -23.25
C LYS A 730 18.69 37.84 -22.12
N GLU A 731 17.49 37.89 -21.55
CA GLU A 731 17.12 38.90 -20.52
C GLU A 731 15.89 38.45 -19.73
N VAL A 732 15.96 38.59 -18.40
CA VAL A 732 14.83 38.36 -17.46
C VAL A 732 14.62 39.61 -16.63
N SER A 733 13.40 40.08 -16.75
CA SER A 733 12.86 41.28 -16.12
C SER A 733 11.93 40.79 -15.01
N GLY A 734 12.17 41.17 -13.74
CA GLY A 734 11.35 40.78 -12.58
C GLY A 734 11.75 39.43 -12.02
N GLY A 735 12.91 38.91 -12.40
CA GLY A 735 13.41 37.62 -11.90
C GLY A 735 14.75 37.28 -12.50
N TYR A 736 15.26 36.11 -12.17
CA TYR A 736 16.56 35.61 -12.66
C TYR A 736 16.46 34.12 -12.91
N ILE A 737 17.38 33.58 -13.71
CA ILE A 737 17.44 32.12 -13.98
C ILE A 737 18.12 31.47 -12.78
N LEU A 738 17.41 30.55 -12.10
CA LEU A 738 17.86 29.78 -10.91
C LEU A 738 18.65 28.55 -11.37
N GLN A 739 18.29 28.01 -12.53
CA GLN A 739 18.72 26.67 -13.02
C GLN A 739 18.52 26.71 -14.53
N GLU A 740 19.39 26.12 -15.33
CA GLU A 740 19.13 25.94 -16.77
C GLU A 740 19.90 24.72 -17.27
N LYS A 741 19.52 24.20 -18.44
CA LYS A 741 20.20 23.04 -19.07
C LYS A 741 19.77 23.03 -20.53
N SER A 742 20.65 22.65 -21.46
CA SER A 742 20.30 22.50 -22.89
C SER A 742 20.06 21.04 -23.21
N SER A 743 19.47 20.84 -24.37
CA SER A 743 19.26 19.56 -25.07
C SER A 743 19.13 19.90 -26.56
N GLY A 744 20.21 19.75 -27.33
CA GLY A 744 20.29 20.34 -28.68
C GLY A 744 19.96 21.82 -28.62
N GLU A 745 19.01 22.25 -29.44
CA GLU A 745 18.66 23.68 -29.52
C GLU A 745 17.73 24.06 -28.35
N LYS A 746 17.03 23.10 -27.75
CA LYS A 746 16.11 23.33 -26.59
C LYS A 746 16.91 23.76 -25.35
N ASN A 747 16.44 24.82 -24.66
CA ASN A 747 16.93 25.22 -23.32
C ASN A 747 15.75 25.17 -22.34
N ILE A 748 15.99 24.62 -21.15
CA ILE A 748 15.00 24.47 -20.06
C ILE A 748 15.47 25.28 -18.86
N TYR A 749 14.68 26.23 -18.43
CA TYR A 749 15.03 27.18 -17.35
C TYR A 749 14.06 27.02 -16.21
N VAL A 750 14.60 27.25 -15.02
CA VAL A 750 13.79 27.61 -13.84
C VAL A 750 14.07 29.08 -13.56
N ILE A 751 13.01 29.89 -13.63
CA ILE A 751 13.03 31.33 -13.28
C ILE A 751 12.48 31.51 -11.87
N LYS A 752 13.25 32.19 -11.01
CA LYS A 752 12.75 32.71 -9.73
C LYS A 752 12.33 34.17 -9.96
N HIS A 753 11.09 34.47 -9.55
CA HIS A 753 10.45 35.81 -9.63
C HIS A 753 9.86 36.17 -8.26
N GLU A 754 10.14 37.39 -7.81
CA GLU A 754 9.79 37.87 -6.45
C GLU A 754 8.31 38.22 -6.43
N SER A 755 7.73 38.55 -7.58
CA SER A 755 6.29 38.87 -7.71
C SER A 755 5.69 37.90 -8.72
N GLU A 756 4.43 38.14 -9.10
CA GLU A 756 3.67 37.20 -9.95
C GLU A 756 4.05 37.40 -11.41
N THR A 757 4.69 38.51 -11.76
CA THR A 757 4.94 38.90 -13.17
C THR A 757 6.45 38.96 -13.41
N PHE A 758 6.88 38.42 -14.54
CA PHE A 758 8.26 38.59 -15.08
C PHE A 758 8.16 38.60 -16.61
N GLU A 759 9.20 39.08 -17.29
CA GLU A 759 9.35 39.08 -18.78
C GLU A 759 10.64 38.37 -19.18
N ILE A 760 10.56 37.59 -20.24
CA ILE A 760 11.76 37.03 -20.92
C ILE A 760 11.95 37.74 -22.27
N ARG A 761 13.20 37.92 -22.67
CA ARG A 761 13.61 38.31 -24.05
C ARG A 761 14.45 37.20 -24.64
N VAL A 762 14.19 36.92 -25.90
CA VAL A 762 14.95 35.99 -26.78
C VAL A 762 15.39 36.80 -28.00
N ARG B 1 -3.46 26.53 37.20
CA ARG B 1 -4.41 25.45 36.83
C ARG B 1 -4.35 25.23 35.31
N ILE B 2 -5.13 24.27 34.82
CA ILE B 2 -4.95 23.62 33.50
C ILE B 2 -6.11 24.02 32.57
N VAL B 3 -5.82 24.52 31.37
CA VAL B 3 -6.81 24.63 30.24
C VAL B 3 -6.84 23.26 29.55
N VAL B 4 -7.99 22.62 29.42
CA VAL B 4 -8.08 21.36 28.62
C VAL B 4 -7.92 21.77 27.17
N TYR B 5 -6.96 21.19 26.48
CA TYR B 5 -6.67 21.56 25.06
C TYR B 5 -6.42 20.22 24.35
N GLY B 6 -7.43 19.71 23.66
CA GLY B 6 -7.42 18.28 23.34
C GLY B 6 -7.60 17.99 21.89
N GLY B 7 -7.37 16.73 21.57
CA GLY B 7 -7.72 16.14 20.28
C GLY B 7 -8.33 14.79 20.46
N THR B 8 -9.24 14.44 19.57
CA THR B 8 -9.81 13.09 19.54
C THR B 8 -8.91 12.14 18.77
N LEU B 9 -8.39 11.10 19.47
CA LEU B 9 -7.75 9.93 18.85
C LEU B 9 -8.58 8.68 19.25
N GLN B 10 -9.34 8.13 18.31
CA GLN B 10 -10.20 6.98 18.51
C GLN B 10 -9.30 5.76 18.28
N TYR B 11 -8.76 5.21 19.36
CA TYR B 11 -7.74 4.13 19.31
C TYR B 11 -8.25 2.97 18.46
N PHE B 12 -9.56 2.70 18.47
CA PHE B 12 -10.18 1.54 17.78
C PHE B 12 -10.33 1.81 16.25
N ARG B 13 -9.89 2.96 15.73
CA ARG B 13 -9.91 3.25 14.26
C ARG B 13 -8.51 3.65 13.78
N VAL B 14 -7.47 3.39 14.59
CA VAL B 14 -6.06 3.73 14.25
C VAL B 14 -5.19 2.50 14.59
N PRO B 15 -4.24 2.11 13.72
CA PRO B 15 -3.43 0.92 14.06
C PRO B 15 -2.77 1.10 15.41
N ARG B 16 -2.71 -0.01 16.16
CA ARG B 16 -2.05 0.02 17.50
C ARG B 16 -0.57 0.40 17.33
N ASN B 17 0.14 -0.14 16.34
CA ASN B 17 1.55 0.19 16.01
C ASN B 17 1.73 1.70 15.75
N SER B 18 0.66 2.49 15.51
CA SER B 18 0.75 3.95 15.23
C SER B 18 0.33 4.81 16.41
N TRP B 19 -0.27 4.22 17.44
CA TRP B 19 -0.81 5.05 18.57
C TRP B 19 0.31 5.96 19.09
N GLU B 20 1.47 5.37 19.47
CA GLU B 20 2.48 6.22 20.12
C GLU B 20 2.98 7.37 19.24
N ARG B 21 3.25 7.08 17.96
CA ARG B 21 3.65 8.15 16.98
C ARG B 21 2.55 9.23 16.91
N MET B 22 1.31 8.84 16.72
CA MET B 22 0.18 9.82 16.57
C MET B 22 0.05 10.65 17.87
N LEU B 23 0.12 10.02 19.04
CA LEU B 23 0.07 10.75 20.35
C LEU B 23 1.23 11.74 20.52
N LYS B 24 2.48 11.33 20.22
CA LYS B 24 3.65 12.25 20.29
C LYS B 24 3.43 13.43 19.33
N LYS B 25 2.84 13.17 18.15
CA LYS B 25 2.58 14.27 17.19
C LYS B 25 1.56 15.23 17.82
N MET B 26 0.56 14.70 18.52
CA MET B 26 -0.51 15.50 19.18
C MET B 26 0.15 16.36 20.25
N LYS B 27 1.06 15.74 21.00
CA LYS B 27 1.79 16.49 22.01
C LYS B 27 2.61 17.59 21.36
N SER B 28 3.22 17.35 20.19
CA SER B 28 4.06 18.37 19.53
C SER B 28 3.15 19.56 19.10
N HIS B 29 1.83 19.38 19.01
CA HIS B 29 0.94 20.51 18.64
C HIS B 29 0.45 21.30 19.87
N GLY B 30 0.85 20.89 21.07
CA GLY B 30 0.42 21.56 22.29
C GLY B 30 -0.81 20.95 22.92
N LEU B 31 -1.32 19.82 22.44
CA LEU B 31 -2.53 19.19 22.99
C LEU B 31 -2.12 18.51 24.31
N ASN B 32 -2.94 18.62 25.34
CA ASN B 32 -2.64 18.04 26.70
C ASN B 32 -3.68 16.95 27.05
N THR B 33 -4.69 16.73 26.20
CA THR B 33 -5.82 15.82 26.48
C THR B 33 -6.19 15.03 25.20
N ILE B 34 -6.50 13.75 25.41
CA ILE B 34 -7.05 12.81 24.42
C ILE B 34 -8.50 12.56 24.75
N ASP B 35 -9.35 12.72 23.76
CA ASP B 35 -10.75 12.28 23.82
C ASP B 35 -10.86 10.99 23.03
N THR B 36 -11.57 10.01 23.57
CA THR B 36 -12.01 8.86 22.79
C THR B 36 -13.29 8.30 23.40
N TYR B 37 -14.10 7.79 22.48
CA TYR B 37 -15.19 6.86 22.77
C TYR B 37 -14.55 5.51 23.16
N ILE B 38 -15.35 4.76 23.88
CA ILE B 38 -15.26 3.27 23.94
C ILE B 38 -16.56 2.71 23.38
N ALA B 39 -16.46 2.03 22.22
CA ALA B 39 -17.60 1.48 21.45
C ALA B 39 -17.97 0.07 22.00
N TRP B 40 -19.12 -0.06 22.62
CA TRP B 40 -19.77 -1.31 23.07
C TRP B 40 -19.65 -2.42 22.02
N ASN B 41 -20.10 -2.17 20.78
CA ASN B 41 -20.13 -3.26 19.80
C ASN B 41 -18.73 -3.66 19.34
N TRP B 42 -17.72 -2.79 19.53
CA TRP B 42 -16.32 -3.12 19.23
C TRP B 42 -15.77 -4.08 20.35
N HIS B 43 -16.08 -3.81 21.60
CA HIS B 43 -15.45 -4.53 22.76
C HIS B 43 -16.35 -5.70 23.17
N GLU B 44 -17.64 -5.73 22.77
CA GLU B 44 -18.47 -6.95 22.97
C GLU B 44 -18.89 -7.46 21.59
N PRO B 45 -17.97 -8.01 20.76
CA PRO B 45 -18.27 -8.29 19.35
C PRO B 45 -19.28 -9.41 19.13
N GLN B 46 -19.36 -10.33 20.08
CA GLN B 46 -20.43 -11.33 20.21
C GLN B 46 -20.91 -11.29 21.63
N GLU B 47 -22.15 -11.68 21.86
CA GLU B 47 -22.83 -11.51 23.14
C GLU B 47 -21.98 -12.24 24.17
N GLY B 48 -21.52 -11.55 25.21
CA GLY B 48 -20.85 -12.26 26.31
C GLY B 48 -19.34 -12.36 26.15
N LEU B 49 -18.77 -12.03 25.00
CA LEU B 49 -17.32 -12.07 24.74
C LEU B 49 -16.84 -10.62 24.82
N PHE B 50 -16.23 -10.27 25.94
CA PHE B 50 -15.68 -8.93 26.18
C PHE B 50 -14.18 -8.95 25.96
N ASP B 51 -13.64 -8.05 25.18
CA ASP B 51 -12.18 -7.91 24.94
C ASP B 51 -11.76 -6.44 25.05
N PHE B 52 -11.07 -6.12 26.13
CA PHE B 52 -10.48 -4.78 26.41
C PHE B 52 -8.96 -4.84 26.30
N THR B 53 -8.37 -6.00 25.98
CA THR B 53 -6.89 -6.12 26.03
C THR B 53 -6.27 -6.51 24.69
N GLY B 54 -7.05 -6.52 23.62
CA GLY B 54 -6.60 -6.92 22.28
C GLY B 54 -6.38 -8.43 22.19
N GLU B 55 -7.19 -9.24 22.87
CA GLU B 55 -7.09 -10.73 22.76
C GLU B 55 -7.48 -11.17 21.35
N THR B 56 -8.46 -10.45 20.72
CA THR B 56 -9.10 -10.90 19.46
C THR B 56 -8.77 -9.97 18.30
N HIS B 57 -8.19 -8.81 18.59
CA HIS B 57 -7.80 -7.76 17.61
C HIS B 57 -6.90 -6.75 18.33
N PRO B 58 -5.74 -6.38 17.76
CA PRO B 58 -4.90 -5.32 18.33
C PRO B 58 -5.63 -4.02 18.70
N GLN B 59 -6.64 -3.62 17.91
CA GLN B 59 -7.31 -2.35 18.23
C GLN B 59 -8.38 -2.52 19.30
N ARG B 60 -8.53 -3.73 19.90
CA ARG B 60 -9.41 -3.90 21.09
C ARG B 60 -8.57 -3.63 22.36
N ASP B 61 -7.31 -3.28 22.20
CA ASP B 61 -6.42 -3.06 23.39
C ASP B 61 -6.67 -1.69 24.07
N LEU B 62 -7.83 -1.49 24.66
CA LEU B 62 -8.17 -0.21 25.31
C LEU B 62 -7.19 -0.02 26.47
N VAL B 63 -6.85 -1.11 27.13
CA VAL B 63 -5.98 -0.95 28.34
C VAL B 63 -4.65 -0.38 27.87
N GLY B 64 -4.15 -0.94 26.77
CA GLY B 64 -2.89 -0.58 26.12
C GLY B 64 -2.90 0.86 25.74
N PHE B 65 -4.03 1.32 25.14
CA PHE B 65 -4.12 2.74 24.78
C PHE B 65 -4.06 3.62 26.02
N LEU B 66 -4.84 3.32 27.07
CA LEU B 66 -4.87 4.17 28.29
C LEU B 66 -3.47 4.16 28.95
N ASP B 67 -2.80 3.01 28.99
CA ASP B 67 -1.41 2.92 29.53
C ASP B 67 -0.47 3.88 28.78
N LEU B 68 -0.54 3.86 27.45
CA LEU B 68 0.30 4.72 26.58
C LEU B 68 -0.01 6.21 26.83
N ALA B 69 -1.31 6.60 26.88
CA ALA B 69 -1.67 8.01 27.15
C ALA B 69 -1.03 8.43 28.48
N GLN B 70 -1.12 7.54 29.47
CA GLN B 70 -0.60 7.80 30.83
C GLN B 70 0.91 7.99 30.68
N LYS B 71 1.59 7.01 30.07
CA LYS B 71 3.06 7.03 29.92
C LYS B 71 3.50 8.38 29.33
N LEU B 72 2.71 8.94 28.38
CA LEU B 72 3.09 10.14 27.58
C LEU B 72 2.54 11.43 28.22
N GLY B 73 1.82 11.34 29.32
CA GLY B 73 1.50 12.51 30.13
C GLY B 73 0.17 13.15 29.74
N PHE B 74 -0.64 12.50 28.92
CA PHE B 74 -1.97 13.04 28.56
C PHE B 74 -3.01 12.81 29.64
N TYR B 75 -3.92 13.77 29.78
CA TYR B 75 -5.26 13.52 30.37
C TYR B 75 -6.11 12.82 29.31
N VAL B 76 -7.05 12.01 29.76
CA VAL B 76 -8.05 11.34 28.86
C VAL B 76 -9.48 11.72 29.27
N ILE B 77 -10.29 12.08 28.26
CA ILE B 77 -11.75 12.20 28.39
C ILE B 77 -12.31 10.95 27.78
N ILE B 78 -13.12 10.23 28.52
CA ILE B 78 -13.57 8.89 28.10
C ILE B 78 -15.09 8.97 27.89
N ARG B 79 -15.53 8.47 26.75
CA ARG B 79 -16.95 8.54 26.34
C ARG B 79 -17.47 7.15 25.97
N PRO B 80 -17.90 6.35 26.98
CA PRO B 80 -18.29 4.95 26.78
C PRO B 80 -19.70 4.68 26.26
N GLY B 81 -20.40 5.75 25.80
CA GLY B 81 -21.73 5.51 25.24
C GLY B 81 -22.82 5.24 26.29
N PRO B 82 -23.67 4.22 26.08
CA PRO B 82 -23.56 3.22 25.02
C PRO B 82 -23.65 3.70 23.55
N TYR B 83 -24.46 4.71 23.29
CA TYR B 83 -24.52 5.32 21.94
C TYR B 83 -23.38 6.32 21.84
N ILE B 84 -22.56 6.20 20.80
CA ILE B 84 -21.39 7.09 20.53
C ILE B 84 -21.56 7.86 19.21
N CYS B 85 -22.63 7.61 18.46
CA CYS B 85 -22.77 8.24 17.10
C CYS B 85 -21.54 7.84 16.29
N GLY B 86 -20.57 8.74 16.15
CA GLY B 86 -19.25 8.46 15.56
C GLY B 86 -19.27 7.96 14.12
N GLU B 87 -20.39 8.17 13.35
CA GLU B 87 -20.44 7.66 11.94
C GLU B 87 -20.08 6.18 11.96
N TRP B 88 -20.47 5.53 13.07
CA TRP B 88 -19.98 4.14 13.34
C TRP B 88 -21.19 3.21 13.35
N LYS B 89 -21.07 1.97 12.87
CA LYS B 89 -22.18 0.96 12.85
C LYS B 89 -23.06 1.09 14.11
N ASN B 90 -24.33 1.46 13.91
CA ASN B 90 -25.40 1.45 14.94
C ASN B 90 -25.00 2.41 16.09
N GLY B 91 -24.03 3.32 15.88
CA GLY B 91 -23.65 4.29 16.90
C GLY B 91 -23.10 3.49 18.09
N GLY B 92 -22.57 2.34 17.80
CA GLY B 92 -21.95 1.58 18.91
C GLY B 92 -22.82 0.47 19.45
N ILE B 93 -24.11 0.38 19.12
CA ILE B 93 -24.99 -0.69 19.65
C ILE B 93 -24.75 -1.99 18.90
N PRO B 94 -24.57 -3.17 19.59
CA PRO B 94 -24.29 -4.42 18.88
C PRO B 94 -25.42 -4.83 17.89
N GLU B 95 -25.04 -5.13 16.64
CA GLU B 95 -25.95 -5.78 15.67
C GLU B 95 -26.57 -7.02 16.34
N TRP B 96 -25.81 -7.81 17.10
CA TRP B 96 -26.44 -9.02 17.63
C TRP B 96 -27.58 -8.68 18.57
N LEU B 97 -27.53 -7.51 19.23
CA LEU B 97 -28.59 -7.12 20.20
C LEU B 97 -29.86 -6.80 19.43
N ILE B 98 -29.73 -5.95 18.43
CA ILE B 98 -30.87 -5.53 17.56
C ILE B 98 -31.49 -6.79 16.92
N ASN B 99 -30.68 -7.71 16.41
CA ASN B 99 -31.15 -8.97 15.76
C ASN B 99 -31.80 -9.90 16.80
N SER B 100 -31.26 -10.08 17.99
CA SER B 100 -31.91 -11.06 18.89
C SER B 100 -33.08 -10.41 19.65
N HIS B 101 -33.14 -9.06 19.75
CA HIS B 101 -34.18 -8.38 20.56
C HIS B 101 -34.79 -7.21 19.79
N PRO B 102 -35.39 -7.49 18.62
CA PRO B 102 -35.93 -6.42 17.76
C PRO B 102 -37.13 -5.70 18.38
N GLU B 103 -37.70 -6.27 19.45
CA GLU B 103 -38.75 -5.63 20.31
C GLU B 103 -38.20 -4.35 20.92
N ILE B 104 -36.88 -4.15 21.05
CA ILE B 104 -36.35 -2.88 21.63
C ILE B 104 -36.40 -1.74 20.61
N LEU B 105 -36.64 -2.03 19.32
CA LEU B 105 -36.52 -0.99 18.25
C LEU B 105 -37.72 -0.03 18.34
N ALA B 106 -37.46 1.27 18.23
CA ALA B 106 -38.53 2.29 18.28
C ALA B 106 -39.38 2.15 17.00
N LYS B 107 -40.63 2.51 17.11
CA LYS B 107 -41.63 2.29 16.01
C LYS B 107 -42.09 3.66 15.51
N GLY B 108 -42.43 3.74 14.23
CA GLY B 108 -43.28 4.83 13.72
C GLY B 108 -44.74 4.58 14.04
N PRO B 109 -45.62 5.55 13.72
CA PRO B 109 -47.02 5.43 14.03
C PRO B 109 -47.71 4.41 13.09
N ASN B 110 -47.15 4.10 11.92
CA ASN B 110 -47.65 3.00 11.04
C ASN B 110 -47.00 1.66 11.41
N GLY B 111 -46.02 1.66 12.32
CA GLY B 111 -45.37 0.45 12.83
C GLY B 111 -43.87 0.51 12.65
N THR B 112 -43.28 -0.61 12.26
CA THR B 112 -41.81 -0.85 12.32
C THR B 112 -41.10 0.10 11.33
N LEU B 113 -40.01 0.74 11.73
CA LEU B 113 -39.16 1.59 10.85
C LEU B 113 -38.30 0.67 10.00
N PRO B 114 -37.78 1.12 8.84
CA PRO B 114 -36.96 0.21 8.05
C PRO B 114 -35.69 -0.18 8.83
N ARG B 115 -35.23 -1.40 8.58
CA ARG B 115 -34.10 -1.99 9.33
CA ARG B 115 -34.10 -2.03 9.32
C ARG B 115 -32.75 -1.51 8.78
N ASP B 116 -32.72 -0.92 7.55
CA ASP B 116 -31.46 -0.55 6.86
C ASP B 116 -31.10 0.90 7.13
N ILE B 117 -31.86 1.59 7.98
CA ILE B 117 -31.58 3.02 8.28
C ILE B 117 -30.41 3.10 9.28
N TYR B 118 -29.67 4.18 9.22
CA TYR B 118 -28.46 4.35 10.08
C TYR B 118 -28.94 4.57 11.50
N TYR B 119 -28.07 4.22 12.45
CA TYR B 119 -28.31 4.24 13.92
C TYR B 119 -29.75 3.78 14.21
N PRO B 120 -30.07 2.51 13.94
CA PRO B 120 -31.40 1.98 14.24
C PRO B 120 -31.94 2.52 15.57
N PRO B 121 -33.04 3.29 15.48
CA PRO B 121 -33.62 3.90 16.66
C PRO B 121 -34.16 2.83 17.61
N ILE B 122 -33.90 3.07 18.88
CA ILE B 122 -34.17 2.14 20.02
C ILE B 122 -34.96 2.87 21.09
N THR B 123 -35.98 2.21 21.61
CA THR B 123 -36.80 2.70 22.74
C THR B 123 -35.94 2.64 23.99
N TYR B 124 -35.42 3.77 24.42
CA TYR B 124 -34.39 3.88 25.48
C TYR B 124 -34.83 3.15 26.76
N LEU B 125 -36.10 3.27 27.12
CA LEU B 125 -36.62 2.74 28.40
C LEU B 125 -37.20 1.33 28.24
N HIS B 126 -36.97 0.63 27.13
CA HIS B 126 -37.30 -0.81 27.05
C HIS B 126 -36.36 -1.52 28.03
N PRO B 127 -36.92 -2.28 28.99
CA PRO B 127 -36.09 -2.97 30.01
C PRO B 127 -35.03 -3.88 29.38
N THR B 128 -35.28 -4.48 28.21
CA THR B 128 -34.29 -5.38 27.56
C THR B 128 -33.08 -4.56 27.11
N TYR B 129 -33.29 -3.40 26.47
CA TYR B 129 -32.19 -2.49 26.12
C TYR B 129 -31.44 -2.06 27.37
N LEU B 130 -32.11 -1.64 28.41
CA LEU B 130 -31.38 -1.17 29.63
C LEU B 130 -30.63 -2.34 30.29
N GLU B 131 -31.14 -3.56 30.27
CA GLU B 131 -30.39 -4.72 30.84
C GLU B 131 -29.06 -4.85 30.11
N TYR B 132 -29.06 -4.72 28.76
CA TYR B 132 -27.83 -4.92 27.96
C TYR B 132 -26.85 -3.79 28.24
N VAL B 133 -27.36 -2.54 28.36
CA VAL B 133 -26.50 -1.36 28.64
C VAL B 133 -25.87 -1.58 30.04
N MET B 134 -26.66 -2.02 30.99
CA MET B 134 -26.08 -2.25 32.33
C MET B 134 -24.94 -3.30 32.22
N LYS B 135 -25.10 -4.38 31.45
CA LYS B 135 -24.02 -5.41 31.25
C LYS B 135 -22.81 -4.74 30.60
N TRP B 136 -23.03 -3.91 29.60
CA TRP B 136 -21.89 -3.16 29.02
C TRP B 136 -21.23 -2.33 30.11
N TYR B 137 -21.97 -1.48 30.81
CA TYR B 137 -21.32 -0.56 31.76
C TYR B 137 -20.60 -1.41 32.85
N GLU B 138 -21.15 -2.56 33.22
CA GLU B 138 -20.55 -3.37 34.33
C GLU B 138 -19.24 -3.96 33.82
N ASN B 139 -19.06 -4.10 32.50
CA ASN B 139 -17.82 -4.67 31.94
C ASN B 139 -16.80 -3.57 31.72
N VAL B 140 -17.23 -2.39 31.25
CA VAL B 140 -16.24 -1.35 30.89
C VAL B 140 -15.88 -0.49 32.10
N PHE B 141 -16.80 -0.24 33.03
CA PHE B 141 -16.54 0.73 34.12
C PHE B 141 -15.46 0.27 35.08
N PRO B 142 -15.29 -1.05 35.34
CA PRO B 142 -14.16 -1.51 36.16
C PRO B 142 -12.81 -1.07 35.60
N ILE B 143 -12.68 -1.06 34.28
CA ILE B 143 -11.47 -0.56 33.60
C ILE B 143 -11.37 0.95 33.77
N ILE B 144 -12.47 1.67 33.51
CA ILE B 144 -12.43 3.15 33.61
C ILE B 144 -12.02 3.49 35.05
N LYS B 145 -12.61 2.78 36.02
CA LYS B 145 -12.37 3.07 37.46
C LYS B 145 -10.85 2.96 37.73
N GLU B 146 -10.21 1.93 37.17
CA GLU B 146 -8.77 1.70 37.47
C GLU B 146 -7.94 2.85 36.87
N TYR B 147 -8.42 3.50 35.77
CA TYR B 147 -7.63 4.50 35.01
C TYR B 147 -8.06 5.93 35.35
N LEU B 148 -8.92 6.11 36.38
CA LEU B 148 -9.26 7.45 36.89
C LEU B 148 -7.99 8.12 37.42
N TYR B 149 -7.94 9.42 37.19
CA TYR B 149 -6.92 10.38 37.66
C TYR B 149 -6.80 10.29 39.18
N SER B 150 -7.95 10.22 39.86
CA SER B 150 -8.04 10.00 41.33
C SER B 150 -7.32 8.70 41.71
N ASN B 151 -7.20 7.73 40.80
CA ASN B 151 -6.51 6.45 41.08
C ASN B 151 -5.11 6.46 40.42
N GLY B 152 -4.59 7.66 40.08
CA GLY B 152 -3.28 7.85 39.43
C GLY B 152 -3.28 7.47 37.95
N GLY B 153 -4.43 7.40 37.30
CA GLY B 153 -4.53 7.16 35.84
C GLY B 153 -4.81 8.46 35.08
N PRO B 154 -5.05 8.39 33.75
CA PRO B 154 -5.25 9.61 32.98
C PRO B 154 -6.68 10.16 32.89
N ILE B 155 -7.70 9.38 33.22
CA ILE B 155 -9.12 9.73 32.90
C ILE B 155 -9.63 10.77 33.87
N ILE B 156 -9.99 11.94 33.35
CA ILE B 156 -10.36 13.14 34.14
C ILE B 156 -11.87 13.35 34.04
N ASN B 157 -12.56 12.72 33.08
CA ASN B 157 -14.01 12.94 32.94
C ASN B 157 -14.63 11.75 32.21
N VAL B 158 -15.88 11.43 32.53
CA VAL B 158 -16.69 10.46 31.78
C VAL B 158 -17.89 11.18 31.16
N THR B 159 -18.15 11.00 29.87
CA THR B 159 -19.36 11.56 29.22
C THR B 159 -20.45 10.48 29.09
N ILE B 160 -21.71 10.90 29.25
CA ILE B 160 -22.91 10.03 29.13
C ILE B 160 -23.38 9.99 27.67
N ASP B 161 -23.37 8.81 27.05
CA ASP B 161 -24.04 8.54 25.75
C ASP B 161 -23.46 9.48 24.72
N ASP B 162 -24.29 10.05 23.78
CA ASP B 162 -23.72 11.04 22.84
C ASP B 162 -24.89 11.90 22.28
N GLU B 163 -24.91 13.20 22.60
CA GLU B 163 -25.92 14.18 22.13
C GLU B 163 -27.27 13.48 21.99
N PRO B 164 -27.77 12.81 23.07
CA PRO B 164 -28.89 11.90 22.92
C PRO B 164 -30.13 12.60 22.37
N SER B 165 -30.63 12.10 21.22
CA SER B 165 -31.64 12.81 20.42
C SER B 165 -32.73 11.84 19.95
N TYR B 166 -32.92 10.75 20.66
CA TYR B 166 -33.74 9.61 20.17
C TYR B 166 -33.22 9.16 18.80
N TRP B 167 -31.90 9.06 18.68
CA TRP B 167 -31.24 8.43 17.50
C TRP B 167 -31.54 9.28 16.27
N GLU B 168 -31.43 10.58 16.51
CA GLU B 168 -31.57 11.65 15.45
C GLU B 168 -32.96 11.55 14.84
N THR B 169 -33.96 11.26 15.66
CA THR B 169 -35.39 11.23 15.19
C THR B 169 -36.20 12.34 15.85
N ILE B 170 -35.70 13.00 16.90
CA ILE B 170 -36.43 14.07 17.67
C ILE B 170 -36.82 15.19 16.70
N PHE B 171 -36.08 15.38 15.60
CA PHE B 171 -36.31 16.44 14.59
C PHE B 171 -37.66 16.27 13.89
N GLN B 172 -38.22 15.06 13.90
CA GLN B 172 -39.52 14.80 13.24
C GLN B 172 -40.52 14.42 14.34
N ALA B 173 -41.62 15.18 14.44
CA ALA B 173 -42.65 15.03 15.48
C ALA B 173 -43.17 13.61 15.56
N PHE B 174 -43.39 12.95 14.41
CA PHE B 174 -44.21 11.73 14.38
C PHE B 174 -43.41 10.56 13.81
N LEU B 175 -42.08 10.67 13.78
CA LEU B 175 -41.25 9.52 13.31
C LEU B 175 -41.19 8.45 14.42
N THR B 176 -41.03 8.90 15.66
CA THR B 176 -40.87 8.04 16.86
C THR B 176 -41.57 8.70 18.04
N ASP B 177 -41.78 7.99 19.17
CA ASP B 177 -41.63 6.53 19.33
C ASP B 177 -42.98 5.95 19.71
N TYR B 178 -43.50 5.04 18.88
CA TYR B 178 -44.83 4.44 19.10
C TYR B 178 -44.72 2.98 19.51
N ASN B 179 -43.58 2.59 20.13
CA ASN B 179 -43.38 1.21 20.60
C ASN B 179 -44.46 0.89 21.65
N GLU B 180 -44.87 -0.37 21.74
CA GLU B 180 -45.99 -0.83 22.62
C GLU B 180 -45.72 -0.30 24.04
N ILE B 181 -44.48 -0.35 24.54
CA ILE B 181 -44.21 -0.01 25.97
C ILE B 181 -44.49 1.48 26.19
N VAL B 182 -44.31 2.34 25.17
CA VAL B 182 -44.56 3.78 25.43
C VAL B 182 -46.05 4.03 25.26
N VAL B 183 -46.75 3.41 24.29
CA VAL B 183 -48.12 3.89 23.92
C VAL B 183 -49.23 2.97 24.45
N LYS B 184 -48.94 1.74 24.89
CA LYS B 184 -50.00 0.81 25.35
C LYS B 184 -50.77 1.56 26.43
N GLU B 185 -51.99 1.09 26.74
CA GLU B 185 -52.78 1.68 27.85
C GLU B 185 -51.97 1.60 29.16
N ASN B 186 -51.91 2.69 29.90
CA ASN B 186 -51.17 2.94 31.17
C ASN B 186 -49.68 2.79 30.92
N GLY B 187 -49.25 3.04 29.68
CA GLY B 187 -47.84 2.96 29.31
C GLY B 187 -47.05 4.19 29.77
N ILE B 188 -45.88 4.38 29.19
CA ILE B 188 -44.95 5.46 29.64
C ILE B 188 -45.59 6.81 29.29
N TRP B 189 -46.22 6.90 28.13
CA TRP B 189 -46.85 8.19 27.70
C TRP B 189 -47.98 8.54 28.71
N HIS B 190 -48.89 7.62 28.99
CA HIS B 190 -50.02 7.87 29.93
C HIS B 190 -49.48 8.22 31.32
N SER B 191 -48.45 7.51 31.80
CA SER B 191 -47.83 7.80 33.12
C SER B 191 -47.26 9.23 33.13
N TRP B 192 -46.62 9.66 32.05
CA TRP B 192 -46.03 11.03 31.99
C TRP B 192 -47.13 12.08 32.08
N LEU B 193 -48.19 11.90 31.28
CA LEU B 193 -49.39 12.77 31.24
C LEU B 193 -49.91 12.96 32.68
N LYS B 194 -50.11 11.84 33.41
CA LYS B 194 -50.57 11.79 34.85
C LYS B 194 -49.64 12.63 35.71
N GLU B 195 -48.33 12.42 35.60
CA GLU B 195 -47.30 13.17 36.38
C GLU B 195 -47.35 14.68 36.08
N ASN B 196 -47.69 15.11 34.87
CA ASN B 196 -47.49 16.52 34.46
C ASN B 196 -48.81 17.30 34.32
N TYR B 197 -49.96 16.63 34.20
CA TYR B 197 -51.24 17.36 34.01
C TYR B 197 -52.43 16.66 34.69
N GLN B 198 -53.42 17.46 35.09
CA GLN B 198 -54.75 16.95 35.54
C GLN B 198 -55.59 16.60 34.30
N LEU B 199 -56.49 15.63 34.40
CA LEU B 199 -57.21 15.04 33.23
C LEU B 199 -58.07 16.15 32.64
N ASP B 200 -58.54 17.06 33.50
CA ASP B 200 -59.34 18.27 33.15
C ASP B 200 -58.45 19.28 32.38
N GLU B 201 -57.16 19.41 32.73
CA GLU B 201 -56.18 20.32 32.03
C GLU B 201 -56.02 19.89 30.55
N LEU B 202 -55.79 18.59 30.35
CA LEU B 202 -55.65 17.89 29.02
C LEU B 202 -56.97 17.95 28.22
N GLU B 203 -58.12 17.77 28.86
CA GLU B 203 -59.43 18.01 28.15
C GLU B 203 -59.46 19.44 27.61
N GLU B 204 -58.97 20.40 28.42
CA GLU B 204 -58.88 21.85 28.09
C GLU B 204 -57.81 22.05 27.01
N ARG B 205 -56.65 21.40 27.09
CA ARG B 205 -55.49 21.77 26.22
C ARG B 205 -55.66 21.15 24.83
N TYR B 206 -56.38 20.01 24.73
CA TYR B 206 -56.55 19.22 23.49
C TYR B 206 -57.94 19.52 22.89
N GLY B 207 -58.81 20.21 23.67
CA GLY B 207 -60.23 20.49 23.39
C GLY B 207 -61.04 19.22 23.15
N GLN B 208 -60.83 18.19 23.97
CA GLN B 208 -61.58 16.91 23.88
C GLN B 208 -62.04 16.52 25.30
N LYS B 209 -62.74 15.40 25.43
CA LYS B 209 -63.25 14.91 26.75
C LYS B 209 -62.66 13.52 27.01
N PHE B 210 -62.21 13.26 28.24
CA PHE B 210 -61.42 12.06 28.59
C PHE B 210 -61.98 11.45 29.88
N SER B 211 -62.11 10.12 29.86
CA SER B 211 -62.64 9.29 30.96
C SER B 211 -61.48 8.77 31.83
N ASP B 212 -60.33 8.45 31.22
CA ASP B 212 -59.07 8.16 31.96
C ASP B 212 -57.91 8.54 31.04
N TYR B 213 -56.70 8.56 31.60
CA TYR B 213 -55.49 9.00 30.88
C TYR B 213 -55.31 8.01 29.73
N ALA B 214 -55.72 6.75 29.94
CA ALA B 214 -55.48 5.61 29.03
C ALA B 214 -56.14 5.86 27.68
N GLU B 215 -57.14 6.77 27.56
CA GLU B 215 -57.81 6.97 26.25
C GLU B 215 -57.16 8.13 25.47
N ILE B 216 -56.06 8.73 25.97
CA ILE B 216 -55.34 9.80 25.23
C ILE B 216 -54.26 9.18 24.35
N VAL B 217 -54.46 9.21 23.04
CA VAL B 217 -53.53 8.58 22.09
C VAL B 217 -52.48 9.63 21.78
N PRO B 218 -51.21 9.22 21.64
CA PRO B 218 -50.19 10.14 21.22
C PRO B 218 -50.57 10.73 19.87
N PRO B 219 -50.12 11.96 19.61
CA PRO B 219 -50.41 12.58 18.33
C PRO B 219 -49.57 11.91 17.24
N THR B 220 -50.12 12.04 16.03
CA THR B 220 -49.75 11.27 14.84
C THR B 220 -49.71 12.20 13.61
N SER B 221 -50.19 13.43 13.72
CA SER B 221 -50.20 14.36 12.55
C SER B 221 -50.35 15.80 13.02
N PHE B 222 -50.03 16.76 12.14
CA PHE B 222 -50.01 18.22 12.42
C PHE B 222 -51.43 18.77 12.47
N SER B 223 -52.43 17.92 12.19
CA SER B 223 -53.84 18.33 12.30
C SER B 223 -54.32 18.28 13.76
N GLU B 224 -53.50 17.83 14.70
CA GLU B 224 -53.82 17.77 16.16
C GLU B 224 -53.42 19.08 16.84
N PRO B 225 -53.97 19.39 18.03
CA PRO B 225 -53.68 20.65 18.70
C PRO B 225 -52.19 20.87 19.00
N LEU B 226 -51.71 22.10 18.75
CA LEU B 226 -50.28 22.42 18.92
C LEU B 226 -49.83 22.05 20.32
N PRO B 227 -50.57 22.38 21.41
CA PRO B 227 -50.10 22.01 22.76
C PRO B 227 -49.91 20.49 22.92
N LYS B 228 -50.72 19.67 22.25
CA LYS B 228 -50.59 18.20 22.29
C LYS B 228 -49.28 17.76 21.61
N ILE B 229 -48.95 18.40 20.49
CA ILE B 229 -47.71 18.09 19.71
C ILE B 229 -46.50 18.54 20.54
N LEU B 230 -46.56 19.71 21.19
CA LEU B 230 -45.49 20.20 22.09
C LEU B 230 -45.35 19.26 23.30
N ASP B 231 -46.42 18.68 23.79
CA ASP B 231 -46.39 17.71 24.90
C ASP B 231 -45.65 16.44 24.44
N TRP B 232 -46.00 15.91 23.27
CA TRP B 232 -45.31 14.74 22.67
C TRP B 232 -43.81 15.03 22.51
N HIS B 233 -43.45 16.23 22.05
CA HIS B 233 -42.04 16.66 21.97
C HIS B 233 -41.37 16.64 23.34
N HIS B 234 -41.92 17.37 24.30
CA HIS B 234 -41.34 17.45 25.68
C HIS B 234 -41.38 16.05 26.34
N PHE B 235 -42.34 15.19 25.99
CA PHE B 235 -42.43 13.80 26.48
C PHE B 235 -41.20 13.01 25.97
N LYS B 236 -40.88 13.10 24.68
CA LYS B 236 -39.73 12.32 24.13
C LYS B 236 -38.46 12.82 24.82
N ILE B 237 -38.41 14.12 25.10
CA ILE B 237 -37.24 14.72 25.80
C ILE B 237 -37.17 14.16 27.24
N TRP B 238 -38.30 14.02 27.92
CA TRP B 238 -38.34 13.48 29.31
C TRP B 238 -37.87 12.02 29.26
N MET B 239 -38.26 11.24 28.24
CA MET B 239 -37.73 9.84 28.15
C MET B 239 -36.21 9.90 27.97
N ILE B 240 -35.67 10.85 27.19
CA ILE B 240 -34.20 11.01 27.04
C ILE B 240 -33.60 11.30 28.42
N ASN B 241 -34.22 12.18 29.20
CA ASN B 241 -33.72 12.65 30.53
C ASN B 241 -33.73 11.47 31.54
N GLU B 242 -34.79 10.65 31.54
CA GLU B 242 -34.89 9.41 32.37
C GLU B 242 -33.77 8.43 31.98
N TYR B 243 -33.50 8.23 30.70
CA TYR B 243 -32.37 7.40 30.21
C TYR B 243 -31.03 7.92 30.70
N VAL B 244 -30.81 9.23 30.56
CA VAL B 244 -29.58 9.91 31.02
C VAL B 244 -29.46 9.71 32.53
N ARG B 245 -30.59 9.83 33.23
CA ARG B 245 -30.54 9.65 34.71
C ARG B 245 -30.16 8.19 35.05
N ILE B 246 -30.75 7.20 34.40
CA ILE B 246 -30.35 5.76 34.58
C ILE B 246 -28.82 5.64 34.35
N LEU B 247 -28.29 6.21 33.29
CA LEU B 247 -26.83 6.05 32.99
C LEU B 247 -26.01 6.78 34.08
N TYR B 248 -26.41 8.00 34.43
CA TYR B 248 -25.65 8.78 35.43
C TYR B 248 -25.54 8.00 36.75
N GLU B 249 -26.67 7.49 37.25
CA GLU B 249 -26.78 6.78 38.57
C GLU B 249 -25.84 5.57 38.53
N LYS B 250 -25.82 4.84 37.41
CA LYS B 250 -24.90 3.69 37.24
C LYS B 250 -23.43 4.19 37.25
N ILE B 251 -23.11 5.21 36.45
CA ILE B 251 -21.71 5.71 36.35
C ILE B 251 -21.23 6.13 37.74
N LYS B 252 -22.07 6.79 38.52
CA LYS B 252 -21.72 7.37 39.84
C LYS B 252 -21.23 6.23 40.72
N LYS B 253 -21.72 5.01 40.50
CA LYS B 253 -21.39 3.90 41.42
C LYS B 253 -19.92 3.53 41.25
N TYR B 254 -19.23 3.98 40.21
CA TYR B 254 -17.89 3.52 39.80
C TYR B 254 -16.89 4.67 39.80
N VAL B 255 -17.32 5.89 39.51
CA VAL B 255 -16.35 6.98 39.27
C VAL B 255 -16.60 8.15 40.23
N ASP B 256 -15.55 8.88 40.51
CA ASP B 256 -15.55 10.08 41.37
C ASP B 256 -14.91 11.22 40.58
N VAL B 257 -14.85 11.12 39.25
CA VAL B 257 -14.42 12.28 38.41
C VAL B 257 -15.69 12.93 37.89
N PRO B 258 -15.61 14.17 37.41
CA PRO B 258 -16.81 14.79 36.86
C PRO B 258 -17.43 14.01 35.68
N ILE B 259 -18.77 14.11 35.56
CA ILE B 259 -19.59 13.38 34.57
C ILE B 259 -20.22 14.47 33.69
N SER B 260 -20.26 14.16 32.39
CA SER B 260 -20.55 15.21 31.39
C SER B 260 -21.59 14.67 30.42
N ILE B 261 -22.19 15.59 29.65
CA ILE B 261 -23.07 15.19 28.54
C ILE B 261 -22.83 16.22 27.45
N LEU B 262 -22.91 15.78 26.20
CA LEU B 262 -22.78 16.64 24.99
C LEU B 262 -24.18 16.97 24.44
N ASP B 263 -24.43 18.25 24.10
CA ASP B 263 -25.65 18.72 23.35
C ASP B 263 -26.85 17.77 23.53
N PRO B 264 -27.50 17.74 24.72
CA PRO B 264 -28.78 17.05 24.89
C PRO B 264 -29.78 17.40 23.76
N TYR B 265 -30.37 16.37 23.19
CA TYR B 265 -31.51 16.40 22.22
C TYR B 265 -31.02 16.95 20.88
N LEU B 266 -29.75 17.36 20.75
CA LEU B 266 -29.22 18.03 19.54
C LEU B 266 -30.06 19.25 19.31
N LEU B 267 -30.49 19.88 20.40
CA LEU B 267 -31.23 21.17 20.28
C LEU B 267 -30.52 22.18 21.19
N LEU B 268 -31.13 23.36 21.37
CA LEU B 268 -30.51 24.46 22.14
C LEU B 268 -31.52 25.03 23.10
N ALA B 269 -32.62 25.64 22.65
CA ALA B 269 -33.59 26.19 23.61
C ALA B 269 -34.12 25.05 24.53
N ALA B 270 -34.26 23.84 24.00
CA ALA B 270 -34.83 22.70 24.75
C ALA B 270 -33.89 22.40 25.92
N TRP B 271 -32.71 23.04 26.03
CA TRP B 271 -31.86 22.72 27.24
C TRP B 271 -32.55 23.24 28.50
N LYS B 272 -33.53 24.14 28.34
CA LYS B 272 -34.43 24.46 29.47
C LYS B 272 -34.91 23.17 30.18
N GLU B 273 -35.31 22.15 29.40
CA GLU B 273 -35.85 20.87 29.92
C GLU B 273 -34.71 20.12 30.63
N PHE B 274 -33.52 20.19 30.04
CA PHE B 274 -32.32 19.57 30.65
C PHE B 274 -32.05 20.26 31.99
N TYR B 275 -32.02 21.59 32.01
CA TYR B 275 -31.74 22.37 33.25
C TYR B 275 -32.74 22.02 34.36
N LEU B 276 -34.04 22.16 34.06
CA LEU B 276 -35.07 21.85 35.08
C LEU B 276 -34.88 20.39 35.57
N TYR B 277 -34.61 19.45 34.67
CA TYR B 277 -34.60 18.00 35.00
C TYR B 277 -33.39 17.71 35.91
N VAL B 278 -32.22 18.23 35.61
CA VAL B 278 -31.03 17.85 36.46
C VAL B 278 -31.14 18.59 37.79
N THR B 279 -31.77 19.77 37.82
CA THR B 279 -32.04 20.51 39.06
C THR B 279 -32.99 19.69 39.93
N LYS B 280 -34.11 19.25 39.37
CA LYS B 280 -35.09 18.42 40.10
C LYS B 280 -34.41 17.16 40.66
N HIS B 281 -33.58 16.46 39.88
CA HIS B 281 -33.11 15.11 40.29
C HIS B 281 -31.74 15.25 40.95
N LYS B 282 -31.23 16.49 41.12
CA LYS B 282 -29.90 16.75 41.72
C LYS B 282 -28.83 15.89 41.04
N LEU B 283 -28.74 15.97 39.72
CA LEU B 283 -27.70 15.29 38.92
C LEU B 283 -26.59 16.28 38.60
N ASP B 284 -25.38 16.01 39.08
CA ASP B 284 -24.18 16.84 38.91
C ASP B 284 -23.55 16.53 37.55
N ILE B 285 -24.24 16.91 36.47
CA ILE B 285 -23.74 16.67 35.08
C ILE B 285 -23.17 17.98 34.56
N HIS B 286 -21.97 17.95 34.01
CA HIS B 286 -21.31 19.05 33.26
C HIS B 286 -21.86 19.07 31.80
N LEU B 287 -22.58 20.11 31.45
CA LEU B 287 -23.05 20.33 30.07
C LEU B 287 -21.85 20.76 29.23
N TRP B 288 -21.59 19.99 28.17
CA TRP B 288 -20.53 20.27 27.19
C TRP B 288 -21.19 20.56 25.84
N THR B 289 -20.48 21.15 24.91
CA THR B 289 -21.12 21.47 23.57
C THR B 289 -20.13 21.17 22.43
N GLU B 290 -20.50 21.60 21.23
CA GLU B 290 -19.75 21.19 20.04
C GLU B 290 -20.04 22.23 18.94
N PHE B 291 -19.17 22.25 17.95
CA PHE B 291 -19.31 23.25 16.85
C PHE B 291 -19.00 22.56 15.53
N TRP B 292 -20.06 22.23 14.77
CA TRP B 292 -20.00 21.64 13.41
C TRP B 292 -20.75 22.57 12.41
N TYR B 293 -20.20 22.78 11.26
CA TYR B 293 -20.79 23.70 10.25
C TYR B 293 -20.89 23.06 8.86
N SER B 294 -19.94 22.23 8.42
CA SER B 294 -19.93 21.73 7.02
C SER B 294 -19.72 20.22 7.01
N PHE B 295 -20.58 19.51 6.28
CA PHE B 295 -20.56 18.05 6.07
C PHE B 295 -20.48 17.69 4.59
N TYR B 296 -19.42 17.00 4.17
CA TYR B 296 -19.36 16.29 2.87
C TYR B 296 -19.50 17.40 1.77
N ARG B 297 -18.90 18.53 2.06
CA ARG B 297 -18.58 19.60 1.11
C ARG B 297 -17.41 20.38 1.68
N THR B 298 -16.88 21.31 0.93
CA THR B 298 -15.81 22.21 1.46
C THR B 298 -16.27 22.92 2.72
N PHE B 299 -15.33 23.13 3.68
CA PHE B 299 -15.61 23.93 4.88
C PHE B 299 -16.06 25.33 4.38
N ASP B 300 -17.13 25.83 4.98
CA ASP B 300 -17.73 27.13 4.62
C ASP B 300 -17.96 27.86 5.93
N PHE B 301 -16.97 28.59 6.43
CA PHE B 301 -17.10 29.35 7.69
C PHE B 301 -16.64 30.77 7.52
N LYS B 302 -17.62 31.59 7.12
CA LYS B 302 -17.44 33.01 6.83
C LYS B 302 -18.44 33.77 7.70
N GLU B 303 -18.69 35.07 7.42
CA GLU B 303 -19.51 35.93 8.30
C GLU B 303 -20.94 35.38 8.44
N ASP B 304 -21.41 34.62 7.44
CA ASP B 304 -22.79 34.08 7.37
C ASP B 304 -23.12 33.37 8.67
N ARG B 305 -22.05 32.77 9.25
CA ARG B 305 -22.24 31.89 10.41
C ARG B 305 -22.35 32.64 11.72
N LEU B 306 -22.08 33.96 11.80
CA LEU B 306 -21.88 34.58 13.14
C LEU B 306 -23.14 34.63 13.99
N GLY B 307 -24.33 34.71 13.40
CA GLY B 307 -25.60 34.70 14.15
C GLY B 307 -25.73 33.41 14.93
N HIS B 308 -25.53 32.29 14.23
CA HIS B 308 -25.62 30.93 14.79
C HIS B 308 -24.56 30.77 15.90
N LEU B 309 -23.31 31.17 15.64
CA LEU B 309 -22.21 31.02 16.65
C LEU B 309 -22.50 31.87 17.89
N TYR B 310 -22.93 33.11 17.71
CA TYR B 310 -23.20 33.97 18.89
C TYR B 310 -24.39 33.38 19.65
N TYR B 311 -25.42 32.87 18.95
CA TYR B 311 -26.64 32.33 19.61
C TYR B 311 -26.23 31.07 20.40
N LYS B 312 -25.52 30.15 19.74
CA LYS B 312 -25.24 28.86 20.38
C LYS B 312 -24.27 29.06 21.57
N THR B 313 -23.21 29.84 21.40
CA THR B 313 -22.30 30.13 22.55
C THR B 313 -23.12 30.84 23.60
N GLY B 314 -24.08 31.71 23.21
CA GLY B 314 -24.90 32.39 24.22
C GLY B 314 -25.78 31.43 25.01
N VAL B 315 -26.40 30.46 24.33
CA VAL B 315 -27.29 29.51 25.04
C VAL B 315 -26.36 28.74 25.99
N TYR B 316 -25.19 28.39 25.51
CA TYR B 316 -24.28 27.52 26.31
C TYR B 316 -23.84 28.34 27.54
N ARG B 317 -23.42 29.60 27.37
CA ARG B 317 -23.00 30.44 28.54
C ARG B 317 -24.14 30.64 29.54
N TYR B 318 -25.38 30.80 29.05
CA TYR B 318 -26.57 30.95 29.91
C TYR B 318 -26.69 29.74 30.81
N TYR B 319 -26.55 28.53 30.24
CA TYR B 319 -26.81 27.30 31.01
C TYR B 319 -25.63 26.93 31.91
N ILE B 320 -24.38 27.12 31.48
CA ILE B 320 -23.28 26.65 32.39
C ILE B 320 -23.20 27.71 33.51
N ASN B 321 -23.59 28.98 33.27
CA ASN B 321 -23.65 30.00 34.37
C ASN B 321 -24.65 29.52 35.44
N LYS B 322 -25.84 29.06 35.04
CA LYS B 322 -26.85 28.56 36.02
C LYS B 322 -26.37 27.27 36.68
N LEU B 323 -25.76 26.34 35.92
CA LEU B 323 -25.35 25.01 36.45
C LEU B 323 -24.01 25.09 37.20
N LYS B 324 -23.23 26.14 36.93
CA LYS B 324 -21.97 26.52 37.60
C LYS B 324 -20.92 25.44 37.33
N THR B 325 -20.70 25.04 36.09
CA THR B 325 -19.66 24.05 35.70
C THR B 325 -18.80 24.66 34.60
N PRO B 326 -17.55 24.21 34.40
CA PRO B 326 -16.66 24.87 33.44
C PRO B 326 -17.07 24.60 31.99
N PRO B 327 -16.81 25.56 31.08
CA PRO B 327 -17.20 25.43 29.68
C PRO B 327 -16.25 24.48 28.96
N LEU B 328 -16.78 23.67 28.05
CA LEU B 328 -15.92 22.80 27.24
C LEU B 328 -16.64 22.52 25.93
N SER B 329 -15.94 22.79 24.83
CA SER B 329 -16.33 22.26 23.51
C SER B 329 -15.64 20.90 23.34
N ILE B 330 -16.37 19.80 23.50
CA ILE B 330 -15.78 18.42 23.36
C ILE B 330 -15.66 18.05 21.88
N GLU B 331 -16.38 18.71 20.95
CA GLU B 331 -16.13 18.45 19.51
C GLU B 331 -16.11 19.78 18.75
N THR B 332 -14.92 20.20 18.37
CA THR B 332 -14.63 21.41 17.56
C THR B 332 -14.21 20.89 16.19
N GLN B 333 -15.05 21.10 15.19
CA GLN B 333 -14.89 20.46 13.86
C GLN B 333 -13.47 20.64 13.31
N THR B 334 -12.82 19.49 13.06
CA THR B 334 -11.56 19.42 12.32
C THR B 334 -11.58 18.30 11.29
N SER B 335 -12.77 17.81 10.91
CA SER B 335 -12.89 16.71 9.94
C SER B 335 -14.28 16.75 9.30
N LEU B 336 -14.45 15.92 8.28
CA LEU B 336 -15.73 15.60 7.60
C LEU B 336 -16.14 16.76 6.64
N ALA B 337 -15.30 17.76 6.44
CA ALA B 337 -15.36 18.72 5.33
C ALA B 337 -14.19 18.46 4.37
N ASN B 338 -14.39 18.72 3.08
CA ASN B 338 -13.49 18.19 2.03
C ASN B 338 -12.12 18.86 2.21
N VAL B 339 -12.14 20.15 2.47
CA VAL B 339 -10.97 20.94 2.85
C VAL B 339 -11.45 21.92 3.92
N ILE B 340 -10.55 22.20 4.84
CA ILE B 340 -10.76 23.12 5.97
C ILE B 340 -9.63 24.14 5.85
N GLU B 341 -9.92 25.26 5.24
CA GLU B 341 -8.90 26.27 4.94
C GLU B 341 -8.59 27.02 6.23
N LYS B 342 -7.32 27.24 6.50
CA LYS B 342 -6.89 27.59 7.88
C LYS B 342 -7.46 28.94 8.35
N ASP B 343 -7.76 29.91 7.45
CA ASP B 343 -8.31 31.20 7.91
C ASP B 343 -9.79 31.08 8.31
N GLU B 344 -10.62 30.34 7.55
CA GLU B 344 -12.00 29.99 7.98
C GLU B 344 -11.98 29.16 9.28
N ALA B 345 -11.08 28.21 9.37
CA ALA B 345 -10.94 27.41 10.61
C ALA B 345 -10.60 28.34 11.79
N GLU B 346 -9.61 29.20 11.62
CA GLU B 346 -9.25 30.21 12.63
C GLU B 346 -10.50 31.00 13.02
N LEU B 347 -11.29 31.52 12.06
CA LEU B 347 -12.40 32.38 12.51
C LEU B 347 -13.30 31.60 13.50
N LEU B 348 -13.53 30.30 13.29
CA LEU B 348 -14.35 29.50 14.23
C LEU B 348 -13.53 29.32 15.52
N TYR B 349 -12.33 28.78 15.38
CA TYR B 349 -11.61 28.18 16.59
C TYR B 349 -11.28 29.32 17.53
N ALA B 350 -10.82 30.46 16.99
CA ALA B 350 -10.42 31.64 17.82
C ALA B 350 -11.65 32.34 18.42
N LEU B 351 -12.85 32.22 17.83
CA LEU B 351 -14.04 32.87 18.43
C LEU B 351 -14.54 32.02 19.62
N LEU B 352 -14.20 30.73 19.72
CA LEU B 352 -14.71 29.94 20.87
C LEU B 352 -14.24 30.59 22.19
N PRO B 353 -12.93 30.85 22.41
CA PRO B 353 -12.51 31.50 23.66
C PRO B 353 -13.09 32.93 23.81
N ALA B 354 -13.23 33.67 22.70
CA ALA B 354 -13.82 35.01 22.68
C ALA B 354 -15.25 34.96 23.22
N LEU B 355 -15.98 33.90 22.89
CA LEU B 355 -17.38 33.70 23.31
C LEU B 355 -17.51 32.79 24.54
N GLY B 356 -16.43 32.63 25.35
CA GLY B 356 -16.60 32.02 26.69
C GLY B 356 -16.17 30.55 26.79
N ILE B 357 -15.63 29.95 25.73
CA ILE B 357 -15.33 28.49 25.72
C ILE B 357 -13.83 28.31 25.55
N HIS B 358 -13.10 28.24 26.68
CA HIS B 358 -11.61 28.25 26.72
C HIS B 358 -11.05 26.82 26.92
N ASN B 359 -11.90 25.84 27.16
CA ASN B 359 -11.52 24.41 27.12
C ASN B 359 -12.05 23.84 25.81
N ILE B 360 -11.16 23.29 24.99
CA ILE B 360 -11.46 22.94 23.60
C ILE B 360 -10.85 21.59 23.29
N ASN B 361 -11.69 20.71 22.73
CA ASN B 361 -11.25 19.44 22.11
C ASN B 361 -11.61 19.52 20.62
N TYR B 362 -10.62 19.15 19.82
CA TYR B 362 -10.67 19.08 18.34
C TYR B 362 -11.03 17.65 17.90
N TYR B 363 -12.06 17.51 17.05
CA TYR B 363 -12.61 16.21 16.57
C TYR B 363 -12.86 16.31 15.07
N LEU B 364 -12.45 15.31 14.29
CA LEU B 364 -11.53 14.22 14.70
C LEU B 364 -10.07 14.65 14.49
N TYR B 365 -9.20 14.42 15.48
CA TYR B 365 -7.83 14.95 15.36
C TYR B 365 -7.01 14.04 14.46
N VAL B 366 -7.07 12.71 14.71
CA VAL B 366 -6.24 11.70 14.00
C VAL B 366 -7.10 10.90 13.03
N GLY B 367 -6.89 11.10 11.74
CA GLY B 367 -7.64 10.30 10.76
C GLY B 367 -7.31 8.81 10.85
N GLY B 368 -8.30 7.99 10.53
CA GLY B 368 -8.19 6.53 10.62
C GLY B 368 -9.00 5.82 9.58
N GLU B 369 -9.42 4.64 9.96
CA GLU B 369 -10.02 3.59 9.11
C GLU B 369 -10.99 2.79 9.95
N ASN B 370 -12.11 2.35 9.38
CA ASN B 370 -13.13 1.54 10.08
C ASN B 370 -12.86 0.07 9.81
N PRO B 371 -12.61 -0.72 10.90
CA PRO B 371 -12.58 -2.17 10.79
C PRO B 371 -13.80 -2.71 10.01
N LYS B 372 -13.59 -3.70 9.16
CA LYS B 372 -14.64 -4.46 8.43
C LYS B 372 -15.80 -4.78 9.37
N GLY B 373 -17.02 -4.52 8.91
CA GLY B 373 -18.22 -4.80 9.68
C GLY B 373 -18.67 -3.62 10.52
N TYR B 374 -17.86 -2.58 10.70
CA TYR B 374 -18.27 -1.44 11.56
C TYR B 374 -18.49 -0.14 10.76
N GLU B 375 -18.39 -0.21 9.45
CA GLU B 375 -18.67 0.96 8.56
C GLU B 375 -20.11 1.38 8.82
N SER B 376 -20.33 2.69 8.59
CA SER B 376 -21.64 3.30 8.48
C SER B 376 -21.54 4.44 7.42
N HIS B 377 -21.25 5.64 7.87
CA HIS B 377 -21.52 6.91 7.10
C HIS B 377 -20.43 7.17 6.06
N ASN B 378 -19.26 6.47 6.14
CA ASN B 378 -18.04 6.79 5.36
C ASN B 378 -17.48 5.56 4.63
N GLY B 379 -18.13 4.42 4.73
CA GLY B 379 -17.52 3.17 4.24
C GLY B 379 -16.24 2.95 5.02
N ALA B 380 -15.17 2.50 4.38
CA ALA B 380 -13.91 2.19 5.10
C ALA B 380 -13.28 3.44 5.69
N THR B 381 -13.41 4.64 5.06
CA THR B 381 -12.54 5.76 5.47
C THR B 381 -13.02 6.40 6.79
N TRP B 382 -12.02 6.82 7.57
CA TRP B 382 -12.25 7.69 8.74
C TRP B 382 -11.21 8.81 8.69
N ASP B 383 -10.69 9.18 7.52
CA ASP B 383 -9.80 10.35 7.40
C ASP B 383 -10.39 11.30 6.32
N VAL B 384 -11.30 12.19 6.73
CA VAL B 384 -11.80 13.34 5.90
C VAL B 384 -11.25 14.63 6.50
N TYR B 385 -10.05 14.93 6.04
CA TYR B 385 -9.25 16.17 6.24
C TYR B 385 -8.99 16.42 7.72
N SER B 386 -8.77 15.32 8.47
CA SER B 386 -8.26 15.45 9.89
C SER B 386 -6.92 16.21 9.94
N PRO B 387 -6.64 16.93 11.08
CA PRO B 387 -5.41 17.67 11.24
C PRO B 387 -4.17 16.80 11.04
N ILE B 388 -4.23 15.58 11.57
CA ILE B 388 -3.22 14.53 11.25
C ILE B 388 -3.90 13.45 10.40
N GLY B 389 -3.39 13.22 9.19
CA GLY B 389 -3.98 12.27 8.25
C GLY B 389 -3.49 10.86 8.50
N LEU B 390 -4.08 9.94 7.77
CA LEU B 390 -3.78 8.50 8.08
C LEU B 390 -2.27 8.24 7.96
N ASP B 391 -1.56 8.92 7.06
CA ASP B 391 -0.13 8.68 6.75
C ASP B 391 0.76 9.57 7.62
N GLY B 392 0.21 10.26 8.61
CA GLY B 392 0.98 11.14 9.51
C GLY B 392 1.09 12.55 8.99
N ARG B 393 0.56 12.87 7.79
CA ARG B 393 0.72 14.25 7.25
C ARG B 393 0.09 15.22 8.25
N GLU B 394 0.55 16.45 8.31
CA GLU B 394 -0.15 17.52 9.07
C GLU B 394 -0.88 18.47 8.10
N ARG B 395 -2.17 18.58 8.27
CA ARG B 395 -2.96 19.44 7.35
C ARG B 395 -3.02 20.87 7.91
N GLN B 396 -3.45 21.80 7.08
CA GLN B 396 -3.20 23.25 7.24
C GLN B 396 -3.84 23.79 8.50
N HIS B 397 -4.99 23.26 8.91
CA HIS B 397 -5.71 23.79 10.10
C HIS B 397 -5.01 23.41 11.42
N VAL B 398 -3.93 22.65 11.37
CA VAL B 398 -3.05 22.52 12.58
C VAL B 398 -2.55 23.90 13.02
N GLU B 399 -2.30 24.82 12.08
CA GLU B 399 -1.60 26.09 12.38
C GLU B 399 -2.39 26.94 13.39
N PRO B 400 -3.68 27.31 13.16
CA PRO B 400 -4.43 28.07 14.16
C PRO B 400 -4.57 27.26 15.46
N ILE B 401 -4.72 25.94 15.35
CA ILE B 401 -4.89 25.06 16.55
C ILE B 401 -3.66 25.28 17.43
N LYS B 402 -2.45 25.27 16.89
CA LYS B 402 -1.24 25.44 17.73
C LYS B 402 -1.20 26.79 18.42
N TRP B 403 -1.39 27.88 17.66
CA TRP B 403 -1.26 29.24 18.21
C TRP B 403 -2.32 29.49 19.26
N ILE B 404 -3.56 29.03 19.08
CA ILE B 404 -4.61 29.29 20.09
C ILE B 404 -4.23 28.54 21.39
N GLY B 405 -3.68 27.35 21.28
CA GLY B 405 -3.26 26.61 22.49
C GLY B 405 -2.15 27.36 23.20
N GLU B 406 -1.22 27.96 22.46
CA GLU B 406 -0.05 28.63 23.10
C GLU B 406 -0.56 29.84 23.84
N PHE B 407 -1.47 30.59 23.22
CA PHE B 407 -2.12 31.73 23.90
C PHE B 407 -2.81 31.26 25.19
N LEU B 408 -3.68 30.25 25.12
CA LEU B 408 -4.59 29.90 26.26
C LEU B 408 -3.75 29.40 27.44
N LYS B 409 -2.68 28.68 27.15
CA LYS B 409 -1.88 28.00 28.17
C LYS B 409 -0.99 29.02 28.87
N SER B 410 -0.70 30.16 28.27
CA SER B 410 0.23 31.18 28.82
C SER B 410 -0.53 32.40 29.40
N ASN B 411 -1.82 32.56 29.17
CA ASN B 411 -2.57 33.81 29.51
C ASN B 411 -3.74 33.53 30.46
N MET B 412 -3.48 33.41 31.75
CA MET B 412 -4.57 33.10 32.72
C MET B 412 -5.40 34.39 32.96
N ASP B 413 -4.88 35.59 32.69
CA ASP B 413 -5.72 36.81 32.70
C ASP B 413 -6.91 36.67 31.72
N PHE B 414 -6.73 35.97 30.60
CA PHE B 414 -7.78 35.83 29.56
C PHE B 414 -8.91 34.93 30.08
N ILE B 415 -8.55 33.73 30.55
CA ILE B 415 -9.58 32.74 31.01
C ILE B 415 -10.40 33.44 32.12
N GLU B 416 -9.77 34.29 32.96
CA GLU B 416 -10.47 35.06 34.02
C GLU B 416 -11.23 36.26 33.44
N SER B 417 -11.01 36.63 32.17
CA SER B 417 -11.83 37.68 31.49
C SER B 417 -13.27 37.19 31.35
N GLN B 418 -14.23 38.09 31.18
CA GLN B 418 -15.64 37.65 31.01
C GLN B 418 -16.27 38.51 29.91
N LEU B 419 -17.06 37.86 29.08
CA LEU B 419 -17.93 38.55 28.09
C LEU B 419 -19.15 39.05 28.87
N LYS B 420 -19.36 40.36 29.01
CA LYS B 420 -20.50 40.84 29.83
C LYS B 420 -21.33 41.85 29.06
N PRO B 421 -22.08 41.44 28.00
CA PRO B 421 -22.77 42.40 27.13
C PRO B 421 -24.00 43.03 27.80
N LYS B 422 -24.35 44.26 27.38
CA LYS B 422 -25.57 45.01 27.82
C LYS B 422 -26.82 44.49 27.11
N VAL B 423 -26.64 43.75 26.00
CA VAL B 423 -27.71 43.27 25.09
C VAL B 423 -27.85 41.76 25.25
N ALA B 424 -29.08 41.27 25.41
CA ALA B 424 -29.45 39.84 25.32
C ALA B 424 -30.46 39.63 24.18
N PHE B 425 -30.44 38.42 23.61
CA PHE B 425 -31.54 37.86 22.81
C PHE B 425 -32.38 36.95 23.71
N GLY B 426 -33.69 37.18 23.67
CA GLY B 426 -34.68 36.47 24.47
C GLY B 426 -35.24 35.30 23.70
N MET B 427 -34.75 34.09 23.97
CA MET B 427 -35.23 32.88 23.27
C MET B 427 -36.45 32.32 24.01
N TYR B 428 -37.34 31.73 23.23
CA TYR B 428 -38.64 31.15 23.65
C TYR B 428 -38.67 29.72 23.09
N GLU B 429 -38.42 28.74 23.96
CA GLU B 429 -38.23 27.34 23.56
C GLU B 429 -39.34 26.80 22.64
N PRO B 430 -40.65 27.08 22.88
CA PRO B 430 -41.69 26.50 22.04
C PRO B 430 -41.47 26.81 20.55
N TYR B 431 -40.83 27.95 20.26
CA TYR B 431 -40.59 28.38 18.85
C TYR B 431 -39.58 27.44 18.20
N GLU B 432 -38.66 26.93 19.01
CA GLU B 432 -37.59 26.02 18.51
C GLU B 432 -38.28 24.83 17.81
N ALA B 433 -39.24 24.22 18.48
CA ALA B 433 -39.88 22.99 17.99
C ALA B 433 -40.61 23.32 16.70
N LEU B 434 -41.35 24.43 16.67
CA LEU B 434 -42.11 24.76 15.42
C LEU B 434 -41.16 24.96 14.25
N SER B 435 -40.09 25.70 14.48
CA SER B 435 -39.03 26.00 13.47
C SER B 435 -38.38 24.69 12.98
N MET B 436 -38.04 23.82 13.92
CA MET B 436 -37.41 22.53 13.61
C MET B 436 -38.34 21.73 12.69
N TRP B 437 -39.62 21.62 13.04
CA TRP B 437 -40.60 20.80 12.31
C TRP B 437 -40.89 21.47 10.96
N GLY B 438 -40.84 22.79 10.86
CA GLY B 438 -41.36 23.44 9.65
C GLY B 438 -42.88 23.50 9.69
N HIS B 439 -43.49 23.43 10.87
CA HIS B 439 -44.96 23.35 11.05
C HIS B 439 -45.49 24.75 11.36
N ARG B 440 -46.14 25.37 10.37
CA ARG B 440 -46.94 26.60 10.59
C ARG B 440 -48.42 26.25 10.71
N PRO B 441 -49.04 26.36 11.91
CA PRO B 441 -50.49 26.21 12.04
C PRO B 441 -51.19 27.14 11.05
N GLU B 442 -52.24 26.63 10.45
CA GLU B 442 -53.09 27.31 9.43
C GLU B 442 -53.42 28.75 9.85
N SER B 443 -53.75 28.93 11.13
CA SER B 443 -54.26 30.20 11.70
C SER B 443 -53.15 31.20 12.02
N PHE B 444 -51.88 30.87 11.86
CA PHE B 444 -50.77 31.76 12.28
C PHE B 444 -50.55 32.87 11.26
N GLU B 445 -50.45 34.12 11.73
CA GLU B 445 -50.02 35.25 10.87
C GLU B 445 -48.49 35.20 10.67
N GLU B 446 -47.69 34.50 11.50
CA GLU B 446 -46.22 34.61 11.28
C GLU B 446 -45.66 33.28 10.75
N SER B 447 -44.56 33.39 10.03
CA SER B 447 -43.75 32.28 9.46
C SER B 447 -42.98 31.60 10.62
N VAL B 448 -42.78 30.31 10.50
CA VAL B 448 -41.89 29.55 11.45
C VAL B 448 -40.49 29.39 10.83
N ASN B 449 -40.20 30.06 9.69
CA ASN B 449 -38.87 30.06 9.03
C ASN B 449 -37.88 30.90 9.84
N LEU B 450 -37.56 30.48 11.06
CA LEU B 450 -36.58 31.21 11.90
C LEU B 450 -35.15 31.02 11.34
N GLN B 451 -34.88 29.94 10.60
CA GLN B 451 -33.54 29.70 9.97
C GLN B 451 -33.23 30.92 9.10
N GLU B 452 -34.22 31.33 8.28
CA GLU B 452 -34.05 32.48 7.38
C GLU B 452 -34.05 33.78 8.16
N TYR B 453 -35.03 34.04 9.02
CA TYR B 453 -35.27 35.40 9.59
C TYR B 453 -34.43 35.68 10.83
N LEU B 454 -34.06 34.65 11.61
CA LEU B 454 -33.44 34.85 12.93
C LEU B 454 -32.00 34.35 12.89
N PHE B 455 -31.74 33.11 12.45
CA PHE B 455 -30.43 32.46 12.78
C PHE B 455 -29.39 32.52 11.66
N GLY B 456 -29.79 32.40 10.38
CA GLY B 456 -28.85 32.08 9.29
C GLY B 456 -28.08 33.24 8.69
N GLU B 457 -27.69 33.04 7.44
CA GLU B 457 -26.93 33.96 6.57
C GLU B 457 -27.48 35.39 6.65
N ARG B 458 -28.80 35.56 6.66
CA ARG B 458 -29.46 36.90 6.71
C ARG B 458 -30.21 37.04 8.03
N GLY B 459 -29.98 36.13 9.00
CA GLY B 459 -30.69 36.24 10.27
C GLY B 459 -30.47 37.58 11.00
N LEU B 460 -31.45 37.98 11.81
CA LEU B 460 -31.31 39.09 12.76
C LEU B 460 -30.03 38.89 13.60
N LEU B 461 -29.82 37.69 14.09
CA LEU B 461 -28.68 37.58 15.03
C LEU B 461 -27.37 37.81 14.27
N THR B 462 -27.29 37.43 13.00
CA THR B 462 -26.06 37.65 12.18
C THR B 462 -25.94 39.15 12.00
N LEU B 463 -27.08 39.81 11.82
CA LEU B 463 -27.10 41.30 11.71
C LEU B 463 -26.51 41.90 13.01
N LEU B 464 -26.95 41.43 14.16
CA LEU B 464 -26.45 42.06 15.41
C LEU B 464 -24.93 41.82 15.49
N ALA B 465 -24.47 40.62 15.17
CA ALA B 465 -23.00 40.32 15.24
C ALA B 465 -22.23 41.28 14.31
N MET B 466 -22.69 41.41 13.06
CA MET B 466 -21.98 42.23 12.05
C MET B 466 -22.17 43.72 12.37
N SER B 467 -23.18 44.10 13.18
CA SER B 467 -23.42 45.51 13.61
C SER B 467 -22.59 45.85 14.86
N ASN B 468 -21.62 44.99 15.21
CA ASN B 468 -20.79 45.18 16.43
C ASN B 468 -21.71 45.23 17.65
N VAL B 469 -22.63 44.26 17.80
CA VAL B 469 -23.50 44.17 19.02
C VAL B 469 -23.38 42.73 19.52
N PRO B 470 -22.35 42.44 20.36
CA PRO B 470 -22.27 41.17 21.06
C PRO B 470 -23.50 41.07 21.97
N PHE B 471 -24.03 39.87 22.13
CA PHE B 471 -25.25 39.63 22.95
C PHE B 471 -25.14 38.28 23.68
N ASP B 472 -25.65 38.28 24.91
CA ASP B 472 -25.97 37.06 25.66
C ASP B 472 -27.30 36.50 25.17
N VAL B 473 -27.66 35.31 25.67
CA VAL B 473 -28.98 34.68 25.36
C VAL B 473 -29.60 34.41 26.73
N ILE B 474 -30.87 34.75 26.89
CA ILE B 474 -31.64 34.40 28.12
C ILE B 474 -32.89 33.65 27.74
N ASP B 475 -33.22 32.64 28.53
CA ASP B 475 -34.50 31.92 28.36
C ASP B 475 -35.61 32.74 29.00
N LEU B 476 -36.60 33.11 28.22
CA LEU B 476 -37.68 33.98 28.71
C LEU B 476 -38.48 33.25 29.80
N GLU B 477 -38.57 31.91 29.75
CA GLU B 477 -39.50 31.15 30.62
C GLU B 477 -38.82 30.95 31.97
N LEU B 478 -37.53 30.65 31.93
CA LEU B 478 -36.71 30.40 33.14
C LEU B 478 -36.36 31.75 33.78
N SER B 479 -36.09 32.80 33.02
CA SER B 479 -35.46 34.02 33.59
C SER B 479 -36.42 34.75 34.52
N THR B 480 -35.94 35.25 35.64
CA THR B 480 -36.74 36.15 36.50
C THR B 480 -36.61 37.56 35.98
N VAL B 481 -37.45 38.46 36.49
CA VAL B 481 -37.41 39.90 36.10
C VAL B 481 -36.06 40.48 36.56
N GLU B 482 -35.61 40.14 37.77
CA GLU B 482 -34.29 40.61 38.26
C GLU B 482 -33.15 40.21 37.30
N GLU B 483 -33.18 38.99 36.74
CA GLU B 483 -32.19 38.49 35.76
C GLU B 483 -32.30 39.29 34.45
N MET B 484 -33.51 39.41 33.92
CA MET B 484 -33.71 40.25 32.71
C MET B 484 -33.14 41.65 32.98
N LEU B 485 -33.26 42.20 34.21
CA LEU B 485 -32.83 43.60 34.46
C LEU B 485 -31.30 43.73 34.51
N GLN B 486 -30.53 42.65 34.39
CA GLN B 486 -29.05 42.74 34.21
C GLN B 486 -28.72 43.24 32.80
N TYR B 487 -29.70 43.26 31.90
CA TYR B 487 -29.48 43.67 30.50
C TYR B 487 -30.20 45.00 30.24
N GLU B 488 -29.51 45.91 29.60
CA GLU B 488 -30.08 47.24 29.28
C GLU B 488 -31.08 47.06 28.16
N GLN B 489 -30.81 46.13 27.25
CA GLN B 489 -31.63 45.90 26.01
C GLN B 489 -31.83 44.42 25.81
N ILE B 490 -33.07 44.00 25.59
CA ILE B 490 -33.37 42.60 25.19
C ILE B 490 -34.13 42.60 23.86
N TRP B 491 -33.66 41.85 22.89
CA TRP B 491 -34.36 41.64 21.59
C TRP B 491 -35.15 40.35 21.66
N ILE B 492 -36.35 40.39 21.10
CA ILE B 492 -37.29 39.24 21.12
C ILE B 492 -37.90 39.12 19.73
N TYR B 493 -37.75 37.96 19.14
CA TYR B 493 -38.50 37.57 17.93
C TYR B 493 -39.80 36.91 18.36
N SER B 494 -40.95 37.47 17.88
CA SER B 494 -42.30 37.01 18.28
C SER B 494 -43.00 36.28 17.13
N LEU B 495 -43.66 35.16 17.45
CA LEU B 495 -44.70 34.56 16.58
C LEU B 495 -46.06 34.91 17.20
N ASP B 496 -47.11 34.23 16.77
CA ASP B 496 -48.49 34.51 17.20
C ASP B 496 -48.62 34.33 18.71
N PHE B 497 -47.91 33.36 19.32
CA PHE B 497 -48.23 33.02 20.71
C PHE B 497 -47.02 33.21 21.63
N MET B 498 -47.32 33.49 22.89
CA MET B 498 -46.28 33.69 23.94
C MET B 498 -46.97 33.57 25.29
N SER B 499 -46.33 32.87 26.23
CA SER B 499 -47.01 32.51 27.48
C SER B 499 -47.42 33.77 28.25
N ARG B 500 -48.50 33.64 29.00
CA ARG B 500 -48.94 34.70 29.94
C ARG B 500 -47.77 35.03 30.89
N GLU B 501 -47.08 34.02 31.40
CA GLU B 501 -46.03 34.20 32.45
C GLU B 501 -44.91 35.09 31.89
N VAL B 502 -44.49 34.80 30.64
CA VAL B 502 -43.43 35.54 29.90
C VAL B 502 -43.89 36.99 29.64
N GLN B 503 -45.11 37.19 29.15
CA GLN B 503 -45.57 38.56 28.82
C GLN B 503 -45.64 39.39 30.11
N GLU B 504 -46.11 38.81 31.21
CA GLU B 504 -46.23 39.54 32.51
C GLU B 504 -44.82 40.00 32.90
N LYS B 505 -43.83 39.12 32.74
CA LYS B 505 -42.44 39.42 33.17
C LYS B 505 -41.85 40.48 32.25
N LEU B 506 -42.08 40.39 30.94
CA LEU B 506 -41.56 41.36 29.96
C LEU B 506 -42.10 42.74 30.33
N ALA B 507 -43.37 42.80 30.72
CA ALA B 507 -44.06 44.06 31.08
C ALA B 507 -43.34 44.68 32.28
N ARG B 508 -43.05 43.88 33.30
CA ARG B 508 -42.36 44.39 34.52
C ARG B 508 -40.94 44.79 34.15
N TYR B 509 -40.23 44.04 33.29
CA TYR B 509 -38.87 44.39 32.82
C TYR B 509 -38.89 45.84 32.30
N VAL B 510 -39.80 46.16 31.39
CA VAL B 510 -39.77 47.54 30.82
C VAL B 510 -40.23 48.55 31.89
N GLU B 511 -41.27 48.25 32.69
CA GLU B 511 -41.74 49.15 33.79
C GLU B 511 -40.54 49.48 34.68
N GLU B 512 -39.69 48.49 34.98
CA GLU B 512 -38.58 48.62 35.96
C GLU B 512 -37.38 49.33 35.33
N GLY B 513 -37.40 49.58 34.02
CA GLY B 513 -36.33 50.31 33.31
C GLY B 513 -35.67 49.52 32.19
N GLY B 514 -36.13 48.31 31.87
CA GLY B 514 -35.64 47.54 30.71
C GLY B 514 -36.01 48.18 29.37
N ASN B 515 -35.26 47.85 28.33
CA ASN B 515 -35.54 48.24 26.93
C ASN B 515 -35.73 46.99 26.07
N LEU B 516 -36.91 46.85 25.46
CA LEU B 516 -37.30 45.70 24.61
C LEU B 516 -37.21 46.13 23.15
N VAL B 517 -36.84 45.21 22.28
CA VAL B 517 -37.02 45.35 20.82
C VAL B 517 -37.80 44.11 20.39
N ILE B 518 -39.00 44.26 19.83
CA ILE B 518 -39.83 43.09 19.46
C ILE B 518 -40.20 43.24 17.99
N LEU B 519 -40.07 42.14 17.26
CA LEU B 519 -40.36 42.04 15.81
C LEU B 519 -40.67 40.58 15.53
N PRO B 520 -41.32 40.23 14.42
CA PRO B 520 -41.93 41.22 13.48
C PRO B 520 -43.43 41.50 13.63
N THR B 521 -43.95 41.21 14.81
CA THR B 521 -45.35 41.45 15.26
C THR B 521 -45.29 41.43 16.79
N LEU B 522 -46.44 41.60 17.43
CA LEU B 522 -46.63 41.27 18.86
C LEU B 522 -47.51 40.03 18.89
N PRO B 523 -47.35 39.24 19.97
CA PRO B 523 -48.17 38.06 20.15
C PRO B 523 -49.65 38.40 20.35
N SER B 524 -50.53 37.50 19.91
CA SER B 524 -52.01 37.69 19.94
C SER B 524 -52.67 36.50 20.66
N LEU B 525 -51.89 35.45 21.01
CA LEU B 525 -52.40 34.19 21.61
C LEU B 525 -51.49 33.85 22.80
N ASP B 526 -52.00 33.09 23.77
CA ASP B 526 -51.17 32.62 24.91
C ASP B 526 -50.60 31.25 24.57
N GLU B 527 -49.99 30.58 25.58
CA GLU B 527 -49.37 29.24 25.45
C GLU B 527 -50.42 28.19 25.11
N ASN B 528 -51.71 28.44 25.36
CA ASN B 528 -52.82 27.51 25.03
C ASN B 528 -53.49 27.88 23.69
N MET B 529 -52.87 28.81 22.94
CA MET B 529 -53.34 29.32 21.63
C MET B 529 -54.69 30.03 21.80
N LYS B 530 -54.98 30.53 23.00
CA LYS B 530 -56.22 31.34 23.27
C LYS B 530 -55.90 32.81 23.04
N PRO B 531 -56.84 33.61 22.48
CA PRO B 531 -56.67 35.05 22.34
C PRO B 531 -56.18 35.69 23.64
N TYR B 532 -55.14 36.51 23.55
CA TYR B 532 -54.45 37.12 24.71
C TYR B 532 -53.45 38.14 24.18
N THR B 533 -53.39 39.29 24.85
CA THR B 533 -52.82 40.55 24.29
C THR B 533 -52.13 41.37 25.40
N LYS B 534 -51.48 40.74 26.37
CA LYS B 534 -50.84 41.46 27.51
C LYS B 534 -49.85 42.52 26.98
N LEU B 535 -48.90 42.16 26.12
CA LEU B 535 -47.84 43.12 25.68
C LEU B 535 -48.53 44.26 24.94
N ARG B 536 -49.46 43.91 24.07
CA ARG B 536 -50.29 44.90 23.31
C ARG B 536 -50.94 45.90 24.28
N ASP B 537 -51.70 45.42 25.26
CA ASP B 537 -52.44 46.26 26.23
C ASP B 537 -51.41 47.04 27.06
N PHE B 538 -50.31 46.42 27.49
CA PHE B 538 -49.34 47.12 28.39
C PHE B 538 -48.61 48.21 27.63
N LEU B 539 -48.17 47.91 26.42
CA LEU B 539 -47.35 48.88 25.64
C LEU B 539 -48.29 49.90 24.97
N GLY B 540 -49.58 49.60 24.92
CA GLY B 540 -50.57 50.46 24.22
C GLY B 540 -50.23 50.55 22.74
N ILE B 541 -49.94 49.39 22.13
CA ILE B 541 -49.51 49.26 20.71
C ILE B 541 -50.47 48.29 20.01
N GLU B 542 -51.12 48.76 18.94
CA GLU B 542 -51.88 47.85 18.06
C GLU B 542 -50.96 47.47 16.90
N VAL B 543 -51.05 46.22 16.44
CA VAL B 543 -50.23 45.69 15.32
C VAL B 543 -51.20 45.01 14.34
N GLU B 544 -51.16 45.44 13.10
CA GLU B 544 -52.05 44.94 12.01
C GLU B 544 -51.97 43.40 11.96
N LYS B 545 -53.10 42.75 11.69
CA LYS B 545 -53.14 41.31 11.34
C LYS B 545 -52.84 41.18 9.84
N ALA B 546 -51.81 40.41 9.51
CA ALA B 546 -51.31 40.18 8.14
C ALA B 546 -50.51 38.86 8.13
N LYS B 547 -50.81 38.04 7.13
CA LYS B 547 -50.38 36.64 7.00
C LYS B 547 -49.02 36.63 6.28
N ALA B 548 -47.95 36.26 6.99
CA ALA B 548 -46.65 36.02 6.35
C ALA B 548 -46.86 34.97 5.25
N ARG B 549 -46.08 35.12 4.19
CA ARG B 549 -46.10 34.25 2.98
C ARG B 549 -45.05 33.16 3.20
N ASP B 550 -45.29 31.98 2.64
CA ASP B 550 -44.36 30.83 2.64
C ASP B 550 -43.84 30.59 1.23
N ASN B 551 -44.66 30.81 0.19
CA ASN B 551 -44.27 30.53 -1.22
C ASN B 551 -43.15 31.52 -1.56
N MET B 552 -41.93 31.04 -1.80
CA MET B 552 -40.76 31.94 -2.06
C MET B 552 -41.12 32.97 -3.15
N ARG B 553 -41.93 32.60 -4.16
CA ARG B 553 -42.18 33.54 -5.31
C ARG B 553 -43.11 34.69 -4.86
N LEU B 554 -43.90 34.44 -3.83
CA LEU B 554 -44.99 35.29 -3.31
C LEU B 554 -44.54 36.08 -2.06
N ILE B 555 -43.28 35.93 -1.66
CA ILE B 555 -42.74 36.74 -0.54
C ILE B 555 -42.33 38.10 -1.11
N PRO B 556 -42.99 39.21 -0.71
CA PRO B 556 -42.65 40.53 -1.25
C PRO B 556 -41.31 41.06 -0.73
N TYR B 557 -40.76 42.01 -1.48
CA TYR B 557 -39.68 42.94 -1.10
C TYR B 557 -40.34 44.26 -0.75
N ILE B 558 -40.02 44.86 0.39
CA ILE B 558 -40.64 46.13 0.83
C ILE B 558 -39.51 47.02 1.28
N SER B 559 -39.62 48.33 0.97
CA SER B 559 -38.62 49.32 1.38
C SER B 559 -39.13 50.07 2.60
N VAL B 560 -38.32 50.09 3.66
CA VAL B 560 -38.65 50.77 4.94
C VAL B 560 -37.75 51.99 5.07
N ASP B 561 -38.35 53.11 5.51
CA ASP B 561 -37.68 54.39 5.80
C ASP B 561 -37.66 54.63 7.31
N ALA B 562 -36.63 55.34 7.73
CA ALA B 562 -36.45 55.81 9.11
C ALA B 562 -35.62 57.09 9.03
N GLU B 563 -35.49 57.78 10.15
CA GLU B 563 -34.64 58.98 10.24
C GLU B 563 -33.28 58.66 9.64
N GLU B 564 -32.93 59.33 8.55
CA GLU B 564 -31.64 59.27 7.81
C GLU B 564 -31.47 57.88 7.18
N ILE B 565 -32.58 57.19 6.87
CA ILE B 565 -32.52 55.83 6.29
C ILE B 565 -33.52 55.79 5.14
N ASP B 566 -32.98 55.80 3.93
CA ASP B 566 -33.77 55.83 2.67
C ASP B 566 -33.81 54.42 2.09
N ARG B 567 -34.93 53.69 2.30
CA ARG B 567 -35.35 52.46 1.56
C ARG B 567 -34.41 51.31 1.92
N MET B 568 -34.53 50.90 3.18
CA MET B 568 -33.90 49.68 3.78
C MET B 568 -34.78 48.51 3.35
N VAL B 569 -34.24 47.53 2.63
CA VAL B 569 -35.06 46.39 2.13
C VAL B 569 -35.36 45.40 3.26
N VAL B 570 -36.61 44.93 3.28
CA VAL B 570 -37.14 43.85 4.15
C VAL B 570 -37.94 42.88 3.27
N ARG B 571 -38.10 41.66 3.75
CA ARG B 571 -38.87 40.60 3.07
C ARG B 571 -40.12 40.27 3.89
N ASN B 572 -41.12 39.78 3.16
CA ASN B 572 -42.39 39.27 3.71
C ASN B 572 -43.17 40.46 4.30
N VAL B 573 -44.33 40.17 4.83
CA VAL B 573 -45.38 41.18 5.09
C VAL B 573 -44.86 42.12 6.17
N VAL B 574 -45.24 43.37 6.02
CA VAL B 574 -44.86 44.44 6.97
C VAL B 574 -46.18 44.88 7.56
N ARG B 575 -46.26 45.04 8.87
CA ARG B 575 -47.51 45.36 9.57
C ARG B 575 -47.49 46.85 9.96
N GLU B 576 -48.62 47.52 9.78
CA GLU B 576 -48.86 48.83 10.41
C GLU B 576 -48.75 48.65 11.93
N VAL B 577 -48.10 49.61 12.59
CA VAL B 577 -48.01 49.62 14.07
C VAL B 577 -48.54 50.96 14.56
N LYS B 578 -49.53 50.96 15.48
CA LYS B 578 -50.13 52.18 16.08
C LYS B 578 -49.80 52.29 17.57
N GLY B 579 -49.71 53.52 18.06
CA GLY B 579 -49.29 53.83 19.44
C GLY B 579 -47.86 54.30 19.44
N GLY B 580 -47.49 55.06 20.47
CA GLY B 580 -46.15 55.63 20.62
C GLY B 580 -45.70 56.46 19.43
N LYS B 581 -44.40 56.68 19.33
CA LYS B 581 -43.78 57.57 18.34
C LYS B 581 -43.30 56.76 17.15
N ALA B 582 -43.56 57.23 15.94
CA ALA B 582 -43.16 56.53 14.70
C ALA B 582 -41.63 56.56 14.60
N ILE B 583 -40.98 55.43 14.30
CA ILE B 583 -39.52 55.37 14.01
C ILE B 583 -39.23 54.72 12.64
N ALA B 584 -40.24 54.15 11.97
CA ALA B 584 -40.07 53.51 10.64
C ALA B 584 -41.39 53.52 9.91
N TRP B 585 -41.30 53.75 8.63
CA TRP B 585 -42.55 53.89 7.84
C TRP B 585 -42.26 53.29 6.47
N VAL B 586 -43.30 52.80 5.82
CA VAL B 586 -43.30 52.54 4.35
C VAL B 586 -44.23 53.59 3.78
N GLY B 587 -43.71 54.66 3.15
CA GLY B 587 -44.47 55.90 2.91
C GLY B 587 -45.11 56.39 4.18
N ASP B 588 -46.43 56.54 4.18
CA ASP B 588 -47.27 57.09 5.29
C ASP B 588 -47.65 56.07 6.36
N LYS B 589 -47.47 54.78 6.05
CA LYS B 589 -47.82 53.65 6.96
C LYS B 589 -46.68 53.55 7.96
N VAL B 590 -47.00 53.70 9.25
CA VAL B 590 -46.01 53.60 10.36
C VAL B 590 -45.84 52.09 10.53
N VAL B 591 -44.60 51.58 10.50
CA VAL B 591 -44.36 50.10 10.63
C VAL B 591 -43.34 49.84 11.74
N GLY B 592 -42.97 50.85 12.51
CA GLY B 592 -42.17 50.67 13.75
C GLY B 592 -42.35 51.88 14.62
N VAL B 593 -42.54 51.66 15.91
CA VAL B 593 -42.73 52.71 16.94
C VAL B 593 -41.82 52.43 18.15
N MET B 594 -41.68 53.44 19.00
CA MET B 594 -41.08 53.37 20.33
C MET B 594 -42.04 53.98 21.37
N VAL B 595 -42.19 53.32 22.51
CA VAL B 595 -43.07 53.73 23.65
C VAL B 595 -42.25 53.72 24.93
N ARG B 596 -42.60 54.61 25.86
CA ARG B 596 -42.05 54.56 27.23
C ARG B 596 -43.13 54.10 28.18
N LYS B 597 -42.77 53.26 29.15
CA LYS B 597 -43.63 52.86 30.28
C LYS B 597 -42.76 52.73 31.53
N GLY B 598 -43.30 53.18 32.65
CA GLY B 598 -42.48 53.46 33.85
C GLY B 598 -41.11 53.94 33.42
N LYS B 599 -40.06 53.25 33.85
CA LYS B 599 -38.67 53.75 33.70
C LYS B 599 -38.10 53.27 32.36
N GLY B 600 -38.80 52.39 31.64
CA GLY B 600 -38.24 51.65 30.47
C GLY B 600 -38.93 51.98 29.15
N SER B 601 -38.63 51.22 28.11
CA SER B 601 -39.04 51.50 26.71
C SER B 601 -39.17 50.18 25.96
N ALA B 602 -39.96 50.19 24.89
CA ALA B 602 -40.07 49.10 23.90
C ALA B 602 -40.11 49.71 22.48
N VAL B 603 -39.29 49.17 21.60
CA VAL B 603 -39.41 49.36 20.12
C VAL B 603 -40.15 48.17 19.55
N VAL B 604 -41.16 48.43 18.72
CA VAL B 604 -41.92 47.33 18.06
C VAL B 604 -41.81 47.55 16.57
N LEU B 605 -41.25 46.56 15.90
CA LEU B 605 -41.14 46.63 14.43
C LEU B 605 -42.16 45.66 13.87
N GLY B 606 -42.95 46.09 12.87
CA GLY B 606 -43.89 45.25 12.12
C GLY B 606 -43.22 44.61 10.91
N PHE B 607 -41.89 44.41 10.96
CA PHE B 607 -41.15 43.79 9.85
C PHE B 607 -40.03 42.90 10.43
N ARG B 608 -39.52 42.01 9.59
CA ARG B 608 -38.39 41.16 10.02
C ARG B 608 -37.09 41.81 9.56
N LEU B 609 -36.39 42.46 10.49
CA LEU B 609 -35.07 43.10 10.22
C LEU B 609 -34.06 41.99 10.00
N GLN B 610 -33.34 42.03 8.88
CA GLN B 610 -32.38 40.95 8.48
C GLN B 610 -31.02 41.59 8.14
N TYR B 611 -29.98 40.76 8.11
CA TYR B 611 -28.59 41.10 7.73
C TYR B 611 -28.47 41.04 6.21
N TYR B 612 -28.49 42.23 5.59
CA TYR B 612 -27.98 42.48 4.22
C TYR B 612 -26.73 43.38 4.30
N SER B 613 -25.82 43.11 3.37
CA SER B 613 -24.55 43.82 3.17
C SER B 613 -24.65 44.69 1.90
N SER B 614 -24.21 45.94 1.98
CA SER B 614 -24.22 46.87 0.83
C SER B 614 -23.34 48.08 1.11
N TYR B 615 -22.98 48.85 0.09
CA TYR B 615 -22.35 50.16 0.29
C TYR B 615 -23.19 50.99 1.27
N HIS B 616 -24.48 51.10 0.97
CA HIS B 616 -25.44 51.94 1.72
C HIS B 616 -25.57 51.47 3.17
N ASP B 617 -25.58 50.15 3.36
CA ASP B 617 -25.34 49.54 4.70
C ASP B 617 -26.48 49.95 5.65
N LEU B 618 -27.72 50.01 5.17
CA LEU B 618 -28.83 50.62 5.96
C LEU B 618 -29.21 49.68 7.11
N HIS B 619 -29.06 48.38 6.91
CA HIS B 619 -29.50 47.39 7.94
C HIS B 619 -28.68 47.65 9.21
N ARG B 620 -27.38 47.80 9.07
CA ARG B 620 -26.50 48.02 10.26
C ARG B 620 -26.78 49.41 10.83
N LYS B 621 -26.98 50.39 9.96
CA LYS B 621 -27.32 51.77 10.42
C LYS B 621 -28.63 51.73 11.20
N PHE B 622 -29.59 50.89 10.80
CA PHE B 622 -30.90 50.86 11.51
C PHE B 622 -30.69 50.24 12.89
N VAL B 623 -29.81 49.24 13.01
CA VAL B 623 -29.42 48.71 14.35
C VAL B 623 -28.83 49.86 15.19
N ASP B 624 -27.91 50.64 14.66
CA ASP B 624 -27.34 51.78 15.44
C ASP B 624 -28.48 52.69 15.93
N LYS B 625 -29.49 52.92 15.08
CA LYS B 625 -30.58 53.85 15.42
C LYS B 625 -31.36 53.27 16.60
N ILE B 626 -31.61 51.97 16.62
CA ILE B 626 -32.39 51.37 17.75
C ILE B 626 -31.56 51.44 19.06
N LEU B 627 -30.27 51.15 19.00
CA LEU B 627 -29.39 51.37 20.17
C LEU B 627 -29.45 52.85 20.61
N GLN B 628 -29.26 53.81 19.69
CA GLN B 628 -29.23 55.27 20.00
C GLN B 628 -30.56 55.64 20.68
N LEU B 629 -31.69 55.20 20.13
CA LEU B 629 -33.04 55.58 20.65
C LEU B 629 -33.22 55.07 22.09
N GLN B 630 -32.70 53.88 22.43
CA GLN B 630 -32.92 53.27 23.75
C GLN B 630 -31.73 53.57 24.69
N GLY B 631 -30.77 54.38 24.23
CA GLY B 631 -29.66 54.87 25.07
C GLY B 631 -28.62 53.79 25.30
N ILE B 632 -28.51 52.83 24.39
CA ILE B 632 -27.55 51.71 24.52
C ILE B 632 -26.24 52.12 23.86
N GLU B 633 -25.16 52.21 24.63
CA GLU B 633 -23.84 52.57 24.07
C GLU B 633 -22.94 51.36 24.16
N ARG B 634 -22.16 51.11 23.10
CA ARG B 634 -21.16 50.03 23.07
C ARG B 634 -20.00 50.46 23.99
N ASP B 635 -19.21 49.51 24.50
CA ASP B 635 -18.07 49.81 25.42
C ASP B 635 -16.84 50.20 24.59
N PHE B 636 -17.00 50.34 23.28
CA PHE B 636 -15.87 50.53 22.34
C PHE B 636 -16.36 51.33 21.15
N GLU B 637 -15.40 51.99 20.50
CA GLU B 637 -15.59 52.72 19.22
C GLU B 637 -14.60 52.15 18.21
N VAL B 638 -15.03 52.10 16.95
CA VAL B 638 -14.18 51.69 15.80
C VAL B 638 -14.39 52.71 14.70
N SER B 639 -13.33 53.11 14.02
CA SER B 639 -13.39 54.08 12.89
C SER B 639 -13.87 53.33 11.67
N ASN B 640 -13.70 52.02 11.68
CA ASN B 640 -14.14 51.12 10.60
C ASN B 640 -15.07 50.09 11.24
N ARG B 641 -16.35 50.12 10.92
CA ARG B 641 -17.40 49.27 11.52
C ARG B 641 -17.20 47.82 11.03
N ASP B 642 -16.31 47.58 10.06
CA ASP B 642 -16.00 46.20 9.61
C ASP B 642 -15.01 45.50 10.57
N ILE B 643 -14.40 46.24 11.49
CA ILE B 643 -13.59 45.62 12.58
C ILE B 643 -14.59 45.11 13.62
N ILE B 644 -14.68 43.80 13.84
CA ILE B 644 -15.60 43.28 14.89
C ILE B 644 -14.78 43.27 16.19
N VAL B 645 -15.34 43.82 17.27
CA VAL B 645 -14.65 43.87 18.58
C VAL B 645 -15.52 43.13 19.57
N ILE B 646 -14.95 42.13 20.26
CA ILE B 646 -15.67 41.52 21.39
C ILE B 646 -14.89 41.83 22.65
N PRO B 647 -15.41 42.76 23.47
CA PRO B 647 -14.72 43.16 24.70
C PRO B 647 -14.76 42.08 25.79
N ARG B 648 -13.60 41.86 26.42
CA ARG B 648 -13.48 40.92 27.57
C ARG B 648 -12.58 41.57 28.63
N GLY B 649 -12.87 42.81 28.98
CA GLY B 649 -12.21 43.52 30.09
C GLY B 649 -10.78 43.87 29.71
N ASN B 650 -9.82 43.06 30.17
CA ASN B 650 -8.38 43.35 29.98
C ASN B 650 -7.92 42.77 28.63
N TYR B 651 -8.83 42.21 27.83
CA TYR B 651 -8.56 41.85 26.42
C TYR B 651 -9.74 42.27 25.56
N LEU B 652 -9.38 42.62 24.34
CA LEU B 652 -10.26 42.94 23.22
C LEU B 652 -10.00 41.88 22.18
N VAL B 653 -11.04 41.17 21.78
CA VAL B 653 -10.96 40.25 20.63
C VAL B 653 -11.29 41.06 19.38
N VAL B 654 -10.33 41.12 18.48
CA VAL B 654 -10.46 41.90 17.23
C VAL B 654 -10.55 40.94 16.04
N VAL B 655 -11.61 41.06 15.24
CA VAL B 655 -11.96 40.02 14.25
C VAL B 655 -12.14 40.66 12.87
N ASN B 656 -11.46 40.12 11.85
CA ASN B 656 -11.86 40.40 10.43
C ASN B 656 -12.47 39.13 9.87
N PRO B 657 -13.82 39.11 9.67
CA PRO B 657 -14.52 37.92 9.20
C PRO B 657 -14.39 37.71 7.69
N ARG B 658 -13.78 38.66 6.97
CA ARG B 658 -13.64 38.54 5.51
C ARG B 658 -12.17 38.43 5.13
N ASP B 659 -11.92 37.78 4.00
CA ASP B 659 -10.62 37.87 3.29
C ASP B 659 -10.67 39.11 2.38
N ASP B 660 -10.43 40.25 3.02
CA ASP B 660 -10.53 41.63 2.47
C ASP B 660 -9.85 42.51 3.52
N LYS B 661 -8.81 43.25 3.14
CA LYS B 661 -7.97 44.06 4.06
C LYS B 661 -8.86 45.08 4.80
N VAL B 662 -8.73 45.16 6.11
CA VAL B 662 -9.51 46.12 6.93
C VAL B 662 -8.51 46.91 7.78
N THR B 663 -8.78 48.19 7.88
CA THR B 663 -7.89 49.22 8.47
C THR B 663 -8.75 50.15 9.33
N GLY B 664 -8.30 50.51 10.54
CA GLY B 664 -8.97 51.61 11.27
C GLY B 664 -8.54 51.73 12.71
N LYS B 665 -9.12 52.70 13.41
CA LYS B 665 -8.83 53.04 14.81
C LYS B 665 -9.80 52.30 15.72
N VAL B 666 -9.31 51.86 16.87
CA VAL B 666 -10.13 51.24 17.96
C VAL B 666 -9.93 52.12 19.19
N ARG B 667 -11.01 52.52 19.88
CA ARG B 667 -10.92 53.15 21.22
C ARG B 667 -11.63 52.25 22.24
N TYR B 668 -10.97 52.04 23.39
CA TYR B 668 -11.49 51.16 24.46
C TYR B 668 -10.77 51.52 25.75
N ARG B 669 -11.54 51.73 26.81
CA ARG B 669 -10.99 51.99 28.17
C ARG B 669 -9.78 52.93 28.10
N GLY B 670 -9.99 54.12 27.55
CA GLY B 670 -9.06 55.25 27.67
C GLY B 670 -7.96 55.20 26.64
N VAL B 671 -7.82 54.08 25.92
CA VAL B 671 -6.70 53.92 24.95
C VAL B 671 -7.32 53.84 23.55
N GLU B 672 -6.56 54.32 22.56
CA GLU B 672 -6.93 54.34 21.12
C GLU B 672 -5.71 53.81 20.37
N PHE B 673 -5.90 52.89 19.42
CA PHE B 673 -4.80 52.48 18.52
C PHE B 673 -5.35 52.17 17.14
N ASN B 674 -4.43 52.02 16.20
CA ASN B 674 -4.73 51.64 14.80
C ASN B 674 -4.61 50.14 14.67
N VAL B 675 -5.50 49.50 13.93
CA VAL B 675 -5.31 48.07 13.55
C VAL B 675 -5.37 47.92 12.02
N GLU B 676 -4.63 46.93 11.54
CA GLU B 676 -4.51 46.60 10.12
C GLU B 676 -4.74 45.10 10.01
N LEU B 677 -5.90 44.66 9.54
CA LEU B 677 -6.17 43.21 9.43
C LEU B 677 -6.22 42.85 7.95
N ASN B 678 -5.09 42.38 7.40
CA ASN B 678 -4.91 42.26 5.91
C ASN B 678 -5.66 41.03 5.40
N LYS B 679 -6.18 40.17 6.28
CA LYS B 679 -6.98 39.03 5.79
C LYS B 679 -7.93 38.55 6.89
N ARG B 680 -8.57 37.40 6.68
CA ARG B 680 -9.53 36.88 7.65
C ARG B 680 -8.71 36.37 8.83
N GLY B 681 -9.12 36.73 10.05
CA GLY B 681 -8.51 36.17 11.28
C GLY B 681 -8.86 36.94 12.53
N VAL B 682 -8.21 36.60 13.64
CA VAL B 682 -8.63 37.01 15.00
C VAL B 682 -7.36 37.37 15.77
N LEU B 683 -7.40 38.45 16.53
CA LEU B 683 -6.34 38.81 17.51
C LEU B 683 -6.95 38.90 18.90
N TYR B 684 -6.13 38.59 19.91
CA TYR B 684 -6.45 38.75 21.35
C TYR B 684 -5.56 39.89 21.87
N ILE B 685 -6.10 41.11 21.94
CA ILE B 685 -5.34 42.35 22.25
C ILE B 685 -5.42 42.64 23.74
N PRO B 686 -4.27 42.59 24.46
CA PRO B 686 -4.22 42.93 25.88
C PRO B 686 -4.42 44.44 26.05
N ILE B 687 -5.13 44.77 27.11
CA ILE B 687 -5.47 46.17 27.49
C ILE B 687 -5.10 46.34 28.96
N ASN B 688 -4.21 47.27 29.26
CA ASN B 688 -3.89 47.73 30.65
C ASN B 688 -3.65 46.47 31.50
N VAL B 689 -2.75 45.58 31.05
CA VAL B 689 -2.46 44.26 31.71
C VAL B 689 -0.94 44.10 31.94
N GLU B 690 -0.57 43.65 33.14
CA GLU B 690 0.79 43.19 33.54
C GLU B 690 1.02 41.80 32.90
N ILE B 691 2.04 41.62 32.06
CA ILE B 691 2.40 40.29 31.46
C ILE B 691 3.88 40.01 31.76
N ASN B 692 4.12 39.09 32.70
CA ASN B 692 5.50 38.66 33.06
C ASN B 692 6.23 39.91 33.59
N GLY B 693 5.61 40.63 34.54
CA GLY B 693 6.16 41.88 35.10
C GLY B 693 5.89 43.12 34.24
N ILE B 694 5.81 43.00 32.91
CA ILE B 694 5.76 44.16 31.98
C ILE B 694 4.32 44.70 31.89
N LYS B 695 4.14 46.02 32.08
CA LYS B 695 2.80 46.67 32.08
C LYS B 695 2.47 47.11 30.65
N VAL B 696 1.54 46.41 30.00
CA VAL B 696 1.12 46.68 28.60
C VAL B 696 -0.15 47.54 28.64
N LEU B 697 -0.10 48.76 28.13
CA LEU B 697 -1.34 49.57 28.02
C LEU B 697 -2.17 48.99 26.87
N TYR B 698 -1.50 48.69 25.76
CA TYR B 698 -2.10 47.88 24.65
C TYR B 698 -0.98 47.36 23.75
N ALA B 699 -1.28 46.24 23.09
CA ALA B 699 -0.47 45.61 22.04
C ALA B 699 -1.40 45.09 20.93
N THR B 700 -1.10 45.46 19.70
CA THR B 700 -1.94 45.26 18.49
C THR B 700 -1.60 43.85 17.95
N ALA B 701 -1.45 42.91 18.87
CA ALA B 701 -0.98 41.53 18.56
C ALA B 701 -1.23 40.62 19.77
N THR B 702 -1.34 39.32 19.50
CA THR B 702 -1.65 38.28 20.52
C THR B 702 -0.38 37.90 21.26
N PRO B 703 -0.33 38.12 22.60
CA PRO B 703 0.79 37.64 23.41
C PRO B 703 0.75 36.12 23.58
N VAL B 704 1.82 35.44 23.17
CA VAL B 704 1.76 34.00 22.78
C VAL B 704 2.89 33.23 23.48
N GLY B 705 3.70 33.91 24.29
CA GLY B 705 4.71 33.26 25.13
C GLY B 705 5.18 34.18 26.22
N ARG B 706 5.64 33.58 27.32
CA ARG B 706 6.08 34.24 28.57
C ARG B 706 7.59 34.01 28.75
N GLY B 707 8.31 35.02 29.20
CA GLY B 707 9.71 34.90 29.63
C GLY B 707 10.02 35.90 30.73
N GLU B 708 11.25 35.92 31.26
CA GLU B 708 11.63 36.63 32.50
C GLU B 708 11.19 38.11 32.44
N GLY B 709 11.68 38.84 31.43
CA GLY B 709 11.28 40.23 31.15
C GLY B 709 10.99 40.41 29.68
N THR B 710 10.36 39.39 29.08
CA THR B 710 10.14 39.27 27.61
C THR B 710 8.67 38.91 27.28
N ILE B 711 8.18 39.43 26.16
CA ILE B 711 6.86 38.99 25.60
C ILE B 711 7.07 38.59 24.15
N ARG B 712 6.64 37.38 23.78
CA ARG B 712 6.51 36.98 22.35
C ARG B 712 5.10 37.30 21.88
N PHE B 713 5.01 38.03 20.76
CA PHE B 713 3.77 38.51 20.10
C PHE B 713 3.56 37.81 18.75
N ARG B 714 2.29 37.60 18.38
CA ARG B 714 1.92 37.07 17.05
C ARG B 714 0.94 38.05 16.38
N ASN B 715 1.32 38.53 15.21
CA ASN B 715 0.39 39.32 14.37
C ASN B 715 0.62 38.80 12.96
N HIS B 716 -0.15 37.78 12.63
CA HIS B 716 -0.17 37.11 11.30
C HIS B 716 -1.01 37.94 10.32
N LEU B 717 -1.59 39.07 10.77
CA LEU B 717 -2.56 39.82 9.94
C LEU B 717 -1.98 41.16 9.46
N ALA B 718 -0.69 41.40 9.69
CA ALA B 718 -0.02 42.68 9.34
C ALA B 718 1.49 42.48 9.56
N ASN B 719 2.30 43.41 9.08
CA ASN B 719 3.77 43.41 9.25
C ASN B 719 4.12 44.60 10.13
N VAL B 720 3.11 45.15 10.77
CA VAL B 720 3.27 46.31 11.67
C VAL B 720 2.38 46.04 12.90
N THR B 721 2.92 46.29 14.10
CA THR B 721 2.24 46.14 15.42
C THR B 721 2.52 47.40 16.26
N GLU B 722 1.51 47.95 16.97
CA GLU B 722 1.71 49.03 17.97
C GLU B 722 1.69 48.41 19.37
N ILE B 723 2.74 48.65 20.16
CA ILE B 723 2.82 48.30 21.60
C ILE B 723 2.90 49.62 22.35
N ALA B 724 2.13 49.76 23.41
CA ALA B 724 2.25 50.86 24.39
C ALA B 724 2.46 50.24 25.78
N ILE B 725 3.57 50.56 26.43
CA ILE B 725 3.91 50.08 27.81
C ILE B 725 4.31 51.29 28.64
N ASN B 726 4.08 51.25 29.95
CA ASN B 726 4.79 52.18 30.90
C ASN B 726 6.08 51.46 31.30
N GLY B 727 7.20 51.90 30.70
CA GLY B 727 8.48 51.17 30.62
C GLY B 727 9.13 51.39 29.26
N LYS B 728 10.28 50.75 29.02
CA LYS B 728 11.08 50.88 27.77
C LYS B 728 11.40 49.50 27.21
N ILE B 729 11.20 49.31 25.90
CA ILE B 729 11.72 48.13 25.14
C ILE B 729 13.23 48.30 25.05
N LYS B 730 14.01 47.41 25.67
CA LYS B 730 15.50 47.47 25.54
C LYS B 730 15.96 46.58 24.37
N GLU B 731 15.09 45.71 23.80
CA GLU B 731 15.46 44.90 22.60
C GLU B 731 14.27 44.19 21.94
N VAL B 732 14.29 44.18 20.61
CA VAL B 732 13.27 43.52 19.74
C VAL B 732 13.98 42.45 18.92
N SER B 733 13.48 41.23 18.97
CA SER B 733 13.97 40.11 18.15
C SER B 733 12.86 39.73 17.17
N GLY B 734 13.19 39.57 15.88
CA GLY B 734 12.22 39.32 14.79
C GLY B 734 11.61 40.60 14.26
N GLY B 735 12.12 41.76 14.69
CA GLY B 735 11.61 43.07 14.25
C GLY B 735 12.44 44.25 14.74
N TYR B 736 12.06 45.45 14.36
CA TYR B 736 12.72 46.69 14.83
C TYR B 736 11.68 47.78 15.04
N ILE B 737 11.96 48.70 15.97
CA ILE B 737 11.14 49.91 16.21
C ILE B 737 11.21 50.79 14.95
N LEU B 738 10.09 51.01 14.28
CA LEU B 738 9.97 51.92 13.11
C LEU B 738 9.74 53.35 13.64
N GLN B 739 9.26 53.48 14.88
CA GLN B 739 8.61 54.70 15.42
C GLN B 739 8.35 54.57 16.93
N GLU B 740 8.58 55.64 17.71
CA GLU B 740 8.23 55.68 19.15
C GLU B 740 8.07 57.12 19.62
N LYS B 741 7.28 57.34 20.68
CA LYS B 741 7.23 58.63 21.41
C LYS B 741 6.96 58.33 22.89
N SER B 742 7.80 58.86 23.79
CA SER B 742 7.56 58.80 25.25
C SER B 742 6.48 59.84 25.59
N SER B 743 5.70 59.57 26.63
CA SER B 743 4.75 60.51 27.25
C SER B 743 4.75 60.24 28.76
N GLY B 744 5.66 60.89 29.49
CA GLY B 744 6.03 60.52 30.87
C GLY B 744 6.51 59.08 30.93
N GLU B 745 5.73 58.20 31.56
CA GLU B 745 6.09 56.78 31.76
C GLU B 745 5.83 55.98 30.47
N LYS B 746 4.70 56.27 29.78
CA LYS B 746 4.26 55.64 28.50
C LYS B 746 5.36 55.73 27.43
N ASN B 747 5.73 54.59 26.83
CA ASN B 747 6.43 54.53 25.53
C ASN B 747 5.51 53.87 24.48
N ILE B 748 5.07 54.64 23.49
CA ILE B 748 4.18 54.16 22.38
C ILE B 748 5.08 53.85 21.16
N TYR B 749 5.16 52.57 20.78
CA TYR B 749 6.05 52.04 19.70
C TYR B 749 5.23 51.50 18.54
N VAL B 750 5.79 51.60 17.34
CA VAL B 750 5.37 50.85 16.13
C VAL B 750 6.54 49.94 15.73
N ILE B 751 6.29 48.65 15.73
CA ILE B 751 7.31 47.62 15.38
C ILE B 751 6.96 47.10 13.99
N LYS B 752 7.98 46.97 13.13
CA LYS B 752 7.87 46.34 11.79
C LYS B 752 8.55 44.98 11.88
N HIS B 753 7.80 43.92 11.58
CA HIS B 753 8.23 42.51 11.72
C HIS B 753 8.02 41.80 10.38
N GLU B 754 9.05 41.11 9.91
CA GLU B 754 9.05 40.49 8.57
C GLU B 754 8.12 39.27 8.61
N SER B 755 8.11 38.52 9.71
CA SER B 755 7.25 37.32 9.89
C SER B 755 6.13 37.64 10.90
N GLU B 756 5.39 36.60 11.29
CA GLU B 756 4.16 36.72 12.12
C GLU B 756 4.52 37.03 13.56
N THR B 757 5.77 36.75 13.96
CA THR B 757 6.21 36.59 15.36
C THR B 757 7.37 37.53 15.68
N PHE B 758 7.40 38.04 16.90
CA PHE B 758 8.53 38.85 17.41
C PHE B 758 8.49 38.82 18.93
N GLU B 759 9.64 39.00 19.57
CA GLU B 759 9.81 39.08 21.05
C GLU B 759 10.25 40.51 21.41
N ILE B 760 9.74 41.08 22.50
CA ILE B 760 10.35 42.29 23.10
C ILE B 760 10.93 41.87 24.45
N ARG B 761 11.93 42.64 24.91
CA ARG B 761 12.55 42.58 26.27
C ARG B 761 12.42 43.94 26.97
N VAL B 762 11.86 43.94 28.18
CA VAL B 762 11.85 45.10 29.11
C VAL B 762 12.63 44.67 30.36
N ARG C 1 52.04 -3.42 16.10
CA ARG C 1 51.80 -2.25 15.17
C ARG C 1 51.53 -2.74 13.74
N ILE C 2 51.33 -4.06 13.53
CA ILE C 2 51.22 -4.73 12.18
C ILE C 2 49.97 -5.61 12.13
N VAL C 3 49.30 -5.71 10.98
CA VAL C 3 48.21 -6.72 10.76
C VAL C 3 48.83 -8.00 10.13
N VAL C 4 48.47 -9.17 10.66
CA VAL C 4 48.85 -10.47 10.05
C VAL C 4 47.94 -10.72 8.85
N TYR C 5 48.52 -10.81 7.68
CA TYR C 5 47.77 -11.08 6.42
C TYR C 5 48.59 -12.14 5.73
N GLY C 6 48.16 -13.40 5.83
CA GLY C 6 49.03 -14.53 5.45
C GLY C 6 48.44 -15.49 4.45
N GLY C 7 49.27 -16.40 3.94
CA GLY C 7 48.78 -17.57 3.23
C GLY C 7 49.57 -18.81 3.67
N THR C 8 48.92 -19.95 3.60
CA THR C 8 49.54 -21.28 3.79
C THR C 8 50.31 -21.68 2.54
N LEU C 9 51.60 -21.91 2.72
CA LEU C 9 52.47 -22.59 1.74
C LEU C 9 53.13 -23.77 2.50
N GLN C 10 52.56 -24.95 2.35
CA GLN C 10 53.07 -26.20 2.99
C GLN C 10 54.27 -26.66 2.18
N TYR C 11 55.45 -26.24 2.65
CA TYR C 11 56.76 -26.45 1.99
C TYR C 11 56.88 -27.93 1.62
N PHE C 12 56.41 -28.84 2.49
CA PHE C 12 56.55 -30.30 2.31
C PHE C 12 55.68 -30.84 1.17
N ARG C 13 54.83 -30.00 0.51
CA ARG C 13 53.93 -30.49 -0.58
C ARG C 13 54.10 -29.64 -1.86
N VAL C 14 55.16 -28.90 -1.93
CA VAL C 14 55.51 -27.96 -3.04
C VAL C 14 56.96 -28.21 -3.39
N PRO C 15 57.27 -28.30 -4.70
CA PRO C 15 58.66 -28.54 -5.13
C PRO C 15 59.63 -27.52 -4.53
N ARG C 16 60.74 -27.99 -3.96
CA ARG C 16 61.73 -27.10 -3.30
C ARG C 16 62.23 -26.00 -4.27
N ASN C 17 62.39 -26.31 -5.55
CA ASN C 17 62.99 -25.40 -6.55
C ASN C 17 61.97 -24.26 -6.84
N SER C 18 60.75 -24.41 -6.33
CA SER C 18 59.62 -23.46 -6.52
C SER C 18 59.43 -22.61 -5.26
N TRP C 19 59.91 -23.05 -4.09
CA TRP C 19 59.61 -22.27 -2.87
C TRP C 19 59.87 -20.77 -3.09
N GLU C 20 61.04 -20.39 -3.64
CA GLU C 20 61.39 -18.95 -3.73
C GLU C 20 60.34 -18.21 -4.61
N ARG C 21 60.07 -18.71 -5.82
CA ARG C 21 59.14 -18.06 -6.78
C ARG C 21 57.73 -17.95 -6.18
N MET C 22 57.24 -19.01 -5.51
CA MET C 22 55.92 -19.01 -4.87
C MET C 22 55.90 -17.99 -3.71
N LEU C 23 56.95 -17.93 -2.86
CA LEU C 23 56.92 -16.92 -1.78
C LEU C 23 56.92 -15.51 -2.41
N LYS C 24 57.65 -15.28 -3.51
CA LYS C 24 57.75 -13.92 -4.12
C LYS C 24 56.36 -13.54 -4.61
N LYS C 25 55.64 -14.51 -5.16
CA LYS C 25 54.27 -14.31 -5.71
C LYS C 25 53.34 -13.95 -4.53
N MET C 26 53.45 -14.68 -3.41
CA MET C 26 52.64 -14.35 -2.23
C MET C 26 52.95 -12.90 -1.77
N LYS C 27 54.23 -12.48 -1.76
CA LYS C 27 54.64 -11.12 -1.36
C LYS C 27 53.96 -10.12 -2.30
N SER C 28 53.89 -10.43 -3.60
CA SER C 28 53.32 -9.53 -4.63
C SER C 28 51.82 -9.33 -4.38
N HIS C 29 51.12 -10.25 -3.73
CA HIS C 29 49.68 -10.15 -3.34
C HIS C 29 49.45 -9.39 -2.03
N GLY C 30 50.51 -8.97 -1.35
CA GLY C 30 50.43 -8.20 -0.10
C GLY C 30 50.49 -9.13 1.14
N LEU C 31 50.83 -10.39 0.98
CA LEU C 31 50.92 -11.26 2.19
C LEU C 31 52.22 -10.93 2.95
N ASN C 32 52.19 -10.92 4.31
CA ASN C 32 53.35 -10.60 5.17
C ASN C 32 53.73 -11.83 6.02
N THR C 33 52.93 -12.89 5.93
CA THR C 33 53.05 -14.09 6.81
C THR C 33 52.86 -15.36 5.99
N ILE C 34 53.62 -16.41 6.33
CA ILE C 34 53.46 -17.78 5.78
C ILE C 34 52.98 -18.66 6.94
N ASP C 35 51.92 -19.42 6.72
CA ASP C 35 51.47 -20.52 7.61
C ASP C 35 52.04 -21.82 7.07
N THR C 36 52.53 -22.73 7.95
CA THR C 36 52.70 -24.12 7.49
C THR C 36 52.71 -25.03 8.70
N TYR C 37 52.21 -26.21 8.44
CA TYR C 37 52.36 -27.35 9.35
C TYR C 37 53.82 -27.80 9.24
N ILE C 38 54.25 -28.42 10.33
CA ILE C 38 55.40 -29.36 10.23
C ILE C 38 54.80 -30.73 10.57
N ALA C 39 54.91 -31.68 9.66
CA ALA C 39 54.34 -33.05 9.76
C ALA C 39 55.39 -34.03 10.37
N TRP C 40 55.06 -34.52 11.55
CA TRP C 40 55.82 -35.59 12.30
C TRP C 40 56.13 -36.73 11.34
N ASN C 41 55.12 -37.26 10.64
CA ASN C 41 55.32 -38.52 9.89
C ASN C 41 56.17 -38.20 8.64
N TRP C 42 56.27 -36.93 8.26
CA TRP C 42 57.14 -36.55 7.13
C TRP C 42 58.61 -36.44 7.56
N HIS C 43 58.86 -35.95 8.76
CA HIS C 43 60.21 -35.59 9.22
C HIS C 43 60.86 -36.73 10.06
N GLU C 44 60.05 -37.66 10.56
CA GLU C 44 60.53 -38.92 11.21
C GLU C 44 59.96 -40.07 10.39
N PRO C 45 60.35 -40.20 9.10
CA PRO C 45 59.67 -41.15 8.22
C PRO C 45 59.88 -42.62 8.63
N GLN C 46 60.98 -42.87 9.37
CA GLN C 46 61.18 -44.17 10.06
C GLN C 46 61.55 -43.88 11.51
N GLU C 47 61.13 -44.74 12.42
CA GLU C 47 61.34 -44.47 13.86
C GLU C 47 62.83 -44.15 14.16
N GLY C 48 63.13 -43.03 14.80
CA GLY C 48 64.52 -42.61 15.12
C GLY C 48 65.32 -42.03 13.96
N LEU C 49 64.75 -41.95 12.73
CA LEU C 49 65.39 -41.29 11.56
C LEU C 49 64.68 -39.94 11.37
N PHE C 50 65.35 -38.88 11.77
CA PHE C 50 64.87 -37.49 11.64
C PHE C 50 65.59 -36.80 10.48
N ASP C 51 64.85 -36.05 9.67
CA ASP C 51 65.44 -35.31 8.53
C ASP C 51 64.67 -33.97 8.43
N PHE C 52 65.30 -32.89 8.85
CA PHE C 52 64.73 -31.51 8.77
C PHE C 52 65.48 -30.66 7.73
N THR C 53 66.42 -31.24 6.98
CA THR C 53 67.40 -30.48 6.14
C THR C 53 67.37 -31.00 4.70
N GLY C 54 66.44 -31.87 4.35
CA GLY C 54 66.35 -32.41 2.99
C GLY C 54 67.43 -33.45 2.67
N GLU C 55 67.97 -34.15 3.68
CA GLU C 55 68.99 -35.21 3.39
C GLU C 55 68.36 -36.33 2.57
N THR C 56 67.13 -36.74 2.88
CA THR C 56 66.52 -37.94 2.29
C THR C 56 65.48 -37.55 1.21
N HIS C 57 64.93 -36.35 1.29
CA HIS C 57 63.95 -35.83 0.28
C HIS C 57 64.07 -34.31 0.26
N PRO C 58 64.08 -33.63 -0.92
CA PRO C 58 64.22 -32.17 -0.91
C PRO C 58 63.18 -31.47 -0.03
N GLN C 59 61.94 -31.99 0.00
CA GLN C 59 60.80 -31.29 0.65
C GLN C 59 60.85 -31.56 2.15
N ARG C 60 61.87 -32.34 2.65
CA ARG C 60 62.13 -32.41 4.12
C ARG C 60 63.04 -31.26 4.59
N ASP C 61 63.31 -30.29 3.71
CA ASP C 61 64.23 -29.16 4.02
C ASP C 61 63.44 -28.04 4.69
N LEU C 62 62.92 -28.30 5.89
CA LEU C 62 62.26 -27.31 6.76
C LEU C 62 63.24 -26.16 7.07
N VAL C 63 64.49 -26.47 7.40
CA VAL C 63 65.49 -25.42 7.75
C VAL C 63 65.65 -24.48 6.55
N GLY C 64 65.77 -25.05 5.37
CA GLY C 64 65.96 -24.25 4.14
C GLY C 64 64.75 -23.36 3.93
N PHE C 65 63.56 -23.89 4.23
CA PHE C 65 62.29 -23.13 4.02
C PHE C 65 62.22 -21.97 5.01
N LEU C 66 62.59 -22.22 6.27
CA LEU C 66 62.58 -21.11 7.22
C LEU C 66 63.66 -20.09 6.83
N ASP C 67 64.84 -20.51 6.35
CA ASP C 67 65.90 -19.55 5.90
C ASP C 67 65.34 -18.65 4.78
N LEU C 68 64.63 -19.29 3.87
CA LEU C 68 64.08 -18.62 2.67
C LEU C 68 63.00 -17.61 3.12
N ALA C 69 62.06 -18.03 3.97
CA ALA C 69 60.98 -17.13 4.44
C ALA C 69 61.58 -15.91 5.15
N GLN C 70 62.61 -16.13 5.99
CA GLN C 70 63.30 -15.04 6.74
C GLN C 70 63.97 -14.10 5.74
N LYS C 71 64.69 -14.65 4.77
CA LYS C 71 65.42 -13.86 3.74
C LYS C 71 64.44 -12.96 2.98
N LEU C 72 63.22 -13.43 2.70
CA LEU C 72 62.22 -12.68 1.87
C LEU C 72 61.37 -11.75 2.75
N GLY C 73 61.64 -11.67 4.06
CA GLY C 73 61.01 -10.74 5.01
C GLY C 73 59.65 -11.18 5.56
N PHE C 74 59.31 -12.46 5.46
CA PHE C 74 58.03 -13.02 5.97
C PHE C 74 58.08 -13.29 7.45
N TYR C 75 56.95 -13.09 8.11
CA TYR C 75 56.72 -13.73 9.42
C TYR C 75 56.30 -15.18 9.12
N VAL C 76 56.52 -16.09 10.08
CA VAL C 76 56.01 -17.47 9.96
C VAL C 76 55.15 -17.84 11.17
N ILE C 77 54.04 -18.51 10.88
CA ILE C 77 53.13 -19.18 11.86
C ILE C 77 53.40 -20.65 11.66
N ILE C 78 53.82 -21.34 12.74
CA ILE C 78 54.31 -22.73 12.64
C ILE C 78 53.36 -23.60 13.47
N ARG C 79 53.05 -24.78 12.94
CA ARG C 79 51.95 -25.64 13.40
C ARG C 79 52.46 -27.06 13.36
N PRO C 80 53.22 -27.45 14.42
CA PRO C 80 53.86 -28.77 14.46
C PRO C 80 53.03 -29.97 14.96
N GLY C 81 51.72 -29.83 15.10
CA GLY C 81 50.87 -30.97 15.38
C GLY C 81 51.01 -31.34 16.88
N PRO C 82 51.07 -32.62 17.25
CA PRO C 82 51.44 -33.71 16.35
C PRO C 82 50.41 -34.03 15.27
N TYR C 83 49.13 -33.96 15.60
CA TYR C 83 48.05 -34.05 14.57
C TYR C 83 47.93 -32.68 13.83
N ILE C 84 47.93 -32.75 12.50
CA ILE C 84 47.86 -31.56 11.61
C ILE C 84 46.62 -31.62 10.71
N CYS C 85 45.86 -32.71 10.74
CA CYS C 85 44.70 -32.93 9.81
C CYS C 85 45.28 -32.88 8.39
N GLY C 86 45.10 -31.75 7.69
CA GLY C 86 45.83 -31.47 6.45
C GLY C 86 45.45 -32.39 5.28
N GLU C 87 44.39 -33.18 5.39
CA GLU C 87 44.01 -34.15 4.32
C GLU C 87 45.22 -35.01 4.00
N TRP C 88 45.99 -35.32 5.08
CA TRP C 88 47.32 -36.00 5.00
C TRP C 88 47.30 -37.32 5.78
N LYS C 89 48.13 -38.28 5.34
CA LYS C 89 48.09 -39.65 5.89
C LYS C 89 48.16 -39.56 7.43
N ASN C 90 47.12 -40.07 8.09
CA ASN C 90 47.07 -40.19 9.56
C ASN C 90 47.10 -38.79 10.17
N GLY C 91 46.82 -37.74 9.39
CA GLY C 91 46.93 -36.39 10.00
C GLY C 91 48.30 -36.11 10.58
N GLY C 92 49.35 -36.76 10.05
CA GLY C 92 50.75 -36.56 10.46
C GLY C 92 51.26 -37.62 11.40
N ILE C 93 50.40 -38.50 11.92
CA ILE C 93 50.87 -39.57 12.87
C ILE C 93 51.59 -40.65 12.09
N PRO C 94 52.80 -41.11 12.49
CA PRO C 94 53.53 -42.11 11.71
C PRO C 94 52.80 -43.45 11.64
N GLU C 95 52.61 -43.94 10.42
CA GLU C 95 52.21 -45.33 10.17
C GLU C 95 53.02 -46.29 11.09
N TRP C 96 54.36 -46.14 11.18
CA TRP C 96 55.21 -47.09 11.94
C TRP C 96 54.78 -47.14 13.42
N LEU C 97 54.28 -46.03 13.97
CA LEU C 97 53.84 -45.92 15.40
C LEU C 97 52.53 -46.67 15.55
N ILE C 98 51.54 -46.35 14.65
CA ILE C 98 50.24 -47.06 14.71
C ILE C 98 50.47 -48.58 14.59
N ASN C 99 51.36 -49.02 13.67
CA ASN C 99 51.59 -50.47 13.40
C ASN C 99 52.34 -51.09 14.60
N SER C 100 53.24 -50.36 15.23
CA SER C 100 54.11 -51.03 16.25
C SER C 100 53.41 -51.02 17.62
N HIS C 101 52.48 -50.09 17.82
CA HIS C 101 51.80 -49.83 19.12
C HIS C 101 50.29 -49.68 18.90
N PRO C 102 49.59 -50.69 18.36
CA PRO C 102 48.15 -50.56 18.09
C PRO C 102 47.32 -50.41 19.38
N GLU C 103 47.89 -50.76 20.56
CA GLU C 103 47.20 -50.51 21.84
C GLU C 103 46.83 -49.01 22.01
N ILE C 104 47.47 -48.08 21.32
CA ILE C 104 47.17 -46.62 21.48
C ILE C 104 45.85 -46.24 20.77
N LEU C 105 45.41 -47.05 19.81
CA LEU C 105 44.21 -46.70 19.01
C LEU C 105 42.96 -46.57 19.87
N ALA C 106 42.07 -45.60 19.55
CA ALA C 106 40.78 -45.46 20.25
C ALA C 106 39.87 -46.64 19.84
N LYS C 107 39.03 -47.06 20.77
CA LYS C 107 38.09 -48.17 20.54
C LYS C 107 36.68 -47.62 20.52
N GLY C 108 35.80 -48.30 19.77
CA GLY C 108 34.34 -48.17 19.92
C GLY C 108 33.83 -49.06 21.03
N PRO C 109 32.53 -48.99 21.30
CA PRO C 109 31.97 -49.70 22.44
C PRO C 109 31.94 -51.22 22.22
N ASN C 110 32.12 -51.71 21.00
CA ASN C 110 32.11 -53.17 20.72
C ASN C 110 33.50 -53.67 20.32
N GLY C 111 34.53 -52.81 20.38
CA GLY C 111 35.93 -53.21 20.10
C GLY C 111 36.60 -52.31 19.09
N THR C 112 37.54 -52.86 18.34
CA THR C 112 38.52 -52.07 17.57
C THR C 112 37.76 -51.38 16.45
N LEU C 113 38.12 -50.15 16.12
CA LEU C 113 37.58 -49.55 14.89
C LEU C 113 38.29 -50.13 13.69
N PRO C 114 37.72 -50.01 12.46
CA PRO C 114 38.41 -50.43 11.24
C PRO C 114 39.71 -49.66 11.05
N ARG C 115 40.71 -50.37 10.57
CA ARG C 115 42.08 -49.87 10.44
C ARG C 115 42.21 -49.02 9.17
N ASP C 116 41.31 -49.19 8.20
CA ASP C 116 41.44 -48.44 6.92
C ASP C 116 40.76 -47.05 6.97
N ILE C 117 40.22 -46.60 8.10
CA ILE C 117 39.52 -45.29 8.19
C ILE C 117 40.55 -44.16 8.20
N TYR C 118 40.20 -42.98 7.65
CA TYR C 118 41.10 -41.82 7.68
C TYR C 118 41.37 -41.41 9.15
N TYR C 119 42.52 -40.79 9.34
CA TYR C 119 43.01 -40.24 10.62
C TYR C 119 42.65 -41.23 11.72
N PRO C 120 43.28 -42.45 11.73
CA PRO C 120 42.96 -43.45 12.73
C PRO C 120 42.89 -42.86 14.14
N PRO C 121 41.71 -42.94 14.79
CA PRO C 121 41.57 -42.31 16.10
C PRO C 121 42.46 -42.93 17.20
N ILE C 122 43.07 -42.04 18.00
CA ILE C 122 44.11 -42.44 19.02
C ILE C 122 43.66 -41.95 20.39
N THR C 123 43.74 -42.83 21.40
CA THR C 123 43.57 -42.42 22.83
C THR C 123 44.71 -41.45 23.23
N TYR C 124 44.39 -40.15 23.29
CA TYR C 124 45.32 -39.03 23.54
C TYR C 124 46.14 -39.36 24.80
N LEU C 125 45.50 -39.85 25.84
CA LEU C 125 46.15 -39.91 27.16
C LEU C 125 46.81 -41.28 27.36
N HIS C 126 46.89 -42.08 26.32
CA HIS C 126 47.65 -43.35 26.36
C HIS C 126 49.11 -42.99 26.52
N PRO C 127 49.81 -43.48 27.57
CA PRO C 127 51.16 -43.00 27.80
C PRO C 127 52.15 -43.29 26.67
N THR C 128 51.92 -44.32 25.88
CA THR C 128 52.80 -44.66 24.76
C THR C 128 52.64 -43.61 23.64
N TYR C 129 51.40 -43.26 23.31
CA TYR C 129 51.20 -42.12 22.35
C TYR C 129 51.99 -40.93 22.90
N LEU C 130 51.77 -40.51 24.14
CA LEU C 130 52.39 -39.27 24.68
C LEU C 130 53.92 -39.38 24.65
N GLU C 131 54.49 -40.55 24.99
CA GLU C 131 55.96 -40.67 24.91
C GLU C 131 56.42 -40.37 23.48
N TYR C 132 55.74 -40.91 22.47
CA TYR C 132 56.23 -40.68 21.09
C TYR C 132 56.01 -39.22 20.73
N VAL C 133 54.87 -38.63 21.12
CA VAL C 133 54.62 -37.17 20.81
C VAL C 133 55.72 -36.35 21.49
N MET C 134 56.10 -36.71 22.71
CA MET C 134 57.16 -35.94 23.39
C MET C 134 58.45 -36.01 22.54
N LYS C 135 58.81 -37.17 21.98
CA LYS C 135 60.06 -37.35 21.22
C LYS C 135 59.94 -36.49 19.95
N TRP C 136 58.75 -36.42 19.35
CA TRP C 136 58.55 -35.58 18.12
C TRP C 136 58.85 -34.13 18.51
N TYR C 137 58.24 -33.63 19.60
CA TYR C 137 58.46 -32.23 20.04
C TYR C 137 59.93 -32.04 20.40
N GLU C 138 60.56 -33.08 21.02
CA GLU C 138 61.97 -32.99 21.44
C GLU C 138 62.88 -32.76 20.21
N ASN C 139 62.44 -33.14 19.01
CA ASN C 139 63.31 -33.04 17.83
C ASN C 139 62.93 -31.78 17.01
N VAL C 140 61.65 -31.47 16.92
CA VAL C 140 61.25 -30.29 16.05
C VAL C 140 61.44 -28.97 16.86
N PHE C 141 61.19 -28.94 18.17
CA PHE C 141 61.16 -27.66 18.94
C PHE C 141 62.54 -27.04 19.08
N PRO C 142 63.67 -27.78 19.21
CA PRO C 142 64.94 -27.10 19.16
C PRO C 142 65.16 -26.30 17.86
N ILE C 143 64.68 -26.78 16.71
CA ILE C 143 64.71 -25.99 15.42
C ILE C 143 63.72 -24.82 15.53
N ILE C 144 62.51 -25.06 16.02
CA ILE C 144 61.54 -23.92 16.12
C ILE C 144 62.17 -22.82 16.99
N LYS C 145 62.74 -23.18 18.15
CA LYS C 145 63.37 -22.22 19.08
C LYS C 145 64.43 -21.42 18.33
N GLU C 146 65.38 -22.10 17.65
CA GLU C 146 66.40 -21.38 16.81
C GLU C 146 65.67 -20.31 15.93
N TYR C 147 64.46 -20.54 15.42
CA TYR C 147 63.89 -19.67 14.34
C TYR C 147 62.80 -18.73 14.88
N LEU C 148 62.67 -18.63 16.21
CA LEU C 148 61.69 -17.69 16.82
C LEU C 148 62.12 -16.26 16.54
N TYR C 149 61.11 -15.39 16.36
CA TYR C 149 61.25 -13.93 16.27
C TYR C 149 62.16 -13.42 17.39
N SER C 150 61.92 -13.88 18.62
CA SER C 150 62.66 -13.54 19.87
C SER C 150 64.16 -13.84 19.74
N ASN C 151 64.55 -14.75 18.84
CA ASN C 151 65.96 -15.17 18.61
C ASN C 151 66.42 -14.79 17.19
N GLY C 152 65.81 -13.75 16.60
CA GLY C 152 66.20 -13.21 15.29
C GLY C 152 65.59 -13.95 14.09
N GLY C 153 64.73 -14.95 14.27
CA GLY C 153 64.13 -15.69 13.13
C GLY C 153 62.73 -15.17 12.79
N PRO C 154 62.00 -15.89 11.90
CA PRO C 154 60.68 -15.44 11.43
C PRO C 154 59.44 -15.91 12.20
N ILE C 155 59.59 -16.89 13.11
CA ILE C 155 58.42 -17.58 13.72
C ILE C 155 57.80 -16.69 14.79
N ILE C 156 56.52 -16.34 14.61
CA ILE C 156 55.86 -15.40 15.55
C ILE C 156 54.84 -16.12 16.42
N ASN C 157 54.52 -17.37 16.13
CA ASN C 157 53.44 -18.08 16.83
C ASN C 157 53.60 -19.57 16.60
N VAL C 158 53.35 -20.36 17.65
CA VAL C 158 53.25 -21.84 17.58
C VAL C 158 51.81 -22.26 17.89
N THR C 159 51.23 -23.07 17.00
CA THR C 159 49.86 -23.62 17.17
C THR C 159 49.94 -25.04 17.71
N ILE C 160 49.09 -25.34 18.69
CA ILE C 160 48.97 -26.70 19.30
C ILE C 160 48.05 -27.60 18.48
N ASP C 161 48.60 -28.72 18.00
CA ASP C 161 47.81 -29.82 17.40
C ASP C 161 46.99 -29.21 16.24
N ASP C 162 45.79 -29.72 15.96
CA ASP C 162 44.88 -29.11 14.92
C ASP C 162 43.42 -29.42 15.28
N GLU C 163 42.69 -28.37 15.64
CA GLU C 163 41.24 -28.44 15.90
C GLU C 163 40.90 -29.72 16.63
N PRO C 164 41.60 -30.02 17.75
CA PRO C 164 41.47 -31.34 18.31
C PRO C 164 40.03 -31.71 18.70
N SER C 165 39.61 -32.86 18.16
CA SER C 165 38.21 -33.32 18.16
C SER C 165 38.13 -34.81 18.33
N TYR C 166 39.12 -35.40 19.01
CA TYR C 166 39.19 -36.87 19.09
C TYR C 166 39.13 -37.41 17.63
N TRP C 167 39.93 -36.83 16.73
CA TRP C 167 40.19 -37.35 15.37
C TRP C 167 38.84 -37.42 14.64
N GLU C 168 38.07 -36.33 14.77
CA GLU C 168 36.75 -36.17 14.09
C GLU C 168 35.83 -37.34 14.48
N THR C 169 35.76 -37.68 15.79
CA THR C 169 34.80 -38.67 16.34
C THR C 169 33.91 -38.09 17.44
N ILE C 170 34.20 -36.89 17.94
CA ILE C 170 33.36 -36.25 19.01
C ILE C 170 31.92 -36.06 18.50
N PHE C 171 31.73 -36.00 17.18
CA PHE C 171 30.41 -35.69 16.57
C PHE C 171 29.43 -36.83 16.85
N GLN C 172 29.98 -38.03 17.10
CA GLN C 172 29.18 -39.25 17.35
C GLN C 172 29.34 -39.62 18.83
N ALA C 173 28.23 -39.73 19.56
CA ALA C 173 28.21 -39.85 21.03
C ALA C 173 28.95 -41.12 21.42
N PHE C 174 28.78 -42.19 20.65
CA PHE C 174 29.24 -43.53 21.10
C PHE C 174 30.23 -44.15 20.13
N LEU C 175 30.96 -43.35 19.35
CA LEU C 175 31.98 -43.97 18.46
C LEU C 175 33.28 -44.15 19.25
N THR C 176 33.67 -43.23 20.13
CA THR C 176 34.93 -43.31 20.94
C THR C 176 34.60 -42.75 22.32
N ASP C 177 35.53 -42.85 23.29
CA ASP C 177 36.70 -43.73 23.27
C ASP C 177 36.53 -44.77 24.38
N TYR C 178 36.47 -46.05 24.02
CA TYR C 178 36.27 -47.12 25.03
C TYR C 178 37.56 -47.92 25.21
N ASN C 179 38.70 -47.32 24.90
CA ASN C 179 40.02 -47.99 25.14
C ASN C 179 40.11 -48.32 26.62
N GLU C 180 40.81 -49.41 26.92
CA GLU C 180 40.89 -50.01 28.28
C GLU C 180 41.32 -48.92 29.29
N ILE C 181 42.34 -48.12 28.97
CA ILE C 181 42.85 -47.07 29.90
C ILE C 181 41.69 -46.11 30.28
N VAL C 182 40.77 -45.79 29.37
CA VAL C 182 39.67 -44.87 29.77
C VAL C 182 38.59 -45.61 30.56
N VAL C 183 38.22 -46.85 30.21
CA VAL C 183 36.97 -47.45 30.75
C VAL C 183 37.22 -48.43 31.89
N LYS C 184 38.46 -48.87 32.15
CA LYS C 184 38.76 -49.86 33.20
C LYS C 184 38.35 -49.33 34.59
N GLU C 185 38.15 -50.23 35.56
CA GLU C 185 37.78 -49.84 36.94
C GLU C 185 38.80 -48.82 37.46
N ASN C 186 38.32 -47.66 37.91
CA ASN C 186 39.13 -46.52 38.39
C ASN C 186 40.13 -46.10 37.30
N GLY C 187 39.75 -46.28 36.04
CA GLY C 187 40.46 -45.68 34.89
C GLY C 187 40.11 -44.20 34.70
N ILE C 188 40.38 -43.68 33.52
CA ILE C 188 40.29 -42.20 33.36
C ILE C 188 38.86 -41.73 33.60
N TRP C 189 37.86 -42.44 33.06
CA TRP C 189 36.43 -42.04 33.18
C TRP C 189 36.01 -42.08 34.66
N HIS C 190 36.30 -43.15 35.38
CA HIS C 190 35.91 -43.20 36.81
C HIS C 190 36.57 -42.06 37.60
N SER C 191 37.83 -41.75 37.33
CA SER C 191 38.58 -40.72 38.08
C SER C 191 37.96 -39.35 37.76
N TRP C 192 37.57 -39.14 36.51
CA TRP C 192 36.86 -37.89 36.12
C TRP C 192 35.54 -37.79 36.91
N LEU C 193 34.71 -38.84 36.93
CA LEU C 193 33.45 -38.85 37.74
C LEU C 193 33.78 -38.48 39.20
N LYS C 194 34.87 -39.02 39.75
CA LYS C 194 35.19 -38.76 41.19
C LYS C 194 35.52 -37.27 41.40
N GLU C 195 36.21 -36.66 40.44
CA GLU C 195 36.69 -35.27 40.53
C GLU C 195 35.53 -34.28 40.29
N ASN C 196 34.40 -34.72 39.74
CA ASN C 196 33.38 -33.78 39.19
C ASN C 196 32.04 -33.86 39.94
N TYR C 197 31.77 -34.95 40.66
CA TYR C 197 30.44 -35.28 41.23
C TYR C 197 30.64 -36.16 42.47
N GLN C 198 29.85 -35.88 43.50
CA GLN C 198 29.59 -36.78 44.65
C GLN C 198 28.84 -37.99 44.08
N LEU C 199 28.99 -39.19 44.65
CA LEU C 199 28.31 -40.39 44.11
C LEU C 199 26.78 -40.19 44.14
N ASP C 200 26.27 -39.48 45.15
CA ASP C 200 24.81 -39.26 45.33
C ASP C 200 24.27 -38.23 44.32
N GLU C 201 25.06 -37.22 43.93
CA GLU C 201 24.67 -36.30 42.82
C GLU C 201 24.47 -37.13 41.54
N LEU C 202 25.37 -38.11 41.32
CA LEU C 202 25.35 -38.96 40.08
C LEU C 202 24.03 -39.73 40.07
N GLU C 203 23.62 -40.26 41.21
CA GLU C 203 22.35 -41.03 41.30
C GLU C 203 21.16 -40.10 40.99
N GLU C 204 21.17 -38.90 41.59
CA GLU C 204 20.15 -37.84 41.33
C GLU C 204 20.07 -37.60 39.82
N ARG C 205 21.20 -37.33 39.13
CA ARG C 205 21.24 -36.85 37.72
C ARG C 205 20.86 -37.99 36.75
N TYR C 206 21.25 -39.24 37.04
CA TYR C 206 21.13 -40.38 36.09
C TYR C 206 19.82 -41.16 36.38
N GLY C 207 19.27 -41.05 37.59
CA GLY C 207 18.06 -41.78 38.07
C GLY C 207 18.35 -43.25 38.35
N GLN C 208 19.57 -43.54 38.81
CA GLN C 208 20.07 -44.93 39.06
C GLN C 208 20.79 -44.92 40.41
N LYS C 209 20.81 -46.06 41.08
CA LYS C 209 21.47 -46.21 42.40
C LYS C 209 22.83 -46.85 42.15
N PHE C 210 23.90 -46.28 42.71
CA PHE C 210 25.30 -46.80 42.60
C PHE C 210 25.84 -47.13 43.99
N SER C 211 26.60 -48.21 44.09
CA SER C 211 27.38 -48.58 45.30
C SER C 211 28.74 -47.89 45.25
N ASP C 212 29.37 -47.83 44.07
CA ASP C 212 30.71 -47.21 43.94
C ASP C 212 30.79 -46.54 42.58
N TYR C 213 31.71 -45.58 42.39
CA TYR C 213 31.93 -44.85 41.09
C TYR C 213 32.29 -45.89 40.02
N ALA C 214 33.07 -46.94 40.41
CA ALA C 214 33.64 -47.87 39.40
C ALA C 214 32.56 -48.74 38.72
N GLU C 215 31.33 -48.80 39.29
CA GLU C 215 30.22 -49.52 38.61
C GLU C 215 29.54 -48.63 37.55
N ILE C 216 29.87 -47.34 37.42
CA ILE C 216 29.25 -46.45 36.38
C ILE C 216 29.94 -46.67 35.04
N VAL C 217 29.33 -47.44 34.13
CA VAL C 217 30.01 -47.82 32.86
C VAL C 217 29.71 -46.65 31.91
N PRO C 218 30.62 -46.27 31.00
CA PRO C 218 30.33 -45.16 30.07
C PRO C 218 29.02 -45.42 29.31
N PRO C 219 28.23 -44.39 28.90
CA PRO C 219 27.02 -44.65 28.12
C PRO C 219 27.36 -45.16 26.70
N THR C 220 26.45 -45.90 26.09
CA THR C 220 26.69 -46.70 24.86
C THR C 220 25.52 -46.52 23.87
N SER C 221 24.45 -45.83 24.26
CA SER C 221 23.25 -45.71 23.41
C SER C 221 22.37 -44.58 23.93
N PHE C 222 21.46 -44.12 23.10
CA PHE C 222 20.59 -42.95 23.38
C PHE C 222 19.43 -43.34 24.30
N SER C 223 19.33 -44.59 24.73
CA SER C 223 18.30 -44.99 25.71
C SER C 223 18.80 -44.64 27.11
N GLU C 224 20.05 -44.20 27.26
CA GLU C 224 20.59 -43.84 28.60
C GLU C 224 20.26 -42.40 28.93
N PRO C 225 20.29 -42.01 30.22
CA PRO C 225 19.89 -40.66 30.62
C PRO C 225 20.67 -39.56 29.91
N LEU C 226 19.93 -38.56 29.44
CA LEU C 226 20.59 -37.46 28.70
C LEU C 226 21.71 -36.85 29.57
N PRO C 227 21.53 -36.61 30.89
CA PRO C 227 22.61 -36.01 31.68
C PRO C 227 23.88 -36.87 31.66
N LYS C 228 23.73 -38.20 31.56
CA LYS C 228 24.89 -39.10 31.49
C LYS C 228 25.55 -39.03 30.12
N ILE C 229 24.78 -38.83 29.03
CA ILE C 229 25.37 -38.76 27.67
C ILE C 229 26.11 -37.43 27.56
N LEU C 230 25.56 -36.36 28.15
CA LEU C 230 26.21 -35.02 28.14
C LEU C 230 27.51 -35.08 28.98
N ASP C 231 27.55 -35.86 30.06
CA ASP C 231 28.78 -36.06 30.90
C ASP C 231 29.87 -36.78 30.07
N TRP C 232 29.50 -37.80 29.30
CA TRP C 232 30.44 -38.52 28.40
C TRP C 232 31.01 -37.58 27.34
N HIS C 233 30.17 -36.77 26.70
CA HIS C 233 30.59 -35.68 25.77
C HIS C 233 31.61 -34.75 26.47
N HIS C 234 31.28 -34.21 27.65
CA HIS C 234 32.14 -33.24 28.40
C HIS C 234 33.39 -33.93 28.91
N PHE C 235 33.31 -35.25 29.18
CA PHE C 235 34.48 -36.05 29.57
C PHE C 235 35.48 -36.17 28.41
N LYS C 236 34.98 -36.48 27.21
CA LYS C 236 35.81 -36.59 26.00
C LYS C 236 36.51 -35.25 25.84
N ILE C 237 35.74 -34.17 26.04
CA ILE C 237 36.29 -32.81 25.84
C ILE C 237 37.38 -32.58 26.91
N TRP C 238 37.14 -33.03 28.13
CA TRP C 238 38.14 -32.91 29.25
C TRP C 238 39.43 -33.64 28.86
N MET C 239 39.33 -34.86 28.33
CA MET C 239 40.54 -35.59 27.85
C MET C 239 41.22 -34.79 26.73
N ILE C 240 40.45 -34.15 25.83
CA ILE C 240 41.15 -33.31 24.81
C ILE C 240 41.89 -32.14 25.50
N ASN C 241 41.24 -31.51 26.50
CA ASN C 241 41.83 -30.39 27.28
C ASN C 241 43.11 -30.87 28.06
N GLU C 242 43.10 -32.10 28.56
CA GLU C 242 44.31 -32.65 29.27
C GLU C 242 45.46 -32.80 28.27
N TYR C 243 45.11 -33.31 27.11
CA TYR C 243 46.06 -33.50 25.99
C TYR C 243 46.70 -32.15 25.66
N VAL C 244 45.85 -31.17 25.35
CA VAL C 244 46.30 -29.78 25.07
C VAL C 244 47.24 -29.28 26.19
N ARG C 245 46.91 -29.48 27.47
CA ARG C 245 47.75 -28.91 28.56
C ARG C 245 49.15 -29.56 28.51
N ILE C 246 49.21 -30.87 28.29
CA ILE C 246 50.48 -31.64 28.21
C ILE C 246 51.28 -31.08 27.03
N LEU C 247 50.59 -30.76 25.91
CA LEU C 247 51.40 -30.27 24.78
C LEU C 247 51.88 -28.85 25.08
N TYR C 248 50.95 -28.00 25.57
CA TYR C 248 51.26 -26.64 26.01
C TYR C 248 52.50 -26.66 26.91
N GLU C 249 52.44 -27.46 27.99
N GLU C 249 52.48 -27.44 28.00
CA GLU C 249 53.52 -27.51 29.02
CA GLU C 249 53.57 -27.35 29.00
C GLU C 249 54.86 -27.82 28.33
C GLU C 249 54.89 -27.80 28.33
N LYS C 250 54.86 -28.72 27.35
CA LYS C 250 56.09 -29.10 26.61
C LYS C 250 56.57 -27.90 25.76
N ILE C 251 55.65 -27.29 25.00
CA ILE C 251 56.03 -26.17 24.11
C ILE C 251 56.62 -25.02 24.92
N LYS C 252 56.10 -24.81 26.13
CA LYS C 252 56.60 -23.73 27.02
C LYS C 252 58.07 -23.98 27.45
N LYS C 253 58.58 -25.20 27.32
CA LYS C 253 60.00 -25.47 27.72
C LYS C 253 60.89 -24.97 26.59
N TYR C 254 60.32 -24.57 25.44
CA TYR C 254 61.13 -24.08 24.30
C TYR C 254 60.79 -22.65 23.85
N VAL C 255 59.56 -22.20 23.95
CA VAL C 255 59.19 -20.99 23.13
C VAL C 255 58.72 -19.90 24.06
N ASP C 256 58.99 -18.66 23.65
CA ASP C 256 58.58 -17.41 24.35
C ASP C 256 57.75 -16.54 23.37
N VAL C 257 57.23 -17.11 22.28
CA VAL C 257 56.23 -16.40 21.43
C VAL C 257 54.86 -16.92 21.85
N PRO C 258 53.78 -16.23 21.43
CA PRO C 258 52.43 -16.70 21.69
C PRO C 258 52.20 -18.12 21.16
N ILE C 259 51.43 -18.86 21.96
CA ILE C 259 50.93 -20.23 21.66
C ILE C 259 49.43 -20.15 21.34
N SER C 260 49.03 -20.78 20.25
CA SER C 260 47.64 -20.77 19.76
C SER C 260 47.03 -22.16 19.67
N ILE C 261 45.72 -22.19 19.44
CA ILE C 261 44.97 -23.42 19.08
C ILE C 261 43.82 -22.97 18.17
N LEU C 262 43.57 -23.81 17.20
CA LEU C 262 42.46 -23.69 16.22
C LEU C 262 41.25 -24.50 16.68
N ASP C 263 40.07 -23.89 16.62
CA ASP C 263 38.73 -24.50 16.80
C ASP C 263 38.79 -25.75 17.68
N PRO C 264 39.00 -25.62 19.02
CA PRO C 264 38.89 -26.78 19.89
C PRO C 264 37.58 -27.56 19.60
N TYR C 265 37.71 -28.90 19.48
CA TYR C 265 36.63 -29.90 19.46
C TYR C 265 35.84 -29.77 18.13
N LEU C 266 36.30 -29.00 17.18
CA LEU C 266 35.45 -28.66 15.99
C LEU C 266 34.01 -28.31 16.40
N LEU C 267 33.87 -27.62 17.53
CA LEU C 267 32.57 -27.11 18.01
C LEU C 267 32.67 -25.61 18.27
N LEU C 268 31.60 -25.04 18.83
CA LEU C 268 31.51 -23.59 19.08
C LEU C 268 31.06 -23.40 20.51
N ALA C 269 29.83 -23.80 20.83
CA ALA C 269 29.28 -23.48 22.15
C ALA C 269 30.15 -24.24 23.19
N ALA C 270 30.69 -25.37 22.78
CA ALA C 270 31.58 -26.19 23.69
C ALA C 270 32.83 -25.40 24.07
N TRP C 271 33.16 -24.31 23.37
CA TRP C 271 34.28 -23.43 23.75
C TRP C 271 34.13 -22.98 25.21
N LYS C 272 32.94 -23.08 25.81
CA LYS C 272 32.73 -22.75 27.23
C LYS C 272 33.70 -23.63 28.06
N GLU C 273 33.81 -24.89 27.68
CA GLU C 273 34.64 -25.93 28.39
C GLU C 273 36.10 -25.54 28.19
N PHE C 274 36.49 -25.12 26.99
CA PHE C 274 37.84 -24.62 26.73
C PHE C 274 38.12 -23.39 27.60
N TYR C 275 37.24 -22.36 27.53
CA TYR C 275 37.46 -21.15 28.35
C TYR C 275 37.64 -21.55 29.83
N LEU C 276 36.76 -22.39 30.36
CA LEU C 276 36.82 -22.74 31.81
C LEU C 276 38.14 -23.46 32.14
N TYR C 277 38.60 -24.28 31.22
CA TYR C 277 39.77 -25.16 31.47
C TYR C 277 41.03 -24.29 31.49
N VAL C 278 41.22 -23.46 30.45
CA VAL C 278 42.47 -22.67 30.34
C VAL C 278 42.49 -21.62 31.45
N THR C 279 41.34 -21.09 31.89
CA THR C 279 41.25 -20.22 33.09
C THR C 279 41.67 -20.97 34.37
N LYS C 280 41.09 -22.14 34.59
CA LYS C 280 41.47 -23.02 35.75
C LYS C 280 42.97 -23.25 35.78
N HIS C 281 43.57 -23.59 34.63
CA HIS C 281 44.96 -24.14 34.60
C HIS C 281 45.96 -23.05 34.25
N LYS C 282 45.45 -21.82 34.15
CA LYS C 282 46.20 -20.58 33.76
C LYS C 282 47.10 -20.85 32.57
N LEU C 283 46.53 -21.36 31.48
CA LEU C 283 47.23 -21.60 30.19
C LEU C 283 46.99 -20.41 29.24
N ASP C 284 48.07 -19.75 28.87
CA ASP C 284 48.10 -18.58 27.98
C ASP C 284 48.04 -19.10 26.55
N ILE C 285 46.88 -19.54 26.12
CA ILE C 285 46.68 -19.98 24.70
C ILE C 285 45.77 -18.99 23.95
N HIS C 286 46.15 -18.67 22.70
CA HIS C 286 45.39 -17.77 21.79
C HIS C 286 44.41 -18.61 20.99
N LEU C 287 43.12 -18.38 21.20
CA LEU C 287 42.06 -19.11 20.46
C LEU C 287 42.06 -18.51 19.07
N TRP C 288 42.22 -19.37 18.09
CA TRP C 288 42.19 -19.02 16.66
C TRP C 288 41.05 -19.76 15.97
N THR C 289 40.56 -19.25 14.83
CA THR C 289 39.40 -19.91 14.21
C THR C 289 39.63 -20.02 12.71
N GLU C 290 38.55 -20.34 11.97
CA GLU C 290 38.62 -20.74 10.56
C GLU C 290 37.21 -20.63 9.94
N PHE C 291 37.15 -20.53 8.62
CA PHE C 291 35.87 -20.38 7.87
C PHE C 291 35.98 -21.29 6.67
N TRP C 292 35.26 -22.40 6.70
CA TRP C 292 35.13 -23.39 5.62
C TRP C 292 33.65 -23.62 5.33
N TYR C 293 33.24 -23.61 4.05
CA TYR C 293 31.82 -23.70 3.65
C TYR C 293 31.54 -24.79 2.60
N SER C 294 32.41 -25.00 1.61
CA SER C 294 32.13 -25.93 0.51
C SER C 294 33.23 -26.95 0.35
N PHE C 295 32.89 -28.24 0.30
CA PHE C 295 33.91 -29.29 0.08
C PHE C 295 33.51 -30.16 -1.09
N TYR C 296 34.36 -30.20 -2.11
CA TYR C 296 34.31 -31.18 -3.22
C TYR C 296 32.98 -31.00 -3.98
N ARG C 297 32.61 -29.74 -4.11
CA ARG C 297 31.60 -29.26 -5.07
C ARG C 297 32.02 -27.81 -5.36
N THR C 298 31.29 -27.11 -6.23
CA THR C 298 31.58 -25.67 -6.37
C THR C 298 31.38 -24.89 -5.07
N PHE C 299 32.11 -23.79 -4.90
CA PHE C 299 32.01 -22.90 -3.72
C PHE C 299 30.59 -22.35 -3.73
N ASP C 300 29.90 -22.42 -2.60
CA ASP C 300 28.51 -21.95 -2.44
C ASP C 300 28.47 -20.95 -1.29
N PHE C 301 28.70 -19.67 -1.59
CA PHE C 301 28.69 -18.63 -0.55
C PHE C 301 27.80 -17.43 -0.95
N LYS C 302 26.55 -17.58 -0.60
CA LYS C 302 25.48 -16.58 -0.84
C LYS C 302 24.81 -16.20 0.48
N GLU C 303 23.69 -15.50 0.44
CA GLU C 303 23.03 -14.94 1.65
C GLU C 303 22.74 -16.07 2.65
N ASP C 304 22.60 -17.29 2.16
CA ASP C 304 22.11 -18.44 2.96
C ASP C 304 23.11 -18.66 4.12
N ARG C 305 24.34 -18.20 3.92
CA ARG C 305 25.43 -18.54 4.89
C ARG C 305 25.46 -17.52 6.02
N LEU C 306 24.72 -16.41 5.95
CA LEU C 306 25.03 -15.28 6.86
C LEU C 306 24.69 -15.64 8.31
N GLY C 307 23.68 -16.42 8.57
CA GLY C 307 23.37 -16.78 9.96
C GLY C 307 24.55 -17.53 10.62
N HIS C 308 25.08 -18.52 9.93
CA HIS C 308 26.26 -19.29 10.44
C HIS C 308 27.46 -18.36 10.65
N LEU C 309 27.79 -17.54 9.66
CA LEU C 309 28.92 -16.61 9.71
C LEU C 309 28.74 -15.68 10.91
N TYR C 310 27.56 -15.08 11.06
CA TYR C 310 27.33 -14.09 12.14
C TYR C 310 27.45 -14.83 13.48
N TYR C 311 26.92 -16.05 13.55
CA TYR C 311 26.92 -16.88 14.80
C TYR C 311 28.37 -17.21 15.15
N LYS C 312 29.12 -17.75 14.18
CA LYS C 312 30.51 -18.21 14.43
C LYS C 312 31.43 -17.04 14.81
N THR C 313 31.38 -15.93 14.07
CA THR C 313 32.16 -14.73 14.42
C THR C 313 31.74 -14.25 15.82
N GLY C 314 30.45 -14.31 16.15
CA GLY C 314 29.90 -13.87 17.44
C GLY C 314 30.48 -14.71 18.58
N VAL C 315 30.47 -16.02 18.38
CA VAL C 315 31.03 -16.95 19.42
C VAL C 315 32.53 -16.64 19.58
N TYR C 316 33.25 -16.49 18.48
CA TYR C 316 34.70 -16.18 18.52
C TYR C 316 34.93 -14.84 19.25
N ARG C 317 34.19 -13.77 18.84
CA ARG C 317 34.38 -12.44 19.50
C ARG C 317 34.11 -12.61 21.00
N TYR C 318 33.07 -13.35 21.36
CA TYR C 318 32.67 -13.51 22.79
C TYR C 318 33.89 -14.06 23.55
N TYR C 319 34.51 -15.10 22.98
CA TYR C 319 35.59 -15.81 23.76
C TYR C 319 36.88 -14.98 23.78
N ILE C 320 37.30 -14.40 22.66
CA ILE C 320 38.61 -13.70 22.64
C ILE C 320 38.49 -12.41 23.45
N ASN C 321 37.30 -11.82 23.55
CA ASN C 321 37.10 -10.70 24.49
C ASN C 321 37.32 -11.19 25.92
N LYS C 322 36.91 -12.40 26.27
CA LYS C 322 37.07 -12.89 27.66
C LYS C 322 38.52 -13.28 27.86
N LEU C 323 39.21 -13.80 26.84
CA LEU C 323 40.62 -14.31 26.98
C LEU C 323 41.62 -13.19 26.72
N LYS C 324 41.16 -12.04 26.22
CA LYS C 324 41.99 -10.82 25.99
C LYS C 324 43.16 -11.17 25.05
N THR C 325 42.89 -11.89 23.95
CA THR C 325 43.90 -12.14 22.91
C THR C 325 43.40 -11.63 21.57
N PRO C 326 44.29 -11.30 20.64
CA PRO C 326 43.89 -10.83 19.30
C PRO C 326 43.18 -11.86 18.44
N PRO C 327 42.26 -11.44 17.58
CA PRO C 327 41.55 -12.37 16.71
C PRO C 327 42.41 -12.80 15.51
N LEU C 328 42.24 -14.02 15.09
CA LEU C 328 42.88 -14.47 13.84
C LEU C 328 42.12 -15.66 13.29
N SER C 329 41.88 -15.60 12.00
CA SER C 329 41.37 -16.71 11.19
C SER C 329 42.58 -17.41 10.58
N ILE C 330 43.03 -18.52 11.18
CA ILE C 330 44.26 -19.21 10.67
C ILE C 330 43.92 -19.98 9.39
N GLU C 331 42.65 -20.31 9.15
CA GLU C 331 42.30 -20.96 7.85
C GLU C 331 41.02 -20.34 7.30
N THR C 332 41.21 -19.56 6.24
CA THR C 332 40.12 -18.83 5.49
C THR C 332 40.07 -19.51 4.13
N GLN C 333 38.96 -20.18 3.83
CA GLN C 333 38.88 -21.16 2.73
C GLN C 333 39.32 -20.50 1.42
N THR C 334 40.33 -21.05 0.76
CA THR C 334 40.74 -20.68 -0.62
C THR C 334 41.05 -21.91 -1.47
N SER C 335 40.66 -23.11 -1.02
CA SER C 335 40.89 -24.39 -1.70
C SER C 335 39.83 -25.39 -1.28
N LEU C 336 39.79 -26.52 -2.01
CA LEU C 336 38.95 -27.72 -1.76
C LEU C 336 37.51 -27.52 -2.21
N ALA C 337 37.22 -26.39 -2.91
CA ALA C 337 35.98 -26.26 -3.70
C ALA C 337 36.33 -26.17 -5.21
N ASN C 338 35.48 -26.73 -6.07
CA ASN C 338 35.82 -26.96 -7.49
C ASN C 338 36.21 -25.63 -8.16
N VAL C 339 35.46 -24.58 -7.83
CA VAL C 339 35.73 -23.22 -8.37
C VAL C 339 35.34 -22.28 -7.24
N ILE C 340 36.12 -21.24 -7.02
CA ILE C 340 35.79 -20.23 -5.99
C ILE C 340 35.63 -18.91 -6.70
N GLU C 341 34.37 -18.60 -7.02
CA GLU C 341 34.06 -17.40 -7.83
C GLU C 341 34.27 -16.16 -6.97
N LYS C 342 34.87 -15.15 -7.54
CA LYS C 342 35.48 -14.06 -6.75
C LYS C 342 34.44 -13.26 -5.95
N ASP C 343 33.21 -13.09 -6.43
CA ASP C 343 32.20 -12.30 -5.73
C ASP C 343 31.72 -13.04 -4.48
N GLU C 344 31.54 -14.35 -4.57
CA GLU C 344 31.14 -15.22 -3.44
C GLU C 344 32.30 -15.28 -2.45
N ALA C 345 33.57 -15.41 -2.90
CA ALA C 345 34.77 -15.39 -2.02
C ALA C 345 34.82 -14.05 -1.33
N GLU C 346 34.57 -12.96 -2.10
CA GLU C 346 34.66 -11.63 -1.51
C GLU C 346 33.63 -11.50 -0.38
N LEU C 347 32.40 -11.99 -0.57
CA LEU C 347 31.33 -11.84 0.42
C LEU C 347 31.79 -12.47 1.74
N LEU C 348 32.52 -13.60 1.71
CA LEU C 348 33.10 -14.19 2.94
C LEU C 348 34.29 -13.36 3.40
N TYR C 349 35.31 -13.16 2.56
CA TYR C 349 36.65 -12.65 2.97
C TYR C 349 36.50 -11.26 3.55
N ALA C 350 35.65 -10.47 2.90
CA ALA C 350 35.45 -9.07 3.29
C ALA C 350 34.56 -8.97 4.54
N LEU C 351 33.66 -9.90 4.77
CA LEU C 351 32.86 -9.81 6.02
C LEU C 351 33.72 -10.24 7.24
N LEU C 352 34.85 -10.93 7.08
CA LEU C 352 35.66 -11.28 8.29
C LEU C 352 36.11 -10.04 9.07
N PRO C 353 36.79 -9.05 8.45
CA PRO C 353 37.13 -7.83 9.18
C PRO C 353 35.87 -7.07 9.67
N ALA C 354 34.79 -7.08 8.86
CA ALA C 354 33.49 -6.49 9.26
C ALA C 354 33.01 -7.09 10.60
N LEU C 355 33.22 -8.39 10.82
CA LEU C 355 32.75 -9.13 12.01
C LEU C 355 33.90 -9.37 13.03
N GLY C 356 34.95 -8.56 12.96
CA GLY C 356 35.93 -8.43 14.07
C GLY C 356 37.12 -9.35 13.92
N ILE C 357 37.33 -9.88 12.71
CA ILE C 357 38.51 -10.74 12.43
C ILE C 357 39.43 -10.05 11.39
N HIS C 358 40.40 -9.24 11.85
CA HIS C 358 41.24 -8.41 10.96
C HIS C 358 42.61 -9.03 10.73
N ASN C 359 42.96 -10.09 11.46
CA ASN C 359 44.17 -10.92 11.17
C ASN C 359 43.67 -12.15 10.43
N ILE C 360 44.15 -12.32 9.22
CA ILE C 360 43.59 -13.36 8.33
C ILE C 360 44.73 -14.12 7.70
N ASN C 361 44.69 -15.45 7.82
CA ASN C 361 45.49 -16.35 6.96
C ASN C 361 44.53 -17.08 5.99
N TYR C 362 44.90 -17.09 4.72
CA TYR C 362 44.18 -17.82 3.65
C TYR C 362 44.79 -19.22 3.44
N TYR C 363 43.94 -20.25 3.46
CA TYR C 363 44.39 -21.66 3.38
C TYR C 363 43.56 -22.42 2.36
N LEU C 364 44.12 -23.21 1.44
CA LEU C 364 45.54 -23.41 1.12
C LEU C 364 45.91 -22.38 0.05
N TYR C 365 46.96 -21.61 0.26
CA TYR C 365 47.30 -20.52 -0.69
C TYR C 365 47.98 -21.06 -1.96
N VAL C 366 48.96 -21.97 -1.79
CA VAL C 366 49.84 -22.47 -2.86
C VAL C 366 49.54 -23.93 -3.10
N GLY C 367 48.93 -24.24 -4.23
CA GLY C 367 48.57 -25.64 -4.47
C GLY C 367 49.79 -26.49 -4.72
N GLY C 368 49.66 -27.78 -4.33
CA GLY C 368 50.81 -28.69 -4.34
C GLY C 368 50.43 -30.10 -4.72
N GLU C 369 51.25 -31.04 -4.26
CA GLU C 369 51.11 -32.47 -4.57
C GLU C 369 51.63 -33.26 -3.34
N ASN C 370 51.03 -34.42 -3.11
CA ASN C 370 51.32 -35.30 -1.95
C ASN C 370 52.40 -36.26 -2.41
N PRO C 371 53.56 -36.26 -1.73
CA PRO C 371 54.55 -37.32 -1.95
C PRO C 371 53.92 -38.71 -1.75
N LYS C 372 54.42 -39.70 -2.49
CA LYS C 372 53.92 -41.10 -2.46
C LYS C 372 54.03 -41.61 -1.02
N GLY C 373 52.98 -42.28 -0.57
CA GLY C 373 52.85 -42.85 0.77
C GLY C 373 52.21 -41.90 1.76
N TYR C 374 51.99 -40.62 1.42
CA TYR C 374 51.40 -39.63 2.36
C TYR C 374 50.02 -39.18 1.86
N GLU C 375 49.53 -39.76 0.79
CA GLU C 375 48.15 -39.37 0.32
C GLU C 375 47.09 -39.75 1.36
N SER C 376 45.97 -39.03 1.39
CA SER C 376 44.76 -39.48 2.14
C SER C 376 43.56 -39.04 1.31
N HIS C 377 43.06 -37.84 1.61
CA HIS C 377 41.68 -37.42 1.16
C HIS C 377 41.63 -37.06 -0.34
N ASN C 378 42.75 -36.77 -0.98
CA ASN C 378 42.73 -36.21 -2.37
C ASN C 378 43.62 -37.04 -3.32
N GLY C 379 44.13 -38.21 -2.89
CA GLY C 379 45.14 -38.93 -3.68
C GLY C 379 46.36 -38.06 -3.92
N ALA C 380 46.90 -38.02 -5.14
CA ALA C 380 48.15 -37.29 -5.46
C ALA C 380 47.97 -35.79 -5.26
N THR C 381 46.80 -35.26 -5.57
CA THR C 381 46.64 -33.81 -5.76
C THR C 381 46.59 -33.05 -4.43
N TRP C 382 47.12 -31.84 -4.44
CA TRP C 382 46.90 -30.86 -3.35
C TRP C 382 46.74 -29.49 -3.96
N ASP C 383 46.14 -29.46 -5.18
CA ASP C 383 45.80 -28.19 -5.83
C ASP C 383 44.35 -28.28 -6.30
N VAL C 384 43.42 -27.92 -5.40
CA VAL C 384 41.95 -27.83 -5.66
C VAL C 384 41.58 -26.33 -5.55
N TYR C 385 41.87 -25.65 -6.66
CA TYR C 385 41.51 -24.23 -6.89
C TYR C 385 42.18 -23.34 -5.87
N SER C 386 43.44 -23.63 -5.48
CA SER C 386 44.22 -22.67 -4.67
C SER C 386 44.38 -21.34 -5.42
N PRO C 387 44.53 -20.23 -4.68
CA PRO C 387 44.87 -18.93 -5.28
C PRO C 387 46.09 -18.97 -6.24
N ILE C 388 47.14 -19.71 -5.86
CA ILE C 388 48.27 -19.96 -6.78
C ILE C 388 48.25 -21.45 -7.07
N GLY C 389 48.14 -21.82 -8.34
CA GLY C 389 48.10 -23.25 -8.70
C GLY C 389 49.48 -23.87 -8.77
N LEU C 390 49.52 -25.17 -8.96
CA LEU C 390 50.78 -25.97 -9.02
C LEU C 390 51.70 -25.41 -10.10
N ASP C 391 51.12 -24.90 -11.21
CA ASP C 391 51.86 -24.41 -12.41
C ASP C 391 52.11 -22.89 -12.29
N GLY C 392 51.82 -22.36 -11.10
CA GLY C 392 52.12 -20.98 -10.74
C GLY C 392 51.03 -20.03 -11.22
N ARG C 393 49.94 -20.50 -11.83
CA ARG C 393 48.82 -19.61 -12.23
C ARG C 393 48.18 -18.93 -11.02
N GLU C 394 47.64 -17.73 -11.25
CA GLU C 394 46.87 -16.97 -10.24
C GLU C 394 45.39 -17.12 -10.56
N ARG C 395 44.62 -17.69 -9.64
CA ARG C 395 43.18 -17.92 -9.85
C ARG C 395 42.40 -16.70 -9.37
N GLN C 396 41.13 -16.68 -9.72
CA GLN C 396 40.34 -15.42 -9.70
C GLN C 396 40.17 -14.91 -8.29
N HIS C 397 40.21 -15.78 -7.27
CA HIS C 397 39.93 -15.33 -5.87
C HIS C 397 41.11 -14.54 -5.30
N VAL C 398 42.25 -14.50 -5.99
CA VAL C 398 43.37 -13.58 -5.63
C VAL C 398 42.86 -12.15 -5.56
N GLU C 399 41.93 -11.77 -6.45
CA GLU C 399 41.54 -10.36 -6.54
C GLU C 399 41.06 -9.82 -5.18
N PRO C 400 39.97 -10.34 -4.56
CA PRO C 400 39.50 -9.80 -3.29
C PRO C 400 40.53 -9.93 -2.14
N ILE C 401 41.30 -10.99 -2.19
CA ILE C 401 42.42 -11.15 -1.21
C ILE C 401 43.34 -9.94 -1.30
N LYS C 402 43.69 -9.51 -2.50
CA LYS C 402 44.62 -8.38 -2.66
C LYS C 402 44.01 -7.09 -2.12
N TRP C 403 42.78 -6.70 -2.54
N TRP C 403 42.81 -6.72 -2.55
CA TRP C 403 42.19 -5.38 -2.14
CA TRP C 403 42.28 -5.39 -2.15
C TRP C 403 41.97 -5.36 -0.62
C TRP C 403 41.98 -5.37 -0.63
N ILE C 404 41.41 -6.41 -0.05
CA ILE C 404 41.21 -6.48 1.44
C ILE C 404 42.56 -6.21 2.14
N GLY C 405 43.65 -6.87 1.73
CA GLY C 405 45.00 -6.64 2.31
C GLY C 405 45.44 -5.17 2.24
N GLU C 406 45.31 -4.58 1.05
CA GLU C 406 45.67 -3.15 0.82
C GLU C 406 44.85 -2.28 1.79
N PHE C 407 43.56 -2.55 1.92
CA PHE C 407 42.67 -1.80 2.84
C PHE C 407 43.18 -1.95 4.27
N LEU C 408 43.44 -3.19 4.70
CA LEU C 408 43.75 -3.39 6.14
C LEU C 408 45.09 -2.73 6.50
N LYS C 409 46.05 -2.71 5.57
CA LYS C 409 47.42 -2.22 5.85
C LYS C 409 47.49 -0.70 5.81
N SER C 410 46.55 -0.03 5.14
CA SER C 410 46.52 1.45 4.96
C SER C 410 45.38 2.15 5.74
N ASN C 411 44.65 1.43 6.59
CA ASN C 411 43.56 1.99 7.43
C ASN C 411 43.64 1.39 8.86
N MET C 412 44.72 1.64 9.59
CA MET C 412 44.87 1.09 10.96
C MET C 412 43.74 1.62 11.85
N ASP C 413 43.10 2.74 11.48
CA ASP C 413 41.91 3.29 12.20
C ASP C 413 40.85 2.19 12.36
N PHE C 414 40.68 1.39 11.31
CA PHE C 414 39.57 0.41 11.22
C PHE C 414 39.70 -0.65 12.31
N ILE C 415 40.91 -1.05 12.67
CA ILE C 415 41.09 -2.15 13.68
C ILE C 415 40.67 -1.60 15.05
N GLU C 416 40.87 -0.29 15.27
CA GLU C 416 40.46 0.45 16.50
C GLU C 416 38.93 0.49 16.54
N SER C 417 38.35 0.46 15.34
CA SER C 417 36.90 0.32 15.05
C SER C 417 36.35 -0.85 15.85
N GLN C 418 35.05 -0.83 16.10
CA GLN C 418 34.46 -1.94 16.87
C GLN C 418 33.02 -2.21 16.43
N LEU C 419 32.67 -3.50 16.35
CA LEU C 419 31.25 -3.95 16.25
C LEU C 419 30.69 -4.02 17.68
N LYS C 420 29.74 -3.17 18.05
CA LYS C 420 29.08 -3.16 19.40
C LYS C 420 27.55 -3.14 19.24
N PRO C 421 26.92 -4.25 18.81
CA PRO C 421 25.48 -4.27 18.57
C PRO C 421 24.72 -4.26 19.90
N LYS C 422 23.51 -3.73 19.86
CA LYS C 422 22.51 -3.68 20.95
C LYS C 422 21.86 -5.06 21.14
N VAL C 423 21.97 -5.92 20.14
CA VAL C 423 21.28 -7.23 20.10
C VAL C 423 22.35 -8.32 20.30
N ALA C 424 21.99 -9.37 21.02
CA ALA C 424 22.81 -10.59 21.10
C ALA C 424 21.92 -11.83 20.98
N PHE C 425 22.55 -12.95 20.60
CA PHE C 425 21.92 -14.28 20.63
C PHE C 425 22.48 -15.06 21.84
N GLY C 426 21.60 -15.63 22.65
CA GLY C 426 21.98 -16.37 23.88
C GLY C 426 22.18 -17.82 23.54
N MET C 427 23.42 -18.27 23.54
N MET C 427 23.42 -18.29 23.43
CA MET C 427 23.72 -19.65 23.11
CA MET C 427 23.61 -19.72 23.08
C MET C 427 23.77 -20.51 24.37
C MET C 427 23.67 -20.50 24.39
N TYR C 428 23.26 -21.75 24.29
CA TYR C 428 23.16 -22.69 25.41
C TYR C 428 23.84 -23.97 24.95
N GLU C 429 24.97 -24.27 25.55
CA GLU C 429 25.88 -25.30 24.98
C GLU C 429 25.22 -26.66 24.92
N PRO C 430 24.42 -27.11 25.93
CA PRO C 430 23.80 -28.45 25.85
C PRO C 430 23.02 -28.70 24.55
N TYR C 431 22.42 -27.66 23.94
CA TYR C 431 21.65 -27.76 22.69
C TYR C 431 22.58 -28.11 21.53
N GLU C 432 23.83 -27.66 21.60
CA GLU C 432 24.81 -27.96 20.52
C GLU C 432 25.02 -29.47 20.46
N ALA C 433 25.31 -30.15 21.60
CA ALA C 433 25.50 -31.60 21.56
C ALA C 433 24.27 -32.32 20.99
N LEU C 434 23.07 -32.06 21.53
CA LEU C 434 21.83 -32.72 21.06
C LEU C 434 21.68 -32.53 19.53
N SER C 435 21.89 -31.30 19.06
CA SER C 435 21.68 -30.93 17.63
C SER C 435 22.74 -31.63 16.78
N MET C 436 23.96 -31.70 17.30
CA MET C 436 25.06 -32.38 16.57
C MET C 436 24.76 -33.88 16.44
N TRP C 437 24.27 -34.54 17.51
CA TRP C 437 23.98 -36.00 17.50
C TRP C 437 22.70 -36.27 16.71
N GLY C 438 21.80 -35.32 16.58
CA GLY C 438 20.50 -35.61 15.96
C GLY C 438 19.61 -36.36 16.93
N HIS C 439 19.93 -36.30 18.21
CA HIS C 439 19.24 -37.08 19.28
C HIS C 439 18.12 -36.22 19.83
N ARG C 440 16.92 -36.67 19.63
CA ARG C 440 15.74 -36.06 20.29
C ARG C 440 15.21 -37.07 21.28
N PRO C 441 15.27 -36.83 22.60
CA PRO C 441 14.57 -37.70 23.52
C PRO C 441 13.07 -37.79 23.23
N GLU C 442 12.53 -39.00 23.37
CA GLU C 442 11.13 -39.40 23.16
C GLU C 442 10.24 -38.39 23.87
N SER C 443 10.65 -37.94 25.05
CA SER C 443 9.81 -37.10 25.91
C SER C 443 9.78 -35.65 25.40
N PHE C 444 10.67 -35.24 24.49
CA PHE C 444 10.81 -33.80 24.14
C PHE C 444 9.70 -33.33 23.18
N GLU C 445 9.06 -32.23 23.57
CA GLU C 445 8.05 -31.52 22.70
C GLU C 445 8.78 -30.83 21.54
N GLU C 446 10.06 -30.51 21.67
CA GLU C 446 10.76 -29.79 20.58
C GLU C 446 11.74 -30.63 19.77
N SER C 447 11.89 -30.20 18.52
CA SER C 447 12.89 -30.65 17.54
C SER C 447 14.31 -30.22 17.95
N VAL C 448 15.28 -31.12 17.75
CA VAL C 448 16.71 -30.71 17.85
C VAL C 448 17.29 -30.32 16.48
N ASN C 449 16.43 -30.08 15.45
CA ASN C 449 16.90 -29.69 14.11
C ASN C 449 17.28 -28.21 14.05
N LEU C 450 18.31 -27.83 14.77
CA LEU C 450 18.76 -26.42 14.91
C LEU C 450 19.43 -25.94 13.62
N GLN C 451 19.97 -26.88 12.85
CA GLN C 451 20.58 -26.57 11.55
C GLN C 451 19.46 -25.88 10.73
N GLU C 452 18.29 -26.49 10.73
CA GLU C 452 17.12 -25.97 9.94
C GLU C 452 16.57 -24.72 10.61
N TYR C 453 16.25 -24.73 11.91
CA TYR C 453 15.41 -23.63 12.50
C TYR C 453 16.26 -22.42 12.90
N LEU C 454 17.54 -22.64 13.25
CA LEU C 454 18.40 -21.61 13.89
C LEU C 454 19.53 -21.13 12.94
N PHE C 455 20.29 -22.04 12.34
CA PHE C 455 21.64 -21.68 11.84
C PHE C 455 21.72 -21.54 10.31
N GLY C 456 20.89 -22.28 9.57
CA GLY C 456 21.13 -22.58 8.16
C GLY C 456 20.45 -21.57 7.21
N GLU C 457 20.13 -22.05 6.01
CA GLU C 457 19.59 -21.30 4.85
C GLU C 457 18.30 -20.54 5.21
N ARG C 458 17.45 -21.13 6.05
CA ARG C 458 16.19 -20.56 6.58
C ARG C 458 16.29 -20.31 8.09
N GLY C 459 17.47 -20.33 8.65
CA GLY C 459 17.52 -20.20 10.11
C GLY C 459 17.16 -18.82 10.60
N LEU C 460 16.70 -18.77 11.85
CA LEU C 460 16.47 -17.51 12.57
C LEU C 460 17.67 -16.58 12.44
N LEU C 461 18.91 -17.09 12.58
CA LEU C 461 20.09 -16.20 12.65
C LEU C 461 20.33 -15.60 11.24
N THR C 462 20.00 -16.34 10.18
CA THR C 462 20.07 -15.81 8.80
C THR C 462 19.03 -14.69 8.64
N LEU C 463 17.85 -14.89 9.21
CA LEU C 463 16.76 -13.89 9.19
C LEU C 463 17.26 -12.62 9.84
N LEU C 464 17.90 -12.74 11.03
CA LEU C 464 18.43 -11.51 11.68
C LEU C 464 19.46 -10.82 10.76
N ALA C 465 20.39 -11.55 10.16
CA ALA C 465 21.40 -10.95 9.28
C ALA C 465 20.62 -10.17 8.18
N MET C 466 19.72 -10.85 7.52
CA MET C 466 19.08 -10.31 6.27
C MET C 466 18.09 -9.19 6.62
N SER C 467 17.64 -9.11 7.87
CA SER C 467 16.74 -8.05 8.42
C SER C 467 17.56 -6.82 8.89
N ASN C 468 18.89 -6.80 8.64
CA ASN C 468 19.78 -5.69 9.02
C ASN C 468 19.82 -5.65 10.54
N VAL C 469 20.05 -6.82 11.15
CA VAL C 469 20.25 -6.92 12.63
C VAL C 469 21.57 -7.64 12.94
N PRO C 470 22.71 -6.94 12.96
CA PRO C 470 23.95 -7.51 13.46
C PRO C 470 23.71 -7.91 14.93
N PHE C 471 24.33 -9.03 15.32
CA PHE C 471 24.19 -9.49 16.72
C PHE C 471 25.54 -10.00 17.21
N ASP C 472 25.75 -9.75 18.50
CA ASP C 472 26.74 -10.51 19.30
C ASP C 472 26.15 -11.87 19.72
N VAL C 473 27.02 -12.74 20.25
CA VAL C 473 26.63 -14.02 20.89
C VAL C 473 27.14 -13.96 22.34
N ILE C 474 26.34 -14.46 23.26
CA ILE C 474 26.76 -14.67 24.67
C ILE C 474 26.39 -16.08 25.09
N ASP C 475 27.26 -16.67 25.89
CA ASP C 475 26.97 -17.96 26.52
C ASP C 475 26.08 -17.69 27.73
N LEU C 476 24.92 -18.32 27.78
CA LEU C 476 23.91 -18.11 28.84
C LEU C 476 24.45 -18.67 30.17
N GLU C 477 25.23 -19.71 30.10
CA GLU C 477 25.76 -20.32 31.38
C GLU C 477 26.91 -19.47 31.95
N LEU C 478 27.87 -19.01 31.14
CA LEU C 478 29.06 -18.28 31.67
C LEU C 478 28.67 -16.85 32.01
N SER C 479 27.71 -16.27 31.29
CA SER C 479 27.48 -14.80 31.34
C SER C 479 26.83 -14.39 32.67
N THR C 480 27.27 -13.30 33.28
CA THR C 480 26.57 -12.70 34.44
C THR C 480 25.35 -11.87 33.97
N VAL C 481 24.42 -11.56 34.87
CA VAL C 481 23.31 -10.62 34.55
C VAL C 481 23.89 -9.29 34.07
N GLU C 482 24.90 -8.78 34.78
CA GLU C 482 25.53 -7.48 34.47
C GLU C 482 26.06 -7.52 33.04
N GLU C 483 26.67 -8.62 32.64
CA GLU C 483 27.13 -8.77 31.23
C GLU C 483 25.95 -8.84 30.26
N MET C 484 24.88 -9.55 30.62
CA MET C 484 23.65 -9.64 29.81
C MET C 484 23.08 -8.22 29.62
N LEU C 485 23.07 -7.42 30.67
CA LEU C 485 22.51 -6.05 30.61
C LEU C 485 23.33 -5.11 29.70
N GLN C 486 24.46 -5.53 29.14
CA GLN C 486 25.19 -4.71 28.11
C GLN C 486 24.38 -4.72 26.78
N TYR C 487 23.41 -5.61 26.63
CA TYR C 487 22.59 -5.77 25.41
C TYR C 487 21.19 -5.29 25.70
N GLU C 488 20.62 -4.44 24.82
CA GLU C 488 19.20 -4.05 24.98
C GLU C 488 18.29 -5.23 24.71
N GLN C 489 18.70 -6.16 23.83
CA GLN C 489 17.82 -7.26 23.35
C GLN C 489 18.62 -8.56 23.27
N ILE C 490 18.10 -9.61 23.86
CA ILE C 490 18.70 -10.96 23.74
C ILE C 490 17.67 -11.91 23.19
N TRP C 491 18.06 -12.60 22.12
CA TRP C 491 17.21 -13.62 21.46
C TRP C 491 17.65 -14.99 22.00
N ILE C 492 16.69 -15.81 22.39
CA ILE C 492 16.92 -17.19 22.88
C ILE C 492 16.04 -18.21 22.16
N TYR C 493 16.69 -19.22 21.56
CA TYR C 493 16.01 -20.41 21.02
C TYR C 493 15.95 -21.43 22.17
N SER C 494 14.77 -21.84 22.55
CA SER C 494 14.47 -22.77 23.65
C SER C 494 14.04 -24.13 23.18
N LEU C 495 14.65 -25.15 23.82
CA LEU C 495 14.14 -26.53 23.78
C LEU C 495 13.43 -26.84 25.12
N ASP C 496 13.10 -28.09 25.36
CA ASP C 496 12.31 -28.43 26.57
C ASP C 496 13.09 -28.13 27.86
N PHE C 497 14.41 -28.13 27.85
CA PHE C 497 15.18 -28.02 29.13
C PHE C 497 16.10 -26.79 29.08
N MET C 498 16.24 -26.16 30.22
CA MET C 498 17.25 -25.10 30.41
C MET C 498 17.57 -25.02 31.89
N SER C 499 18.82 -24.79 32.24
CA SER C 499 19.29 -24.97 33.65
C SER C 499 18.58 -23.98 34.58
N ARG C 500 18.42 -24.31 35.86
CA ARG C 500 17.80 -23.39 36.84
C ARG C 500 18.61 -22.10 36.95
N GLU C 501 19.94 -22.20 36.96
CA GLU C 501 20.82 -21.01 37.05
C GLU C 501 20.56 -20.10 35.82
N VAL C 502 20.41 -20.68 34.64
CA VAL C 502 20.21 -19.82 33.45
C VAL C 502 18.83 -19.14 33.56
N GLN C 503 17.78 -19.88 33.94
CA GLN C 503 16.39 -19.33 34.00
C GLN C 503 16.32 -18.22 35.07
N GLU C 504 17.00 -18.38 36.19
CA GLU C 504 17.10 -17.36 37.25
C GLU C 504 17.74 -16.10 36.67
N LYS C 505 18.87 -16.24 35.96
CA LYS C 505 19.61 -15.06 35.43
C LYS C 505 18.76 -14.37 34.36
N LEU C 506 18.10 -15.13 33.48
CA LEU C 506 17.26 -14.54 32.41
C LEU C 506 16.16 -13.68 33.06
N ALA C 507 15.55 -14.17 34.16
CA ALA C 507 14.48 -13.45 34.89
C ALA C 507 15.02 -12.15 35.48
N ARG C 508 16.21 -12.16 36.09
CA ARG C 508 16.87 -10.96 36.65
C ARG C 508 17.18 -9.98 35.51
N TYR C 509 17.70 -10.49 34.39
CA TYR C 509 17.98 -9.67 33.18
C TYR C 509 16.70 -8.86 32.82
N VAL C 510 15.54 -9.50 32.66
CA VAL C 510 14.33 -8.72 32.28
C VAL C 510 13.92 -7.88 33.49
N GLU C 511 14.03 -8.36 34.75
CA GLU C 511 13.65 -7.48 35.87
C GLU C 511 14.45 -6.15 35.80
N GLU C 512 15.73 -6.22 35.45
CA GLU C 512 16.66 -5.06 35.57
C GLU C 512 16.56 -4.20 34.32
N GLY C 513 15.64 -4.52 33.40
CA GLY C 513 15.35 -3.71 32.21
C GLY C 513 15.81 -4.34 30.91
N GLY C 514 16.26 -5.60 30.88
CA GLY C 514 16.63 -6.24 29.62
C GLY C 514 15.39 -6.64 28.86
N ASN C 515 15.57 -6.92 27.57
CA ASN C 515 14.47 -7.35 26.68
C ASN C 515 14.80 -8.70 26.10
N LEU C 516 13.95 -9.70 26.35
CA LEU C 516 14.16 -11.08 25.81
C LEU C 516 13.24 -11.32 24.60
N VAL C 517 13.72 -12.05 23.61
CA VAL C 517 12.84 -12.71 22.62
C VAL C 517 13.10 -14.19 22.82
N ILE C 518 12.06 -14.94 23.11
CA ILE C 518 12.17 -16.44 23.23
C ILE C 518 11.15 -17.16 22.36
N LEU C 519 11.62 -18.24 21.73
CA LEU C 519 10.85 -19.08 20.77
C LEU C 519 11.60 -20.41 20.67
N PRO C 520 10.98 -21.52 20.20
CA PRO C 520 9.55 -21.56 19.85
C PRO C 520 8.66 -22.05 20.97
N THR C 521 9.24 -22.12 22.18
CA THR C 521 8.49 -22.51 23.37
C THR C 521 9.17 -21.88 24.59
N LEU C 522 8.68 -22.20 25.78
CA LEU C 522 9.40 -21.87 27.02
C LEU C 522 9.84 -23.22 27.59
N PRO C 523 11.01 -23.28 28.24
CA PRO C 523 11.43 -24.57 28.79
C PRO C 523 10.44 -25.07 29.84
N SER C 524 10.39 -26.40 30.03
CA SER C 524 9.48 -27.07 30.97
C SER C 524 10.30 -28.01 31.87
N LEU C 525 11.60 -28.17 31.62
CA LEU C 525 12.49 -29.08 32.41
C LEU C 525 13.78 -28.35 32.83
N ASP C 526 14.49 -28.82 33.86
CA ASP C 526 15.77 -28.19 34.23
C ASP C 526 16.90 -28.97 33.55
N GLU C 527 18.15 -28.77 33.99
CA GLU C 527 19.37 -29.41 33.45
C GLU C 527 19.42 -30.90 33.82
N ASN C 528 18.58 -31.36 34.75
CA ASN C 528 18.45 -32.80 35.10
C ASN C 528 17.18 -33.38 34.48
N MET C 529 16.58 -32.69 33.49
CA MET C 529 15.34 -33.17 32.81
C MET C 529 14.20 -33.29 33.83
N LYS C 530 14.23 -32.57 34.93
CA LYS C 530 13.15 -32.63 35.96
C LYS C 530 12.19 -31.48 35.70
N PRO C 531 10.86 -31.64 35.91
CA PRO C 531 9.91 -30.53 35.73
C PRO C 531 10.39 -29.30 36.50
N TYR C 532 10.39 -28.15 35.84
CA TYR C 532 10.90 -26.89 36.42
C TYR C 532 10.42 -25.80 35.47
N THR C 533 9.83 -24.73 36.01
CA THR C 533 8.99 -23.74 35.23
C THR C 533 9.27 -22.29 35.65
N LYS C 534 10.52 -21.97 35.97
CA LYS C 534 10.93 -20.64 36.44
C LYS C 534 10.59 -19.55 35.41
N LEU C 535 11.02 -19.61 34.13
CA LEU C 535 10.66 -18.50 33.16
C LEU C 535 9.17 -18.43 33.02
N ARG C 536 8.50 -19.57 32.84
CA ARG C 536 7.02 -19.57 32.67
C ARG C 536 6.38 -18.79 33.83
N ASP C 537 6.82 -19.13 35.07
CA ASP C 537 6.20 -18.56 36.30
C ASP C 537 6.53 -17.09 36.38
N PHE C 538 7.79 -16.71 36.17
CA PHE C 538 8.26 -15.31 36.29
C PHE C 538 7.53 -14.45 35.24
N LEU C 539 7.48 -14.95 34.04
CA LEU C 539 6.85 -14.15 32.97
C LEU C 539 5.32 -14.24 33.07
N GLY C 540 4.77 -15.19 33.83
CA GLY C 540 3.29 -15.34 33.86
C GLY C 540 2.74 -15.81 32.52
N ILE C 541 3.48 -16.69 31.83
CA ILE C 541 3.13 -17.25 30.49
C ILE C 541 2.98 -18.77 30.52
N GLU C 542 1.81 -19.28 30.10
CA GLU C 542 1.62 -20.73 29.82
C GLU C 542 1.78 -20.94 28.33
N VAL C 543 2.61 -21.90 27.95
CA VAL C 543 2.78 -22.30 26.53
C VAL C 543 2.21 -23.69 26.36
N GLU C 544 1.35 -23.88 25.37
CA GLU C 544 0.71 -25.18 25.08
C GLU C 544 1.79 -26.25 24.91
N LYS C 545 1.51 -27.47 25.38
CA LYS C 545 2.34 -28.69 25.14
C LYS C 545 1.91 -29.24 23.77
N ALA C 546 2.86 -29.37 22.86
CA ALA C 546 2.66 -29.77 21.45
C ALA C 546 3.97 -30.34 20.93
N LYS C 547 3.89 -31.48 20.31
CA LYS C 547 5.06 -32.23 19.86
C LYS C 547 5.43 -31.80 18.44
N ALA C 548 6.56 -31.14 18.28
CA ALA C 548 7.21 -30.93 16.97
C ALA C 548 7.35 -32.25 16.20
N ARG C 549 7.16 -32.18 14.88
CA ARG C 549 7.26 -33.35 13.99
C ARG C 549 8.68 -33.46 13.44
N ASP C 550 9.12 -34.69 13.08
CA ASP C 550 10.46 -34.96 12.53
C ASP C 550 10.31 -35.48 11.09
N ASN C 551 9.23 -36.20 10.79
CA ASN C 551 9.02 -36.72 9.42
C ASN C 551 8.75 -35.49 8.53
N MET C 552 9.58 -35.25 7.53
CA MET C 552 9.45 -34.04 6.63
C MET C 552 8.05 -33.97 6.02
N ARG C 553 7.46 -35.11 5.66
CA ARG C 553 6.13 -35.06 4.99
C ARG C 553 5.03 -34.65 5.99
N LEU C 554 5.28 -34.78 7.30
CA LEU C 554 4.28 -34.55 8.35
C LEU C 554 4.50 -33.19 9.03
N ILE C 555 5.49 -32.41 8.63
CA ILE C 555 5.74 -31.06 9.19
C ILE C 555 4.78 -30.07 8.52
N PRO C 556 3.88 -29.50 9.31
CA PRO C 556 2.86 -28.62 8.71
C PRO C 556 3.43 -27.27 8.27
N TYR C 557 2.62 -26.62 7.45
CA TYR C 557 2.78 -25.20 7.07
C TYR C 557 1.64 -24.45 7.72
N ILE C 558 1.96 -23.38 8.44
CA ILE C 558 0.96 -22.62 9.22
C ILE C 558 1.18 -21.14 8.93
N SER C 559 0.09 -20.39 8.78
CA SER C 559 0.17 -18.95 8.54
C SER C 559 -0.10 -18.19 9.84
N VAL C 560 0.81 -17.29 10.18
CA VAL C 560 0.71 -16.39 11.37
C VAL C 560 0.31 -14.97 10.93
N ASP C 561 -0.58 -14.39 11.66
CA ASP C 561 -1.07 -13.01 11.43
C ASP C 561 -0.64 -12.13 12.60
N ALA C 562 -0.40 -10.86 12.33
CA ALA C 562 -0.28 -9.77 13.30
C ALA C 562 -0.75 -8.49 12.59
N GLU C 563 -0.74 -7.37 13.29
CA GLU C 563 -1.08 -6.07 12.66
C GLU C 563 -0.14 -5.84 11.48
N GLU C 564 -0.70 -5.67 10.31
CA GLU C 564 0.05 -5.40 9.05
C GLU C 564 0.94 -6.58 8.72
N ILE C 565 0.57 -7.76 9.19
CA ILE C 565 1.27 -9.01 8.82
C ILE C 565 0.17 -9.98 8.46
N ASP C 566 -0.05 -10.18 7.16
CA ASP C 566 -1.11 -11.09 6.72
C ASP C 566 -0.49 -12.41 6.25
N ARG C 567 -0.57 -13.42 7.12
CA ARG C 567 -0.24 -14.82 6.79
C ARG C 567 1.25 -14.97 6.43
N MET C 568 2.09 -14.82 7.46
CA MET C 568 3.54 -15.08 7.39
C MET C 568 3.71 -16.58 7.65
N VAL C 569 4.29 -17.33 6.73
CA VAL C 569 4.40 -18.81 6.84
C VAL C 569 5.45 -19.22 7.90
N VAL C 570 5.07 -20.22 8.67
CA VAL C 570 6.00 -20.92 9.61
C VAL C 570 5.83 -22.40 9.39
N ARG C 571 6.80 -23.15 9.92
CA ARG C 571 6.87 -24.62 9.78
C ARG C 571 6.79 -25.25 11.17
N ASN C 572 6.17 -26.41 11.21
CA ASN C 572 6.13 -27.30 12.39
C ASN C 572 5.12 -26.72 13.39
N VAL C 573 4.89 -27.45 14.48
CA VAL C 573 3.79 -27.16 15.45
C VAL C 573 3.95 -25.74 15.95
N VAL C 574 2.80 -25.07 16.06
CA VAL C 574 2.66 -23.71 16.62
C VAL C 574 1.89 -23.88 17.92
N ARG C 575 2.38 -23.26 18.99
CA ARG C 575 1.81 -23.41 20.33
C ARG C 575 0.97 -22.19 20.72
N GLU C 576 -0.19 -22.45 21.28
CA GLU C 576 -0.97 -21.40 21.99
C GLU C 576 -0.14 -20.85 23.16
N VAL C 577 -0.12 -19.53 23.30
CA VAL C 577 0.65 -18.78 24.35
C VAL C 577 -0.35 -17.95 25.14
N LYS C 578 -0.48 -18.20 26.47
CA LYS C 578 -1.40 -17.44 27.35
C LYS C 578 -0.59 -16.63 28.36
N GLY C 579 -0.98 -15.39 28.62
CA GLY C 579 -0.52 -14.68 29.82
C GLY C 579 0.04 -13.30 29.56
N GLY C 580 0.03 -12.80 28.32
CA GLY C 580 0.53 -11.42 28.16
C GLY C 580 -0.29 -10.71 27.12
N LYS C 581 0.31 -9.76 26.48
CA LYS C 581 -0.41 -9.02 25.36
C LYS C 581 -0.24 -9.76 24.02
N ALA C 582 -1.31 -10.14 23.33
CA ALA C 582 -1.23 -10.93 22.08
C ALA C 582 -0.60 -10.08 20.96
N ILE C 583 0.41 -10.58 20.26
CA ILE C 583 1.06 -9.84 19.16
C ILE C 583 1.13 -10.77 17.92
N ALA C 584 0.61 -11.99 18.00
CA ALA C 584 0.64 -12.97 16.91
C ALA C 584 -0.50 -13.97 17.08
N TRP C 585 -1.13 -14.37 15.95
CA TRP C 585 -2.33 -15.21 15.94
C TRP C 585 -2.23 -16.22 14.82
N VAL C 586 -2.72 -17.43 15.08
CA VAL C 586 -3.09 -18.41 14.02
C VAL C 586 -4.61 -18.51 14.07
N GLY C 587 -5.29 -17.89 13.09
CA GLY C 587 -6.74 -17.65 13.23
C GLY C 587 -7.01 -16.88 14.52
N ASP C 588 -7.82 -17.46 15.41
CA ASP C 588 -8.33 -16.86 16.68
C ASP C 588 -7.35 -17.16 17.83
N LYS C 589 -6.44 -18.09 17.61
CA LYS C 589 -5.51 -18.59 18.67
C LYS C 589 -4.33 -17.65 18.78
N VAL C 590 -4.06 -17.20 19.98
CA VAL C 590 -2.88 -16.34 20.27
C VAL C 590 -1.63 -17.23 20.28
N VAL C 591 -0.63 -16.92 19.46
CA VAL C 591 0.59 -17.76 19.40
C VAL C 591 1.85 -16.95 19.67
N GLY C 592 1.71 -15.75 20.22
CA GLY C 592 2.83 -14.85 20.49
C GLY C 592 2.36 -13.73 21.38
N VAL C 593 3.13 -13.41 22.42
CA VAL C 593 2.79 -12.43 23.47
C VAL C 593 4.00 -11.60 23.89
N MET C 594 3.70 -10.45 24.44
CA MET C 594 4.67 -9.55 25.07
C MET C 594 4.26 -9.36 26.53
N VAL C 595 5.22 -9.46 27.42
CA VAL C 595 4.93 -9.17 28.87
C VAL C 595 6.01 -8.21 29.34
N ARG C 596 5.66 -7.46 30.35
CA ARG C 596 6.60 -6.51 30.99
C ARG C 596 6.70 -6.97 32.43
N LYS C 597 7.95 -7.10 32.90
CA LYS C 597 8.27 -7.42 34.30
C LYS C 597 9.40 -6.50 34.74
N GLY C 598 9.19 -5.88 35.89
CA GLY C 598 10.16 -4.91 36.44
C GLY C 598 10.35 -3.81 35.45
N LYS C 599 11.60 -3.53 35.10
CA LYS C 599 11.95 -2.50 34.10
C LYS C 599 11.97 -3.04 32.67
N GLY C 600 11.86 -4.35 32.42
CA GLY C 600 12.12 -4.91 31.07
C GLY C 600 10.91 -5.65 30.51
N SER C 601 11.15 -6.46 29.50
CA SER C 601 10.08 -7.19 28.78
C SER C 601 10.59 -8.50 28.21
N ALA C 602 9.64 -9.33 27.80
CA ALA C 602 9.89 -10.55 27.03
C ALA C 602 8.80 -10.68 25.98
N VAL C 603 9.22 -10.96 24.78
CA VAL C 603 8.34 -11.47 23.72
C VAL C 603 8.53 -12.96 23.62
N VAL C 604 7.46 -13.70 23.70
CA VAL C 604 7.52 -15.17 23.60
C VAL C 604 6.69 -15.61 22.40
N LEU C 605 7.29 -16.35 21.50
CA LEU C 605 6.58 -16.85 20.30
C LEU C 605 6.49 -18.36 20.41
N GLY C 606 5.30 -18.91 20.15
CA GLY C 606 4.99 -20.35 20.07
C GLY C 606 5.37 -20.97 18.73
N PHE C 607 6.25 -20.33 17.95
CA PHE C 607 6.63 -20.82 16.62
C PHE C 607 8.10 -20.54 16.37
N ARG C 608 8.60 -21.22 15.32
CA ARG C 608 9.95 -21.12 14.77
C ARG C 608 9.97 -20.01 13.73
N LEU C 609 10.37 -18.82 14.09
CA LEU C 609 10.49 -17.74 13.12
C LEU C 609 11.66 -18.04 12.21
N GLN C 610 11.44 -18.08 10.89
CA GLN C 610 12.52 -18.44 9.96
C GLN C 610 12.72 -17.41 8.84
N TYR C 611 13.88 -17.52 8.17
CA TYR C 611 14.20 -16.69 6.97
C TYR C 611 13.54 -17.25 5.72
N TYR C 612 12.51 -16.55 5.20
CA TYR C 612 11.98 -16.81 3.85
C TYR C 612 11.97 -15.48 3.11
N SER C 613 12.23 -15.55 1.82
CA SER C 613 12.38 -14.37 0.96
C SER C 613 11.18 -14.35 0.03
N SER C 614 10.57 -13.18 -0.13
CA SER C 614 9.37 -13.00 -1.01
C SER C 614 9.15 -11.51 -1.21
N TYR C 615 8.27 -11.18 -2.19
CA TYR C 615 7.86 -9.78 -2.38
C TYR C 615 7.22 -9.26 -1.11
N HIS C 616 6.33 -10.04 -0.52
CA HIS C 616 5.54 -9.59 0.65
C HIS C 616 6.50 -9.45 1.83
N ASP C 617 7.52 -10.30 1.91
CA ASP C 617 8.73 -10.06 2.78
C ASP C 617 8.33 -10.07 4.27
N LEU C 618 7.37 -10.89 4.68
CA LEU C 618 6.74 -10.71 6.01
C LEU C 618 7.68 -11.17 7.16
N HIS C 619 8.65 -12.02 6.89
CA HIS C 619 9.57 -12.53 7.96
C HIS C 619 10.51 -11.39 8.40
N ARG C 620 11.06 -10.64 7.46
CA ARG C 620 11.88 -9.47 7.81
C ARG C 620 11.01 -8.42 8.48
N LYS C 621 9.76 -8.22 7.99
CA LYS C 621 8.86 -7.20 8.59
C LYS C 621 8.55 -7.57 10.03
N PHE C 622 8.48 -8.89 10.31
CA PHE C 622 8.18 -9.41 11.66
C PHE C 622 9.35 -9.14 12.61
N VAL C 623 10.59 -9.19 12.12
CA VAL C 623 11.77 -8.77 12.91
C VAL C 623 11.63 -7.28 13.22
N ASP C 624 11.29 -6.47 12.22
CA ASP C 624 11.11 -5.03 12.48
C ASP C 624 10.11 -4.85 13.65
N LYS C 625 9.03 -5.61 13.65
CA LYS C 625 7.90 -5.49 14.60
C LYS C 625 8.42 -5.83 16.00
N ILE C 626 9.24 -6.87 16.09
CA ILE C 626 9.77 -7.25 17.44
C ILE C 626 10.75 -6.18 17.93
N LEU C 627 11.61 -5.64 17.06
CA LEU C 627 12.50 -4.52 17.44
C LEU C 627 11.65 -3.33 17.93
N GLN C 628 10.62 -2.92 17.17
CA GLN C 628 9.70 -1.81 17.52
C GLN C 628 9.05 -2.06 18.89
N LEU C 629 8.50 -3.25 19.11
CA LEU C 629 7.80 -3.60 20.38
C LEU C 629 8.74 -3.44 21.56
N GLN C 630 10.03 -3.68 21.41
CA GLN C 630 10.94 -3.56 22.58
C GLN C 630 11.80 -2.30 22.50
N GLY C 631 11.48 -1.35 21.64
CA GLY C 631 12.19 -0.06 21.64
C GLY C 631 13.62 -0.15 21.16
N ILE C 632 13.93 -1.03 20.22
CA ILE C 632 15.33 -1.30 19.80
C ILE C 632 15.51 -0.55 18.50
N GLU C 633 16.43 0.41 18.41
CA GLU C 633 16.64 1.15 17.15
C GLU C 633 18.00 0.80 16.56
N ARG C 634 18.03 0.60 15.25
CA ARG C 634 19.27 0.42 14.45
C ARG C 634 20.06 1.73 14.54
N ASP C 635 21.38 1.69 14.39
CA ASP C 635 22.29 2.89 14.42
C ASP C 635 22.37 3.51 13.02
N PHE C 636 21.63 2.98 12.04
CA PHE C 636 21.67 3.46 10.64
C PHE C 636 20.26 3.34 10.07
N GLU C 637 20.00 4.05 8.96
CA GLU C 637 18.76 3.84 8.18
C GLU C 637 19.18 3.58 6.73
N VAL C 638 18.39 2.78 6.03
CA VAL C 638 18.59 2.52 4.58
C VAL C 638 17.21 2.63 3.95
N SER C 639 17.15 3.31 2.80
CA SER C 639 15.92 3.42 1.98
C SER C 639 15.62 2.07 1.32
N ASN C 640 16.60 1.17 1.19
CA ASN C 640 16.41 -0.14 0.53
C ASN C 640 16.95 -1.19 1.52
N ARG C 641 16.10 -2.00 2.13
CA ARG C 641 16.54 -2.90 3.23
C ARG C 641 17.42 -4.00 2.67
N ASP C 642 17.59 -4.10 1.35
CA ASP C 642 18.53 -5.09 0.74
C ASP C 642 19.99 -4.64 0.89
N ILE C 643 20.23 -3.37 1.22
CA ILE C 643 21.60 -2.87 1.57
C ILE C 643 21.91 -3.37 3.01
N ILE C 644 22.78 -4.33 3.17
CA ILE C 644 23.17 -4.74 4.54
C ILE C 644 24.22 -3.74 5.02
N VAL C 645 24.02 -3.23 6.24
CA VAL C 645 24.96 -2.27 6.88
C VAL C 645 25.49 -2.87 8.20
N ILE C 646 26.80 -2.92 8.28
CA ILE C 646 27.44 -3.34 9.58
C ILE C 646 28.23 -2.13 10.03
N PRO C 647 27.69 -1.41 11.05
CA PRO C 647 28.31 -0.18 11.51
C PRO C 647 29.58 -0.51 12.32
N ARG C 648 30.69 0.16 12.02
CA ARG C 648 31.95 0.07 12.83
C ARG C 648 32.52 1.47 13.11
N GLY C 649 31.71 2.33 13.72
CA GLY C 649 32.11 3.68 14.15
C GLY C 649 32.52 4.55 12.99
N ASN C 650 33.82 4.73 12.81
CA ASN C 650 34.46 5.57 11.76
C ASN C 650 34.31 4.91 10.37
N TYR C 651 33.82 3.68 10.30
CA TYR C 651 33.57 2.97 9.02
C TYR C 651 32.19 2.33 8.99
N LEU C 652 31.61 2.30 7.79
CA LEU C 652 30.33 1.63 7.52
C LEU C 652 30.65 0.47 6.58
N VAL C 653 30.39 -0.77 6.97
CA VAL C 653 30.53 -1.88 6.01
C VAL C 653 29.21 -2.02 5.24
N VAL C 654 29.29 -1.89 3.93
CA VAL C 654 28.07 -1.90 3.07
C VAL C 654 28.19 -3.13 2.17
N VAL C 655 27.11 -3.90 2.18
CA VAL C 655 27.07 -5.28 1.62
C VAL C 655 25.85 -5.47 0.72
N ASN C 656 26.13 -6.00 -0.45
CA ASN C 656 25.09 -6.60 -1.31
C ASN C 656 25.40 -8.10 -1.36
N PRO C 657 24.57 -8.95 -0.73
CA PRO C 657 24.83 -10.40 -0.69
C PRO C 657 24.33 -11.13 -1.94
N ARG C 658 23.73 -10.41 -2.92
CA ARG C 658 23.15 -11.02 -4.14
C ARG C 658 23.80 -10.44 -5.39
N ASP C 659 23.88 -11.24 -6.44
CA ASP C 659 24.30 -10.78 -7.78
C ASP C 659 22.99 -10.23 -8.39
N ASP C 660 22.62 -9.05 -7.90
CA ASP C 660 21.39 -8.32 -8.30
C ASP C 660 21.61 -6.85 -7.92
N LYS C 661 21.34 -5.96 -8.87
CA LYS C 661 21.58 -4.50 -8.71
C LYS C 661 20.75 -3.98 -7.53
N VAL C 662 21.41 -3.32 -6.59
CA VAL C 662 20.74 -2.72 -5.42
C VAL C 662 21.08 -1.24 -5.38
N THR C 663 20.09 -0.44 -5.05
CA THR C 663 20.21 1.03 -5.09
C THR C 663 19.51 1.65 -3.88
N GLY C 664 20.04 2.71 -3.28
CA GLY C 664 19.30 3.39 -2.19
C GLY C 664 20.16 4.32 -1.36
N LYS C 665 19.51 4.96 -0.40
CA LYS C 665 20.09 6.00 0.49
C LYS C 665 20.44 5.32 1.79
N VAL C 666 21.54 5.75 2.39
CA VAL C 666 22.07 5.30 3.70
C VAL C 666 22.24 6.55 4.56
N ARG C 667 21.76 6.50 5.81
CA ARG C 667 21.91 7.59 6.77
C ARG C 667 22.59 7.04 8.03
N TYR C 668 23.67 7.70 8.45
CA TYR C 668 24.53 7.22 9.56
C TYR C 668 25.30 8.42 10.13
N ARG C 669 25.16 8.68 11.44
CA ARG C 669 25.94 9.73 12.13
C ARG C 669 25.81 11.04 11.39
N GLY C 670 24.56 11.41 11.10
CA GLY C 670 24.22 12.77 10.61
C GLY C 670 24.64 13.00 9.17
N VAL C 671 25.02 11.96 8.43
CA VAL C 671 25.27 12.07 6.97
C VAL C 671 24.27 11.16 6.23
N GLU C 672 24.01 11.50 4.98
CA GLU C 672 23.15 10.72 4.06
C GLU C 672 23.84 10.72 2.71
N PHE C 673 23.86 9.57 2.05
CA PHE C 673 24.45 9.41 0.70
C PHE C 673 23.74 8.27 -0.02
N ASN C 674 23.84 8.30 -1.35
CA ASN C 674 23.31 7.26 -2.27
C ASN C 674 24.39 6.18 -2.46
N VAL C 675 24.01 4.92 -2.46
CA VAL C 675 24.93 3.82 -2.87
C VAL C 675 24.28 3.08 -4.02
N GLU C 676 25.16 2.52 -4.83
CA GLU C 676 24.80 1.75 -6.02
C GLU C 676 25.69 0.53 -6.00
N LEU C 677 25.11 -0.61 -5.68
CA LEU C 677 25.82 -1.92 -5.61
C LEU C 677 25.33 -2.79 -6.77
N ASN C 678 26.05 -2.75 -7.89
CA ASN C 678 25.58 -3.33 -9.18
C ASN C 678 25.72 -4.85 -9.16
N LYS C 679 26.39 -5.42 -8.18
CA LYS C 679 26.52 -6.90 -8.07
C LYS C 679 26.88 -7.26 -6.62
N ARG C 680 27.14 -8.53 -6.38
CA ARG C 680 27.53 -9.04 -5.03
C ARG C 680 28.89 -8.48 -4.65
N GLY C 681 29.00 -7.92 -3.45
CA GLY C 681 30.27 -7.44 -2.89
C GLY C 681 30.13 -6.59 -1.64
N VAL C 682 31.23 -5.97 -1.28
CA VAL C 682 31.39 -5.26 0.02
C VAL C 682 32.25 -4.02 -0.17
N LEU C 683 31.79 -2.90 0.41
CA LEU C 683 32.58 -1.67 0.56
C LEU C 683 32.85 -1.39 2.05
N TYR C 684 34.01 -0.82 2.35
CA TYR C 684 34.33 -0.18 3.64
C TYR C 684 34.29 1.33 3.44
N ILE C 685 33.19 1.93 3.87
CA ILE C 685 32.90 3.37 3.64
C ILE C 685 33.37 4.17 4.84
N PRO C 686 34.35 5.08 4.67
CA PRO C 686 34.78 5.97 5.75
C PRO C 686 33.72 7.05 6.05
N ILE C 687 33.60 7.36 7.34
CA ILE C 687 32.62 8.30 7.94
C ILE C 687 33.39 9.15 8.94
N ASN C 688 33.40 10.46 8.67
CA ASN C 688 33.88 11.56 9.56
C ASN C 688 35.29 11.20 10.06
N VAL C 689 36.17 10.79 9.15
CA VAL C 689 37.56 10.31 9.43
C VAL C 689 38.59 11.12 8.59
N GLU C 690 39.67 11.57 9.22
CA GLU C 690 40.86 12.15 8.54
C GLU C 690 41.67 11.01 7.90
N ILE C 691 41.94 11.09 6.60
CA ILE C 691 42.77 10.09 5.84
C ILE C 691 43.95 10.84 5.20
N ASN C 692 45.14 10.64 5.76
CA ASN C 692 46.41 11.24 5.29
C ASN C 692 46.14 12.70 4.96
N GLY C 693 45.72 13.47 5.98
CA GLY C 693 45.52 14.93 5.93
C GLY C 693 44.10 15.34 5.58
N ILE C 694 43.36 14.51 4.83
CA ILE C 694 42.08 14.90 4.14
C ILE C 694 40.89 14.53 5.01
N LYS C 695 40.08 15.53 5.44
CA LYS C 695 38.88 15.24 6.27
C LYS C 695 37.77 14.75 5.33
N VAL C 696 37.56 13.42 5.28
CA VAL C 696 36.49 12.84 4.42
C VAL C 696 35.28 12.57 5.31
N LEU C 697 34.20 13.33 5.06
CA LEU C 697 32.88 13.19 5.71
C LEU C 697 32.30 11.82 5.38
N TYR C 698 32.31 11.40 4.11
CA TYR C 698 31.90 10.05 3.65
C TYR C 698 32.52 9.87 2.27
N ALA C 699 32.84 8.63 1.92
CA ALA C 699 33.14 8.24 0.52
C ALA C 699 32.50 6.89 0.22
N THR C 700 31.86 6.79 -0.94
CA THR C 700 30.98 5.69 -1.36
C THR C 700 31.87 4.63 -2.05
N ALA C 701 33.00 4.32 -1.43
CA ALA C 701 34.10 3.53 -2.04
C ALA C 701 35.11 3.17 -0.96
N THR C 702 35.91 2.09 -1.14
CA THR C 702 36.89 1.67 -0.12
C THR C 702 38.19 2.45 -0.35
N PRO C 703 38.71 3.15 0.70
CA PRO C 703 40.05 3.75 0.63
C PRO C 703 41.09 2.63 0.77
N VAL C 704 41.84 2.47 -0.30
CA VAL C 704 42.79 1.34 -0.50
C VAL C 704 44.23 1.87 -0.37
N GLY C 705 44.45 3.15 -0.65
CA GLY C 705 45.81 3.69 -0.68
C GLY C 705 45.85 5.07 -0.08
N ARG C 706 47.01 5.45 0.47
CA ARG C 706 47.31 6.78 1.03
C ARG C 706 48.58 7.32 0.40
N GLY C 707 48.63 8.62 0.13
CA GLY C 707 49.88 9.35 -0.20
C GLY C 707 49.84 10.77 0.31
N GLU C 708 50.95 11.50 0.18
CA GLU C 708 51.03 12.97 0.48
C GLU C 708 49.81 13.66 -0.18
N GLY C 709 48.77 13.97 0.60
CA GLY C 709 47.55 14.67 0.15
C GLY C 709 46.75 13.89 -0.90
N THR C 710 46.91 12.57 -0.99
CA THR C 710 46.13 11.73 -1.95
C THR C 710 45.47 10.55 -1.25
N ILE C 711 44.28 10.19 -1.75
CA ILE C 711 43.58 8.90 -1.45
C ILE C 711 43.26 8.19 -2.77
N ARG C 712 43.56 6.88 -2.79
CA ARG C 712 43.11 5.91 -3.81
C ARG C 712 41.90 5.13 -3.26
N PHE C 713 40.80 5.22 -3.98
CA PHE C 713 39.50 4.60 -3.69
C PHE C 713 39.27 3.42 -4.62
N ARG C 714 38.58 2.41 -4.12
CA ARG C 714 38.11 1.32 -4.96
C ARG C 714 36.60 1.22 -4.87
N ASN C 715 35.95 1.19 -6.03
CA ASN C 715 34.50 0.93 -6.12
C ASN C 715 34.25 0.05 -7.34
N HIS C 716 34.41 -1.25 -7.11
CA HIS C 716 34.18 -2.33 -8.12
C HIS C 716 32.68 -2.57 -8.31
N LEU C 717 31.81 -1.90 -7.57
CA LEU C 717 30.36 -2.24 -7.57
C LEU C 717 29.57 -1.12 -8.29
N ALA C 718 30.22 -0.07 -8.78
CA ALA C 718 29.55 0.90 -9.69
C ALA C 718 30.56 1.73 -10.47
N ASN C 719 30.10 2.64 -11.36
CA ASN C 719 31.01 3.53 -12.12
C ASN C 719 30.92 4.95 -11.58
N VAL C 720 30.29 5.10 -10.43
CA VAL C 720 30.02 6.42 -9.82
C VAL C 720 30.26 6.27 -8.33
N THR C 721 30.94 7.25 -7.74
CA THR C 721 31.21 7.36 -6.29
C THR C 721 30.93 8.78 -5.76
N GLU C 722 30.16 8.89 -4.67
CA GLU C 722 29.87 10.15 -3.94
C GLU C 722 30.94 10.34 -2.85
N ILE C 723 31.62 11.48 -2.85
CA ILE C 723 32.61 11.90 -1.82
C ILE C 723 32.24 13.29 -1.30
N ALA C 724 32.30 13.46 0.02
CA ALA C 724 32.13 14.74 0.72
C ALA C 724 33.35 14.94 1.58
N ILE C 725 33.98 16.10 1.46
CA ILE C 725 35.20 16.44 2.24
C ILE C 725 35.07 17.87 2.75
N ASN C 726 35.79 18.15 3.84
CA ASN C 726 35.90 19.51 4.41
C ASN C 726 36.96 20.30 3.66
N GLY C 727 37.77 19.64 2.83
CA GLY C 727 38.66 20.29 1.85
C GLY C 727 37.99 20.53 0.51
N LYS C 728 38.79 20.67 -0.54
CA LYS C 728 38.37 20.86 -1.95
C LYS C 728 39.32 20.05 -2.84
N ILE C 729 38.77 19.22 -3.73
CA ILE C 729 39.56 18.32 -4.62
C ILE C 729 40.30 19.21 -5.61
N LYS C 730 41.63 19.16 -5.58
CA LYS C 730 42.48 19.84 -6.60
C LYS C 730 42.46 18.94 -7.85
N GLU C 731 42.55 17.60 -7.74
CA GLU C 731 42.66 16.71 -8.95
C GLU C 731 42.03 15.31 -8.77
N VAL C 732 41.53 14.71 -9.87
CA VAL C 732 41.00 13.31 -9.94
C VAL C 732 41.65 12.53 -11.10
N SER C 733 42.32 11.43 -10.76
CA SER C 733 42.98 10.47 -11.70
C SER C 733 42.11 9.20 -11.81
N GLY C 734 41.82 8.73 -13.02
CA GLY C 734 40.95 7.57 -13.29
C GLY C 734 39.46 7.92 -13.30
N GLY C 735 39.12 9.21 -13.34
CA GLY C 735 37.72 9.66 -13.40
C GLY C 735 37.64 11.15 -13.50
N TYR C 736 36.46 11.71 -13.28
CA TYR C 736 36.23 13.17 -13.34
C TYR C 736 34.97 13.53 -12.55
N ILE C 737 34.97 14.76 -12.00
CA ILE C 737 33.81 15.29 -11.23
C ILE C 737 32.66 15.32 -12.22
N LEU C 738 31.57 14.59 -11.98
CA LEU C 738 30.32 14.69 -12.78
C LEU C 738 29.54 15.90 -12.29
N GLN C 739 29.75 16.30 -11.05
CA GLN C 739 28.80 17.17 -10.31
C GLN C 739 29.43 17.57 -8.98
N GLU C 740 29.24 18.80 -8.50
CA GLU C 740 29.70 19.15 -7.13
C GLU C 740 28.84 20.28 -6.54
N LYS C 741 28.73 20.30 -5.22
CA LYS C 741 28.21 21.47 -4.46
C LYS C 741 29.11 21.71 -3.24
N SER C 742 29.29 23.00 -2.91
CA SER C 742 29.93 23.50 -1.67
C SER C 742 28.84 23.80 -0.64
N SER C 743 29.24 23.88 0.63
CA SER C 743 28.36 24.09 1.80
C SER C 743 29.22 24.60 2.95
N GLY C 744 29.61 25.88 2.83
CA GLY C 744 30.77 26.46 3.53
C GLY C 744 32.04 25.74 3.12
N GLU C 745 32.66 25.05 4.07
CA GLU C 745 33.96 24.36 3.87
C GLU C 745 33.72 23.00 3.20
N LYS C 746 32.56 22.37 3.46
CA LYS C 746 32.16 21.07 2.86
C LYS C 746 32.09 21.19 1.34
N ASN C 747 32.61 20.20 0.62
CA ASN C 747 32.42 20.04 -0.84
C ASN C 747 31.98 18.60 -1.11
N ILE C 748 30.80 18.44 -1.71
CA ILE C 748 30.15 17.13 -1.95
C ILE C 748 30.20 16.84 -3.46
N TYR C 749 30.96 15.81 -3.88
CA TYR C 749 31.25 15.48 -5.29
C TYR C 749 30.70 14.12 -5.71
N VAL C 750 30.38 14.01 -7.00
CA VAL C 750 30.05 12.73 -7.71
C VAL C 750 31.12 12.50 -8.78
N ILE C 751 31.89 11.44 -8.63
CA ILE C 751 33.05 11.13 -9.50
C ILE C 751 32.65 9.95 -10.39
N LYS C 752 32.74 10.11 -11.70
CA LYS C 752 32.58 8.99 -12.66
C LYS C 752 33.96 8.40 -12.96
N HIS C 753 34.08 7.07 -12.85
CA HIS C 753 35.30 6.27 -13.15
C HIS C 753 34.91 5.08 -14.04
N GLU C 754 35.65 4.80 -15.11
CA GLU C 754 35.24 3.65 -15.97
C GLU C 754 35.98 2.37 -15.56
N SER C 755 37.00 2.42 -14.69
CA SER C 755 37.55 1.21 -14.02
C SER C 755 37.27 1.24 -12.50
N GLU C 756 37.74 0.27 -11.71
CA GLU C 756 37.26 0.15 -10.31
C GLU C 756 38.01 1.13 -9.37
N THR C 757 39.15 1.68 -9.80
CA THR C 757 40.06 2.45 -8.93
C THR C 757 40.14 3.90 -9.45
N PHE C 758 40.25 4.85 -8.54
CA PHE C 758 40.59 6.25 -8.89
C PHE C 758 41.27 6.91 -7.69
N GLU C 759 41.94 8.04 -7.96
CA GLU C 759 42.71 8.83 -6.96
C GLU C 759 42.19 10.26 -6.95
N ILE C 760 42.14 10.86 -5.77
CA ILE C 760 41.90 12.32 -5.56
C ILE C 760 43.18 12.92 -4.95
N ARG C 761 43.50 14.18 -5.32
CA ARG C 761 44.52 15.05 -4.66
C ARG C 761 43.77 16.21 -3.98
N VAL C 762 44.04 16.45 -2.70
CA VAL C 762 43.62 17.68 -1.99
C VAL C 762 44.94 18.38 -1.64
N ARG D 1 6.22 -25.79 -37.77
CA ARG D 1 4.87 -25.54 -37.20
C ARG D 1 4.97 -24.28 -36.33
N ILE D 2 5.01 -24.45 -35.02
CA ILE D 2 5.40 -23.39 -34.04
C ILE D 2 6.03 -24.08 -32.84
N VAL D 3 6.87 -23.37 -32.08
CA VAL D 3 7.51 -23.94 -30.84
C VAL D 3 6.80 -23.34 -29.61
N VAL D 4 6.38 -24.19 -28.66
CA VAL D 4 5.66 -23.69 -27.47
C VAL D 4 6.69 -23.04 -26.56
N TYR D 5 6.55 -21.72 -26.33
CA TYR D 5 7.44 -20.94 -25.45
C TYR D 5 6.55 -20.16 -24.50
N GLY D 6 6.34 -20.71 -23.30
CA GLY D 6 5.24 -20.27 -22.42
C GLY D 6 5.69 -19.81 -21.05
N GLY D 7 4.83 -19.08 -20.39
CA GLY D 7 4.86 -18.82 -18.93
C GLY D 7 3.55 -19.14 -18.26
N THR D 8 3.65 -19.47 -16.97
CA THR D 8 2.48 -19.74 -16.12
C THR D 8 2.02 -18.41 -15.51
N LEU D 9 0.77 -18.05 -15.81
CA LEU D 9 0.06 -16.96 -15.11
C LEU D 9 -1.18 -17.56 -14.46
N GLN D 10 -1.16 -17.83 -13.13
CA GLN D 10 -2.33 -18.42 -12.43
C GLN D 10 -3.32 -17.28 -12.17
N TYR D 11 -4.33 -17.12 -13.09
CA TYR D 11 -5.35 -16.02 -13.05
C TYR D 11 -5.98 -15.92 -11.66
N PHE D 12 -6.14 -17.04 -10.95
CA PHE D 12 -6.80 -17.07 -9.62
C PHE D 12 -5.90 -16.52 -8.52
N ARG D 13 -4.67 -16.13 -8.84
CA ARG D 13 -3.72 -15.62 -7.81
C ARG D 13 -3.16 -14.28 -8.23
N VAL D 14 -3.83 -13.63 -9.24
CA VAL D 14 -3.32 -12.35 -9.79
C VAL D 14 -4.56 -11.48 -9.90
N PRO D 15 -4.56 -10.20 -9.49
CA PRO D 15 -5.79 -9.41 -9.59
C PRO D 15 -6.31 -9.32 -11.05
N ARG D 16 -7.63 -9.37 -11.19
CA ARG D 16 -8.23 -9.42 -12.54
C ARG D 16 -7.83 -8.14 -13.30
N ASN D 17 -7.81 -6.99 -12.61
CA ASN D 17 -7.38 -5.65 -13.12
C ASN D 17 -5.97 -5.70 -13.74
N SER D 18 -5.15 -6.69 -13.35
CA SER D 18 -3.75 -6.82 -13.80
C SER D 18 -3.59 -7.81 -14.94
N TRP D 19 -4.56 -8.67 -15.21
CA TRP D 19 -4.31 -9.80 -16.17
C TRP D 19 -3.83 -9.24 -17.52
N GLU D 20 -4.49 -8.21 -18.03
CA GLU D 20 -4.16 -7.81 -19.42
C GLU D 20 -2.75 -7.25 -19.46
N ARG D 21 -2.35 -6.44 -18.48
CA ARG D 21 -1.00 -5.82 -18.44
C ARG D 21 0.07 -6.91 -18.25
N MET D 22 -0.24 -7.95 -17.49
CA MET D 22 0.73 -9.07 -17.25
C MET D 22 0.89 -9.92 -18.53
N LEU D 23 -0.21 -10.24 -19.19
CA LEU D 23 -0.22 -10.99 -20.47
C LEU D 23 0.56 -10.20 -21.54
N LYS D 24 0.39 -8.87 -21.61
CA LYS D 24 1.08 -8.05 -22.64
C LYS D 24 2.58 -8.02 -22.37
N LYS D 25 2.94 -7.90 -21.09
CA LYS D 25 4.36 -7.94 -20.71
C LYS D 25 4.92 -9.31 -21.14
N MET D 26 4.14 -10.36 -20.95
CA MET D 26 4.56 -11.75 -21.28
C MET D 26 4.73 -11.86 -22.80
N LYS D 27 3.84 -11.23 -23.57
CA LYS D 27 4.03 -11.27 -25.03
C LYS D 27 5.36 -10.56 -25.35
N SER D 28 5.66 -9.45 -24.68
CA SER D 28 6.83 -8.58 -24.96
C SER D 28 8.12 -9.37 -24.75
N HIS D 29 8.04 -10.49 -24.00
CA HIS D 29 9.20 -11.40 -23.77
C HIS D 29 9.25 -12.54 -24.78
N GLY D 30 8.31 -12.54 -25.75
CA GLY D 30 8.32 -13.58 -26.79
C GLY D 30 7.64 -14.87 -26.38
N LEU D 31 6.86 -14.87 -25.30
CA LEU D 31 6.04 -16.03 -24.88
C LEU D 31 4.79 -16.07 -25.76
N ASN D 32 4.38 -17.26 -26.19
CA ASN D 32 3.25 -17.46 -27.15
C ASN D 32 2.17 -18.35 -26.47
N THR D 33 2.45 -18.83 -25.23
CA THR D 33 1.56 -19.78 -24.53
C THR D 33 1.42 -19.39 -23.06
N ILE D 34 0.22 -19.54 -22.52
CA ILE D 34 -0.08 -19.32 -21.07
C ILE D 34 -0.38 -20.67 -20.47
N ASP D 35 0.30 -21.02 -19.36
CA ASP D 35 -0.08 -22.22 -18.61
C ASP D 35 -0.87 -21.75 -17.42
N THR D 36 -1.94 -22.45 -17.05
CA THR D 36 -2.59 -22.23 -15.72
C THR D 36 -3.36 -23.46 -15.29
N TYR D 37 -3.29 -23.74 -14.00
CA TYR D 37 -4.24 -24.66 -13.36
C TYR D 37 -5.64 -24.03 -13.42
N ILE D 38 -6.64 -24.87 -13.25
CA ILE D 38 -7.97 -24.52 -12.69
C ILE D 38 -8.14 -25.31 -11.39
N ALA D 39 -8.22 -24.57 -10.30
CA ALA D 39 -8.33 -25.08 -8.92
C ALA D 39 -9.79 -25.41 -8.59
N TRP D 40 -10.08 -26.71 -8.41
CA TRP D 40 -11.39 -27.22 -7.99
C TRP D 40 -11.91 -26.44 -6.76
N ASN D 41 -11.12 -26.38 -5.67
CA ASN D 41 -11.63 -25.74 -4.46
C ASN D 41 -11.77 -24.23 -4.58
N TRP D 42 -11.17 -23.63 -5.60
CA TRP D 42 -11.36 -22.19 -5.89
C TRP D 42 -12.72 -21.98 -6.55
N HIS D 43 -13.15 -22.87 -7.47
CA HIS D 43 -14.36 -22.62 -8.34
C HIS D 43 -15.57 -23.33 -7.76
N GLU D 44 -15.37 -24.31 -6.86
CA GLU D 44 -16.45 -24.94 -6.05
C GLU D 44 -16.15 -24.67 -4.56
N PRO D 45 -16.22 -23.40 -4.09
CA PRO D 45 -15.80 -23.05 -2.72
C PRO D 45 -16.71 -23.64 -1.61
N GLN D 46 -17.97 -23.83 -1.92
CA GLN D 46 -18.93 -24.65 -1.14
C GLN D 46 -19.52 -25.74 -2.02
N GLU D 47 -19.89 -26.86 -1.40
CA GLU D 47 -20.45 -28.02 -2.14
C GLU D 47 -21.65 -27.53 -2.99
N GLY D 48 -21.57 -27.77 -4.28
CA GLY D 48 -22.69 -27.46 -5.18
C GLY D 48 -22.71 -26.02 -5.67
N LEU D 49 -21.97 -25.07 -5.10
CA LEU D 49 -21.90 -23.66 -5.59
C LEU D 49 -20.69 -23.55 -6.52
N PHE D 50 -20.94 -23.55 -7.84
CA PHE D 50 -19.89 -23.35 -8.87
C PHE D 50 -19.87 -21.90 -9.35
N ASP D 51 -18.66 -21.36 -9.52
CA ASP D 51 -18.43 -19.99 -10.05
C ASP D 51 -17.24 -19.97 -11.01
N PHE D 52 -17.52 -19.79 -12.33
CA PHE D 52 -16.44 -19.74 -13.33
C PHE D 52 -16.42 -18.37 -14.01
N THR D 53 -17.22 -17.43 -13.52
CA THR D 53 -17.46 -16.15 -14.27
C THR D 53 -17.22 -14.96 -13.35
N GLY D 54 -16.70 -15.19 -12.15
CA GLY D 54 -16.48 -14.06 -11.21
C GLY D 54 -17.73 -13.54 -10.52
N GLU D 55 -18.76 -14.35 -10.35
CA GLU D 55 -20.02 -13.88 -9.69
C GLU D 55 -19.69 -13.61 -8.22
N THR D 56 -18.73 -14.35 -7.62
CA THR D 56 -18.54 -14.23 -6.15
C THR D 56 -17.16 -13.64 -5.81
N HIS D 57 -16.24 -13.58 -6.75
CA HIS D 57 -14.91 -12.96 -6.63
C HIS D 57 -14.36 -12.68 -8.03
N PRO D 58 -13.72 -11.50 -8.25
CA PRO D 58 -13.10 -11.20 -9.55
C PRO D 58 -12.23 -12.31 -10.11
N GLN D 59 -11.42 -12.90 -9.21
CA GLN D 59 -10.41 -13.90 -9.61
C GLN D 59 -11.05 -15.27 -9.87
N ARG D 60 -12.40 -15.39 -9.78
CA ARG D 60 -13.10 -16.63 -10.20
C ARG D 60 -13.53 -16.55 -11.65
N ASP D 61 -13.19 -15.44 -12.34
CA ASP D 61 -13.59 -15.21 -13.75
C ASP D 61 -12.63 -15.94 -14.67
N LEU D 62 -12.65 -17.28 -14.63
CA LEU D 62 -11.91 -18.15 -15.56
C LEU D 62 -12.35 -17.83 -17.01
N VAL D 63 -13.64 -17.69 -17.26
CA VAL D 63 -14.16 -17.41 -18.64
C VAL D 63 -13.51 -16.10 -19.15
N GLY D 64 -13.47 -15.08 -18.29
CA GLY D 64 -12.90 -13.75 -18.63
C GLY D 64 -11.42 -13.91 -18.97
N PHE D 65 -10.70 -14.73 -18.22
CA PHE D 65 -9.27 -14.91 -18.49
C PHE D 65 -9.06 -15.63 -19.84
N LEU D 66 -9.77 -16.74 -20.07
CA LEU D 66 -9.69 -17.47 -21.36
C LEU D 66 -10.01 -16.48 -22.51
N ASP D 67 -11.09 -15.70 -22.41
CA ASP D 67 -11.45 -14.66 -23.43
C ASP D 67 -10.26 -13.71 -23.69
N LEU D 68 -9.64 -13.27 -22.60
CA LEU D 68 -8.51 -12.29 -22.64
C LEU D 68 -7.29 -12.94 -23.33
N ALA D 69 -6.94 -14.17 -22.96
CA ALA D 69 -5.81 -14.89 -23.57
C ALA D 69 -6.03 -14.97 -25.08
N GLN D 70 -7.23 -15.42 -25.46
CA GLN D 70 -7.69 -15.54 -26.86
C GLN D 70 -7.58 -14.17 -27.56
N LYS D 71 -8.10 -13.09 -26.98
CA LYS D 71 -8.06 -11.73 -27.65
C LYS D 71 -6.60 -11.33 -27.90
N LEU D 72 -5.67 -11.63 -26.97
CA LEU D 72 -4.24 -11.20 -27.08
C LEU D 72 -3.46 -12.22 -27.91
N GLY D 73 -4.10 -13.28 -28.37
CA GLY D 73 -3.51 -14.18 -29.36
C GLY D 73 -2.60 -15.22 -28.71
N PHE D 74 -2.80 -15.50 -27.44
CA PHE D 74 -2.06 -16.61 -26.77
C PHE D 74 -2.71 -17.97 -27.03
N TYR D 75 -1.89 -19.04 -26.98
CA TYR D 75 -2.31 -20.44 -26.77
C TYR D 75 -2.42 -20.62 -25.25
N VAL D 76 -3.27 -21.55 -24.80
CA VAL D 76 -3.40 -21.91 -23.35
C VAL D 76 -3.23 -23.42 -23.16
N ILE D 77 -2.39 -23.75 -22.17
CA ILE D 77 -2.30 -25.12 -21.62
C ILE D 77 -3.12 -25.08 -20.33
N ILE D 78 -4.10 -25.96 -20.21
CA ILE D 78 -5.03 -25.94 -19.06
C ILE D 78 -4.80 -27.18 -18.19
N ARG D 79 -4.73 -26.98 -16.87
CA ARG D 79 -4.40 -28.10 -15.95
C ARG D 79 -5.45 -28.08 -14.84
N PRO D 80 -6.61 -28.75 -15.07
CA PRO D 80 -7.74 -28.74 -14.12
C PRO D 80 -7.65 -29.73 -12.97
N GLY D 81 -6.50 -30.37 -12.79
CA GLY D 81 -6.38 -31.25 -11.63
C GLY D 81 -7.13 -32.56 -11.82
N PRO D 82 -7.88 -33.06 -10.82
CA PRO D 82 -8.29 -32.30 -9.62
C PRO D 82 -7.21 -31.86 -8.62
N TYR D 83 -6.16 -32.64 -8.44
CA TYR D 83 -4.97 -32.18 -7.69
C TYR D 83 -4.08 -31.35 -8.60
N ILE D 84 -3.63 -30.22 -8.08
CA ILE D 84 -2.80 -29.23 -8.82
C ILE D 84 -1.52 -28.95 -8.05
N CYS D 85 -1.32 -29.52 -6.86
CA CYS D 85 -0.13 -29.13 -6.06
C CYS D 85 -0.15 -27.60 -5.91
N GLY D 86 0.78 -26.89 -6.54
CA GLY D 86 0.71 -25.41 -6.64
C GLY D 86 0.96 -24.70 -5.33
N GLU D 87 1.50 -25.40 -4.27
CA GLU D 87 1.73 -24.69 -3.00
C GLU D 87 0.40 -24.07 -2.48
N TRP D 88 -0.69 -24.74 -2.79
CA TRP D 88 -2.08 -24.25 -2.66
C TRP D 88 -2.84 -25.19 -1.73
N LYS D 89 -3.70 -24.65 -0.87
CA LYS D 89 -4.58 -25.40 0.07
C LYS D 89 -5.07 -26.71 -0.57
N ASN D 90 -4.60 -27.81 0.02
CA ASN D 90 -5.02 -29.23 -0.26
C ASN D 90 -4.72 -29.57 -1.73
N GLY D 91 -3.80 -28.84 -2.35
CA GLY D 91 -3.47 -29.04 -3.77
C GLY D 91 -4.72 -28.94 -4.63
N GLY D 92 -5.70 -28.16 -4.17
CA GLY D 92 -6.95 -27.91 -4.95
C GLY D 92 -8.16 -28.70 -4.47
N ILE D 93 -7.98 -29.72 -3.62
CA ILE D 93 -9.15 -30.50 -3.13
C ILE D 93 -9.91 -29.66 -2.11
N PRO D 94 -11.25 -29.54 -2.23
CA PRO D 94 -12.02 -28.74 -1.28
C PRO D 94 -11.89 -29.28 0.16
N GLU D 95 -11.70 -28.33 1.08
CA GLU D 95 -11.75 -28.59 2.52
C GLU D 95 -13.09 -29.20 2.91
N TRP D 96 -14.20 -28.76 2.33
CA TRP D 96 -15.55 -29.29 2.66
C TRP D 96 -15.61 -30.79 2.33
N LEU D 97 -14.87 -31.30 1.36
CA LEU D 97 -14.93 -32.73 0.99
C LEU D 97 -14.16 -33.56 2.05
N ILE D 98 -12.97 -33.10 2.33
CA ILE D 98 -12.08 -33.77 3.34
C ILE D 98 -12.83 -33.80 4.68
N ASN D 99 -13.42 -32.68 5.11
CA ASN D 99 -14.11 -32.59 6.41
C ASN D 99 -15.38 -33.44 6.47
N SER D 100 -16.13 -33.55 5.38
CA SER D 100 -17.42 -34.26 5.50
C SER D 100 -17.27 -35.74 5.07
N HIS D 101 -16.18 -36.11 4.38
CA HIS D 101 -15.91 -37.51 3.91
C HIS D 101 -14.48 -37.92 4.26
N PRO D 102 -14.06 -37.91 5.56
CA PRO D 102 -12.69 -38.25 5.87
C PRO D 102 -12.37 -39.73 5.61
N GLU D 103 -13.39 -40.54 5.27
CA GLU D 103 -13.17 -41.96 4.90
C GLU D 103 -12.33 -42.03 3.63
N ILE D 104 -12.23 -40.92 2.85
CA ILE D 104 -11.44 -40.97 1.59
C ILE D 104 -9.97 -40.78 1.93
N LEU D 105 -9.62 -40.31 3.13
CA LEU D 105 -8.20 -40.04 3.45
C LEU D 105 -7.39 -41.33 3.54
N ALA D 106 -6.22 -41.29 2.93
CA ALA D 106 -5.18 -42.33 2.99
C ALA D 106 -4.80 -42.55 4.45
N LYS D 107 -4.45 -43.78 4.81
CA LYS D 107 -4.12 -44.14 6.21
C LYS D 107 -2.69 -44.71 6.23
N GLY D 108 -2.00 -44.44 7.31
CA GLY D 108 -0.76 -45.16 7.60
C GLY D 108 -1.08 -46.55 8.15
N PRO D 109 -0.05 -47.36 8.40
CA PRO D 109 -0.23 -48.73 8.84
C PRO D 109 -0.83 -48.78 10.25
N ASN D 110 -0.61 -47.73 11.04
CA ASN D 110 -1.05 -47.62 12.46
C ASN D 110 -2.31 -46.77 12.56
N GLY D 111 -2.75 -46.20 11.46
CA GLY D 111 -4.08 -45.56 11.38
C GLY D 111 -4.04 -44.21 10.70
N THR D 112 -4.91 -43.31 11.14
CA THR D 112 -5.19 -42.04 10.42
C THR D 112 -3.93 -41.16 10.46
N LEU D 113 -3.52 -40.59 9.34
CA LEU D 113 -2.45 -39.57 9.30
C LEU D 113 -2.96 -38.28 9.93
N PRO D 114 -2.06 -37.43 10.48
CA PRO D 114 -2.48 -36.15 11.04
C PRO D 114 -3.24 -35.28 10.02
N ARG D 115 -4.20 -34.55 10.52
CA ARG D 115 -5.11 -33.74 9.69
C ARG D 115 -4.41 -32.42 9.29
N ASP D 116 -3.31 -32.01 9.95
CA ASP D 116 -2.69 -30.67 9.74
C ASP D 116 -1.60 -30.71 8.66
N ILE D 117 -1.34 -31.88 8.10
CA ILE D 117 -0.24 -32.08 7.13
C ILE D 117 -0.64 -31.44 5.78
N TYR D 118 0.33 -31.01 4.99
CA TYR D 118 -0.04 -30.34 3.71
C TYR D 118 -0.57 -31.41 2.75
N TYR D 119 -1.32 -30.97 1.73
CA TYR D 119 -1.89 -31.88 0.72
C TYR D 119 -2.36 -33.21 1.35
N PRO D 120 -3.40 -33.17 2.21
CA PRO D 120 -3.91 -34.36 2.90
C PRO D 120 -4.07 -35.53 1.95
N PRO D 121 -3.34 -36.64 2.20
CA PRO D 121 -3.36 -37.76 1.26
C PRO D 121 -4.71 -38.44 1.18
N ILE D 122 -5.11 -38.72 -0.06
CA ILE D 122 -6.41 -39.33 -0.43
C ILE D 122 -6.23 -40.66 -1.18
N THR D 123 -7.10 -41.61 -0.87
CA THR D 123 -7.24 -42.89 -1.57
C THR D 123 -7.91 -42.60 -2.93
N TYR D 124 -7.08 -42.51 -3.95
CA TYR D 124 -7.47 -42.19 -5.33
C TYR D 124 -8.68 -43.01 -5.72
N LEU D 125 -8.71 -44.29 -5.35
CA LEU D 125 -9.70 -45.23 -5.91
C LEU D 125 -10.90 -45.39 -4.97
N HIS D 126 -10.97 -44.57 -3.93
CA HIS D 126 -12.18 -44.55 -3.07
C HIS D 126 -13.36 -44.02 -3.91
N PRO D 127 -14.51 -44.71 -3.98
CA PRO D 127 -15.60 -44.26 -4.88
C PRO D 127 -16.16 -42.87 -4.53
N THR D 128 -16.11 -42.43 -3.27
CA THR D 128 -16.59 -41.09 -2.87
C THR D 128 -15.67 -40.01 -3.43
N TYR D 129 -14.37 -40.21 -3.35
CA TYR D 129 -13.40 -39.28 -3.98
C TYR D 129 -13.72 -39.19 -5.47
N LEU D 130 -13.84 -40.32 -6.14
CA LEU D 130 -14.01 -40.37 -7.61
C LEU D 130 -15.34 -39.71 -7.99
N GLU D 131 -16.42 -39.91 -7.23
CA GLU D 131 -17.75 -39.29 -7.48
C GLU D 131 -17.59 -37.77 -7.51
N TYR D 132 -16.92 -37.23 -6.49
CA TYR D 132 -16.71 -35.78 -6.35
C TYR D 132 -15.81 -35.29 -7.49
N VAL D 133 -14.79 -36.04 -7.86
CA VAL D 133 -13.87 -35.58 -8.93
C VAL D 133 -14.64 -35.54 -10.25
N MET D 134 -15.41 -36.59 -10.50
CA MET D 134 -16.27 -36.68 -11.71
C MET D 134 -17.19 -35.45 -11.76
N LYS D 135 -17.75 -35.03 -10.63
CA LYS D 135 -18.63 -33.84 -10.58
C LYS D 135 -17.82 -32.56 -10.86
N TRP D 136 -16.60 -32.43 -10.34
CA TRP D 136 -15.69 -31.32 -10.69
C TRP D 136 -15.48 -31.33 -12.21
N TYR D 137 -15.12 -32.47 -12.79
CA TYR D 137 -14.86 -32.54 -14.25
C TYR D 137 -16.12 -32.18 -15.03
N GLU D 138 -17.28 -32.63 -14.58
CA GLU D 138 -18.57 -32.40 -15.28
C GLU D 138 -18.87 -30.89 -15.30
N ASN D 139 -18.31 -30.10 -14.38
CA ASN D 139 -18.62 -28.65 -14.32
C ASN D 139 -17.53 -27.87 -15.05
N VAL D 140 -16.27 -28.27 -14.99
CA VAL D 140 -15.19 -27.45 -15.61
C VAL D 140 -15.09 -27.82 -17.10
N PHE D 141 -15.28 -29.08 -17.49
CA PHE D 141 -14.93 -29.53 -18.85
C PHE D 141 -15.89 -28.90 -19.85
N PRO D 142 -17.17 -28.60 -19.55
CA PRO D 142 -17.98 -27.89 -20.55
C PRO D 142 -17.33 -26.57 -20.94
N ILE D 143 -16.67 -25.89 -19.99
CA ILE D 143 -16.00 -24.58 -20.24
C ILE D 143 -14.73 -24.87 -21.04
N ILE D 144 -13.93 -25.84 -20.60
CA ILE D 144 -12.71 -26.19 -21.38
C ILE D 144 -13.11 -26.52 -22.83
N LYS D 145 -14.19 -27.29 -23.00
CA LYS D 145 -14.61 -27.79 -24.35
C LYS D 145 -14.85 -26.57 -25.25
N GLU D 146 -15.60 -25.60 -24.74
CA GLU D 146 -15.99 -24.36 -25.46
C GLU D 146 -14.73 -23.59 -25.94
N TYR D 147 -13.67 -23.59 -25.15
CA TYR D 147 -12.44 -22.81 -25.36
C TYR D 147 -11.32 -23.63 -25.98
N LEU D 148 -11.61 -24.82 -26.54
CA LEU D 148 -10.61 -25.63 -27.27
C LEU D 148 -10.17 -24.93 -28.57
N TYR D 149 -8.88 -25.07 -28.89
CA TYR D 149 -8.28 -24.66 -30.19
C TYR D 149 -9.19 -25.22 -31.29
N SER D 150 -9.54 -26.50 -31.21
CA SER D 150 -10.42 -27.20 -32.20
C SER D 150 -11.72 -26.41 -32.42
N ASN D 151 -12.19 -25.63 -31.46
CA ASN D 151 -13.53 -24.99 -31.40
C ASN D 151 -13.35 -23.48 -31.46
N GLY D 152 -12.22 -23.02 -31.97
CA GLY D 152 -11.93 -21.58 -32.19
C GLY D 152 -11.39 -20.90 -30.94
N GLY D 153 -11.11 -21.63 -29.87
CA GLY D 153 -10.57 -21.01 -28.64
C GLY D 153 -9.05 -21.20 -28.54
N PRO D 154 -8.46 -20.79 -27.40
CA PRO D 154 -7.01 -20.87 -27.22
C PRO D 154 -6.42 -22.16 -26.63
N ILE D 155 -7.25 -23.03 -26.07
CA ILE D 155 -6.76 -24.25 -25.34
C ILE D 155 -6.24 -25.33 -26.32
N ILE D 156 -4.95 -25.66 -26.21
CA ILE D 156 -4.21 -26.56 -27.15
C ILE D 156 -3.82 -27.88 -26.41
N ASN D 157 -4.05 -28.01 -25.12
CA ASN D 157 -3.64 -29.23 -24.36
C ASN D 157 -4.33 -29.20 -23.00
N VAL D 158 -4.71 -30.38 -22.52
CA VAL D 158 -5.24 -30.57 -21.13
C VAL D 158 -4.32 -31.51 -20.37
N THR D 159 -3.80 -31.09 -19.22
CA THR D 159 -2.95 -31.96 -18.35
C THR D 159 -3.83 -32.59 -17.28
N ILE D 160 -3.56 -33.87 -17.03
CA ILE D 160 -4.25 -34.71 -16.01
C ILE D 160 -3.58 -34.49 -14.67
N ASP D 161 -4.36 -34.07 -13.67
CA ASP D 161 -3.90 -34.06 -12.26
C ASP D 161 -2.56 -33.34 -12.19
N ASP D 162 -1.65 -33.77 -11.28
CA ASP D 162 -0.36 -33.06 -11.18
C ASP D 162 0.68 -34.03 -10.60
N GLU D 163 1.64 -34.37 -11.42
CA GLU D 163 2.79 -35.23 -11.02
C GLU D 163 2.33 -36.28 -10.00
N PRO D 164 1.25 -37.04 -10.30
CA PRO D 164 0.53 -37.81 -9.29
C PRO D 164 1.52 -38.78 -8.60
N SER D 165 1.65 -38.62 -7.28
CA SER D 165 2.70 -39.30 -6.44
C SER D 165 2.13 -39.89 -5.14
N TYR D 166 0.81 -40.15 -5.13
CA TYR D 166 0.05 -40.46 -3.89
C TYR D 166 0.24 -39.30 -2.93
N TRP D 167 0.14 -38.06 -3.44
CA TRP D 167 0.17 -36.85 -2.59
C TRP D 167 1.55 -36.77 -1.88
N GLU D 168 2.63 -37.02 -2.64
CA GLU D 168 4.01 -36.83 -2.16
C GLU D 168 4.21 -37.83 -1.02
N THR D 169 3.57 -39.01 -1.08
CA THR D 169 3.83 -40.05 -0.01
C THR D 169 4.53 -41.30 -0.56
N ILE D 170 4.68 -41.42 -1.88
CA ILE D 170 5.31 -42.61 -2.55
C ILE D 170 6.76 -42.71 -2.11
N PHE D 171 7.45 -41.61 -1.76
CA PHE D 171 8.89 -41.60 -1.36
C PHE D 171 9.11 -42.40 -0.06
N GLN D 172 8.07 -42.67 0.72
CA GLN D 172 8.17 -43.47 1.99
C GLN D 172 7.39 -44.79 1.82
N ALA D 173 8.06 -45.93 1.97
CA ALA D 173 7.47 -47.24 1.61
C ALA D 173 6.17 -47.50 2.41
N PHE D 174 6.14 -47.14 3.71
CA PHE D 174 5.11 -47.58 4.67
C PHE D 174 4.33 -46.40 5.23
N LEU D 175 4.30 -45.25 4.53
CA LEU D 175 3.48 -44.11 5.01
C LEU D 175 2.03 -44.26 4.52
N THR D 176 1.84 -44.74 3.29
CA THR D 176 0.53 -45.02 2.66
C THR D 176 0.63 -46.28 1.80
N ASP D 177 -0.52 -46.85 1.41
CA ASP D 177 -1.86 -46.43 1.79
C ASP D 177 -2.56 -47.66 2.36
N TYR D 178 -2.98 -47.57 3.61
CA TYR D 178 -3.52 -48.70 4.40
C TYR D 178 -5.01 -48.47 4.66
N ASN D 179 -5.68 -47.66 3.82
CA ASN D 179 -7.12 -47.42 3.97
C ASN D 179 -7.83 -48.74 3.78
N GLU D 180 -8.97 -48.92 4.45
CA GLU D 180 -9.73 -50.19 4.48
C GLU D 180 -9.98 -50.72 3.06
N ILE D 181 -10.29 -49.86 2.10
CA ILE D 181 -10.71 -50.33 0.74
C ILE D 181 -9.48 -50.97 0.07
N VAL D 182 -8.27 -50.50 0.35
CA VAL D 182 -7.08 -51.12 -0.33
C VAL D 182 -6.71 -52.42 0.41
N VAL D 183 -6.87 -52.51 1.74
CA VAL D 183 -6.23 -53.62 2.52
C VAL D 183 -7.22 -54.71 2.97
N LYS D 184 -8.52 -54.45 3.10
CA LYS D 184 -9.48 -55.47 3.59
C LYS D 184 -9.39 -56.77 2.76
N GLU D 185 -9.90 -57.88 3.28
CA GLU D 185 -9.89 -59.19 2.54
C GLU D 185 -10.58 -58.97 1.17
N ASN D 186 -9.89 -59.36 0.09
CA ASN D 186 -10.25 -59.20 -1.34
C ASN D 186 -10.51 -57.72 -1.70
N GLY D 187 -9.75 -56.82 -1.03
CA GLY D 187 -9.62 -55.39 -1.37
C GLY D 187 -8.74 -55.17 -2.58
N ILE D 188 -8.39 -53.92 -2.88
CA ILE D 188 -7.67 -53.59 -4.15
C ILE D 188 -6.32 -54.32 -4.16
N TRP D 189 -5.61 -54.38 -3.03
CA TRP D 189 -4.28 -55.03 -2.91
C TRP D 189 -4.34 -56.53 -3.26
N HIS D 190 -5.14 -57.32 -2.54
CA HIS D 190 -5.41 -58.75 -2.87
C HIS D 190 -5.79 -58.92 -4.35
N SER D 191 -6.58 -58.01 -4.93
CA SER D 191 -7.08 -58.17 -6.31
C SER D 191 -5.95 -57.94 -7.31
N TRP D 192 -5.03 -57.04 -6.97
CA TRP D 192 -3.83 -56.73 -7.79
C TRP D 192 -2.86 -57.92 -7.74
N LEU D 193 -2.64 -58.43 -6.53
CA LEU D 193 -1.91 -59.71 -6.26
C LEU D 193 -2.46 -60.83 -7.16
N LYS D 194 -3.77 -61.11 -7.08
CA LYS D 194 -4.47 -62.12 -7.92
C LYS D 194 -4.16 -61.90 -9.40
N GLU D 195 -4.11 -60.65 -9.86
CA GLU D 195 -3.94 -60.28 -11.30
C GLU D 195 -2.50 -60.47 -11.77
N ASN D 196 -1.51 -60.40 -10.88
CA ASN D 196 -0.09 -60.28 -11.30
C ASN D 196 0.72 -61.54 -10.95
N TYR D 197 0.22 -62.39 -10.05
CA TYR D 197 1.02 -63.53 -9.53
C TYR D 197 0.11 -64.71 -9.18
N GLN D 198 0.50 -65.92 -9.58
CA GLN D 198 -0.08 -67.17 -9.00
C GLN D 198 0.36 -67.22 -7.54
N LEU D 199 -0.54 -67.69 -6.68
CA LEU D 199 -0.37 -67.68 -5.20
C LEU D 199 0.91 -68.43 -4.84
N ASP D 200 1.35 -69.34 -5.72
CA ASP D 200 2.59 -70.15 -5.59
C ASP D 200 3.81 -69.30 -5.96
N GLU D 201 3.69 -68.35 -6.91
CA GLU D 201 4.82 -67.46 -7.28
C GLU D 201 5.13 -66.57 -6.06
N LEU D 202 4.06 -66.20 -5.35
CA LEU D 202 4.08 -65.28 -4.18
C LEU D 202 4.73 -65.97 -2.97
N GLU D 203 4.28 -67.20 -2.64
CA GLU D 203 4.80 -68.04 -1.53
C GLU D 203 6.30 -68.31 -1.73
N GLU D 204 6.69 -68.47 -3.01
CA GLU D 204 8.11 -68.49 -3.47
C GLU D 204 8.80 -67.17 -3.11
N ARG D 205 8.46 -66.07 -3.81
CA ARG D 205 9.23 -64.79 -3.95
C ARG D 205 9.41 -64.14 -2.58
N TYR D 206 8.34 -64.18 -1.77
CA TYR D 206 8.32 -63.75 -0.34
C TYR D 206 8.97 -64.79 0.55
N GLY D 207 8.62 -66.08 0.43
CA GLY D 207 9.16 -67.18 1.26
C GLY D 207 8.37 -67.35 2.55
N GLN D 208 7.05 -67.14 2.50
CA GLN D 208 6.04 -67.61 3.50
C GLN D 208 5.09 -68.55 2.73
N LYS D 209 4.15 -69.21 3.43
CA LYS D 209 3.15 -70.13 2.80
C LYS D 209 1.73 -69.61 3.07
N PHE D 210 0.87 -69.58 2.07
CA PHE D 210 -0.40 -68.81 2.10
C PHE D 210 -1.60 -69.65 1.67
N SER D 211 -2.59 -69.76 2.56
CA SER D 211 -3.87 -70.52 2.37
C SER D 211 -4.68 -69.89 1.24
N ASP D 212 -4.77 -68.57 1.21
CA ASP D 212 -5.33 -67.75 0.09
C ASP D 212 -4.57 -66.43 -0.02
N TYR D 213 -4.70 -65.77 -1.16
CA TYR D 213 -4.20 -64.40 -1.38
C TYR D 213 -4.57 -63.54 -0.19
N ALA D 214 -5.77 -63.73 0.37
CA ALA D 214 -6.43 -62.79 1.29
C ALA D 214 -5.69 -62.70 2.62
N GLU D 215 -4.78 -63.63 2.93
CA GLU D 215 -3.96 -63.56 4.18
C GLU D 215 -2.60 -62.88 3.91
N ILE D 216 -2.31 -62.45 2.67
CA ILE D 216 -1.10 -61.62 2.36
C ILE D 216 -1.39 -60.17 2.75
N VAL D 217 -1.03 -59.77 3.97
CA VAL D 217 -1.16 -58.36 4.44
C VAL D 217 -0.03 -57.55 3.82
N PRO D 218 -0.30 -56.28 3.44
CA PRO D 218 0.74 -55.39 2.92
C PRO D 218 1.97 -55.29 3.82
N PRO D 219 3.17 -55.01 3.26
CA PRO D 219 4.35 -54.84 4.07
C PRO D 219 4.23 -53.52 4.85
N THR D 220 4.86 -53.51 6.02
CA THR D 220 4.72 -52.51 7.09
C THR D 220 6.11 -52.13 7.63
N SER D 221 7.19 -52.82 7.24
CA SER D 221 8.56 -52.56 7.76
C SER D 221 9.64 -53.13 6.83
N PHE D 222 10.90 -52.78 7.13
CA PHE D 222 12.03 -53.02 6.20
C PHE D 222 12.63 -54.38 6.53
N SER D 223 12.04 -55.04 7.52
CA SER D 223 12.41 -56.42 7.91
C SER D 223 11.68 -57.44 7.01
N GLU D 224 10.70 -57.05 6.18
CA GLU D 224 9.99 -57.98 5.26
C GLU D 224 10.78 -58.14 3.97
N PRO D 225 10.49 -59.18 3.17
CA PRO D 225 11.22 -59.43 1.92
C PRO D 225 11.17 -58.29 0.88
N LEU D 226 12.34 -57.99 0.32
CA LEU D 226 12.50 -56.87 -0.62
C LEU D 226 11.55 -57.04 -1.80
N PRO D 227 11.39 -58.25 -2.41
CA PRO D 227 10.40 -58.42 -3.48
C PRO D 227 8.98 -58.05 -3.05
N LYS D 228 8.66 -58.24 -1.79
CA LYS D 228 7.32 -57.85 -1.28
C LYS D 228 7.23 -56.33 -1.12
N ILE D 229 8.28 -55.67 -0.66
CA ILE D 229 8.24 -54.19 -0.53
C ILE D 229 8.22 -53.57 -1.94
N LEU D 230 9.00 -54.11 -2.90
CA LEU D 230 8.96 -53.61 -4.31
C LEU D 230 7.57 -53.83 -4.95
N ASP D 231 6.88 -54.92 -4.63
CA ASP D 231 5.46 -55.15 -5.06
C ASP D 231 4.57 -54.02 -4.51
N TRP D 232 4.73 -53.68 -3.23
CA TRP D 232 3.89 -52.66 -2.55
C TRP D 232 4.08 -51.32 -3.28
N HIS D 233 5.32 -51.05 -3.70
CA HIS D 233 5.73 -49.84 -4.45
C HIS D 233 5.01 -49.83 -5.82
N HIS D 234 5.13 -50.91 -6.57
CA HIS D 234 4.59 -51.01 -7.95
C HIS D 234 3.05 -51.04 -7.89
N PHE D 235 2.51 -51.51 -6.77
CA PHE D 235 1.05 -51.55 -6.55
C PHE D 235 0.55 -50.12 -6.39
N LYS D 236 1.20 -49.34 -5.51
CA LYS D 236 0.87 -47.90 -5.32
C LYS D 236 0.91 -47.19 -6.69
N ILE D 237 1.90 -47.54 -7.51
CA ILE D 237 2.10 -46.96 -8.87
C ILE D 237 0.94 -47.40 -9.77
N TRP D 238 0.53 -48.67 -9.69
CA TRP D 238 -0.63 -49.19 -10.46
C TRP D 238 -1.92 -48.44 -10.09
N MET D 239 -2.18 -48.19 -8.80
CA MET D 239 -3.38 -47.45 -8.36
C MET D 239 -3.34 -46.00 -8.89
N ILE D 240 -2.18 -45.37 -8.93
CA ILE D 240 -2.02 -44.04 -9.57
C ILE D 240 -2.42 -44.16 -11.05
N ASN D 241 -1.98 -45.20 -11.74
CA ASN D 241 -2.22 -45.42 -13.20
C ASN D 241 -3.72 -45.64 -13.47
N GLU D 242 -4.41 -46.36 -12.60
CA GLU D 242 -5.86 -46.65 -12.61
C GLU D 242 -6.62 -45.32 -12.47
N TYR D 243 -6.13 -44.50 -11.57
CA TYR D 243 -6.67 -43.14 -11.37
C TYR D 243 -6.43 -42.31 -12.62
N VAL D 244 -5.22 -42.29 -13.14
CA VAL D 244 -4.89 -41.55 -14.40
C VAL D 244 -5.85 -42.04 -15.50
N ARG D 245 -6.11 -43.34 -15.59
CA ARG D 245 -6.95 -43.88 -16.68
C ARG D 245 -8.40 -43.38 -16.55
N ILE D 246 -8.91 -43.36 -15.33
CA ILE D 246 -10.29 -42.90 -15.03
C ILE D 246 -10.41 -41.42 -15.42
N LEU D 247 -9.42 -40.59 -15.04
CA LEU D 247 -9.41 -39.15 -15.39
C LEU D 247 -9.32 -39.04 -16.90
N TYR D 248 -8.38 -39.75 -17.56
CA TYR D 248 -8.21 -39.74 -19.05
C TYR D 248 -9.55 -40.07 -19.77
N GLU D 249 -10.24 -41.16 -19.36
CA GLU D 249 -11.47 -41.69 -20.00
CA GLU D 249 -11.45 -41.64 -20.09
C GLU D 249 -12.57 -40.62 -19.90
N LYS D 250 -12.65 -39.95 -18.74
CA LYS D 250 -13.64 -38.86 -18.53
C LYS D 250 -13.30 -37.66 -19.41
N ILE D 251 -12.05 -37.22 -19.41
CA ILE D 251 -11.60 -36.04 -20.23
C ILE D 251 -11.86 -36.32 -21.70
N LYS D 252 -11.63 -37.56 -22.13
CA LYS D 252 -11.80 -37.99 -23.55
C LYS D 252 -13.25 -37.72 -24.03
N LYS D 253 -14.24 -37.77 -23.15
CA LYS D 253 -15.65 -37.49 -23.51
C LYS D 253 -15.85 -36.02 -23.92
N TYR D 254 -14.91 -35.13 -23.61
CA TYR D 254 -15.10 -33.66 -23.72
C TYR D 254 -14.19 -33.05 -24.79
N VAL D 255 -12.95 -33.52 -24.89
CA VAL D 255 -11.89 -32.78 -25.60
C VAL D 255 -11.26 -33.66 -26.66
N ASP D 256 -10.88 -33.01 -27.76
CA ASP D 256 -10.23 -33.61 -28.95
C ASP D 256 -8.91 -32.86 -29.15
N VAL D 257 -8.31 -32.32 -28.09
CA VAL D 257 -6.91 -31.81 -28.20
C VAL D 257 -6.05 -32.78 -27.44
N PRO D 258 -4.74 -32.79 -27.69
CA PRO D 258 -3.88 -33.68 -26.94
C PRO D 258 -4.08 -33.56 -25.41
N ILE D 259 -3.82 -34.69 -24.75
CA ILE D 259 -3.89 -34.85 -23.26
C ILE D 259 -2.52 -35.26 -22.70
N SER D 260 -2.13 -34.64 -21.61
CA SER D 260 -0.74 -34.66 -21.13
C SER D 260 -0.76 -35.05 -19.66
N ILE D 261 0.41 -35.46 -19.17
CA ILE D 261 0.68 -35.68 -17.73
C ILE D 261 2.12 -35.22 -17.42
N LEU D 262 2.31 -34.74 -16.20
CA LEU D 262 3.60 -34.24 -15.71
C LEU D 262 4.18 -35.26 -14.71
N ASP D 263 5.49 -35.51 -14.83
CA ASP D 263 6.31 -36.42 -13.99
C ASP D 263 5.44 -37.37 -13.17
N PRO D 264 4.90 -38.45 -13.78
CA PRO D 264 4.22 -39.47 -13.00
C PRO D 264 5.10 -39.93 -11.81
N TYR D 265 4.46 -40.04 -10.67
CA TYR D 265 5.04 -40.69 -9.45
C TYR D 265 6.13 -39.81 -8.82
N LEU D 266 6.44 -38.67 -9.44
CA LEU D 266 7.62 -37.86 -9.09
C LEU D 266 8.89 -38.75 -9.10
N LEU D 267 8.93 -39.69 -10.03
CA LEU D 267 10.11 -40.60 -10.18
C LEU D 267 10.57 -40.56 -11.63
N LEU D 268 11.56 -41.38 -11.96
CA LEU D 268 12.16 -41.34 -13.31
C LEU D 268 12.20 -42.73 -13.87
N ALA D 269 12.97 -43.61 -13.26
CA ALA D 269 13.07 -45.00 -13.74
C ALA D 269 11.70 -45.69 -13.70
N ALA D 270 10.88 -45.36 -12.68
CA ALA D 270 9.51 -45.90 -12.54
C ALA D 270 8.61 -45.49 -13.71
N TRP D 271 9.00 -44.53 -14.55
CA TRP D 271 8.29 -44.28 -15.84
C TRP D 271 8.24 -45.57 -16.67
N LYS D 272 9.11 -46.56 -16.41
CA LYS D 272 8.88 -47.90 -17.02
C LYS D 272 7.41 -48.32 -16.87
N GLU D 273 6.88 -48.27 -15.64
CA GLU D 273 5.49 -48.68 -15.32
C GLU D 273 4.47 -47.81 -16.10
N PHE D 274 4.75 -46.53 -16.23
CA PHE D 274 3.84 -45.59 -16.95
C PHE D 274 3.76 -46.10 -18.38
N TYR D 275 4.93 -46.27 -19.00
CA TYR D 275 5.05 -46.68 -20.42
C TYR D 275 4.31 -47.99 -20.64
N LEU D 276 4.58 -49.02 -19.81
CA LEU D 276 3.88 -50.32 -19.96
C LEU D 276 2.34 -50.13 -19.87
N TYR D 277 1.89 -49.30 -18.93
CA TYR D 277 0.46 -49.09 -18.60
C TYR D 277 -0.28 -48.40 -19.76
N VAL D 278 0.26 -47.30 -20.26
CA VAL D 278 -0.44 -46.56 -21.37
C VAL D 278 -0.34 -47.35 -22.69
N THR D 279 0.64 -48.26 -22.83
CA THR D 279 0.77 -49.08 -24.06
C THR D 279 -0.30 -50.15 -23.99
N LYS D 280 -0.41 -50.75 -22.80
CA LYS D 280 -1.39 -51.81 -22.49
C LYS D 280 -2.81 -51.29 -22.69
N HIS D 281 -3.16 -50.18 -22.08
CA HIS D 281 -4.53 -49.62 -22.12
C HIS D 281 -4.72 -48.67 -23.34
N LYS D 282 -3.73 -48.56 -24.22
CA LYS D 282 -3.72 -47.69 -25.43
C LYS D 282 -4.19 -46.28 -25.06
N LEU D 283 -3.55 -45.64 -24.08
CA LEU D 283 -3.91 -44.24 -23.73
C LEU D 283 -2.95 -43.28 -24.44
N ASP D 284 -3.51 -42.33 -25.18
CA ASP D 284 -2.76 -41.29 -25.95
C ASP D 284 -2.43 -40.13 -25.01
N ILE D 285 -1.47 -40.32 -24.11
CA ILE D 285 -1.08 -39.29 -23.11
C ILE D 285 0.32 -38.78 -23.44
N HIS D 286 0.48 -37.46 -23.51
CA HIS D 286 1.76 -36.80 -23.79
C HIS D 286 2.54 -36.75 -22.47
N LEU D 287 3.66 -37.47 -22.37
CA LEU D 287 4.50 -37.35 -21.13
C LEU D 287 5.23 -36.01 -21.13
N TRP D 288 5.02 -35.20 -20.09
CA TRP D 288 5.68 -33.89 -19.95
C TRP D 288 6.52 -33.89 -18.70
N THR D 289 7.51 -33.01 -18.63
CA THR D 289 8.46 -33.03 -17.48
C THR D 289 8.70 -31.63 -16.92
N GLU D 290 9.64 -31.50 -15.98
CA GLU D 290 9.90 -30.21 -15.28
C GLU D 290 11.33 -30.20 -14.72
N PHE D 291 11.87 -29.03 -14.41
CA PHE D 291 13.25 -28.85 -13.91
C PHE D 291 13.17 -27.89 -12.73
N TRP D 292 13.30 -28.43 -11.52
CA TRP D 292 13.29 -27.70 -10.22
C TRP D 292 14.57 -28.06 -9.47
N TYR D 293 15.33 -27.10 -8.93
CA TYR D 293 16.65 -27.38 -8.34
C TYR D 293 16.75 -26.78 -6.94
N SER D 294 16.22 -25.59 -6.64
CA SER D 294 16.48 -24.88 -5.37
C SER D 294 15.16 -24.40 -4.77
N PHE D 295 14.91 -24.69 -3.48
CA PHE D 295 13.63 -24.35 -2.81
C PHE D 295 13.96 -23.62 -1.52
N TYR D 296 13.49 -22.39 -1.37
CA TYR D 296 13.54 -21.59 -0.12
C TYR D 296 14.99 -21.40 0.32
N ARG D 297 15.83 -21.12 -0.67
CA ARG D 297 17.25 -20.70 -0.58
C ARG D 297 17.61 -20.03 -1.91
N THR D 298 18.79 -19.48 -2.03
CA THR D 298 19.33 -18.95 -3.29
C THR D 298 19.34 -20.06 -4.32
N PHE D 299 18.98 -19.72 -5.56
CA PHE D 299 19.16 -20.61 -6.71
C PHE D 299 20.63 -21.04 -6.71
N ASP D 300 20.82 -22.33 -6.82
CA ASP D 300 22.16 -22.95 -6.89
C ASP D 300 22.23 -23.89 -8.07
N PHE D 301 22.67 -23.36 -9.23
CA PHE D 301 22.72 -24.13 -10.49
C PHE D 301 24.09 -23.92 -11.12
N LYS D 302 25.01 -24.82 -10.76
CA LYS D 302 26.40 -24.79 -11.19
C LYS D 302 26.74 -26.20 -11.72
N GLU D 303 28.02 -26.50 -11.92
CA GLU D 303 28.41 -27.73 -12.63
C GLU D 303 27.89 -28.95 -11.86
N ASP D 304 27.66 -28.79 -10.56
CA ASP D 304 27.29 -29.92 -9.66
C ASP D 304 26.03 -30.61 -10.14
N ARG D 305 25.19 -29.85 -10.87
CA ARG D 305 23.85 -30.32 -11.31
C ARG D 305 23.91 -31.14 -12.61
N LEU D 306 25.02 -31.16 -13.34
CA LEU D 306 24.98 -31.66 -14.74
C LEU D 306 24.71 -33.18 -14.75
N GLY D 307 25.16 -33.94 -13.71
CA GLY D 307 24.80 -35.37 -13.61
C GLY D 307 23.30 -35.57 -13.69
N HIS D 308 22.57 -34.90 -12.83
CA HIS D 308 21.11 -35.09 -12.71
C HIS D 308 20.40 -34.57 -13.99
N LEU D 309 20.85 -33.43 -14.51
CA LEU D 309 20.20 -32.80 -15.69
C LEU D 309 20.38 -33.71 -16.91
N TYR D 310 21.60 -34.17 -17.16
CA TYR D 310 21.86 -35.14 -18.26
C TYR D 310 21.03 -36.40 -18.03
N TYR D 311 20.91 -36.84 -16.78
CA TYR D 311 20.20 -38.11 -16.46
C TYR D 311 18.71 -37.92 -16.69
N LYS D 312 18.14 -36.88 -16.09
CA LYS D 312 16.68 -36.61 -16.25
C LYS D 312 16.30 -36.42 -17.73
N THR D 313 17.03 -35.57 -18.47
CA THR D 313 16.71 -35.26 -19.90
C THR D 313 16.89 -36.58 -20.67
N GLY D 314 17.88 -37.38 -20.28
CA GLY D 314 18.09 -38.70 -20.93
C GLY D 314 16.89 -39.61 -20.77
N VAL D 315 16.44 -39.78 -19.51
CA VAL D 315 15.24 -40.62 -19.22
C VAL D 315 14.05 -40.07 -20.03
N TYR D 316 13.91 -38.77 -20.04
CA TYR D 316 12.74 -38.14 -20.72
C TYR D 316 12.81 -38.44 -22.23
N ARG D 317 13.96 -38.19 -22.85
CA ARG D 317 14.24 -38.49 -24.28
C ARG D 317 13.93 -39.97 -24.57
N TYR D 318 14.39 -40.88 -23.71
CA TYR D 318 14.14 -42.32 -23.89
C TYR D 318 12.64 -42.62 -24.00
N TYR D 319 11.81 -42.10 -23.08
CA TYR D 319 10.36 -42.41 -23.06
C TYR D 319 9.61 -41.69 -24.20
N ILE D 320 9.95 -40.44 -24.55
CA ILE D 320 9.12 -39.75 -25.57
C ILE D 320 9.51 -40.28 -26.95
N ASN D 321 10.72 -40.80 -27.15
CA ASN D 321 11.08 -41.51 -28.41
C ASN D 321 10.18 -42.73 -28.54
N LYS D 322 9.95 -43.45 -27.42
CA LYS D 322 9.08 -44.68 -27.42
C LYS D 322 7.60 -44.32 -27.56
N LEU D 323 7.13 -43.18 -27.04
CA LEU D 323 5.69 -42.81 -27.09
C LEU D 323 5.41 -41.91 -28.28
N LYS D 324 6.45 -41.39 -28.94
CA LYS D 324 6.35 -40.62 -30.23
C LYS D 324 5.43 -39.41 -30.02
N THR D 325 5.68 -38.65 -28.94
CA THR D 325 4.98 -37.38 -28.60
C THR D 325 6.05 -36.30 -28.50
N PRO D 326 5.72 -35.02 -28.79
CA PRO D 326 6.70 -33.94 -28.76
C PRO D 326 7.19 -33.68 -27.34
N PRO D 327 8.45 -33.23 -27.15
CA PRO D 327 8.93 -32.96 -25.79
C PRO D 327 8.40 -31.63 -25.25
N LEU D 328 8.12 -31.56 -23.94
CA LEU D 328 7.73 -30.27 -23.32
C LEU D 328 8.14 -30.25 -21.84
N SER D 329 8.81 -29.19 -21.42
CA SER D 329 9.04 -28.88 -20.00
C SER D 329 7.90 -27.97 -19.57
N ILE D 330 6.92 -28.50 -18.85
CA ILE D 330 5.69 -27.71 -18.46
C ILE D 330 6.02 -26.86 -17.25
N GLU D 331 7.07 -27.20 -16.47
CA GLU D 331 7.52 -26.30 -15.39
C GLU D 331 9.04 -26.19 -15.39
N THR D 332 9.53 -25.04 -15.82
CA THR D 332 10.96 -24.69 -15.86
C THR D 332 11.19 -23.65 -14.77
N GLN D 333 11.96 -23.99 -13.73
CA GLN D 333 11.98 -23.17 -12.51
C GLN D 333 12.33 -21.71 -12.82
N THR D 334 11.41 -20.82 -12.45
CA THR D 334 11.64 -19.36 -12.43
C THR D 334 11.14 -18.75 -11.14
N SER D 335 10.83 -19.54 -10.11
CA SER D 335 10.35 -18.97 -8.85
C SER D 335 10.72 -19.93 -7.69
N LEU D 336 10.48 -19.49 -6.47
CA LEU D 336 10.58 -20.27 -5.21
C LEU D 336 12.06 -20.42 -4.80
N ALA D 337 13.00 -19.73 -5.46
CA ALA D 337 14.39 -19.55 -4.95
C ALA D 337 14.57 -18.06 -4.63
N ASN D 338 15.32 -17.72 -3.60
CA ASN D 338 15.40 -16.37 -3.02
C ASN D 338 15.87 -15.38 -4.08
N VAL D 339 16.81 -15.77 -4.90
CA VAL D 339 17.36 -15.02 -6.04
C VAL D 339 17.68 -16.02 -7.11
N ILE D 340 17.39 -15.67 -8.37
CA ILE D 340 17.76 -16.56 -9.50
C ILE D 340 18.70 -15.77 -10.41
N GLU D 341 20.01 -15.95 -10.18
CA GLU D 341 21.05 -15.15 -10.86
C GLU D 341 21.07 -15.54 -12.32
N LYS D 342 21.15 -14.58 -13.23
CA LYS D 342 20.75 -14.92 -14.62
C LYS D 342 21.69 -15.90 -15.31
N ASP D 343 22.99 -15.93 -14.95
CA ASP D 343 24.01 -16.82 -15.56
C ASP D 343 23.73 -18.27 -15.11
N GLU D 344 23.39 -18.50 -13.82
CA GLU D 344 23.04 -19.86 -13.32
C GLU D 344 21.71 -20.29 -13.96
N ALA D 345 20.75 -19.38 -14.05
CA ALA D 345 19.47 -19.66 -14.76
C ALA D 345 19.71 -20.05 -16.22
N GLU D 346 20.59 -19.30 -16.92
CA GLU D 346 20.95 -19.55 -18.34
C GLU D 346 21.49 -20.97 -18.48
N LEU D 347 22.45 -21.33 -17.61
CA LEU D 347 23.05 -22.69 -17.67
C LEU D 347 21.92 -23.72 -17.71
N LEU D 348 20.87 -23.59 -16.89
CA LEU D 348 19.75 -24.59 -16.93
C LEU D 348 18.94 -24.39 -18.22
N TYR D 349 18.35 -23.19 -18.41
CA TYR D 349 17.36 -22.96 -19.48
C TYR D 349 17.96 -23.31 -20.84
N ALA D 350 19.22 -22.91 -21.08
CA ALA D 350 19.82 -23.02 -22.43
C ALA D 350 20.24 -24.47 -22.65
N LEU D 351 20.47 -25.25 -21.55
CA LEU D 351 20.76 -26.68 -21.73
C LEU D 351 19.48 -27.47 -22.02
N LEU D 352 18.27 -26.92 -21.81
CA LEU D 352 17.04 -27.74 -22.04
C LEU D 352 16.90 -28.04 -23.53
N PRO D 353 16.98 -27.07 -24.46
CA PRO D 353 16.97 -27.42 -25.89
C PRO D 353 18.18 -28.25 -26.35
N ALA D 354 19.37 -27.93 -25.87
CA ALA D 354 20.59 -28.72 -26.11
C ALA D 354 20.33 -30.22 -25.84
N LEU D 355 19.56 -30.50 -24.79
CA LEU D 355 19.34 -31.88 -24.29
C LEU D 355 17.96 -32.37 -24.78
N GLY D 356 17.41 -31.71 -25.80
CA GLY D 356 16.26 -32.25 -26.56
C GLY D 356 14.92 -31.72 -26.12
N ILE D 357 14.85 -30.73 -25.21
CA ILE D 357 13.51 -30.24 -24.79
C ILE D 357 13.39 -28.82 -25.33
N HIS D 358 12.83 -28.67 -26.54
CA HIS D 358 12.77 -27.36 -27.24
C HIS D 358 11.42 -26.65 -27.05
N ASN D 359 10.40 -27.30 -26.49
CA ASN D 359 9.12 -26.66 -26.05
C ASN D 359 9.19 -26.42 -24.55
N ILE D 360 9.05 -25.18 -24.10
CA ILE D 360 9.41 -24.82 -22.72
C ILE D 360 8.33 -23.89 -22.16
N ASN D 361 7.88 -24.22 -20.94
CA ASN D 361 7.02 -23.33 -20.12
C ASN D 361 7.76 -22.96 -18.84
N TYR D 362 7.78 -21.67 -18.54
CA TYR D 362 8.47 -21.10 -17.36
C TYR D 362 7.46 -20.91 -16.23
N TYR D 363 7.76 -21.40 -15.03
CA TYR D 363 6.82 -21.51 -13.89
C TYR D 363 7.55 -21.10 -12.63
N LEU D 364 7.06 -20.15 -11.84
CA LEU D 364 5.85 -19.36 -12.06
C LEU D 364 6.27 -18.07 -12.76
N TYR D 365 5.60 -17.71 -13.85
CA TYR D 365 6.09 -16.54 -14.62
C TYR D 365 5.66 -15.26 -13.90
N VAL D 366 4.42 -15.20 -13.41
CA VAL D 366 3.81 -13.95 -12.86
C VAL D 366 3.57 -14.13 -11.37
N GLY D 367 4.28 -13.33 -10.58
CA GLY D 367 4.19 -13.38 -9.11
C GLY D 367 2.85 -12.87 -8.66
N GLY D 368 2.27 -13.55 -7.69
CA GLY D 368 0.90 -13.29 -7.23
C GLY D 368 0.77 -13.35 -5.73
N GLU D 369 -0.43 -13.63 -5.32
CA GLU D 369 -0.85 -13.60 -3.89
C GLU D 369 -1.96 -14.62 -3.69
N ASN D 370 -2.02 -15.28 -2.53
CA ASN D 370 -3.05 -16.33 -2.31
C ASN D 370 -4.25 -15.70 -1.63
N PRO D 371 -5.47 -15.80 -2.21
CA PRO D 371 -6.70 -15.41 -1.50
C PRO D 371 -6.78 -16.12 -0.12
N LYS D 372 -7.35 -15.43 0.85
CA LYS D 372 -7.54 -15.87 2.26
C LYS D 372 -8.29 -17.19 2.24
N GLY D 373 -7.75 -18.16 2.98
CA GLY D 373 -8.35 -19.48 3.04
C GLY D 373 -7.63 -20.47 2.15
N TYR D 374 -6.83 -20.01 1.19
CA TYR D 374 -6.22 -20.92 0.21
C TYR D 374 -4.71 -20.99 0.39
N GLU D 375 -4.15 -20.34 1.41
CA GLU D 375 -2.70 -20.41 1.71
C GLU D 375 -2.32 -21.85 2.12
N SER D 376 -1.09 -22.20 1.83
CA SER D 376 -0.48 -23.46 2.28
C SER D 376 1.02 -23.20 2.51
N HIS D 377 1.86 -23.43 1.52
CA HIS D 377 3.34 -23.51 1.62
C HIS D 377 4.04 -22.15 1.85
N ASN D 378 3.36 -21.02 1.54
CA ASN D 378 4.04 -19.72 1.43
C ASN D 378 3.23 -18.66 2.20
N GLY D 379 2.14 -19.02 2.87
CA GLY D 379 1.32 -18.02 3.54
C GLY D 379 0.70 -17.14 2.47
N ALA D 380 0.59 -15.82 2.64
CA ALA D 380 -0.13 -15.02 1.58
C ALA D 380 0.63 -14.97 0.25
N THR D 381 1.95 -14.97 0.24
CA THR D 381 2.75 -14.60 -0.94
C THR D 381 2.76 -15.74 -1.95
N TRP D 382 2.69 -15.36 -3.22
CA TRP D 382 3.02 -16.22 -4.36
C TRP D 382 3.94 -15.48 -5.32
N ASP D 383 4.80 -14.58 -4.81
CA ASP D 383 5.89 -13.92 -5.55
C ASP D 383 7.23 -14.15 -4.84
N VAL D 384 7.83 -15.28 -5.18
CA VAL D 384 9.21 -15.62 -4.79
C VAL D 384 10.07 -15.61 -6.04
N TYR D 385 10.56 -14.41 -6.36
CA TYR D 385 11.53 -14.10 -7.43
C TYR D 385 10.98 -14.54 -8.80
N SER D 386 9.67 -14.40 -9.07
CA SER D 386 9.08 -14.68 -10.41
C SER D 386 9.67 -13.70 -11.42
N PRO D 387 9.84 -14.09 -12.70
CA PRO D 387 10.31 -13.19 -13.77
C PRO D 387 9.61 -11.83 -13.84
N ILE D 388 8.30 -11.83 -13.65
CA ILE D 388 7.49 -10.60 -13.43
C ILE D 388 6.99 -10.66 -11.98
N GLY D 389 7.28 -9.62 -11.20
CA GLY D 389 6.83 -9.49 -9.81
C GLY D 389 5.40 -8.96 -9.69
N LEU D 390 4.86 -9.00 -8.50
CA LEU D 390 3.49 -8.57 -8.17
C LEU D 390 3.28 -7.13 -8.65
N ASP D 391 4.29 -6.27 -8.50
CA ASP D 391 4.26 -4.83 -8.88
C ASP D 391 4.59 -4.62 -10.36
N GLY D 392 4.80 -5.66 -11.15
CA GLY D 392 5.16 -5.61 -12.57
C GLY D 392 6.63 -5.46 -12.87
N ARG D 393 7.52 -5.49 -11.86
CA ARG D 393 8.98 -5.43 -12.13
C ARG D 393 9.41 -6.66 -12.96
N GLU D 394 10.49 -6.51 -13.70
CA GLU D 394 11.08 -7.57 -14.55
C GLU D 394 12.39 -7.98 -13.85
N ARG D 395 12.45 -9.20 -13.36
CA ARG D 395 13.67 -9.66 -12.63
C ARG D 395 14.69 -10.17 -13.66
N GLN D 396 15.93 -10.32 -13.22
CA GLN D 396 17.10 -10.52 -14.09
C GLN D 396 16.92 -11.73 -14.98
N HIS D 397 16.20 -12.76 -14.55
CA HIS D 397 16.21 -14.05 -15.30
C HIS D 397 15.31 -13.94 -16.53
N VAL D 398 14.55 -12.87 -16.67
CA VAL D 398 13.90 -12.58 -17.96
C VAL D 398 14.92 -12.52 -19.10
N GLU D 399 16.17 -12.10 -18.85
CA GLU D 399 17.14 -11.89 -19.97
C GLU D 399 17.41 -13.20 -20.71
N PRO D 400 17.90 -14.29 -20.06
CA PRO D 400 18.14 -15.50 -20.83
C PRO D 400 16.85 -16.03 -21.46
N ILE D 401 15.72 -15.84 -20.78
CA ILE D 401 14.41 -16.38 -21.25
C ILE D 401 14.13 -15.73 -22.59
N LYS D 402 14.38 -14.45 -22.66
CA LYS D 402 14.08 -13.73 -23.99
C LYS D 402 14.98 -14.26 -25.10
N TRP D 403 16.30 -14.35 -24.87
CA TRP D 403 17.22 -14.65 -25.99
CA TRP D 403 17.28 -14.70 -25.93
C TRP D 403 16.98 -16.10 -26.42
N ILE D 404 16.83 -17.04 -25.48
CA ILE D 404 16.54 -18.45 -25.84
C ILE D 404 15.30 -18.49 -26.75
N GLY D 405 14.27 -17.70 -26.42
CA GLY D 405 13.02 -17.70 -27.20
C GLY D 405 13.27 -17.20 -28.60
N GLU D 406 14.01 -16.10 -28.73
CA GLU D 406 14.37 -15.53 -30.05
C GLU D 406 15.15 -16.54 -30.86
N PHE D 407 16.07 -17.27 -30.24
CA PHE D 407 16.82 -18.31 -31.00
C PHE D 407 15.86 -19.40 -31.52
N LEU D 408 15.02 -19.99 -30.66
CA LEU D 408 14.19 -21.19 -30.98
C LEU D 408 13.17 -20.86 -32.08
N LYS D 409 12.66 -19.63 -32.10
CA LYS D 409 11.63 -19.17 -33.09
C LYS D 409 12.21 -18.88 -34.50
N SER D 410 13.56 -18.73 -34.55
CA SER D 410 14.26 -18.32 -35.81
C SER D 410 15.11 -19.48 -36.34
N ASN D 411 15.21 -20.59 -35.60
CA ASN D 411 16.15 -21.69 -35.96
C ASN D 411 15.45 -23.05 -35.92
N MET D 412 14.66 -23.39 -36.93
CA MET D 412 13.97 -24.72 -36.98
C MET D 412 15.02 -25.80 -37.34
N ASP D 413 16.15 -25.40 -37.94
CA ASP D 413 17.34 -26.27 -38.14
C ASP D 413 17.79 -26.91 -36.83
N PHE D 414 17.88 -26.13 -35.75
CA PHE D 414 18.44 -26.59 -34.44
C PHE D 414 17.57 -27.70 -33.84
N ILE D 415 16.25 -27.50 -33.80
CA ILE D 415 15.33 -28.45 -33.10
C ILE D 415 15.27 -29.76 -33.89
N GLU D 416 15.60 -29.74 -35.20
CA GLU D 416 15.54 -30.93 -36.09
C GLU D 416 16.72 -31.87 -35.80
N SER D 417 17.94 -31.48 -36.16
CA SER D 417 19.20 -32.22 -35.83
C SER D 417 19.13 -32.69 -34.37
N GLN D 418 19.11 -33.99 -34.09
CA GLN D 418 18.97 -34.51 -32.70
C GLN D 418 20.33 -34.60 -31.98
N LEU D 419 20.25 -34.95 -30.69
CA LEU D 419 21.39 -35.46 -29.86
C LEU D 419 21.48 -36.98 -30.03
N LYS D 420 22.57 -37.52 -30.60
CA LYS D 420 22.70 -38.97 -30.91
C LYS D 420 24.00 -39.53 -30.36
N PRO D 421 24.18 -39.60 -29.03
CA PRO D 421 25.47 -39.98 -28.47
C PRO D 421 25.79 -41.47 -28.72
N LYS D 422 27.09 -41.77 -28.72
CA LYS D 422 27.66 -43.13 -28.80
C LYS D 422 27.57 -43.82 -27.44
N VAL D 423 27.36 -43.07 -26.34
CA VAL D 423 27.38 -43.61 -24.96
C VAL D 423 25.99 -43.55 -24.38
N ALA D 424 25.60 -44.55 -23.57
CA ALA D 424 24.33 -44.50 -22.83
C ALA D 424 24.59 -44.92 -21.38
N PHE D 425 23.74 -44.46 -20.48
CA PHE D 425 23.69 -45.03 -19.11
C PHE D 425 22.48 -45.96 -19.03
N GLY D 426 22.72 -47.15 -18.47
CA GLY D 426 21.75 -48.24 -18.28
C GLY D 426 21.09 -48.15 -16.92
N MET D 427 19.89 -47.56 -16.87
CA MET D 427 19.20 -47.39 -15.58
C MET D 427 18.46 -48.70 -15.27
N TYR D 428 18.40 -49.05 -13.99
CA TYR D 428 17.69 -50.27 -13.54
C TYR D 428 16.69 -49.89 -12.45
N GLU D 429 15.42 -49.89 -12.83
CA GLU D 429 14.34 -49.29 -12.01
C GLU D 429 14.36 -49.72 -10.54
N PRO D 430 14.55 -51.01 -10.19
CA PRO D 430 14.44 -51.41 -8.79
C PRO D 430 15.44 -50.72 -7.87
N TYR D 431 16.59 -50.30 -8.40
CA TYR D 431 17.60 -49.53 -7.63
C TYR D 431 16.99 -48.17 -7.21
N GLU D 432 16.05 -47.62 -8.02
CA GLU D 432 15.53 -46.26 -7.78
C GLU D 432 14.80 -46.28 -6.44
N ALA D 433 13.99 -47.30 -6.25
CA ALA D 433 13.15 -47.48 -5.05
C ALA D 433 14.09 -47.60 -3.85
N LEU D 434 15.10 -48.49 -3.92
CA LEU D 434 16.02 -48.68 -2.75
C LEU D 434 16.74 -47.38 -2.40
N SER D 435 17.21 -46.64 -3.43
CA SER D 435 17.88 -45.34 -3.29
C SER D 435 16.94 -44.34 -2.62
N MET D 436 15.76 -44.16 -3.19
CA MET D 436 14.74 -43.24 -2.65
C MET D 436 14.42 -43.55 -1.18
N TRP D 437 14.15 -44.79 -0.84
CA TRP D 437 13.84 -45.19 0.55
C TRP D 437 15.08 -45.07 1.40
N GLY D 438 16.27 -45.17 0.82
CA GLY D 438 17.49 -45.34 1.65
C GLY D 438 17.49 -46.68 2.35
N HIS D 439 16.80 -47.71 1.82
CA HIS D 439 16.84 -49.07 2.43
C HIS D 439 17.99 -49.89 1.84
N ARG D 440 18.92 -50.26 2.70
CA ARG D 440 20.00 -51.21 2.35
C ARG D 440 19.74 -52.49 3.11
N PRO D 441 19.35 -53.59 2.42
CA PRO D 441 19.22 -54.88 3.09
C PRO D 441 20.54 -55.30 3.77
N GLU D 442 20.39 -55.88 4.96
CA GLU D 442 21.47 -56.34 5.87
C GLU D 442 22.60 -57.03 5.11
N SER D 443 22.19 -57.91 4.21
CA SER D 443 23.07 -58.82 3.44
C SER D 443 23.77 -58.06 2.31
N PHE D 444 23.36 -56.85 1.90
CA PHE D 444 23.95 -56.21 0.70
C PHE D 444 25.41 -55.79 0.91
N GLU D 445 26.30 -56.14 -0.03
CA GLU D 445 27.71 -55.69 -0.07
C GLU D 445 27.77 -54.23 -0.54
N GLU D 446 26.73 -53.74 -1.22
CA GLU D 446 26.76 -52.36 -1.79
C GLU D 446 25.86 -51.40 -1.01
N SER D 447 26.28 -50.14 -0.98
CA SER D 447 25.53 -48.96 -0.50
C SER D 447 24.40 -48.68 -1.50
N VAL D 448 23.29 -48.17 -1.00
CA VAL D 448 22.17 -47.69 -1.88
C VAL D 448 22.23 -46.15 -2.01
N ASN D 449 23.33 -45.52 -1.59
CA ASN D 449 23.51 -44.04 -1.67
C ASN D 449 23.83 -43.60 -3.11
N LEU D 450 22.87 -43.78 -4.01
CA LEU D 450 23.04 -43.46 -5.45
C LEU D 450 23.14 -41.93 -5.61
N GLN D 451 22.50 -41.18 -4.69
CA GLN D 451 22.60 -39.71 -4.77
C GLN D 451 24.07 -39.29 -4.65
N GLU D 452 24.83 -39.83 -3.66
CA GLU D 452 26.28 -39.56 -3.60
C GLU D 452 27.02 -40.14 -4.83
N TYR D 453 26.91 -41.44 -5.13
CA TYR D 453 27.88 -42.15 -6.01
C TYR D 453 27.50 -42.00 -7.48
N LEU D 454 26.25 -41.63 -7.81
CA LEU D 454 25.86 -41.75 -9.22
C LEU D 454 25.28 -40.41 -9.71
N PHE D 455 24.44 -39.73 -8.91
CA PHE D 455 23.61 -38.59 -9.47
C PHE D 455 24.12 -37.20 -9.13
N GLY D 456 24.73 -37.01 -7.95
CA GLY D 456 24.86 -35.68 -7.31
C GLY D 456 26.11 -34.93 -7.70
N GLU D 457 26.54 -34.03 -6.80
CA GLU D 457 27.71 -33.12 -6.94
C GLU D 457 28.96 -33.89 -7.39
N ARG D 458 29.14 -35.11 -6.90
CA ARG D 458 30.37 -35.94 -7.11
C ARG D 458 29.96 -37.23 -7.82
N GLY D 459 28.73 -37.27 -8.37
CA GLY D 459 28.13 -38.46 -9.00
C GLY D 459 28.88 -38.88 -10.27
N LEU D 460 28.96 -40.18 -10.55
CA LEU D 460 29.54 -40.68 -11.82
C LEU D 460 28.91 -39.92 -13.00
N LEU D 461 27.63 -39.62 -12.95
CA LEU D 461 27.04 -39.00 -14.18
C LEU D 461 27.46 -37.54 -14.31
N THR D 462 27.77 -36.89 -13.19
CA THR D 462 28.36 -35.53 -13.23
C THR D 462 29.77 -35.64 -13.82
N LEU D 463 30.60 -36.62 -13.35
CA LEU D 463 31.92 -36.81 -13.98
C LEU D 463 31.77 -37.01 -15.50
N LEU D 464 30.85 -37.83 -15.96
CA LEU D 464 30.68 -38.03 -17.43
C LEU D 464 30.41 -36.67 -18.08
N ALA D 465 29.48 -35.90 -17.57
CA ALA D 465 29.15 -34.60 -18.23
C ALA D 465 30.43 -33.76 -18.28
N MET D 466 31.17 -33.69 -17.16
CA MET D 466 32.33 -32.79 -17.06
C MET D 466 33.52 -33.31 -17.88
N SER D 467 33.52 -34.61 -18.21
CA SER D 467 34.55 -35.24 -19.05
C SER D 467 34.19 -35.09 -20.52
N ASN D 468 33.14 -34.34 -20.85
CA ASN D 468 32.73 -34.15 -22.28
C ASN D 468 32.22 -35.47 -22.84
N VAL D 469 31.40 -36.16 -22.07
CA VAL D 469 30.73 -37.44 -22.49
C VAL D 469 29.22 -37.28 -22.30
N PRO D 470 28.54 -36.65 -23.30
CA PRO D 470 27.09 -36.64 -23.32
C PRO D 470 26.67 -38.11 -23.36
N PHE D 471 25.54 -38.40 -22.75
CA PHE D 471 24.99 -39.77 -22.78
C PHE D 471 23.46 -39.71 -22.90
N ASP D 472 22.97 -40.69 -23.64
CA ASP D 472 21.56 -41.13 -23.54
C ASP D 472 21.41 -42.01 -22.30
N VAL D 473 20.17 -42.30 -21.98
CA VAL D 473 19.77 -43.20 -20.88
C VAL D 473 18.89 -44.27 -21.51
N ILE D 474 19.10 -45.53 -21.12
CA ILE D 474 18.20 -46.63 -21.60
C ILE D 474 17.76 -47.45 -20.40
N ASP D 475 16.49 -47.86 -20.42
CA ASP D 475 15.95 -48.76 -19.37
C ASP D 475 16.48 -50.17 -19.64
N LEU D 476 17.17 -50.79 -18.68
CA LEU D 476 17.83 -52.10 -19.01
C LEU D 476 16.80 -53.22 -19.21
N GLU D 477 15.64 -53.08 -18.58
CA GLU D 477 14.60 -54.12 -18.48
C GLU D 477 13.76 -54.07 -19.76
N LEU D 478 13.45 -52.89 -20.27
CA LEU D 478 12.62 -52.72 -21.48
C LEU D 478 13.45 -52.86 -22.77
N SER D 479 14.71 -52.42 -22.76
CA SER D 479 15.57 -52.37 -23.97
C SER D 479 15.86 -53.76 -24.50
N THR D 480 15.74 -53.94 -25.81
CA THR D 480 16.15 -55.18 -26.51
C THR D 480 17.65 -55.13 -26.68
N VAL D 481 18.27 -56.27 -26.94
CA VAL D 481 19.70 -56.27 -27.33
C VAL D 481 19.87 -55.36 -28.54
N GLU D 482 18.93 -55.39 -29.50
CA GLU D 482 19.10 -54.61 -30.75
C GLU D 482 19.15 -53.12 -30.39
N GLU D 483 18.34 -52.67 -29.42
CA GLU D 483 18.31 -51.24 -29.02
C GLU D 483 19.62 -50.91 -28.28
N MET D 484 20.13 -51.84 -27.48
CA MET D 484 21.42 -51.62 -26.75
C MET D 484 22.55 -51.42 -27.78
N LEU D 485 22.52 -52.20 -28.86
CA LEU D 485 23.58 -52.18 -29.90
C LEU D 485 23.61 -50.88 -30.70
N GLN D 486 22.60 -49.99 -30.59
CA GLN D 486 22.71 -48.62 -31.17
C GLN D 486 23.73 -47.81 -30.35
N TYR D 487 24.23 -48.32 -29.20
CA TYR D 487 25.25 -47.64 -28.36
C TYR D 487 26.60 -48.36 -28.43
N GLU D 488 27.67 -47.64 -28.69
CA GLU D 488 29.04 -48.20 -28.76
C GLU D 488 29.48 -48.52 -27.31
N GLN D 489 28.99 -47.77 -26.32
CA GLN D 489 29.42 -47.94 -24.90
C GLN D 489 28.21 -47.72 -24.00
N ILE D 490 27.96 -48.64 -23.08
CA ILE D 490 26.91 -48.49 -22.02
C ILE D 490 27.57 -48.61 -20.65
N TRP D 491 27.29 -47.63 -19.81
CA TRP D 491 27.78 -47.56 -18.41
C TRP D 491 26.67 -48.04 -17.51
N ILE D 492 27.02 -48.89 -16.55
CA ILE D 492 26.01 -49.55 -15.70
C ILE D 492 26.52 -49.44 -14.26
N TYR D 493 25.74 -48.84 -13.37
CA TYR D 493 25.99 -48.88 -11.91
C TYR D 493 25.28 -50.10 -11.34
N SER D 494 26.02 -51.03 -10.69
CA SER D 494 25.46 -52.30 -10.17
C SER D 494 25.45 -52.34 -8.65
N LEU D 495 24.39 -52.88 -8.07
CA LEU D 495 24.31 -53.23 -6.64
C LEU D 495 24.41 -54.77 -6.61
N ASP D 496 23.93 -55.37 -5.54
CA ASP D 496 24.08 -56.84 -5.36
C ASP D 496 23.23 -57.63 -6.33
N PHE D 497 22.07 -57.13 -6.73
CA PHE D 497 21.07 -57.93 -7.47
C PHE D 497 20.81 -57.29 -8.83
N MET D 498 20.62 -58.11 -9.86
CA MET D 498 20.21 -57.68 -11.24
C MET D 498 19.51 -58.85 -11.93
N SER D 499 18.39 -58.60 -12.65
CA SER D 499 17.48 -59.68 -13.14
C SER D 499 18.24 -60.57 -14.14
N ARG D 500 17.80 -61.82 -14.23
CA ARG D 500 18.37 -62.81 -15.17
C ARG D 500 18.22 -62.27 -16.58
N GLU D 501 17.04 -61.73 -16.87
CA GLU D 501 16.70 -61.27 -18.23
C GLU D 501 17.70 -60.19 -18.61
N VAL D 502 17.97 -59.27 -17.67
CA VAL D 502 18.90 -58.16 -17.95
C VAL D 502 20.30 -58.73 -18.18
N GLN D 503 20.77 -59.64 -17.32
CA GLN D 503 22.17 -60.13 -17.40
C GLN D 503 22.36 -60.92 -18.69
N GLU D 504 21.34 -61.64 -19.15
CA GLU D 504 21.37 -62.37 -20.45
C GLU D 504 21.52 -61.37 -21.61
N LYS D 505 20.79 -60.27 -21.58
CA LYS D 505 20.85 -59.27 -22.69
C LYS D 505 22.20 -58.54 -22.72
N LEU D 506 22.68 -58.12 -21.54
CA LEU D 506 24.02 -57.47 -21.41
C LEU D 506 25.10 -58.41 -21.98
N ALA D 507 25.05 -59.70 -21.65
CA ALA D 507 26.01 -60.69 -22.21
C ALA D 507 25.92 -60.71 -23.75
N ARG D 508 24.71 -60.82 -24.29
CA ARG D 508 24.52 -60.80 -25.78
C ARG D 508 25.07 -59.49 -26.33
N TYR D 509 24.81 -58.37 -25.64
CA TYR D 509 25.26 -57.02 -26.08
C TYR D 509 26.77 -57.04 -26.30
N VAL D 510 27.54 -57.52 -25.32
CA VAL D 510 29.02 -57.48 -25.44
C VAL D 510 29.44 -58.53 -26.48
N GLU D 511 28.86 -59.74 -26.47
CA GLU D 511 29.15 -60.80 -27.50
C GLU D 511 29.02 -60.22 -28.93
N GLU D 512 28.00 -59.37 -29.14
CA GLU D 512 27.68 -58.86 -30.50
C GLU D 512 28.46 -57.58 -30.76
N GLY D 513 29.39 -57.15 -29.86
CA GLY D 513 30.34 -56.06 -30.21
C GLY D 513 30.16 -54.80 -29.37
N GLY D 514 29.30 -54.86 -28.36
CA GLY D 514 29.05 -53.78 -27.42
C GLY D 514 30.17 -53.62 -26.41
N ASN D 515 30.27 -52.43 -25.83
CA ASN D 515 31.29 -52.17 -24.80
C ASN D 515 30.56 -51.84 -23.49
N LEU D 516 30.80 -52.60 -22.43
CA LEU D 516 30.15 -52.30 -21.14
C LEU D 516 31.20 -51.71 -20.22
N VAL D 517 30.75 -50.78 -19.37
CA VAL D 517 31.51 -50.28 -18.22
C VAL D 517 30.62 -50.56 -17.03
N ILE D 518 31.07 -51.43 -16.12
CA ILE D 518 30.26 -51.81 -14.94
C ILE D 518 31.06 -51.51 -13.65
N LEU D 519 30.39 -50.90 -12.67
CA LEU D 519 31.02 -50.51 -11.39
C LEU D 519 29.91 -50.37 -10.37
N PRO D 520 30.15 -50.36 -9.04
CA PRO D 520 31.44 -50.73 -8.43
C PRO D 520 31.66 -52.18 -7.99
N THR D 521 30.81 -53.03 -8.52
CA THR D 521 30.86 -54.50 -8.35
C THR D 521 30.15 -55.15 -9.53
N LEU D 522 30.13 -56.49 -9.54
CA LEU D 522 29.23 -57.27 -10.43
C LEU D 522 28.15 -57.84 -9.55
N PRO D 523 26.94 -58.03 -10.11
CA PRO D 523 25.84 -58.57 -9.31
C PRO D 523 26.17 -60.03 -8.95
N SER D 524 25.71 -60.42 -7.76
CA SER D 524 25.87 -61.76 -7.11
C SER D 524 24.50 -62.42 -6.90
N LEU D 525 23.39 -61.66 -7.07
CA LEU D 525 21.99 -62.14 -6.85
C LEU D 525 21.12 -61.74 -8.05
N ASP D 526 19.99 -62.45 -8.23
CA ASP D 526 19.02 -62.18 -9.32
C ASP D 526 17.89 -61.30 -8.76
N GLU D 527 16.82 -61.14 -9.53
CA GLU D 527 15.69 -60.23 -9.17
C GLU D 527 14.97 -60.79 -7.93
N ASN D 528 15.16 -62.07 -7.61
CA ASN D 528 14.52 -62.75 -6.46
C ASN D 528 15.49 -62.79 -5.27
N MET D 529 16.62 -62.10 -5.40
CA MET D 529 17.68 -62.03 -4.35
C MET D 529 18.31 -63.43 -4.16
N LYS D 530 18.23 -64.33 -5.16
CA LYS D 530 18.83 -65.68 -5.12
C LYS D 530 20.23 -65.63 -5.73
N PRO D 531 21.22 -66.40 -5.20
CA PRO D 531 22.53 -66.43 -5.84
C PRO D 531 22.41 -66.67 -7.34
N TYR D 532 23.15 -65.90 -8.13
CA TYR D 532 23.10 -65.96 -9.62
C TYR D 532 24.26 -65.11 -10.15
N THR D 533 24.99 -65.63 -11.14
CA THR D 533 26.35 -65.13 -11.45
C THR D 533 26.55 -65.08 -12.96
N LYS D 534 25.50 -64.77 -13.73
CA LYS D 534 25.61 -64.79 -15.22
C LYS D 534 26.72 -63.83 -15.68
N LEU D 535 26.76 -62.55 -15.25
CA LEU D 535 27.77 -61.62 -15.83
C LEU D 535 29.18 -62.08 -15.42
N ARG D 536 29.33 -62.42 -14.15
CA ARG D 536 30.59 -62.95 -13.58
C ARG D 536 31.08 -64.12 -14.45
N ASP D 537 30.21 -65.12 -14.66
CA ASP D 537 30.51 -66.38 -15.39
C ASP D 537 30.89 -66.02 -16.82
N PHE D 538 30.06 -65.23 -17.47
CA PHE D 538 30.18 -64.92 -18.92
C PHE D 538 31.43 -64.07 -19.20
N LEU D 539 31.71 -63.08 -18.33
CA LEU D 539 32.89 -62.20 -18.50
C LEU D 539 34.15 -62.90 -17.97
N GLY D 540 34.02 -63.98 -17.18
CA GLY D 540 35.19 -64.66 -16.59
C GLY D 540 35.84 -63.75 -15.56
N ILE D 541 35.05 -63.02 -14.80
CA ILE D 541 35.56 -62.04 -13.81
C ILE D 541 35.02 -62.45 -12.46
N GLU D 542 35.96 -62.57 -11.53
CA GLU D 542 35.72 -62.65 -10.08
C GLU D 542 35.85 -61.23 -9.53
N VAL D 543 34.93 -60.85 -8.65
CA VAL D 543 34.97 -59.58 -7.85
C VAL D 543 34.88 -59.97 -6.37
N GLU D 544 35.87 -59.54 -5.61
CA GLU D 544 35.95 -59.66 -4.14
C GLU D 544 34.60 -59.27 -3.51
N LYS D 545 34.15 -60.07 -2.53
CA LYS D 545 33.04 -59.72 -1.63
C LYS D 545 33.62 -58.77 -0.56
N ALA D 546 33.09 -57.56 -0.44
CA ALA D 546 33.47 -56.54 0.58
C ALA D 546 32.28 -55.63 0.90
N LYS D 547 32.02 -55.38 2.18
CA LYS D 547 30.84 -54.60 2.64
C LYS D 547 31.11 -53.09 2.53
N ALA D 548 30.43 -52.40 1.60
CA ALA D 548 30.46 -50.93 1.58
C ALA D 548 30.02 -50.39 2.95
N ARG D 549 30.56 -49.24 3.31
CA ARG D 549 30.32 -48.60 4.63
C ARG D 549 29.26 -47.52 4.48
N ASP D 550 28.53 -47.26 5.55
CA ASP D 550 27.45 -46.25 5.63
C ASP D 550 27.78 -45.10 6.59
N ASN D 551 28.48 -45.36 7.66
CA ASN D 551 28.87 -44.34 8.65
C ASN D 551 29.94 -43.44 8.00
N MET D 552 29.64 -42.15 7.81
CA MET D 552 30.54 -41.24 7.02
C MET D 552 31.98 -41.29 7.56
N ARG D 553 32.16 -41.40 8.88
CA ARG D 553 33.50 -41.31 9.50
C ARG D 553 34.30 -42.57 9.16
N LEU D 554 33.60 -43.64 8.82
CA LEU D 554 34.28 -44.97 8.63
C LEU D 554 34.40 -45.25 7.15
N ILE D 555 33.97 -44.33 6.25
CA ILE D 555 34.09 -44.59 4.79
C ILE D 555 35.53 -44.27 4.41
N PRO D 556 36.28 -45.25 3.90
CA PRO D 556 37.68 -44.95 3.61
C PRO D 556 37.90 -44.07 2.37
N TYR D 557 39.09 -43.47 2.38
CA TYR D 557 39.74 -42.86 1.19
C TYR D 557 40.79 -43.82 0.69
N ILE D 558 40.79 -44.11 -0.61
CA ILE D 558 41.72 -45.06 -1.27
C ILE D 558 42.20 -44.41 -2.56
N SER D 559 43.50 -44.56 -2.81
CA SER D 559 44.16 -44.02 -4.02
C SER D 559 44.25 -45.12 -5.07
N VAL D 560 43.68 -44.87 -6.24
CA VAL D 560 43.74 -45.84 -7.37
C VAL D 560 44.73 -45.37 -8.42
N ASP D 561 45.50 -46.33 -8.92
CA ASP D 561 46.50 -46.09 -9.98
C ASP D 561 45.94 -46.68 -11.26
N ALA D 562 46.34 -46.09 -12.36
CA ALA D 562 46.13 -46.67 -13.71
C ALA D 562 47.27 -46.18 -14.61
N GLU D 563 47.20 -46.48 -15.89
CA GLU D 563 48.28 -46.15 -16.86
C GLU D 563 48.39 -44.62 -16.88
N GLU D 564 49.54 -44.09 -16.45
CA GLU D 564 49.83 -42.63 -16.45
C GLU D 564 48.84 -41.90 -15.51
N ILE D 565 48.31 -42.60 -14.50
CA ILE D 565 47.39 -42.03 -13.46
C ILE D 565 47.93 -42.41 -12.07
N ASP D 566 48.48 -41.40 -11.41
CA ASP D 566 49.17 -41.59 -10.11
C ASP D 566 48.19 -41.14 -9.02
N ARG D 567 47.51 -42.09 -8.38
CA ARG D 567 46.75 -41.91 -7.11
C ARG D 567 45.54 -40.97 -7.33
N MET D 568 44.57 -41.57 -8.00
CA MET D 568 43.22 -40.99 -8.23
C MET D 568 42.38 -41.36 -7.03
N VAL D 569 41.84 -40.38 -6.31
CA VAL D 569 41.07 -40.70 -5.09
C VAL D 569 39.71 -41.32 -5.41
N VAL D 570 39.38 -42.36 -4.62
CA VAL D 570 38.03 -43.00 -4.54
C VAL D 570 37.59 -43.16 -3.09
N ARG D 571 36.29 -43.33 -2.88
CA ARG D 571 35.65 -43.38 -1.53
C ARG D 571 35.04 -44.76 -1.34
N ASN D 572 35.09 -45.29 -0.09
CA ASN D 572 34.35 -46.50 0.31
C ASN D 572 35.08 -47.71 -0.26
N VAL D 573 34.59 -48.91 0.02
CA VAL D 573 35.39 -50.17 -0.18
C VAL D 573 35.84 -50.32 -1.64
N VAL D 574 37.03 -50.86 -1.82
CA VAL D 574 37.56 -51.19 -3.17
C VAL D 574 37.77 -52.71 -3.22
N ARG D 575 37.26 -53.33 -4.27
CA ARG D 575 37.19 -54.80 -4.40
C ARG D 575 38.31 -55.27 -5.31
N GLU D 576 39.00 -56.32 -4.90
CA GLU D 576 39.92 -56.98 -5.86
C GLU D 576 39.08 -57.55 -7.01
N VAL D 577 39.54 -57.35 -8.24
CA VAL D 577 38.93 -57.90 -9.49
C VAL D 577 39.94 -58.79 -10.21
N LYS D 578 39.54 -60.02 -10.55
CA LYS D 578 40.42 -61.00 -11.21
C LYS D 578 39.84 -61.44 -12.55
N GLY D 579 40.69 -61.59 -13.57
CA GLY D 579 40.23 -61.97 -14.91
C GLY D 579 40.42 -60.81 -15.88
N GLY D 580 40.67 -61.13 -17.14
CA GLY D 580 41.18 -60.17 -18.14
C GLY D 580 42.42 -59.38 -17.75
N LYS D 581 42.57 -58.26 -18.44
CA LYS D 581 43.73 -57.35 -18.41
C LYS D 581 43.53 -56.30 -17.30
N ALA D 582 44.50 -56.14 -16.40
CA ALA D 582 44.45 -55.10 -15.35
C ALA D 582 44.53 -53.70 -15.98
N ILE D 583 43.63 -52.81 -15.55
CA ILE D 583 43.67 -51.38 -15.99
C ILE D 583 43.61 -50.44 -14.78
N ALA D 584 43.44 -50.95 -13.55
CA ALA D 584 43.51 -50.10 -12.33
C ALA D 584 43.95 -50.93 -11.13
N TRP D 585 44.67 -50.30 -10.20
CA TRP D 585 45.29 -51.05 -9.09
C TRP D 585 45.43 -50.15 -7.87
N VAL D 586 45.47 -50.80 -6.71
CA VAL D 586 45.93 -50.19 -5.43
C VAL D 586 47.15 -51.00 -5.00
N GLY D 587 48.34 -50.43 -5.12
CA GLY D 587 49.60 -51.16 -5.01
C GLY D 587 49.59 -52.35 -5.96
N ASP D 588 49.61 -53.56 -5.39
CA ASP D 588 49.70 -54.88 -6.08
C ASP D 588 48.32 -55.41 -6.43
N LYS D 589 47.28 -54.90 -5.78
CA LYS D 589 45.90 -55.41 -5.90
C LYS D 589 45.25 -54.87 -7.17
N VAL D 590 44.83 -55.74 -8.09
CA VAL D 590 44.06 -55.33 -9.28
C VAL D 590 42.64 -54.99 -8.79
N VAL D 591 42.14 -53.83 -9.23
CA VAL D 591 40.79 -53.31 -8.83
C VAL D 591 40.02 -52.81 -10.06
N GLY D 592 40.56 -53.00 -11.24
CA GLY D 592 39.80 -52.77 -12.48
C GLY D 592 40.36 -53.62 -13.56
N VAL D 593 39.52 -54.20 -14.42
CA VAL D 593 40.02 -55.04 -15.53
C VAL D 593 39.21 -54.74 -16.79
N MET D 594 39.80 -55.10 -17.91
CA MET D 594 39.09 -55.21 -19.20
C MET D 594 39.16 -56.62 -19.75
N VAL D 595 38.01 -57.10 -20.23
CA VAL D 595 37.81 -58.41 -20.87
C VAL D 595 37.22 -58.16 -22.27
N ARG D 596 37.60 -59.00 -23.23
CA ARG D 596 37.01 -59.14 -24.58
C ARG D 596 36.28 -60.48 -24.62
N LYS D 597 35.04 -60.45 -25.10
CA LYS D 597 34.18 -61.63 -25.26
C LYS D 597 33.43 -61.43 -26.57
N GLY D 598 33.47 -62.41 -27.47
CA GLY D 598 32.86 -62.25 -28.82
C GLY D 598 33.44 -61.01 -29.48
N LYS D 599 32.60 -60.14 -30.02
CA LYS D 599 33.06 -58.98 -30.82
C LYS D 599 33.25 -57.75 -29.92
N GLY D 600 32.89 -57.83 -28.64
CA GLY D 600 32.78 -56.65 -27.74
C GLY D 600 33.72 -56.71 -26.55
N SER D 601 33.50 -55.83 -25.57
CA SER D 601 34.36 -55.79 -24.35
C SER D 601 33.54 -55.38 -23.13
N ALA D 602 34.13 -55.62 -21.96
CA ALA D 602 33.67 -55.06 -20.67
C ALA D 602 34.87 -54.58 -19.87
N VAL D 603 34.70 -53.41 -19.30
CA VAL D 603 35.56 -52.82 -18.24
C VAL D 603 34.78 -53.05 -16.94
N VAL D 604 35.42 -53.63 -15.93
CA VAL D 604 34.77 -53.81 -14.61
C VAL D 604 35.64 -53.17 -13.53
N LEU D 605 35.04 -52.20 -12.85
CA LEU D 605 35.72 -51.43 -11.80
C LEU D 605 35.17 -51.90 -10.46
N GLY D 606 36.08 -52.32 -9.56
CA GLY D 606 35.76 -52.66 -8.15
C GLY D 606 35.69 -51.42 -7.28
N PHE D 607 35.32 -50.28 -7.86
CA PHE D 607 35.28 -49.04 -7.07
C PHE D 607 34.31 -48.05 -7.68
N ARG D 608 33.84 -47.11 -6.86
CA ARG D 608 32.91 -46.00 -7.32
C ARG D 608 33.70 -44.82 -7.88
N LEU D 609 33.74 -44.73 -9.18
CA LEU D 609 34.40 -43.62 -9.88
C LEU D 609 33.50 -42.38 -9.75
N GLN D 610 34.04 -41.32 -9.14
CA GLN D 610 33.28 -40.07 -8.89
C GLN D 610 33.92 -38.82 -9.50
N TYR D 611 33.10 -37.75 -9.58
CA TYR D 611 33.59 -36.44 -10.01
C TYR D 611 34.23 -35.64 -8.85
N TYR D 612 35.55 -35.51 -8.94
CA TYR D 612 36.43 -34.61 -8.18
C TYR D 612 37.17 -33.74 -9.19
N SER D 613 37.24 -32.45 -8.87
CA SER D 613 37.94 -31.40 -9.63
C SER D 613 39.29 -31.15 -8.95
N SER D 614 40.32 -31.00 -9.75
CA SER D 614 41.68 -30.68 -9.30
C SER D 614 42.53 -30.32 -10.51
N TYR D 615 43.67 -29.69 -10.22
CA TYR D 615 44.75 -29.51 -11.21
C TYR D 615 45.12 -30.86 -11.85
N HIS D 616 45.39 -31.90 -11.04
CA HIS D 616 45.88 -33.20 -11.57
C HIS D 616 44.77 -33.82 -12.40
N ASP D 617 43.52 -33.61 -11.99
CA ASP D 617 42.33 -33.85 -12.86
C ASP D 617 42.26 -35.34 -13.24
N LEU D 618 42.59 -36.24 -12.29
CA LEU D 618 42.82 -37.67 -12.65
C LEU D 618 41.50 -38.40 -12.96
N HIS D 619 40.40 -37.97 -12.37
CA HIS D 619 39.08 -38.62 -12.55
C HIS D 619 38.67 -38.47 -14.02
N ARG D 620 38.76 -37.27 -14.58
CA ARG D 620 38.39 -37.04 -16.00
C ARG D 620 39.41 -37.71 -16.93
N LYS D 621 40.68 -37.76 -16.54
CA LYS D 621 41.71 -38.47 -17.34
C LYS D 621 41.38 -39.98 -17.33
N PHE D 622 40.85 -40.49 -16.22
CA PHE D 622 40.48 -41.93 -16.14
C PHE D 622 39.30 -42.25 -17.08
N VAL D 623 38.32 -41.36 -17.14
CA VAL D 623 37.21 -41.52 -18.13
C VAL D 623 37.84 -41.60 -19.51
N ASP D 624 38.77 -40.71 -19.83
CA ASP D 624 39.41 -40.70 -21.17
C ASP D 624 40.08 -42.06 -21.42
N LYS D 625 40.76 -42.62 -20.42
CA LYS D 625 41.46 -43.93 -20.59
C LYS D 625 40.42 -45.04 -20.85
N ILE D 626 39.30 -45.12 -20.10
CA ILE D 626 38.22 -46.12 -20.35
C ILE D 626 37.64 -45.95 -21.79
N LEU D 627 37.41 -44.73 -22.23
CA LEU D 627 36.93 -44.55 -23.65
C LEU D 627 38.02 -44.99 -24.65
N GLN D 628 39.29 -44.66 -24.36
CA GLN D 628 40.42 -45.00 -25.24
C GLN D 628 40.50 -46.54 -25.26
N LEU D 629 40.38 -47.20 -24.10
CA LEU D 629 40.52 -48.68 -23.98
C LEU D 629 39.47 -49.39 -24.84
N GLN D 630 38.26 -48.83 -24.96
CA GLN D 630 37.13 -49.51 -25.66
C GLN D 630 36.91 -48.90 -27.06
N GLY D 631 37.86 -48.11 -27.54
CA GLY D 631 37.84 -47.53 -28.89
C GLY D 631 36.70 -46.53 -29.07
N ILE D 632 36.36 -45.77 -28.05
CA ILE D 632 35.19 -44.85 -28.16
C ILE D 632 35.74 -43.47 -28.47
N GLU D 633 35.40 -42.87 -29.62
CA GLU D 633 35.90 -41.53 -30.01
C GLU D 633 34.80 -40.49 -29.86
N ARG D 634 35.09 -39.29 -29.32
CA ARG D 634 34.09 -38.18 -29.30
C ARG D 634 33.98 -37.67 -30.72
N ASP D 635 32.91 -36.93 -31.07
CA ASP D 635 32.65 -36.39 -32.43
C ASP D 635 33.27 -34.99 -32.60
N PHE D 636 34.01 -34.53 -31.60
CA PHE D 636 34.63 -33.18 -31.49
C PHE D 636 35.95 -33.31 -30.74
N GLU D 637 36.80 -32.28 -30.83
CA GLU D 637 37.96 -32.05 -29.95
C GLU D 637 37.93 -30.62 -29.40
N VAL D 638 38.55 -30.45 -28.24
CA VAL D 638 38.76 -29.16 -27.52
C VAL D 638 40.20 -29.11 -26.99
N SER D 639 40.88 -27.97 -27.13
CA SER D 639 42.27 -27.75 -26.67
C SER D 639 42.23 -27.65 -25.13
N ASN D 640 41.09 -27.21 -24.61
CA ASN D 640 40.84 -26.92 -23.18
C ASN D 640 39.60 -27.71 -22.79
N ARG D 641 39.77 -28.74 -21.95
CA ARG D 641 38.70 -29.75 -21.73
C ARG D 641 37.55 -29.11 -20.91
N ASP D 642 37.76 -27.90 -20.36
CA ASP D 642 36.73 -27.12 -19.61
C ASP D 642 35.71 -26.48 -20.57
N ILE D 643 35.96 -26.48 -21.88
CA ILE D 643 34.93 -26.22 -22.93
C ILE D 643 34.04 -27.47 -23.01
N ILE D 644 32.82 -27.40 -22.50
CA ILE D 644 31.81 -28.48 -22.64
C ILE D 644 31.18 -28.31 -24.01
N VAL D 645 31.04 -29.40 -24.75
CA VAL D 645 30.49 -29.36 -26.15
C VAL D 645 29.40 -30.44 -26.26
N ILE D 646 28.18 -30.03 -26.57
CA ILE D 646 27.10 -31.01 -26.88
C ILE D 646 26.84 -30.90 -28.39
N PRO D 647 27.31 -31.87 -29.20
CA PRO D 647 27.07 -31.83 -30.64
C PRO D 647 25.60 -32.10 -30.95
N ARG D 648 25.06 -31.32 -31.89
CA ARG D 648 23.67 -31.45 -32.41
C ARG D 648 23.71 -31.29 -33.93
N GLY D 649 24.49 -32.15 -34.61
CA GLY D 649 24.62 -32.12 -36.08
C GLY D 649 25.12 -30.79 -36.61
N ASN D 650 24.24 -29.94 -37.16
CA ASN D 650 24.65 -28.67 -37.81
C ASN D 650 24.84 -27.56 -36.75
N TYR D 651 24.57 -27.83 -35.46
CA TYR D 651 24.90 -26.90 -34.37
C TYR D 651 25.74 -27.61 -33.31
N LEU D 652 26.58 -26.82 -32.67
CA LEU D 652 27.43 -27.24 -31.53
C LEU D 652 26.98 -26.42 -30.33
N VAL D 653 26.49 -27.07 -29.27
CA VAL D 653 26.18 -26.30 -28.02
C VAL D 653 27.49 -26.21 -27.21
N VAL D 654 27.98 -24.99 -26.98
CA VAL D 654 29.26 -24.80 -26.25
C VAL D 654 28.96 -24.16 -24.91
N VAL D 655 29.52 -24.67 -23.80
CA VAL D 655 29.00 -24.23 -22.50
C VAL D 655 30.17 -24.11 -21.52
N ASN D 656 30.17 -22.98 -20.85
CA ASN D 656 31.09 -22.68 -19.73
C ASN D 656 30.24 -22.82 -18.48
N PRO D 657 30.38 -23.92 -17.70
CA PRO D 657 29.56 -24.11 -16.51
C PRO D 657 30.04 -23.34 -15.28
N ARG D 658 31.18 -22.66 -15.38
CA ARG D 658 31.73 -21.86 -14.27
C ARG D 658 31.78 -20.37 -14.60
N ASP D 659 31.64 -19.53 -13.58
CA ASP D 659 32.05 -18.11 -13.70
C ASP D 659 33.58 -18.03 -13.57
N ASP D 660 34.26 -18.31 -14.68
CA ASP D 660 35.74 -18.35 -14.77
C ASP D 660 36.04 -18.30 -16.26
N LYS D 661 37.04 -17.51 -16.66
CA LYS D 661 37.43 -17.31 -18.08
C LYS D 661 37.95 -18.65 -18.63
N VAL D 662 37.44 -19.08 -19.77
CA VAL D 662 37.77 -20.35 -20.47
C VAL D 662 38.08 -19.98 -21.91
N THR D 663 39.20 -20.45 -22.41
CA THR D 663 39.74 -20.07 -23.73
C THR D 663 40.32 -21.35 -24.32
N GLY D 664 40.13 -21.59 -25.61
CA GLY D 664 40.65 -22.77 -26.30
C GLY D 664 40.08 -22.92 -27.70
N LYS D 665 40.56 -23.96 -28.40
CA LYS D 665 40.20 -24.36 -29.79
C LYS D 665 39.15 -25.46 -29.71
N VAL D 666 38.15 -25.39 -30.59
CA VAL D 666 37.15 -26.45 -30.84
C VAL D 666 37.37 -26.94 -32.27
N ARG D 667 37.41 -28.26 -32.46
CA ARG D 667 37.53 -28.87 -33.81
C ARG D 667 36.29 -29.76 -33.98
N TYR D 668 35.57 -29.60 -35.07
CA TYR D 668 34.30 -30.30 -35.36
C TYR D 668 34.03 -30.31 -36.87
N ARG D 669 33.69 -31.47 -37.44
CA ARG D 669 33.29 -31.63 -38.87
C ARG D 669 34.18 -30.76 -39.76
N GLY D 670 35.49 -30.85 -39.53
CA GLY D 670 36.53 -30.36 -40.45
C GLY D 670 36.87 -28.91 -40.18
N VAL D 671 36.12 -28.21 -39.32
CA VAL D 671 36.45 -26.79 -38.99
C VAL D 671 37.09 -26.72 -37.59
N GLU D 672 37.94 -25.72 -37.39
CA GLU D 672 38.60 -25.43 -36.09
C GLU D 672 38.51 -23.93 -35.83
N PHE D 673 38.13 -23.53 -34.63
CA PHE D 673 37.97 -22.10 -34.28
C PHE D 673 38.32 -21.97 -32.81
N ASN D 674 38.55 -20.72 -32.43
CA ASN D 674 38.87 -20.29 -31.05
C ASN D 674 37.60 -19.77 -30.38
N VAL D 675 37.45 -20.14 -29.12
CA VAL D 675 36.41 -19.60 -28.23
C VAL D 675 37.05 -18.94 -27.01
N GLU D 676 36.39 -17.86 -26.62
CA GLU D 676 36.70 -17.09 -25.43
C GLU D 676 35.41 -17.04 -24.65
N LEU D 677 35.29 -17.85 -23.58
CA LEU D 677 34.07 -17.86 -22.72
C LEU D 677 34.42 -17.19 -21.38
N ASN D 678 34.11 -15.92 -21.23
CA ASN D 678 34.65 -15.09 -20.13
C ASN D 678 33.86 -15.24 -18.83
N LYS D 679 32.77 -16.00 -18.87
CA LYS D 679 31.89 -16.22 -17.69
C LYS D 679 30.92 -17.35 -18.04
N ARG D 680 30.05 -17.70 -17.13
CA ARG D 680 29.16 -18.86 -17.22
C ARG D 680 28.12 -18.59 -18.31
N GLY D 681 27.91 -19.54 -19.20
CA GLY D 681 26.84 -19.35 -20.20
C GLY D 681 26.92 -20.37 -21.27
N VAL D 682 26.04 -20.25 -22.27
CA VAL D 682 25.83 -21.28 -23.29
C VAL D 682 25.76 -20.55 -24.64
N LEU D 683 26.47 -21.08 -25.62
CA LEU D 683 26.32 -20.60 -27.04
C LEU D 683 25.81 -21.75 -27.91
N TYR D 684 24.95 -21.42 -28.90
CA TYR D 684 24.50 -22.36 -29.96
C TYR D 684 25.26 -22.01 -31.24
N ILE D 685 26.36 -22.70 -31.51
CA ILE D 685 27.30 -22.34 -32.62
C ILE D 685 26.85 -23.04 -33.90
N PRO D 686 26.56 -22.29 -35.01
CA PRO D 686 26.24 -22.90 -36.30
C PRO D 686 27.49 -23.47 -37.01
N ILE D 687 27.27 -24.59 -37.72
CA ILE D 687 28.32 -25.42 -38.34
C ILE D 687 27.86 -25.86 -39.73
N ASN D 688 28.52 -25.31 -40.75
CA ASN D 688 28.40 -25.72 -42.17
C ASN D 688 26.91 -25.65 -42.51
N VAL D 689 26.27 -24.51 -42.21
CA VAL D 689 24.79 -24.32 -42.34
C VAL D 689 24.48 -22.99 -43.06
N GLU D 690 23.38 -22.98 -43.82
CA GLU D 690 22.93 -21.81 -44.61
C GLU D 690 21.88 -21.06 -43.79
N ILE D 691 22.11 -19.76 -43.57
CA ILE D 691 21.23 -18.93 -42.71
C ILE D 691 20.72 -17.75 -43.55
N ASN D 692 19.44 -17.83 -43.94
CA ASN D 692 18.72 -16.80 -44.76
C ASN D 692 19.66 -16.28 -45.86
N GLY D 693 20.32 -17.21 -46.56
CA GLY D 693 21.11 -16.93 -47.78
C GLY D 693 22.59 -17.17 -47.58
N ILE D 694 23.10 -16.90 -46.37
CA ILE D 694 24.57 -16.90 -46.10
C ILE D 694 25.03 -18.32 -45.74
N LYS D 695 26.17 -18.76 -46.30
CA LYS D 695 26.82 -20.08 -45.97
C LYS D 695 27.84 -19.89 -44.86
N VAL D 696 27.41 -20.20 -43.65
CA VAL D 696 28.28 -20.12 -42.41
C VAL D 696 28.96 -21.47 -42.21
N LEU D 697 30.29 -21.47 -42.30
CA LEU D 697 31.17 -22.61 -41.94
C LEU D 697 31.15 -22.77 -40.41
N TYR D 698 31.34 -21.65 -39.73
CA TYR D 698 31.17 -21.55 -38.26
C TYR D 698 31.00 -20.09 -37.88
N ALA D 699 30.25 -19.81 -36.81
CA ALA D 699 30.21 -18.50 -36.13
C ALA D 699 30.26 -18.77 -34.63
N THR D 700 31.10 -18.05 -33.91
CA THR D 700 31.45 -18.36 -32.50
C THR D 700 30.48 -17.53 -31.63
N ALA D 701 29.22 -17.53 -32.05
CA ALA D 701 28.13 -16.72 -31.46
C ALA D 701 26.81 -17.39 -31.82
N THR D 702 25.74 -17.06 -31.08
CA THR D 702 24.42 -17.67 -31.29
C THR D 702 23.71 -16.85 -32.37
N PRO D 703 23.30 -17.46 -33.50
CA PRO D 703 22.55 -16.69 -34.49
C PRO D 703 21.12 -16.49 -33.96
N VAL D 704 20.61 -15.27 -34.04
CA VAL D 704 19.37 -14.91 -33.31
C VAL D 704 18.36 -14.27 -34.29
N GLY D 705 18.84 -13.54 -35.28
CA GLY D 705 17.97 -12.63 -36.05
C GLY D 705 18.04 -12.94 -37.53
N ARG D 706 16.96 -13.53 -38.06
CA ARG D 706 16.90 -14.05 -39.45
C ARG D 706 16.14 -13.06 -40.33
N GLY D 707 16.86 -12.38 -41.21
CA GLY D 707 16.30 -11.58 -42.32
C GLY D 707 17.11 -11.81 -43.59
N GLU D 708 16.67 -11.23 -44.72
CA GLU D 708 17.30 -11.42 -46.05
C GLU D 708 18.72 -10.82 -46.01
N GLY D 709 19.75 -11.61 -46.40
CA GLY D 709 21.15 -11.19 -46.57
C GLY D 709 21.87 -10.84 -45.27
N THR D 710 21.23 -11.04 -44.12
CA THR D 710 21.70 -10.52 -42.79
C THR D 710 21.69 -11.69 -41.80
N ILE D 711 22.64 -11.72 -40.84
CA ILE D 711 22.52 -12.54 -39.61
C ILE D 711 22.79 -11.61 -38.43
N ARG D 712 21.96 -11.69 -37.36
CA ARG D 712 22.19 -11.05 -36.05
C ARG D 712 22.76 -12.09 -35.09
N PHE D 713 23.87 -11.77 -34.47
CA PHE D 713 24.61 -12.72 -33.62
C PHE D 713 24.56 -12.18 -32.19
N ARG D 714 24.47 -13.12 -31.23
CA ARG D 714 24.60 -12.80 -29.78
C ARG D 714 25.85 -13.51 -29.28
N ASN D 715 26.83 -12.80 -28.77
CA ASN D 715 27.95 -13.42 -28.01
C ASN D 715 28.17 -12.57 -26.76
N HIS D 716 27.49 -12.97 -25.70
CA HIS D 716 27.47 -12.25 -24.39
C HIS D 716 28.63 -12.72 -23.50
N LEU D 717 29.44 -13.65 -24.00
CA LEU D 717 30.55 -14.25 -23.21
C LEU D 717 31.92 -13.72 -23.66
N ALA D 718 32.00 -12.85 -24.67
CA ALA D 718 33.27 -12.22 -25.11
C ALA D 718 32.97 -10.96 -25.88
N ASN D 719 34.00 -10.15 -26.20
CA ASN D 719 33.80 -8.96 -27.08
C ASN D 719 34.39 -9.23 -28.47
N VAL D 720 34.70 -10.49 -28.73
CA VAL D 720 35.36 -10.99 -29.98
C VAL D 720 34.58 -12.24 -30.42
N THR D 721 34.24 -12.32 -31.71
CA THR D 721 33.57 -13.47 -32.36
C THR D 721 34.33 -13.83 -33.64
N GLU D 722 34.69 -15.10 -33.82
CA GLU D 722 35.21 -15.65 -35.12
C GLU D 722 34.02 -16.06 -35.97
N ILE D 723 34.00 -15.65 -37.25
CA ILE D 723 33.00 -16.06 -38.27
C ILE D 723 33.80 -16.45 -39.51
N ALA D 724 33.47 -17.63 -40.04
CA ALA D 724 33.95 -18.10 -41.35
C ALA D 724 32.71 -18.33 -42.22
N ILE D 725 32.74 -17.85 -43.47
CA ILE D 725 31.63 -17.97 -44.46
C ILE D 725 32.17 -18.20 -45.89
N ASN D 726 31.33 -18.83 -46.72
CA ASN D 726 31.43 -18.71 -48.20
C ASN D 726 30.94 -17.32 -48.56
N GLY D 727 31.84 -16.47 -49.06
CA GLY D 727 31.51 -15.10 -49.48
C GLY D 727 32.23 -14.06 -48.65
N LYS D 728 31.81 -12.81 -48.82
CA LYS D 728 32.48 -11.64 -48.21
C LYS D 728 31.45 -10.90 -47.36
N ILE D 729 31.84 -10.45 -46.17
CA ILE D 729 31.00 -9.54 -45.35
C ILE D 729 31.09 -8.14 -45.98
N LYS D 730 29.96 -7.51 -46.30
CA LYS D 730 29.97 -6.14 -46.89
C LYS D 730 29.87 -5.11 -45.75
N GLU D 731 29.21 -5.45 -44.64
CA GLU D 731 28.92 -4.48 -43.55
C GLU D 731 28.81 -5.17 -42.19
N VAL D 732 29.25 -4.51 -41.12
CA VAL D 732 29.06 -4.95 -39.71
C VAL D 732 28.41 -3.80 -38.94
N SER D 733 27.30 -4.06 -38.26
CA SER D 733 26.68 -3.07 -37.35
C SER D 733 26.84 -3.60 -35.91
N GLY D 734 27.33 -2.75 -35.00
CA GLY D 734 27.57 -3.08 -33.58
C GLY D 734 28.93 -3.72 -33.39
N GLY D 735 29.81 -3.60 -34.39
CA GLY D 735 31.18 -4.17 -34.36
C GLY D 735 31.98 -3.84 -35.61
N TYR D 736 33.24 -4.29 -35.63
CA TYR D 736 34.14 -4.10 -36.79
C TYR D 736 35.12 -5.27 -36.90
N ILE D 737 35.67 -5.43 -38.10
CA ILE D 737 36.64 -6.52 -38.39
C ILE D 737 37.99 -6.21 -37.73
N LEU D 738 38.40 -7.02 -36.73
CA LEU D 738 39.75 -6.94 -36.09
C LEU D 738 40.80 -7.47 -37.06
N GLN D 739 40.46 -8.58 -37.71
CA GLN D 739 41.36 -9.50 -38.46
C GLN D 739 40.50 -10.19 -39.52
N GLU D 740 41.03 -10.41 -40.72
CA GLU D 740 40.34 -11.16 -41.79
C GLU D 740 41.42 -11.89 -42.60
N LYS D 741 41.15 -13.07 -43.11
CA LYS D 741 42.05 -13.71 -44.11
C LYS D 741 41.20 -14.66 -44.94
N SER D 742 41.54 -14.83 -46.22
CA SER D 742 40.72 -15.56 -47.25
C SER D 742 41.43 -16.85 -47.66
N SER D 743 40.64 -17.85 -48.10
CA SER D 743 41.07 -19.23 -48.47
C SER D 743 40.13 -19.81 -49.53
N GLY D 744 40.54 -19.77 -50.79
CA GLY D 744 39.61 -19.95 -51.92
C GLY D 744 38.43 -19.01 -51.78
N GLU D 745 37.22 -19.53 -51.58
CA GLU D 745 36.00 -18.68 -51.54
C GLU D 745 35.63 -18.36 -50.06
N LYS D 746 36.24 -19.07 -49.10
CA LYS D 746 36.17 -18.79 -47.62
C LYS D 746 36.67 -17.38 -47.31
N ASN D 747 36.28 -16.80 -46.17
CA ASN D 747 36.75 -15.42 -45.85
C ASN D 747 37.14 -15.21 -44.37
N ILE D 748 36.76 -16.06 -43.44
CA ILE D 748 37.23 -16.05 -41.99
C ILE D 748 37.52 -14.64 -41.41
N TYR D 749 36.69 -14.19 -40.44
CA TYR D 749 36.80 -12.88 -39.76
C TYR D 749 36.94 -13.05 -38.25
N VAL D 750 37.70 -12.16 -37.60
CA VAL D 750 37.54 -11.88 -36.14
C VAL D 750 36.85 -10.52 -36.06
N ILE D 751 35.66 -10.52 -35.44
CA ILE D 751 34.83 -9.29 -35.24
C ILE D 751 34.88 -8.85 -33.78
N LYS D 752 35.22 -7.59 -33.54
CA LYS D 752 35.15 -6.96 -32.20
C LYS D 752 33.82 -6.21 -32.09
N HIS D 753 33.05 -6.51 -31.04
CA HIS D 753 31.72 -5.91 -30.80
C HIS D 753 31.61 -5.30 -29.41
N GLU D 754 31.30 -4.01 -29.38
CA GLU D 754 31.06 -3.18 -28.19
C GLU D 754 30.12 -3.95 -27.25
N SER D 755 28.93 -4.31 -27.73
CA SER D 755 27.90 -4.99 -26.91
C SER D 755 27.88 -6.47 -27.25
N GLU D 756 26.88 -7.17 -26.70
CA GLU D 756 26.69 -8.62 -26.92
C GLU D 756 26.09 -8.94 -28.30
N THR D 757 25.62 -7.96 -29.05
CA THR D 757 24.86 -8.18 -30.32
C THR D 757 25.55 -7.39 -31.43
N PHE D 758 25.72 -8.02 -32.59
CA PHE D 758 26.17 -7.36 -33.84
C PHE D 758 25.43 -8.03 -35.01
N GLU D 759 25.37 -7.32 -36.14
CA GLU D 759 24.68 -7.79 -37.37
C GLU D 759 25.72 -7.78 -38.50
N ILE D 760 25.82 -8.87 -39.27
CA ILE D 760 26.59 -8.89 -40.56
C ILE D 760 25.59 -8.82 -41.73
N ARG D 761 25.91 -8.02 -42.76
CA ARG D 761 25.25 -7.94 -44.12
C ARG D 761 26.21 -8.56 -45.13
N VAL D 762 25.75 -9.58 -45.86
CA VAL D 762 26.52 -10.27 -46.93
C VAL D 762 25.79 -10.00 -48.23
#